data_2LKP
#
_entry.id   2LKP
#
_entity_poly.entity_id   1
_entity_poly.type   'polypeptide(L)'
_entity_poly.pdbx_seq_one_letter_code
;GHGVEGRNRPSAPLDSQAAAQVASTLQALATPSRLMILTQLRNGPLPVTDLAEAIGMEQSAVSHQLRVLRNLGLVVGDRA
GRSIVYSLYDTHVAQLLDEAIYHSEHLHLGLSDRHPSAG
;
_entity_poly.pdbx_strand_id   A,B
#
# COMPACT_ATOMS: atom_id res chain seq x y z
N GLY A 1 -33.29 -13.12 17.07
CA GLY A 1 -32.37 -12.74 18.17
C GLY A 1 -31.07 -13.53 18.05
N HIS A 2 -30.12 -12.99 17.31
CA HIS A 2 -28.83 -13.66 17.13
C HIS A 2 -28.07 -13.70 18.44
N GLY A 3 -28.15 -12.63 19.21
CA GLY A 3 -27.45 -12.56 20.49
C GLY A 3 -26.00 -12.13 20.29
N VAL A 4 -25.28 -11.98 21.40
CA VAL A 4 -23.88 -11.58 21.35
C VAL A 4 -23.04 -12.42 22.30
N GLU A 5 -21.72 -12.42 22.08
CA GLU A 5 -20.80 -13.20 22.92
C GLU A 5 -19.66 -12.32 23.41
N GLY A 6 -19.44 -11.20 22.73
CA GLY A 6 -18.38 -10.28 23.12
C GLY A 6 -17.01 -10.96 23.02
N ARG A 7 -16.19 -10.77 24.04
CA ARG A 7 -14.86 -11.37 24.06
C ARG A 7 -14.96 -12.85 24.34
N ASN A 8 -14.07 -13.63 23.71
CA ASN A 8 -14.06 -15.08 23.90
C ASN A 8 -12.63 -15.62 23.87
N ARG A 9 -11.74 -14.95 24.60
CA ARG A 9 -10.34 -15.36 24.65
C ARG A 9 -9.77 -15.48 23.25
N PRO A 10 -9.88 -14.44 22.47
CA PRO A 10 -9.37 -14.43 21.07
C PRO A 10 -7.84 -14.53 21.01
N SER A 11 -7.34 -15.34 20.09
CA SER A 11 -5.90 -15.52 19.94
C SER A 11 -5.59 -16.36 18.71
N ALA A 12 -4.30 -16.45 18.37
CA ALA A 12 -3.87 -17.24 17.22
C ALA A 12 -4.72 -16.88 15.99
N PRO A 13 -4.55 -15.70 15.47
CA PRO A 13 -5.32 -15.23 14.28
C PRO A 13 -4.87 -15.93 13.00
N LEU A 14 -5.72 -15.88 12.00
CA LEU A 14 -5.43 -16.51 10.71
C LEU A 14 -4.31 -15.76 10.01
N ASP A 15 -3.73 -16.39 8.97
CA ASP A 15 -2.66 -15.77 8.20
C ASP A 15 -3.20 -15.13 6.92
N SER A 16 -3.96 -15.92 6.16
CA SER A 16 -4.53 -15.44 4.91
C SER A 16 -5.36 -14.19 5.14
N GLN A 17 -5.91 -14.07 6.35
CA GLN A 17 -6.71 -12.92 6.70
C GLN A 17 -5.83 -11.68 6.83
N ALA A 18 -4.76 -11.79 7.60
CA ALA A 18 -3.85 -10.67 7.81
C ALA A 18 -3.37 -10.14 6.46
N ALA A 19 -3.06 -11.06 5.54
CA ALA A 19 -2.60 -10.65 4.23
C ALA A 19 -3.70 -9.87 3.50
N ALA A 20 -4.88 -10.46 3.40
CA ALA A 20 -6.00 -9.81 2.73
C ALA A 20 -6.30 -8.45 3.37
N GLN A 21 -6.38 -8.44 4.70
CA GLN A 21 -6.67 -7.20 5.41
C GLN A 21 -5.64 -6.13 5.06
N VAL A 22 -4.37 -6.48 5.17
CA VAL A 22 -3.30 -5.54 4.86
C VAL A 22 -3.41 -5.11 3.40
N ALA A 23 -3.66 -6.08 2.52
CA ALA A 23 -3.79 -5.78 1.10
C ALA A 23 -4.76 -4.64 0.88
N SER A 24 -5.91 -4.72 1.52
CA SER A 24 -6.92 -3.68 1.38
C SER A 24 -6.35 -2.34 1.86
N THR A 25 -5.65 -2.37 2.99
CA THR A 25 -5.06 -1.14 3.53
C THR A 25 -4.02 -0.55 2.56
N LEU A 26 -3.10 -1.39 2.13
CA LEU A 26 -2.04 -0.95 1.22
C LEU A 26 -2.61 -0.67 -0.17
N GLN A 27 -3.76 -1.25 -0.45
CA GLN A 27 -4.41 -1.03 -1.74
C GLN A 27 -5.08 0.35 -1.77
N ALA A 28 -5.94 0.61 -0.80
CA ALA A 28 -6.64 1.89 -0.75
C ALA A 28 -5.64 3.03 -0.63
N LEU A 29 -4.78 2.97 0.39
CA LEU A 29 -3.80 4.02 0.60
C LEU A 29 -3.12 4.37 -0.70
N ALA A 30 -2.97 3.38 -1.57
CA ALA A 30 -2.33 3.60 -2.86
C ALA A 30 -3.09 4.68 -3.63
N THR A 31 -3.47 4.36 -4.86
CA THR A 31 -4.19 5.29 -5.71
C THR A 31 -3.42 6.62 -5.83
N PRO A 32 -2.84 6.90 -6.97
CA PRO A 32 -2.06 8.17 -7.17
C PRO A 32 -2.81 9.42 -6.71
N SER A 33 -3.98 9.64 -7.29
CA SER A 33 -4.77 10.80 -6.95
C SER A 33 -5.07 10.84 -5.45
N ARG A 34 -5.47 9.71 -4.90
CA ARG A 34 -5.78 9.65 -3.48
C ARG A 34 -4.59 10.09 -2.64
N LEU A 35 -3.40 9.61 -3.00
CA LEU A 35 -2.20 9.99 -2.26
C LEU A 35 -1.95 11.48 -2.36
N MET A 36 -2.09 12.04 -3.56
CA MET A 36 -1.87 13.46 -3.74
C MET A 36 -2.74 14.26 -2.76
N ILE A 37 -4.03 13.91 -2.70
CA ILE A 37 -4.94 14.59 -1.79
C ILE A 37 -4.55 14.33 -0.34
N LEU A 38 -4.21 13.09 -0.05
CA LEU A 38 -3.83 12.72 1.30
C LEU A 38 -2.58 13.49 1.74
N THR A 39 -1.61 13.59 0.84
CA THR A 39 -0.38 14.30 1.12
C THR A 39 -0.69 15.74 1.45
N GLN A 40 -1.58 16.35 0.67
CA GLN A 40 -1.96 17.73 0.91
C GLN A 40 -2.45 17.89 2.34
N LEU A 41 -3.36 17.03 2.75
CA LEU A 41 -3.89 17.12 4.11
C LEU A 41 -2.79 16.84 5.13
N ARG A 42 -1.99 15.83 4.84
CA ARG A 42 -0.91 15.44 5.73
C ARG A 42 -0.16 16.68 6.22
N ASN A 43 -0.01 17.65 5.34
CA ASN A 43 0.70 18.88 5.67
C ASN A 43 0.01 19.59 6.82
N GLY A 44 -1.32 19.61 6.79
CA GLY A 44 -2.08 20.23 7.85
C GLY A 44 -3.54 20.42 7.45
N PRO A 45 -4.38 20.80 8.38
CA PRO A 45 -5.84 21.03 8.12
C PRO A 45 -6.07 22.15 7.11
N LEU A 46 -7.16 22.04 6.36
CA LEU A 46 -7.49 23.06 5.40
C LEU A 46 -8.86 22.78 4.76
N PRO A 47 -9.62 23.80 4.44
CA PRO A 47 -10.96 23.65 3.78
C PRO A 47 -10.84 23.22 2.32
N VAL A 48 -11.97 22.84 1.73
CA VAL A 48 -12.00 22.40 0.34
C VAL A 48 -11.60 23.55 -0.58
N THR A 49 -12.11 24.71 -0.26
CA THR A 49 -11.81 25.92 -1.04
C THR A 49 -10.30 26.14 -1.15
N ASP A 50 -9.60 25.91 -0.04
CA ASP A 50 -8.14 26.06 -0.03
C ASP A 50 -7.47 24.93 -0.81
N LEU A 51 -7.96 23.72 -0.60
CA LEU A 51 -7.39 22.56 -1.28
C LEU A 51 -7.54 22.71 -2.79
N ALA A 52 -8.65 23.30 -3.22
CA ALA A 52 -8.91 23.50 -4.63
C ALA A 52 -7.95 24.54 -5.18
N GLU A 53 -7.83 25.67 -4.48
CA GLU A 53 -6.92 26.72 -4.93
C GLU A 53 -5.52 26.16 -5.14
N ALA A 54 -5.10 25.26 -4.26
CA ALA A 54 -3.79 24.64 -4.38
C ALA A 54 -3.70 23.81 -5.65
N ILE A 55 -4.77 23.08 -5.96
CA ILE A 55 -4.81 22.24 -7.15
C ILE A 55 -5.34 23.03 -8.34
N GLY A 56 -6.64 23.35 -8.29
CA GLY A 56 -7.26 24.12 -9.37
C GLY A 56 -8.74 23.78 -9.53
N MET A 57 -9.56 24.27 -8.61
CA MET A 57 -11.00 24.03 -8.69
C MET A 57 -11.30 22.54 -8.60
N GLU A 58 -11.22 21.99 -7.38
CA GLU A 58 -11.50 20.57 -7.16
C GLU A 58 -12.06 20.34 -5.77
N GLN A 59 -12.61 21.38 -5.18
CA GLN A 59 -13.19 21.29 -3.84
C GLN A 59 -14.33 20.26 -3.83
N SER A 60 -15.01 20.11 -4.95
CA SER A 60 -16.12 19.17 -5.03
C SER A 60 -15.60 17.73 -4.99
N ALA A 61 -14.56 17.45 -5.77
CA ALA A 61 -13.97 16.12 -5.81
C ALA A 61 -13.42 15.77 -4.45
N VAL A 62 -12.93 16.77 -3.72
CA VAL A 62 -12.38 16.55 -2.40
C VAL A 62 -13.48 16.15 -1.42
N SER A 63 -14.57 16.91 -1.42
CA SER A 63 -15.68 16.63 -0.52
C SER A 63 -16.19 15.21 -0.75
N HIS A 64 -16.30 14.83 -2.02
CA HIS A 64 -16.78 13.49 -2.36
C HIS A 64 -15.78 12.42 -1.92
N GLN A 65 -14.50 12.67 -2.18
CA GLN A 65 -13.46 11.72 -1.82
C GLN A 65 -13.46 11.45 -0.32
N LEU A 66 -13.43 12.53 0.46
CA LEU A 66 -13.43 12.39 1.90
C LEU A 66 -14.68 11.72 2.37
N ARG A 67 -15.79 12.06 1.75
CA ARG A 67 -17.06 11.46 2.13
C ARG A 67 -16.99 9.93 1.98
N VAL A 68 -16.43 9.47 0.87
CA VAL A 68 -16.32 8.04 0.64
C VAL A 68 -15.45 7.39 1.72
N LEU A 69 -14.24 7.93 1.88
CA LEU A 69 -13.31 7.39 2.88
C LEU A 69 -13.92 7.53 4.28
N ARG A 70 -14.70 8.57 4.47
CA ARG A 70 -15.34 8.81 5.75
C ARG A 70 -16.22 7.63 6.13
N ASN A 71 -16.96 7.10 5.16
CA ASN A 71 -17.83 5.97 5.42
C ASN A 71 -17.00 4.76 5.83
N LEU A 72 -15.84 4.59 5.21
CA LEU A 72 -14.97 3.46 5.52
C LEU A 72 -14.01 3.82 6.65
N GLY A 73 -14.02 5.08 7.05
CA GLY A 73 -13.15 5.55 8.12
C GLY A 73 -11.82 6.02 7.56
N LEU A 74 -10.73 5.71 8.27
CA LEU A 74 -9.40 6.10 7.85
C LEU A 74 -9.24 7.62 7.91
N VAL A 75 -10.35 8.33 7.73
CA VAL A 75 -10.33 9.79 7.78
C VAL A 75 -11.50 10.29 8.61
N VAL A 76 -11.36 11.50 9.13
CA VAL A 76 -12.41 12.10 9.96
C VAL A 76 -12.60 13.57 9.60
N GLY A 77 -13.84 14.05 9.70
CA GLY A 77 -14.15 15.44 9.41
C GLY A 77 -14.77 16.12 10.62
N ASP A 78 -14.39 17.38 10.86
CA ASP A 78 -14.92 18.13 12.00
C ASP A 78 -15.77 19.30 11.53
N ARG A 79 -17.08 19.16 11.67
CA ARG A 79 -18.00 20.22 11.26
C ARG A 79 -17.90 21.41 12.20
N ALA A 80 -17.81 22.61 11.63
CA ALA A 80 -17.72 23.83 12.43
C ALA A 80 -18.50 24.96 11.77
N GLY A 81 -19.74 25.14 12.19
CA GLY A 81 -20.58 26.19 11.63
C GLY A 81 -20.71 26.04 10.12
N ARG A 82 -20.24 27.04 9.38
CA ARG A 82 -20.31 27.02 7.93
C ARG A 82 -18.98 26.59 7.33
N SER A 83 -18.24 25.78 8.07
CA SER A 83 -16.93 25.30 7.61
C SER A 83 -16.66 23.91 8.14
N ILE A 84 -16.26 23.00 7.26
CA ILE A 84 -15.95 21.63 7.65
C ILE A 84 -14.47 21.35 7.39
N VAL A 85 -13.79 20.86 8.42
CA VAL A 85 -12.37 20.52 8.29
C VAL A 85 -12.20 19.02 8.12
N TYR A 86 -11.45 18.63 7.09
CA TYR A 86 -11.19 17.21 6.82
C TYR A 86 -9.77 16.84 7.18
N SER A 87 -9.62 15.75 7.92
CA SER A 87 -8.29 15.30 8.35
C SER A 87 -8.28 13.79 8.51
N LEU A 88 -7.09 13.23 8.70
CA LEU A 88 -6.94 11.79 8.84
C LEU A 88 -7.48 11.34 10.19
N TYR A 89 -8.01 10.12 10.23
CA TYR A 89 -8.55 9.58 11.47
C TYR A 89 -7.54 9.71 12.60
N ASP A 90 -6.29 9.31 12.32
CA ASP A 90 -5.23 9.38 13.32
C ASP A 90 -3.87 9.50 12.66
N THR A 91 -2.83 9.59 13.47
CA THR A 91 -1.47 9.71 12.95
C THR A 91 -0.97 8.37 12.44
N HIS A 92 -1.62 7.29 12.87
CA HIS A 92 -1.22 5.94 12.45
C HIS A 92 -0.80 5.94 10.98
N VAL A 93 -1.77 6.13 10.10
CA VAL A 93 -1.49 6.14 8.67
C VAL A 93 -0.36 7.10 8.36
N ALA A 94 -0.37 8.25 9.01
CA ALA A 94 0.67 9.25 8.80
C ALA A 94 2.06 8.67 9.08
N GLN A 95 2.18 7.98 10.21
CA GLN A 95 3.45 7.38 10.59
C GLN A 95 3.90 6.41 9.51
N LEU A 96 3.00 5.54 9.08
CA LEU A 96 3.33 4.57 8.06
C LEU A 96 3.80 5.28 6.78
N LEU A 97 3.08 6.33 6.40
CA LEU A 97 3.42 7.09 5.22
C LEU A 97 4.79 7.74 5.38
N ASP A 98 5.05 8.26 6.57
CA ASP A 98 6.32 8.92 6.83
C ASP A 98 7.49 7.96 6.59
N GLU A 99 7.33 6.73 7.05
CA GLU A 99 8.39 5.73 6.87
C GLU A 99 8.55 5.37 5.41
N ALA A 100 7.44 5.08 4.73
CA ALA A 100 7.48 4.72 3.32
C ALA A 100 7.97 5.89 2.47
N ILE A 101 7.37 7.05 2.65
CA ILE A 101 7.75 8.21 1.87
C ILE A 101 9.20 8.58 2.11
N TYR A 102 9.58 8.61 3.38
CA TYR A 102 10.94 8.98 3.74
C TYR A 102 11.95 7.99 3.18
N HIS A 103 11.68 6.71 3.40
CA HIS A 103 12.58 5.67 2.91
C HIS A 103 12.63 5.67 1.39
N SER A 104 11.50 5.94 0.76
CA SER A 104 11.43 5.98 -0.70
C SER A 104 12.08 7.24 -1.25
N GLU A 105 11.78 8.38 -0.62
CA GLU A 105 12.32 9.65 -1.05
C GLU A 105 13.82 9.72 -0.76
N HIS A 106 14.28 8.90 0.18
CA HIS A 106 15.69 8.90 0.53
C HIS A 106 16.56 8.76 -0.71
N LEU A 107 16.54 7.57 -1.31
CA LEU A 107 17.33 7.32 -2.52
C LEU A 107 16.42 6.96 -3.67
N HIS A 108 16.81 5.93 -4.43
CA HIS A 108 16.00 5.50 -5.57
C HIS A 108 16.32 4.05 -5.93
N LEU A 109 15.99 3.14 -5.02
CA LEU A 109 16.25 1.72 -5.25
C LEU A 109 15.43 1.21 -6.44
N GLY A 110 14.18 1.63 -6.51
CA GLY A 110 13.31 1.22 -7.60
C GLY A 110 13.51 2.11 -8.82
N LEU A 111 13.47 1.53 -10.00
CA LEU A 111 13.64 2.29 -11.24
C LEU A 111 12.69 1.78 -12.31
N SER A 112 12.30 2.68 -13.21
CA SER A 112 11.38 2.32 -14.30
C SER A 112 11.85 2.92 -15.62
N ASP A 113 12.65 2.16 -16.35
CA ASP A 113 13.16 2.62 -17.63
C ASP A 113 12.06 2.61 -18.69
N ARG A 114 12.07 3.63 -19.56
CA ARG A 114 11.06 3.72 -20.61
C ARG A 114 11.06 2.47 -21.46
N HIS A 115 10.04 1.64 -21.27
CA HIS A 115 9.94 0.40 -22.03
C HIS A 115 9.54 0.68 -23.48
N PRO A 116 9.97 -0.15 -24.40
CA PRO A 116 9.65 0.01 -25.85
C PRO A 116 8.17 -0.24 -26.14
N SER A 117 7.68 0.36 -27.22
CA SER A 117 6.28 0.20 -27.61
C SER A 117 5.98 -1.27 -27.87
N ALA A 118 6.96 -2.00 -28.40
CA ALA A 118 6.78 -3.42 -28.69
C ALA A 118 6.51 -4.20 -27.41
N GLY A 119 7.19 -3.81 -26.34
CA GLY A 119 7.02 -4.48 -25.05
C GLY A 119 5.55 -4.49 -24.64
N GLY B 1 23.73 9.47 -30.24
CA GLY B 1 24.48 9.71 -28.98
C GLY B 1 23.73 10.72 -28.12
N HIS B 2 22.86 10.22 -27.26
CA HIS B 2 22.09 11.09 -26.38
C HIS B 2 22.99 11.78 -25.38
N GLY B 3 23.98 11.04 -24.87
CA GLY B 3 24.91 11.58 -23.89
C GLY B 3 24.33 11.51 -22.48
N VAL B 4 25.11 11.96 -21.50
CA VAL B 4 24.67 11.94 -20.10
C VAL B 4 25.01 13.26 -19.44
N GLU B 5 24.38 13.50 -18.29
CA GLU B 5 24.60 14.75 -17.54
C GLU B 5 24.89 14.44 -16.07
N GLY B 6 24.49 13.25 -15.63
CA GLY B 6 24.71 12.84 -14.25
C GLY B 6 23.93 13.74 -13.29
N ARG B 7 24.60 14.21 -12.24
CA ARG B 7 23.96 15.07 -11.25
C ARG B 7 23.84 16.49 -11.80
N ASN B 8 22.75 17.16 -11.43
CA ASN B 8 22.52 18.54 -11.88
C ASN B 8 21.85 19.35 -10.77
N ARG B 9 22.39 19.27 -9.57
CA ARG B 9 21.84 20.01 -8.43
C ARG B 9 20.33 19.77 -8.33
N PRO B 10 19.93 18.53 -8.26
CA PRO B 10 18.49 18.15 -8.15
C PRO B 10 17.87 18.61 -6.82
N SER B 11 16.66 19.14 -6.90
CA SER B 11 15.97 19.60 -5.69
C SER B 11 14.54 20.00 -6.02
N ALA B 12 13.75 20.25 -4.98
CA ALA B 12 12.36 20.65 -5.17
C ALA B 12 11.64 19.69 -6.13
N PRO B 13 11.43 18.47 -5.71
CA PRO B 13 10.76 17.44 -6.55
C PRO B 13 9.27 17.72 -6.71
N LEU B 14 8.68 17.10 -7.73
CA LEU B 14 7.27 17.29 -8.01
C LEU B 14 6.43 16.65 -6.91
N ASP B 15 5.14 17.00 -6.87
CA ASP B 15 4.22 16.45 -5.87
C ASP B 15 3.41 15.28 -6.45
N SER B 16 2.81 15.52 -7.60
CA SER B 16 2.00 14.50 -8.26
C SER B 16 2.83 13.25 -8.51
N GLN B 17 4.14 13.44 -8.68
CA GLN B 17 5.02 12.31 -8.92
C GLN B 17 5.17 11.47 -7.66
N ALA B 18 5.47 12.13 -6.54
CA ALA B 18 5.64 11.41 -5.29
C ALA B 18 4.40 10.58 -4.99
N ALA B 19 3.22 11.15 -5.25
CA ALA B 19 1.98 10.43 -5.03
C ALA B 19 1.92 9.19 -5.91
N ALA B 20 2.10 9.38 -7.22
CA ALA B 20 2.06 8.26 -8.15
C ALA B 20 3.10 7.20 -7.78
N GLN B 21 4.32 7.64 -7.51
CA GLN B 21 5.39 6.72 -7.14
C GLN B 21 4.98 5.87 -5.93
N VAL B 22 4.52 6.54 -4.89
CA VAL B 22 4.09 5.85 -3.68
C VAL B 22 2.92 4.93 -4.00
N ALA B 23 1.98 5.43 -4.79
CA ALA B 23 0.82 4.63 -5.17
C ALA B 23 1.25 3.28 -5.70
N SER B 24 2.21 3.28 -6.60
CA SER B 24 2.71 2.03 -7.17
C SER B 24 3.28 1.15 -6.07
N THR B 25 4.05 1.75 -5.17
CA THR B 25 4.65 0.99 -4.07
C THR B 25 3.57 0.38 -3.17
N LEU B 26 2.63 1.21 -2.74
CA LEU B 26 1.55 0.75 -1.87
C LEU B 26 0.59 -0.14 -2.63
N GLN B 27 0.58 -0.01 -3.95
CA GLN B 27 -0.28 -0.83 -4.79
C GLN B 27 0.25 -2.26 -4.89
N ALA B 28 1.50 -2.38 -5.35
CA ALA B 28 2.11 -3.69 -5.51
C ALA B 28 2.17 -4.41 -4.17
N LEU B 29 2.77 -3.76 -3.17
CA LEU B 29 2.89 -4.37 -1.86
C LEU B 29 1.58 -4.99 -1.43
N ALA B 30 0.48 -4.35 -1.83
CA ALA B 30 -0.83 -4.87 -1.48
C ALA B 30 -1.00 -6.29 -2.01
N THR B 31 -2.05 -6.53 -2.77
CA THR B 31 -2.33 -7.84 -3.32
C THR B 31 -2.37 -8.90 -2.19
N PRO B 32 -3.53 -9.41 -1.85
CA PRO B 32 -3.67 -10.43 -0.78
C PRO B 32 -2.67 -11.59 -0.90
N SER B 33 -2.74 -12.29 -2.02
CA SER B 33 -1.85 -13.42 -2.22
C SER B 33 -0.39 -13.00 -2.11
N ARG B 34 -0.04 -11.89 -2.72
CA ARG B 34 1.33 -11.41 -2.68
C ARG B 34 1.78 -11.21 -1.24
N LEU B 35 0.92 -10.61 -0.42
CA LEU B 35 1.25 -10.38 0.98
C LEU B 35 1.46 -11.70 1.70
N MET B 36 0.58 -12.66 1.47
CA MET B 36 0.71 -13.96 2.11
C MET B 36 2.11 -14.53 1.86
N ILE B 37 2.54 -14.52 0.60
CA ILE B 37 3.86 -15.03 0.25
C ILE B 37 4.95 -14.17 0.89
N LEU B 38 4.77 -12.87 0.83
CA LEU B 38 5.75 -11.95 1.39
C LEU B 38 5.89 -12.19 2.90
N THR B 39 4.76 -12.35 3.57
CA THR B 39 4.75 -12.58 5.00
C THR B 39 5.54 -13.83 5.32
N GLN B 40 5.33 -14.88 4.54
CA GLN B 40 6.02 -16.13 4.76
C GLN B 40 7.53 -15.89 4.75
N LEU B 41 8.00 -15.20 3.72
CA LEU B 41 9.43 -14.93 3.62
C LEU B 41 9.88 -14.04 4.77
N ARG B 42 9.07 -13.05 5.07
CA ARG B 42 9.38 -12.11 6.13
C ARG B 42 9.88 -12.85 7.38
N ASN B 43 9.29 -14.02 7.62
CA ASN B 43 9.67 -14.81 8.78
C ASN B 43 11.15 -15.21 8.69
N GLY B 44 11.57 -15.57 7.49
CA GLY B 44 12.96 -15.94 7.29
C GLY B 44 13.16 -16.62 5.94
N PRO B 45 14.40 -16.85 5.55
CA PRO B 45 14.74 -17.51 4.25
C PRO B 45 14.22 -18.95 4.18
N LEU B 46 13.92 -19.40 2.97
CA LEU B 46 13.44 -20.75 2.79
C LEU B 46 13.28 -21.07 1.31
N PRO B 47 13.52 -22.30 0.91
CA PRO B 47 13.38 -22.75 -0.51
C PRO B 47 11.91 -22.84 -0.94
N VAL B 48 11.69 -22.95 -2.25
CA VAL B 48 10.34 -23.04 -2.79
C VAL B 48 9.63 -24.29 -2.28
N THR B 49 10.38 -25.35 -2.22
CA THR B 49 9.85 -26.64 -1.74
C THR B 49 9.28 -26.49 -0.33
N ASP B 50 9.96 -25.70 0.50
CA ASP B 50 9.50 -25.46 1.86
C ASP B 50 8.25 -24.58 1.87
N LEU B 51 8.29 -23.53 1.06
CA LEU B 51 7.17 -22.61 0.99
C LEU B 51 5.92 -23.34 0.51
N ALA B 52 6.11 -24.34 -0.34
CA ALA B 52 5.01 -25.12 -0.87
C ALA B 52 4.43 -25.99 0.23
N GLU B 53 5.29 -26.73 0.91
CA GLU B 53 4.84 -27.60 1.99
C GLU B 53 3.99 -26.80 2.98
N ALA B 54 4.39 -25.57 3.25
CA ALA B 54 3.65 -24.72 4.18
C ALA B 54 2.26 -24.41 3.62
N ILE B 55 2.19 -24.13 2.32
CA ILE B 55 0.92 -23.82 1.68
C ILE B 55 0.26 -25.09 1.17
N GLY B 56 0.85 -25.69 0.15
CA GLY B 56 0.32 -26.92 -0.41
C GLY B 56 0.64 -27.05 -1.90
N MET B 57 1.90 -27.36 -2.22
CA MET B 57 2.31 -27.52 -3.61
C MET B 57 2.10 -26.22 -4.38
N GLU B 58 3.02 -25.29 -4.20
CA GLU B 58 2.94 -24.00 -4.89
C GLU B 58 4.33 -23.42 -5.12
N GLN B 59 5.33 -24.29 -5.14
CA GLN B 59 6.70 -23.87 -5.35
C GLN B 59 6.85 -23.22 -6.74
N SER B 60 6.03 -23.65 -7.68
CA SER B 60 6.09 -23.12 -9.03
C SER B 60 5.60 -21.67 -9.05
N ALA B 61 4.45 -21.44 -8.41
CA ALA B 61 3.87 -20.10 -8.35
C ALA B 61 4.81 -19.17 -7.60
N VAL B 62 5.55 -19.72 -6.64
CA VAL B 62 6.49 -18.92 -5.87
C VAL B 62 7.66 -18.47 -6.74
N SER B 63 8.25 -19.42 -7.46
CA SER B 63 9.39 -19.10 -8.31
C SER B 63 9.00 -18.05 -9.35
N HIS B 64 7.80 -18.19 -9.89
CA HIS B 64 7.31 -17.24 -10.89
C HIS B 64 7.08 -15.88 -10.26
N GLN B 65 6.46 -15.87 -9.08
CA GLN B 65 6.16 -14.61 -8.41
C GLN B 65 7.45 -13.84 -8.12
N LEU B 66 8.41 -14.50 -7.51
CA LEU B 66 9.67 -13.86 -7.19
C LEU B 66 10.36 -13.41 -8.44
N ARG B 67 10.28 -14.23 -9.47
CA ARG B 67 10.92 -13.87 -10.73
C ARG B 67 10.37 -12.53 -11.24
N VAL B 68 9.05 -12.38 -11.20
CA VAL B 68 8.44 -11.15 -11.67
C VAL B 68 8.93 -9.98 -10.84
N LEU B 69 8.79 -10.08 -9.52
CA LEU B 69 9.21 -9.01 -8.62
C LEU B 69 10.71 -8.77 -8.77
N ARG B 70 11.43 -9.84 -9.06
CA ARG B 70 12.87 -9.75 -9.22
C ARG B 70 13.21 -8.77 -10.33
N ASN B 71 12.46 -8.85 -11.44
CA ASN B 71 12.71 -7.95 -12.56
C ASN B 71 12.47 -6.50 -12.15
N LEU B 72 11.46 -6.29 -11.31
CA LEU B 72 11.13 -4.94 -10.86
C LEU B 72 11.90 -4.59 -9.60
N GLY B 73 12.58 -5.58 -9.03
CA GLY B 73 13.35 -5.38 -7.81
C GLY B 73 12.50 -5.67 -6.58
N LEU B 74 12.69 -4.87 -5.53
CA LEU B 74 11.94 -5.04 -4.29
C LEU B 74 12.35 -6.33 -3.60
N VAL B 75 12.75 -7.33 -4.39
CA VAL B 75 13.19 -8.61 -3.85
C VAL B 75 14.46 -9.08 -4.54
N VAL B 76 15.19 -9.97 -3.88
CA VAL B 76 16.41 -10.50 -4.46
C VAL B 76 16.54 -11.99 -4.13
N GLY B 77 17.26 -12.72 -4.99
CA GLY B 77 17.47 -14.15 -4.79
C GLY B 77 18.96 -14.47 -4.81
N ASP B 78 19.37 -15.44 -3.99
CA ASP B 78 20.77 -15.86 -3.90
C ASP B 78 20.93 -17.29 -4.39
N ARG B 79 21.55 -17.44 -5.55
CA ARG B 79 21.77 -18.76 -6.13
C ARG B 79 22.88 -19.49 -5.38
N ALA B 80 22.62 -20.74 -5.02
CA ALA B 80 23.61 -21.54 -4.30
C ALA B 80 23.59 -22.99 -4.77
N GLY B 81 24.48 -23.31 -5.71
CA GLY B 81 24.55 -24.66 -6.24
C GLY B 81 23.21 -25.09 -6.83
N ARG B 82 22.59 -26.09 -6.22
CA ARG B 82 21.30 -26.60 -6.69
C ARG B 82 20.18 -26.09 -5.79
N SER B 83 20.36 -24.90 -5.22
CA SER B 83 19.36 -24.32 -4.34
C SER B 83 19.38 -22.81 -4.45
N ILE B 84 18.21 -22.21 -4.63
CA ILE B 84 18.08 -20.76 -4.75
C ILE B 84 17.24 -20.23 -3.59
N VAL B 85 17.80 -19.27 -2.88
CA VAL B 85 17.09 -18.66 -1.75
C VAL B 85 16.49 -17.32 -2.17
N TYR B 86 15.20 -17.14 -1.89
CA TYR B 86 14.50 -15.90 -2.24
C TYR B 86 14.23 -15.07 -1.00
N SER B 87 14.54 -13.78 -1.05
CA SER B 87 14.34 -12.89 0.08
C SER B 87 14.09 -11.47 -0.41
N LEU B 88 13.70 -10.60 0.52
CA LEU B 88 13.43 -9.21 0.18
C LEU B 88 14.73 -8.45 -0.10
N TYR B 89 14.64 -7.48 -1.00
CA TYR B 89 15.81 -6.68 -1.34
C TYR B 89 16.49 -6.15 -0.08
N ASP B 90 15.69 -5.58 0.82
CA ASP B 90 16.22 -5.02 2.06
C ASP B 90 15.16 -5.03 3.15
N THR B 91 15.52 -4.55 4.33
CA THR B 91 14.61 -4.51 5.44
C THR B 91 13.62 -3.35 5.30
N HIS B 92 13.96 -2.40 4.43
CA HIS B 92 13.09 -1.25 4.20
C HIS B 92 11.62 -1.66 4.20
N VAL B 93 11.22 -2.38 3.16
CA VAL B 93 9.84 -2.83 3.03
C VAL B 93 9.40 -3.52 4.33
N ALA B 94 10.29 -4.32 4.90
CA ALA B 94 9.98 -5.02 6.14
C ALA B 94 9.59 -4.04 7.24
N GLN B 95 10.39 -2.99 7.39
CA GLN B 95 10.13 -1.98 8.41
C GLN B 95 8.75 -1.38 8.21
N LEU B 96 8.45 -1.00 6.97
CA LEU B 96 7.15 -0.41 6.69
C LEU B 96 6.04 -1.39 7.03
N LEU B 97 6.22 -2.65 6.65
CA LEU B 97 5.23 -3.67 6.92
C LEU B 97 5.06 -3.86 8.42
N ASP B 98 6.17 -3.83 9.15
CA ASP B 98 6.12 -4.01 10.59
C ASP B 98 5.24 -2.94 11.23
N GLU B 99 5.38 -1.70 10.78
CA GLU B 99 4.59 -0.61 11.32
C GLU B 99 3.12 -0.77 10.96
N ALA B 100 2.84 -1.03 9.69
CA ALA B 100 1.47 -1.20 9.23
C ALA B 100 0.82 -2.43 9.87
N ILE B 101 1.50 -3.55 9.79
CA ILE B 101 0.96 -4.78 10.35
C ILE B 101 0.78 -4.65 11.86
N TYR B 102 1.79 -4.12 12.53
CA TYR B 102 1.73 -3.98 13.97
C TYR B 102 0.60 -3.05 14.39
N HIS B 103 0.55 -1.89 13.75
CA HIS B 103 -0.48 -0.91 14.05
C HIS B 103 -1.86 -1.45 13.72
N SER B 104 -1.95 -2.22 12.64
CA SER B 104 -3.22 -2.79 12.23
C SER B 104 -3.62 -3.96 13.12
N GLU B 105 -2.66 -4.83 13.41
CA GLU B 105 -2.91 -5.99 14.25
C GLU B 105 -3.15 -5.57 15.69
N HIS B 106 -2.68 -4.38 16.05
CA HIS B 106 -2.86 -3.89 17.41
C HIS B 106 -4.32 -3.99 17.83
N LEU B 107 -5.16 -3.14 17.23
CA LEU B 107 -6.59 -3.13 17.56
C LEU B 107 -7.40 -3.46 16.32
N HIS B 108 -8.45 -2.69 16.08
CA HIS B 108 -9.31 -2.92 14.92
C HIS B 108 -10.12 -1.67 14.60
N LEU B 109 -9.42 -0.60 14.21
CA LEU B 109 -10.10 0.66 13.88
C LEU B 109 -11.00 0.48 12.68
N GLY B 110 -10.51 -0.24 11.68
CA GLY B 110 -11.29 -0.48 10.46
C GLY B 110 -12.21 -1.67 10.65
N LEU B 111 -13.43 -1.56 10.12
CA LEU B 111 -14.42 -2.63 10.22
C LEU B 111 -15.13 -2.83 8.90
N SER B 112 -15.61 -4.04 8.66
CA SER B 112 -16.32 -4.36 7.42
C SER B 112 -17.52 -5.25 7.70
N ASP B 113 -18.66 -4.63 7.97
CA ASP B 113 -19.88 -5.38 8.25
C ASP B 113 -20.41 -6.02 6.98
N ARG B 114 -20.98 -7.22 7.12
CA ARG B 114 -21.53 -7.93 5.97
C ARG B 114 -22.61 -7.12 5.29
N HIS B 115 -22.28 -6.53 4.15
CA HIS B 115 -23.25 -5.70 3.43
C HIS B 115 -24.34 -6.57 2.81
N PRO B 116 -25.53 -6.05 2.67
CA PRO B 116 -26.68 -6.80 2.07
C PRO B 116 -26.48 -7.06 0.58
N SER B 117 -27.11 -8.12 0.09
CA SER B 117 -27.01 -8.47 -1.33
C SER B 117 -27.51 -7.32 -2.20
N ALA B 118 -28.52 -6.60 -1.71
CA ALA B 118 -29.07 -5.48 -2.45
C ALA B 118 -28.02 -4.38 -2.63
N GLY B 119 -27.22 -4.16 -1.59
CA GLY B 119 -26.18 -3.14 -1.65
C GLY B 119 -25.37 -3.26 -2.93
N GLY A 1 -31.34 -13.67 10.18
CA GLY A 1 -30.98 -14.34 8.89
C GLY A 1 -31.94 -15.48 8.63
N HIS A 2 -32.32 -15.65 7.36
CA HIS A 2 -33.23 -16.72 6.97
C HIS A 2 -32.68 -17.52 5.80
N GLY A 3 -32.87 -18.82 5.83
CA GLY A 3 -32.38 -19.69 4.77
C GLY A 3 -30.90 -19.98 4.94
N VAL A 4 -30.39 -19.77 6.15
CA VAL A 4 -28.97 -20.01 6.44
C VAL A 4 -28.82 -20.93 7.64
N GLU A 5 -27.93 -21.91 7.51
CA GLU A 5 -27.71 -22.87 8.58
C GLU A 5 -27.15 -22.16 9.82
N GLY A 6 -26.27 -21.19 9.60
CA GLY A 6 -25.67 -20.45 10.71
C GLY A 6 -24.16 -20.37 10.56
N ARG A 7 -23.69 -19.27 9.97
CA ARG A 7 -22.25 -19.08 9.78
C ARG A 7 -21.63 -20.32 9.15
N ASN A 8 -21.77 -20.44 7.83
CA ASN A 8 -21.22 -21.58 7.11
C ASN A 8 -19.70 -21.49 7.03
N ARG A 9 -19.03 -22.62 7.21
CA ARG A 9 -17.57 -22.65 7.16
C ARG A 9 -16.98 -21.50 7.98
N PRO A 10 -16.99 -21.64 9.27
CA PRO A 10 -16.46 -20.60 10.20
C PRO A 10 -14.98 -20.29 9.92
N SER A 11 -14.62 -19.02 10.04
CA SER A 11 -13.24 -18.60 9.80
C SER A 11 -12.40 -18.84 11.05
N ALA A 12 -11.09 -18.65 10.92
CA ALA A 12 -10.17 -18.84 12.03
C ALA A 12 -8.77 -18.39 11.64
N PRO A 13 -8.32 -18.77 10.47
CA PRO A 13 -6.96 -18.41 9.96
C PRO A 13 -6.78 -16.92 9.85
N LEU A 14 -5.64 -16.43 10.30
CA LEU A 14 -5.34 -14.99 10.25
C LEU A 14 -4.41 -14.69 9.09
N ASP A 15 -3.24 -15.35 9.08
CA ASP A 15 -2.25 -15.13 8.03
C ASP A 15 -2.93 -14.77 6.71
N SER A 16 -3.80 -15.65 6.25
CA SER A 16 -4.52 -15.42 5.00
C SER A 16 -5.31 -14.11 5.07
N GLN A 17 -6.09 -13.94 6.13
CA GLN A 17 -6.89 -12.73 6.30
C GLN A 17 -5.98 -11.51 6.39
N ALA A 18 -4.89 -11.63 7.13
CA ALA A 18 -3.95 -10.53 7.29
C ALA A 18 -3.48 -10.04 5.92
N ALA A 19 -3.20 -10.98 5.01
CA ALA A 19 -2.75 -10.61 3.67
C ALA A 19 -3.85 -9.89 2.91
N ALA A 20 -5.02 -10.52 2.81
CA ALA A 20 -6.15 -9.91 2.11
C ALA A 20 -6.51 -8.57 2.73
N GLN A 21 -6.69 -8.55 4.04
CA GLN A 21 -7.05 -7.33 4.75
C GLN A 21 -6.06 -6.21 4.41
N VAL A 22 -4.78 -6.50 4.54
CA VAL A 22 -3.75 -5.53 4.24
C VAL A 22 -3.83 -5.12 2.77
N ALA A 23 -4.01 -6.10 1.90
CA ALA A 23 -4.10 -5.83 0.47
C ALA A 23 -5.17 -4.78 0.20
N SER A 24 -6.33 -4.96 0.81
CA SER A 24 -7.44 -4.02 0.61
C SER A 24 -7.02 -2.61 1.02
N THR A 25 -6.34 -2.51 2.17
CA THR A 25 -5.91 -1.22 2.66
C THR A 25 -4.87 -0.59 1.72
N LEU A 26 -3.82 -1.33 1.44
CA LEU A 26 -2.76 -0.84 0.56
C LEU A 26 -3.28 -0.65 -0.85
N GLN A 27 -4.35 -1.35 -1.19
CA GLN A 27 -4.94 -1.25 -2.52
C GLN A 27 -5.67 0.07 -2.68
N ALA A 28 -6.72 0.26 -1.89
CA ALA A 28 -7.50 1.49 -1.97
C ALA A 28 -6.62 2.72 -1.80
N LEU A 29 -5.84 2.74 -0.74
CA LEU A 29 -4.96 3.87 -0.48
C LEU A 29 -4.08 4.16 -1.68
N ALA A 30 -3.60 3.10 -2.32
CA ALA A 30 -2.75 3.26 -3.49
C ALA A 30 -3.24 4.39 -4.35
N THR A 31 -4.37 4.18 -5.04
CA THR A 31 -4.97 5.20 -5.92
C THR A 31 -4.21 6.54 -5.81
N PRO A 32 -3.53 6.94 -6.84
CA PRO A 32 -2.72 8.18 -6.82
C PRO A 32 -3.52 9.38 -6.31
N SER A 33 -4.73 9.53 -6.80
CA SER A 33 -5.58 10.64 -6.40
C SER A 33 -5.77 10.67 -4.90
N ARG A 34 -6.04 9.50 -4.31
CA ARG A 34 -6.25 9.41 -2.88
C ARG A 34 -4.99 9.79 -2.13
N LEU A 35 -3.84 9.40 -2.65
CA LEU A 35 -2.57 9.70 -1.99
C LEU A 35 -2.32 11.21 -1.98
N MET A 36 -2.37 11.84 -3.14
CA MET A 36 -2.14 13.28 -3.21
C MET A 36 -3.08 14.02 -2.26
N ILE A 37 -4.36 13.69 -2.33
CA ILE A 37 -5.35 14.33 -1.45
C ILE A 37 -5.06 14.02 0.01
N LEU A 38 -4.76 12.76 0.28
CA LEU A 38 -4.46 12.34 1.64
C LEU A 38 -3.23 13.09 2.16
N THR A 39 -2.25 13.26 1.28
CA THR A 39 -1.02 13.98 1.65
C THR A 39 -1.37 15.38 2.13
N GLN A 40 -2.32 16.02 1.45
CA GLN A 40 -2.73 17.38 1.82
C GLN A 40 -3.28 17.39 3.24
N LEU A 41 -4.12 16.40 3.55
CA LEU A 41 -4.69 16.30 4.89
C LEU A 41 -3.60 16.06 5.93
N ARG A 42 -2.62 15.26 5.55
CA ARG A 42 -1.52 14.93 6.46
C ARG A 42 -1.18 16.13 7.35
N ASN A 43 -1.38 17.33 6.81
CA ASN A 43 -1.10 18.55 7.55
C ASN A 43 -2.04 18.68 8.75
N GLY A 44 -3.33 18.49 8.53
CA GLY A 44 -4.30 18.57 9.61
C GLY A 44 -5.68 18.99 9.06
N PRO A 45 -5.86 20.27 8.82
CA PRO A 45 -7.14 20.81 8.28
C PRO A 45 -7.37 20.39 6.83
N LEU A 46 -8.40 20.95 6.22
CA LEU A 46 -8.72 20.65 4.84
C LEU A 46 -9.17 21.91 4.08
N PRO A 47 -8.27 22.82 3.85
CA PRO A 47 -8.57 24.06 3.08
C PRO A 47 -8.99 23.75 1.64
N VAL A 48 -10.29 23.60 1.43
CA VAL A 48 -10.78 23.27 0.10
C VAL A 48 -10.32 24.27 -0.94
N THR A 49 -10.56 25.54 -0.68
CA THR A 49 -10.16 26.59 -1.61
C THR A 49 -8.64 26.64 -1.75
N ASP A 50 -7.95 26.94 -0.66
CA ASP A 50 -6.49 27.04 -0.68
C ASP A 50 -5.90 25.84 -1.44
N LEU A 51 -6.38 24.65 -1.10
CA LEU A 51 -5.89 23.44 -1.77
C LEU A 51 -6.23 23.48 -3.25
N ALA A 52 -7.41 23.99 -3.57
CA ALA A 52 -7.84 24.08 -4.96
C ALA A 52 -6.81 24.82 -5.79
N GLU A 53 -6.40 25.99 -5.31
CA GLU A 53 -5.42 26.79 -6.02
C GLU A 53 -4.08 26.05 -6.07
N ALA A 54 -3.74 25.37 -4.98
CA ALA A 54 -2.48 24.65 -4.93
C ALA A 54 -2.37 23.64 -6.06
N ILE A 55 -3.29 22.67 -6.07
CA ILE A 55 -3.29 21.64 -7.11
C ILE A 55 -4.67 21.04 -7.28
N GLY A 56 -5.58 21.35 -6.34
CA GLY A 56 -6.92 20.79 -6.39
C GLY A 56 -7.63 21.20 -7.67
N MET A 57 -7.71 22.51 -7.92
CA MET A 57 -8.36 23.01 -9.12
C MET A 57 -9.68 22.29 -9.35
N GLU A 58 -10.28 21.80 -8.26
CA GLU A 58 -11.56 21.09 -8.37
C GLU A 58 -12.10 20.81 -6.98
N GLN A 59 -12.80 21.79 -6.41
CA GLN A 59 -13.35 21.65 -5.08
C GLN A 59 -14.41 20.55 -5.02
N SER A 60 -15.08 20.35 -6.14
CA SER A 60 -16.11 19.32 -6.23
C SER A 60 -15.50 17.94 -6.05
N ALA A 61 -14.29 17.75 -6.57
CA ALA A 61 -13.60 16.48 -6.47
C ALA A 61 -13.22 16.19 -5.02
N VAL A 62 -12.89 17.25 -4.28
CA VAL A 62 -12.50 17.09 -2.89
C VAL A 62 -13.70 16.75 -2.02
N SER A 63 -14.75 17.56 -2.11
CA SER A 63 -15.96 17.31 -1.33
C SER A 63 -16.54 15.94 -1.64
N HIS A 64 -16.59 15.61 -2.93
CA HIS A 64 -17.12 14.31 -3.34
C HIS A 64 -16.26 13.18 -2.79
N GLN A 65 -14.95 13.27 -2.99
CA GLN A 65 -14.03 12.26 -2.51
C GLN A 65 -14.10 12.15 -0.99
N LEU A 66 -14.21 13.31 -0.33
CA LEU A 66 -14.29 13.33 1.12
C LEU A 66 -15.52 12.56 1.60
N ARG A 67 -16.64 12.78 0.93
CA ARG A 67 -17.88 12.09 1.30
C ARG A 67 -17.71 10.58 1.16
N VAL A 68 -17.04 10.16 0.08
CA VAL A 68 -16.83 8.73 -0.14
C VAL A 68 -16.03 8.12 1.00
N LEU A 69 -14.87 8.68 1.28
CA LEU A 69 -14.02 8.18 2.37
C LEU A 69 -14.75 8.31 3.69
N ARG A 70 -15.55 9.35 3.82
CA ARG A 70 -16.30 9.57 5.05
C ARG A 70 -17.20 8.38 5.34
N ASN A 71 -17.84 7.85 4.30
CA ASN A 71 -18.73 6.71 4.47
C ASN A 71 -17.96 5.52 5.03
N LEU A 72 -16.77 5.27 4.48
CA LEU A 72 -15.95 4.15 4.93
C LEU A 72 -15.54 4.35 6.38
N GLY A 73 -15.20 5.59 6.73
CA GLY A 73 -14.77 5.91 8.09
C GLY A 73 -13.26 6.09 8.16
N LEU A 74 -12.65 6.33 7.01
CA LEU A 74 -11.20 6.54 6.96
C LEU A 74 -10.83 7.95 7.38
N VAL A 75 -11.85 8.78 7.58
CA VAL A 75 -11.63 10.17 7.98
C VAL A 75 -12.64 10.59 9.03
N VAL A 76 -12.35 11.68 9.73
CA VAL A 76 -13.24 12.18 10.77
C VAL A 76 -13.14 13.70 10.87
N GLY A 77 -14.12 14.31 11.55
CA GLY A 77 -14.13 15.76 11.73
C GLY A 77 -13.80 16.11 13.18
N ASP A 78 -13.14 17.25 13.36
CA ASP A 78 -12.75 17.70 14.71
C ASP A 78 -13.14 19.16 14.92
N ARG A 79 -13.69 19.46 16.10
CA ARG A 79 -14.09 20.82 16.40
C ARG A 79 -12.88 21.68 16.68
N ALA A 80 -12.83 22.85 16.05
CA ALA A 80 -11.72 23.78 16.26
C ALA A 80 -12.24 25.19 16.45
N GLY A 81 -12.47 25.57 17.71
CA GLY A 81 -12.96 26.92 18.02
C GLY A 81 -13.81 27.49 16.89
N ARG A 82 -13.16 28.22 15.99
CA ARG A 82 -13.86 28.81 14.87
C ARG A 82 -14.88 27.85 14.27
N SER A 83 -14.40 26.74 13.73
CA SER A 83 -15.29 25.75 13.12
C SER A 83 -14.63 24.38 13.12
N ILE A 84 -15.34 23.40 12.59
CA ILE A 84 -14.82 22.04 12.55
C ILE A 84 -14.02 21.82 11.27
N VAL A 85 -13.06 20.91 11.32
CA VAL A 85 -12.22 20.60 10.15
C VAL A 85 -12.20 19.11 9.89
N TYR A 86 -11.81 18.73 8.66
CA TYR A 86 -11.76 17.32 8.28
C TYR A 86 -10.34 16.79 8.42
N SER A 87 -10.20 15.63 9.06
CA SER A 87 -8.88 15.03 9.24
C SER A 87 -8.99 13.50 9.18
N LEU A 88 -7.85 12.84 9.06
CA LEU A 88 -7.83 11.39 8.99
C LEU A 88 -8.31 10.77 10.30
N TYR A 89 -9.01 9.65 10.20
CA TYR A 89 -9.52 8.98 11.39
C TYR A 89 -8.42 8.80 12.42
N ASP A 90 -7.26 8.33 11.97
CA ASP A 90 -6.13 8.11 12.89
C ASP A 90 -4.82 8.48 12.20
N THR A 91 -3.75 8.53 12.97
CA THR A 91 -2.44 8.88 12.43
C THR A 91 -1.75 7.65 11.88
N HIS A 92 -2.23 6.47 12.27
CA HIS A 92 -1.65 5.22 11.79
C HIS A 92 -1.39 5.27 10.29
N VAL A 93 -2.47 5.37 9.52
CA VAL A 93 -2.36 5.43 8.07
C VAL A 93 -1.30 6.46 7.67
N ALA A 94 -1.23 7.55 8.40
CA ALA A 94 -0.25 8.59 8.12
C ALA A 94 1.16 8.06 8.32
N GLN A 95 1.33 7.22 9.33
CA GLN A 95 2.65 6.65 9.62
C GLN A 95 3.11 5.80 8.44
N LEU A 96 2.22 4.94 7.95
CA LEU A 96 2.58 4.07 6.83
C LEU A 96 2.93 4.90 5.60
N LEU A 97 2.13 5.94 5.35
CA LEU A 97 2.37 6.82 4.22
C LEU A 97 3.67 7.61 4.42
N ASP A 98 3.96 7.96 5.67
CA ASP A 98 5.17 8.72 5.98
C ASP A 98 6.40 7.91 5.57
N GLU A 99 6.38 6.62 5.85
CA GLU A 99 7.51 5.76 5.50
C GLU A 99 7.56 5.55 3.99
N ALA A 100 6.45 5.14 3.41
CA ALA A 100 6.38 4.92 1.96
C ALA A 100 6.79 6.19 1.22
N ILE A 101 6.26 7.32 1.65
CA ILE A 101 6.59 8.59 1.01
C ILE A 101 8.07 8.91 1.16
N TYR A 102 8.58 8.72 2.37
CA TYR A 102 9.99 9.00 2.63
C TYR A 102 10.88 8.06 1.82
N HIS A 103 10.55 6.78 1.85
CA HIS A 103 11.32 5.78 1.12
C HIS A 103 11.31 6.09 -0.38
N SER A 104 10.19 6.59 -0.86
CA SER A 104 10.07 6.93 -2.28
C SER A 104 10.79 8.24 -2.59
N GLU A 105 10.55 9.25 -1.75
CA GLU A 105 11.16 10.56 -1.93
C GLU A 105 12.68 10.41 -2.00
N HIS A 106 13.20 9.39 -1.34
CA HIS A 106 14.64 9.16 -1.33
C HIS A 106 15.08 8.47 -2.62
N LEU A 107 14.12 8.16 -3.48
CA LEU A 107 14.41 7.51 -4.75
C LEU A 107 13.34 7.83 -5.77
N HIS A 108 13.65 8.70 -6.71
CA HIS A 108 12.71 9.07 -7.76
C HIS A 108 13.38 9.97 -8.80
N LEU A 109 14.59 9.62 -9.19
CA LEU A 109 15.32 10.41 -10.16
C LEU A 109 14.58 10.42 -11.50
N GLY A 110 14.06 9.26 -11.90
CA GLY A 110 13.33 9.15 -13.16
C GLY A 110 13.55 7.80 -13.79
N LEU A 111 12.61 6.88 -13.55
CA LEU A 111 12.71 5.53 -14.11
C LEU A 111 11.40 5.14 -14.78
N SER A 112 11.50 4.66 -16.01
CA SER A 112 10.31 4.24 -16.76
C SER A 112 9.59 3.11 -16.02
N ASP A 113 10.36 2.14 -15.53
CA ASP A 113 9.77 1.01 -14.82
C ASP A 113 8.55 0.48 -15.55
N ARG A 114 8.79 -0.18 -16.68
CA ARG A 114 7.71 -0.73 -17.47
C ARG A 114 6.85 -1.66 -16.63
N HIS A 115 5.85 -1.10 -15.95
CA HIS A 115 4.95 -1.89 -15.12
C HIS A 115 3.70 -2.29 -15.91
N PRO A 116 3.16 -1.36 -16.66
CA PRO A 116 1.94 -1.61 -17.48
C PRO A 116 2.18 -2.67 -18.55
N SER A 117 1.15 -3.44 -18.86
CA SER A 117 1.26 -4.48 -19.89
C SER A 117 -0.05 -4.62 -20.64
N ALA A 118 -1.16 -4.35 -19.95
CA ALA A 118 -2.47 -4.46 -20.58
C ALA A 118 -2.68 -3.35 -21.60
N GLY A 119 -3.38 -3.67 -22.69
CA GLY A 119 -3.63 -2.69 -23.73
C GLY A 119 -4.45 -1.51 -23.19
N GLY B 1 16.92 7.93 -30.45
CA GLY B 1 15.47 8.22 -30.64
C GLY B 1 15.28 8.94 -31.97
N HIS B 2 14.24 8.53 -32.71
CA HIS B 2 13.94 9.14 -34.01
C HIS B 2 12.48 9.58 -34.07
N GLY B 3 12.24 10.71 -34.72
CA GLY B 3 10.88 11.23 -34.84
C GLY B 3 10.44 11.92 -33.56
N VAL B 4 11.41 12.30 -32.72
CA VAL B 4 11.11 12.96 -31.46
C VAL B 4 11.89 14.27 -31.34
N GLU B 5 11.20 15.32 -30.90
CA GLU B 5 11.84 16.62 -30.76
C GLU B 5 12.94 16.57 -29.70
N GLY B 6 12.67 15.85 -28.61
CA GLY B 6 13.65 15.71 -27.53
C GLY B 6 13.00 15.96 -26.18
N ARG B 7 12.57 14.90 -25.53
CA ARG B 7 11.93 15.01 -24.21
C ARG B 7 10.83 16.07 -24.25
N ASN B 8 9.67 15.68 -24.75
CA ASN B 8 8.54 16.59 -24.83
C ASN B 8 7.95 16.84 -23.45
N ARG B 9 7.55 18.09 -23.19
CA ARG B 9 6.98 18.44 -21.90
C ARG B 9 7.79 17.83 -20.77
N PRO B 10 8.94 18.39 -20.49
CA PRO B 10 9.84 17.89 -19.41
C PRO B 10 9.15 17.92 -18.04
N SER B 11 9.48 16.94 -17.21
CA SER B 11 8.91 16.85 -15.87
C SER B 11 9.66 17.79 -14.92
N ALA B 12 9.17 17.85 -13.67
CA ALA B 12 9.79 18.70 -12.67
C ALA B 12 9.09 18.52 -11.32
N PRO B 13 7.79 18.51 -11.32
CA PRO B 13 6.98 18.36 -10.07
C PRO B 13 7.32 17.08 -9.33
N LEU B 14 7.36 17.17 -8.01
CA LEU B 14 7.68 16.00 -7.18
C LEU B 14 6.49 15.65 -6.29
N ASP B 15 5.35 16.27 -6.55
CA ASP B 15 4.14 16.00 -5.77
C ASP B 15 3.28 14.96 -6.46
N SER B 16 2.85 15.28 -7.68
CA SER B 16 2.01 14.35 -8.45
C SER B 16 2.74 13.03 -8.65
N GLN B 17 4.03 13.10 -8.94
CA GLN B 17 4.83 11.90 -9.16
C GLN B 17 4.91 11.08 -7.88
N ALA B 18 5.19 11.74 -6.77
CA ALA B 18 5.30 11.05 -5.49
C ALA B 18 4.03 10.24 -5.22
N ALA B 19 2.86 10.83 -5.52
CA ALA B 19 1.61 10.14 -5.31
C ALA B 19 1.48 8.93 -6.23
N ALA B 20 1.65 9.16 -7.53
CA ALA B 20 1.56 8.08 -8.50
C ALA B 20 2.59 6.99 -8.21
N GLN B 21 3.85 7.40 -8.05
CA GLN B 21 4.91 6.45 -7.76
C GLN B 21 4.54 5.58 -6.54
N VAL B 22 4.13 6.23 -5.47
CA VAL B 22 3.74 5.52 -4.27
C VAL B 22 2.55 4.61 -4.57
N ALA B 23 1.58 5.13 -5.31
CA ALA B 23 0.40 4.36 -5.66
C ALA B 23 0.81 3.04 -6.32
N SER B 24 1.73 3.12 -7.27
CA SER B 24 2.18 1.93 -7.98
C SER B 24 2.76 0.92 -6.99
N THR B 25 3.57 1.40 -6.06
CA THR B 25 4.19 0.51 -5.07
C THR B 25 3.14 -0.10 -4.16
N LEU B 26 2.31 0.75 -3.54
CA LEU B 26 1.28 0.27 -2.64
C LEU B 26 0.23 -0.54 -3.40
N GLN B 27 0.14 -0.31 -4.70
CA GLN B 27 -0.82 -1.01 -5.53
C GLN B 27 -0.37 -2.46 -5.76
N ALA B 28 0.78 -2.62 -6.43
CA ALA B 28 1.30 -3.95 -6.72
C ALA B 28 1.43 -4.76 -5.44
N LEU B 29 2.13 -4.21 -4.46
CA LEU B 29 2.33 -4.92 -3.21
C LEU B 29 1.01 -5.38 -2.62
N ALA B 30 0.00 -4.53 -2.73
CA ALA B 30 -1.32 -4.87 -2.21
C ALA B 30 -1.63 -6.32 -2.48
N THR B 31 -1.90 -6.65 -3.75
CA THR B 31 -2.21 -8.03 -4.15
C THR B 31 -2.04 -9.01 -2.98
N PRO B 32 -3.12 -9.55 -2.48
CA PRO B 32 -3.08 -10.47 -1.30
C PRO B 32 -2.03 -11.56 -1.46
N SER B 33 -2.00 -12.17 -2.64
CA SER B 33 -1.04 -13.25 -2.90
C SER B 33 0.39 -12.78 -2.66
N ARG B 34 0.71 -11.60 -3.17
CA ARG B 34 2.04 -11.06 -3.01
C ARG B 34 2.38 -10.82 -1.55
N LEU B 35 1.39 -10.34 -0.80
CA LEU B 35 1.60 -10.08 0.62
C LEU B 35 1.93 -11.36 1.38
N MET B 36 1.06 -12.35 1.25
CA MET B 36 1.28 -13.62 1.95
C MET B 36 2.65 -14.19 1.61
N ILE B 37 2.96 -14.25 0.32
CA ILE B 37 4.26 -14.76 -0.12
C ILE B 37 5.39 -13.90 0.40
N LEU B 38 5.21 -12.58 0.30
CA LEU B 38 6.22 -11.65 0.79
C LEU B 38 6.43 -11.83 2.28
N THR B 39 5.34 -12.05 3.01
CA THR B 39 5.40 -12.24 4.44
C THR B 39 6.30 -13.43 4.77
N GLN B 40 6.19 -14.49 3.97
CA GLN B 40 7.01 -15.67 4.18
C GLN B 40 8.49 -15.32 4.06
N LEU B 41 8.82 -14.53 3.03
CA LEU B 41 10.20 -14.11 2.82
C LEU B 41 10.68 -13.25 3.98
N ARG B 42 9.79 -12.43 4.51
CA ARG B 42 10.14 -11.54 5.61
C ARG B 42 11.12 -12.21 6.56
N ASN B 43 11.02 -13.54 6.66
CA ASN B 43 11.91 -14.30 7.54
C ASN B 43 13.35 -14.20 7.05
N GLY B 44 13.56 -14.47 5.76
CA GLY B 44 14.90 -14.41 5.18
C GLY B 44 15.01 -15.33 3.98
N PRO B 45 15.15 -16.61 4.20
CA PRO B 45 15.26 -17.61 3.10
C PRO B 45 13.95 -17.80 2.37
N LEU B 46 13.90 -18.80 1.49
CA LEU B 46 12.70 -19.10 0.73
C LEU B 46 12.51 -20.60 0.57
N PRO B 47 12.20 -21.29 1.63
CA PRO B 47 11.94 -22.77 1.61
C PRO B 47 10.72 -23.09 0.75
N VAL B 48 10.95 -23.36 -0.52
CA VAL B 48 9.85 -23.66 -1.43
C VAL B 48 9.00 -24.82 -0.92
N THR B 49 9.64 -25.93 -0.62
CA THR B 49 8.93 -27.10 -0.12
C THR B 49 8.26 -26.80 1.21
N ASP B 50 9.08 -26.52 2.22
CA ASP B 50 8.55 -26.26 3.56
C ASP B 50 7.37 -25.28 3.48
N LEU B 51 7.55 -24.22 2.71
CA LEU B 51 6.48 -23.24 2.55
C LEU B 51 5.28 -23.88 1.88
N ALA B 52 5.52 -24.73 0.89
CA ALA B 52 4.45 -25.40 0.18
C ALA B 52 3.52 -26.10 1.17
N GLU B 53 4.11 -26.89 2.07
CA GLU B 53 3.32 -27.60 3.06
C GLU B 53 2.60 -26.61 3.98
N ALA B 54 3.29 -25.52 4.33
CA ALA B 54 2.70 -24.54 5.22
C ALA B 54 1.39 -24.01 4.66
N ILE B 55 1.46 -23.38 3.50
CA ILE B 55 0.26 -22.82 2.87
C ILE B 55 0.46 -22.67 1.36
N GLY B 56 1.69 -22.87 0.90
CA GLY B 56 1.99 -22.72 -0.51
C GLY B 56 1.20 -23.72 -1.34
N MET B 57 1.34 -25.00 -1.01
CA MET B 57 0.61 -26.05 -1.72
C MET B 57 0.71 -25.82 -3.22
N GLU B 58 1.77 -25.15 -3.66
CA GLU B 58 1.95 -24.88 -5.08
C GLU B 58 3.34 -24.26 -5.31
N GLN B 59 4.34 -25.13 -5.45
CA GLN B 59 5.71 -24.66 -5.66
C GLN B 59 5.84 -23.91 -6.98
N SER B 60 5.02 -24.29 -7.95
CA SER B 60 5.05 -23.66 -9.25
C SER B 60 4.64 -22.18 -9.14
N ALA B 61 3.69 -21.91 -8.27
CA ALA B 61 3.21 -20.54 -8.07
C ALA B 61 4.31 -19.69 -7.45
N VAL B 62 5.13 -20.30 -6.60
CA VAL B 62 6.20 -19.57 -5.93
C VAL B 62 7.33 -19.26 -6.91
N SER B 63 7.82 -20.29 -7.59
CA SER B 63 8.91 -20.09 -8.55
C SER B 63 8.47 -19.12 -9.64
N HIS B 64 7.26 -19.29 -10.14
CA HIS B 64 6.74 -18.42 -11.19
C HIS B 64 6.62 -16.98 -10.68
N GLN B 65 5.98 -16.82 -9.53
CA GLN B 65 5.80 -15.49 -8.94
C GLN B 65 7.16 -14.87 -8.63
N LEU B 66 8.09 -15.69 -8.14
CA LEU B 66 9.42 -15.20 -7.81
C LEU B 66 10.10 -14.65 -9.05
N ARG B 67 10.01 -15.38 -10.15
CA ARG B 67 10.63 -14.95 -11.40
C ARG B 67 10.06 -13.59 -11.83
N VAL B 68 8.75 -13.44 -11.70
CA VAL B 68 8.11 -12.19 -12.10
C VAL B 68 8.70 -11.03 -11.32
N LEU B 69 8.69 -11.12 -9.99
CA LEU B 69 9.24 -10.07 -9.16
C LEU B 69 10.73 -9.91 -9.44
N ARG B 70 11.39 -11.02 -9.77
CA ARG B 70 12.81 -10.98 -10.05
C ARG B 70 13.10 -10.00 -11.19
N ASN B 71 12.26 -10.02 -12.21
CA ASN B 71 12.45 -9.15 -13.36
C ASN B 71 12.33 -7.69 -12.93
N LEU B 72 11.38 -7.41 -12.05
CA LEU B 72 11.17 -6.04 -11.58
C LEU B 72 12.36 -5.57 -10.76
N GLY B 73 12.91 -6.46 -9.94
CA GLY B 73 14.05 -6.13 -9.10
C GLY B 73 13.61 -5.91 -7.65
N LEU B 74 12.42 -6.38 -7.33
CA LEU B 74 11.91 -6.22 -5.97
C LEU B 74 12.50 -7.27 -5.03
N VAL B 75 13.26 -8.20 -5.62
CA VAL B 75 13.88 -9.27 -4.83
C VAL B 75 15.29 -9.51 -5.31
N VAL B 76 16.09 -10.18 -4.49
CA VAL B 76 17.47 -10.49 -4.83
C VAL B 76 17.92 -11.79 -4.18
N GLY B 77 19.03 -12.35 -4.67
CA GLY B 77 19.55 -13.59 -4.12
C GLY B 77 20.81 -13.32 -3.30
N ASP B 78 21.02 -14.12 -2.26
CA ASP B 78 22.19 -13.96 -1.38
C ASP B 78 22.90 -15.29 -1.18
N ARG B 79 24.22 -15.27 -1.20
CA ARG B 79 25.00 -16.49 -1.03
C ARG B 79 25.04 -16.87 0.44
N ALA B 80 24.83 -18.16 0.71
CA ALA B 80 24.85 -18.65 2.09
C ALA B 80 25.57 -19.98 2.16
N GLY B 81 26.89 -19.94 2.37
CA GLY B 81 27.69 -21.16 2.47
C GLY B 81 27.11 -22.30 1.64
N ARG B 82 26.24 -23.09 2.27
CA ARG B 82 25.61 -24.20 1.57
C ARG B 82 25.19 -23.81 0.16
N SER B 83 24.26 -22.86 0.06
CA SER B 83 23.78 -22.41 -1.23
C SER B 83 23.20 -21.00 -1.13
N ILE B 84 22.72 -20.49 -2.25
CA ILE B 84 22.15 -19.15 -2.27
C ILE B 84 20.65 -19.21 -1.96
N VAL B 85 20.13 -18.12 -1.41
CA VAL B 85 18.70 -18.06 -1.08
C VAL B 85 18.07 -16.79 -1.66
N TYR B 86 16.74 -16.80 -1.76
CA TYR B 86 16.03 -15.65 -2.32
C TYR B 86 15.50 -14.77 -1.20
N SER B 87 15.75 -13.47 -1.32
CA SER B 87 15.30 -12.51 -0.30
C SER B 87 14.90 -11.20 -0.95
N LEU B 88 14.21 -10.35 -0.21
CA LEU B 88 13.76 -9.07 -0.72
C LEU B 88 14.96 -8.17 -1.03
N TYR B 89 14.83 -7.35 -2.07
CA TYR B 89 15.91 -6.46 -2.45
C TYR B 89 16.40 -5.67 -1.25
N ASP B 90 15.46 -5.08 -0.51
CA ASP B 90 15.83 -4.29 0.67
C ASP B 90 14.83 -4.53 1.80
N THR B 91 15.16 -4.04 2.99
CA THR B 91 14.29 -4.21 4.15
C THR B 91 13.23 -3.11 4.18
N HIS B 92 13.47 -2.04 3.43
CA HIS B 92 12.53 -0.93 3.39
C HIS B 92 11.10 -1.44 3.25
N VAL B 93 10.81 -2.07 2.12
CA VAL B 93 9.47 -2.59 1.88
C VAL B 93 9.00 -3.40 3.08
N ALA B 94 9.92 -4.09 3.73
CA ALA B 94 9.58 -4.89 4.91
C ALA B 94 9.11 -3.99 6.04
N GLN B 95 9.76 -2.82 6.17
CA GLN B 95 9.39 -1.88 7.22
C GLN B 95 7.95 -1.42 7.04
N LEU B 96 7.61 -1.05 5.80
CA LEU B 96 6.25 -0.57 5.52
C LEU B 96 5.24 -1.66 5.82
N LEU B 97 5.55 -2.89 5.40
CA LEU B 97 4.67 -4.02 5.64
C LEU B 97 4.58 -4.31 7.14
N ASP B 98 5.69 -4.13 7.84
CA ASP B 98 5.73 -4.39 9.27
C ASP B 98 4.73 -3.51 9.99
N GLU B 99 4.67 -2.24 9.60
CA GLU B 99 3.73 -1.30 10.21
C GLU B 99 2.30 -1.64 9.82
N ALA B 100 2.06 -1.77 8.51
CA ALA B 100 0.73 -2.11 8.02
C ALA B 100 0.24 -3.41 8.64
N ILE B 101 1.11 -4.41 8.67
CA ILE B 101 0.75 -5.69 9.23
C ILE B 101 0.44 -5.57 10.72
N TYR B 102 1.29 -4.85 11.43
CA TYR B 102 1.08 -4.64 12.86
C TYR B 102 -0.19 -3.87 13.12
N HIS B 103 -0.39 -2.78 12.37
CA HIS B 103 -1.56 -1.95 12.53
C HIS B 103 -2.83 -2.76 12.25
N SER B 104 -2.74 -3.66 11.28
CA SER B 104 -3.88 -4.50 10.93
C SER B 104 -4.08 -5.61 11.96
N GLU B 105 -2.99 -6.28 12.32
CA GLU B 105 -3.04 -7.36 13.29
C GLU B 105 -3.68 -6.89 14.59
N HIS B 106 -3.53 -5.59 14.87
CA HIS B 106 -4.11 -5.02 16.09
C HIS B 106 -5.59 -4.74 15.91
N LEU B 107 -6.09 -5.00 14.69
CA LEU B 107 -7.49 -4.78 14.39
C LEU B 107 -7.96 -5.70 13.27
N HIS B 108 -8.70 -6.74 13.64
CA HIS B 108 -9.21 -7.68 12.65
C HIS B 108 -10.16 -8.68 13.29
N LEU B 109 -11.05 -8.18 14.14
CA LEU B 109 -12.00 -9.05 14.82
C LEU B 109 -12.92 -9.73 13.81
N GLY B 110 -13.37 -8.98 12.82
CA GLY B 110 -14.25 -9.53 11.79
C GLY B 110 -15.26 -8.49 11.34
N LEU B 111 -14.92 -7.78 10.27
CA LEU B 111 -15.81 -6.75 9.71
C LEU B 111 -16.04 -6.97 8.23
N SER B 112 -17.30 -6.96 7.82
CA SER B 112 -17.64 -7.16 6.42
C SER B 112 -17.03 -6.05 5.56
N ASP B 113 -17.13 -4.82 6.04
CA ASP B 113 -16.59 -3.68 5.31
C ASP B 113 -16.92 -3.78 3.82
N ARG B 114 -18.16 -3.42 3.48
CA ARG B 114 -18.58 -3.48 2.09
C ARG B 114 -17.73 -2.56 1.24
N HIS B 115 -16.60 -3.09 0.78
CA HIS B 115 -15.70 -2.32 -0.07
C HIS B 115 -16.03 -2.51 -1.56
N PRO B 116 -16.30 -3.73 -1.95
CA PRO B 116 -16.61 -4.07 -3.36
C PRO B 116 -18.06 -3.74 -3.70
N SER B 117 -18.29 -3.28 -4.94
CA SER B 117 -19.63 -2.94 -5.39
C SER B 117 -19.82 -3.36 -6.84
N ALA B 118 -18.72 -3.51 -7.57
CA ALA B 118 -18.79 -3.90 -8.98
C ALA B 118 -19.31 -5.32 -9.11
N GLY B 119 -20.13 -5.55 -10.13
CA GLY B 119 -20.70 -6.88 -10.36
C GLY B 119 -19.58 -7.93 -10.50
N GLY A 1 -28.86 -14.10 20.54
CA GLY A 1 -30.13 -14.72 21.01
C GLY A 1 -31.18 -14.62 19.90
N HIS A 2 -31.10 -13.55 19.12
CA HIS A 2 -32.05 -13.34 18.03
C HIS A 2 -31.87 -14.41 16.95
N GLY A 3 -30.61 -14.74 16.67
CA GLY A 3 -30.32 -15.75 15.65
C GLY A 3 -28.87 -16.19 15.73
N VAL A 4 -28.66 -17.46 16.09
CA VAL A 4 -27.31 -18.01 16.20
C VAL A 4 -27.24 -19.38 15.53
N GLU A 5 -26.02 -19.83 15.25
CA GLU A 5 -25.80 -21.13 14.61
C GLU A 5 -24.71 -21.90 15.33
N GLY A 6 -25.00 -23.18 15.62
CA GLY A 6 -24.03 -24.03 16.31
C GLY A 6 -23.18 -24.80 15.31
N ARG A 7 -22.67 -24.09 14.30
CA ARG A 7 -21.83 -24.71 13.29
C ARG A 7 -20.54 -25.24 13.91
N ASN A 8 -20.17 -26.46 13.54
CA ASN A 8 -18.95 -27.07 14.06
C ASN A 8 -17.72 -26.56 13.32
N ARG A 9 -16.55 -26.79 13.88
CA ARG A 9 -15.31 -26.34 13.26
C ARG A 9 -15.28 -24.83 13.16
N PRO A 10 -15.32 -24.15 14.28
CA PRO A 10 -15.29 -22.66 14.32
C PRO A 10 -13.90 -22.10 14.08
N SER A 11 -13.22 -22.61 13.06
CA SER A 11 -11.88 -22.14 12.74
C SER A 11 -11.92 -20.73 12.18
N ALA A 12 -10.90 -19.94 12.49
CA ALA A 12 -10.83 -18.57 12.00
C ALA A 12 -9.39 -18.06 12.07
N PRO A 13 -8.55 -18.54 11.19
CA PRO A 13 -7.12 -18.13 11.12
C PRO A 13 -6.98 -16.63 10.86
N LEU A 14 -5.96 -16.04 11.48
CA LEU A 14 -5.69 -14.61 11.32
C LEU A 14 -4.56 -14.39 10.30
N ASP A 15 -4.32 -15.40 9.46
CA ASP A 15 -3.27 -15.30 8.45
C ASP A 15 -3.83 -14.82 7.12
N SER A 16 -4.74 -15.62 6.55
CA SER A 16 -5.35 -15.27 5.28
C SER A 16 -6.12 -13.96 5.39
N GLN A 17 -6.77 -13.77 6.54
CA GLN A 17 -7.53 -12.55 6.76
C GLN A 17 -6.60 -11.35 6.81
N ALA A 18 -5.52 -11.47 7.58
CA ALA A 18 -4.56 -10.37 7.71
C ALA A 18 -4.06 -9.96 6.33
N ALA A 19 -3.83 -10.93 5.46
CA ALA A 19 -3.34 -10.63 4.12
C ALA A 19 -4.40 -9.84 3.35
N ALA A 20 -5.61 -10.38 3.29
CA ALA A 20 -6.69 -9.72 2.57
C ALA A 20 -6.96 -8.33 3.15
N GLN A 21 -7.06 -8.25 4.46
CA GLN A 21 -7.32 -6.98 5.12
C GLN A 21 -6.19 -5.97 4.86
N VAL A 22 -4.96 -6.41 5.11
CA VAL A 22 -3.81 -5.55 4.91
C VAL A 22 -3.71 -5.13 3.44
N ALA A 23 -3.90 -6.09 2.54
CA ALA A 23 -3.83 -5.80 1.12
C ALA A 23 -4.85 -4.74 0.76
N SER A 24 -6.04 -4.84 1.33
CA SER A 24 -7.10 -3.87 1.06
C SER A 24 -6.63 -2.47 1.45
N THR A 25 -6.00 -2.36 2.62
CA THR A 25 -5.51 -1.07 3.09
C THR A 25 -4.44 -0.52 2.12
N LEU A 26 -3.50 -1.37 1.77
CA LEU A 26 -2.42 -0.97 0.86
C LEU A 26 -2.97 -0.71 -0.53
N GLN A 27 -4.13 -1.29 -0.81
CA GLN A 27 -4.75 -1.11 -2.11
C GLN A 27 -5.38 0.28 -2.22
N ALA A 28 -6.27 0.60 -1.29
CA ALA A 28 -6.94 1.89 -1.29
C ALA A 28 -5.91 3.02 -1.20
N LEU A 29 -5.07 2.96 -0.17
CA LEU A 29 -4.06 4.00 0.02
C LEU A 29 -3.35 4.30 -1.28
N ALA A 30 -3.15 3.26 -2.08
CA ALA A 30 -2.50 3.43 -3.37
C ALA A 30 -3.27 4.43 -4.23
N THR A 31 -3.37 4.13 -5.52
CA THR A 31 -4.07 5.00 -6.45
C THR A 31 -3.44 6.41 -6.42
N PRO A 32 -2.80 6.85 -7.49
CA PRO A 32 -2.14 8.19 -7.54
C PRO A 32 -3.04 9.33 -7.03
N SER A 33 -4.19 9.50 -7.68
CA SER A 33 -5.12 10.57 -7.31
C SER A 33 -5.29 10.64 -5.80
N ARG A 34 -5.53 9.50 -5.19
CA ARG A 34 -5.70 9.46 -3.74
C ARG A 34 -4.36 9.67 -3.04
N LEU A 35 -3.27 9.36 -3.74
CA LEU A 35 -1.96 9.50 -3.13
C LEU A 35 -1.62 10.97 -2.88
N MET A 36 -1.68 11.77 -3.94
CA MET A 36 -1.38 13.19 -3.81
C MET A 36 -2.41 13.87 -2.92
N ILE A 37 -3.68 13.55 -3.12
CA ILE A 37 -4.75 14.16 -2.33
C ILE A 37 -4.59 13.79 -0.85
N LEU A 38 -4.33 12.52 -0.60
CA LEU A 38 -4.15 12.05 0.76
C LEU A 38 -2.95 12.70 1.40
N THR A 39 -1.87 12.82 0.63
CA THR A 39 -0.65 13.44 1.13
C THR A 39 -0.94 14.86 1.58
N GLN A 40 -1.70 15.59 0.78
CA GLN A 40 -2.05 16.96 1.13
C GLN A 40 -2.72 16.99 2.50
N LEU A 41 -3.66 16.09 2.72
CA LEU A 41 -4.35 16.02 4.01
C LEU A 41 -3.38 15.61 5.12
N ARG A 42 -2.51 14.66 4.82
CA ARG A 42 -1.56 14.18 5.79
C ARG A 42 -0.66 15.31 6.28
N ASN A 43 -0.35 16.24 5.38
CA ASN A 43 0.51 17.36 5.70
C ASN A 43 -0.06 18.14 6.89
N GLY A 44 -1.39 18.31 6.89
CA GLY A 44 -2.04 19.03 7.96
C GLY A 44 -3.48 19.35 7.61
N PRO A 45 -4.25 19.83 8.55
CA PRO A 45 -5.68 20.19 8.34
C PRO A 45 -5.82 21.36 7.38
N LEU A 46 -6.88 21.32 6.56
CA LEU A 46 -7.11 22.40 5.62
C LEU A 46 -8.44 22.18 4.88
N PRO A 47 -9.12 23.24 4.53
CA PRO A 47 -10.43 23.16 3.79
C PRO A 47 -10.24 22.74 2.33
N VAL A 48 -11.35 22.39 1.68
CA VAL A 48 -11.31 21.96 0.29
C VAL A 48 -10.81 23.08 -0.60
N THR A 49 -11.23 24.29 -0.26
CA THR A 49 -10.83 25.47 -1.01
C THR A 49 -9.30 25.62 -1.01
N ASP A 50 -8.70 25.42 0.15
CA ASP A 50 -7.26 25.49 0.27
C ASP A 50 -6.61 24.34 -0.48
N LEU A 51 -7.25 23.19 -0.41
CA LEU A 51 -6.71 22.02 -1.08
C LEU A 51 -6.67 22.25 -2.58
N ALA A 52 -7.74 22.80 -3.13
CA ALA A 52 -7.81 23.08 -4.55
C ALA A 52 -6.72 24.05 -4.96
N GLU A 53 -6.53 25.07 -4.15
CA GLU A 53 -5.50 26.06 -4.46
C GLU A 53 -4.13 25.39 -4.50
N ALA A 54 -3.81 24.61 -3.47
CA ALA A 54 -2.52 23.93 -3.41
C ALA A 54 -2.38 22.92 -4.55
N ILE A 55 -3.36 22.03 -4.67
CA ILE A 55 -3.33 21.01 -5.71
C ILE A 55 -4.62 20.19 -5.71
N GLY A 56 -5.62 20.66 -6.43
CA GLY A 56 -6.88 19.92 -6.53
C GLY A 56 -7.72 20.45 -7.69
N MET A 57 -8.02 21.75 -7.66
CA MET A 57 -8.80 22.35 -8.72
C MET A 57 -10.11 21.60 -8.91
N GLU A 58 -10.59 20.96 -7.84
CA GLU A 58 -11.82 20.21 -7.91
C GLU A 58 -12.31 19.90 -6.50
N GLN A 59 -13.10 20.79 -5.94
CA GLN A 59 -13.63 20.62 -4.60
C GLN A 59 -14.73 19.56 -4.58
N SER A 60 -15.34 19.32 -5.73
CA SER A 60 -16.40 18.33 -5.84
C SER A 60 -15.86 16.93 -5.60
N ALA A 61 -14.70 16.64 -6.18
CA ALA A 61 -14.07 15.34 -6.03
C ALA A 61 -13.64 15.13 -4.59
N VAL A 62 -13.25 16.21 -3.91
CA VAL A 62 -12.83 16.11 -2.53
C VAL A 62 -14.00 15.78 -1.61
N SER A 63 -15.07 16.55 -1.73
CA SER A 63 -16.25 16.32 -0.90
C SER A 63 -16.82 14.93 -1.16
N HIS A 64 -16.80 14.51 -2.41
CA HIS A 64 -17.32 13.19 -2.77
C HIS A 64 -16.45 12.09 -2.17
N GLN A 65 -15.15 12.19 -2.37
CA GLN A 65 -14.22 11.20 -1.82
C GLN A 65 -14.27 11.21 -0.31
N LEU A 66 -14.40 12.39 0.26
CA LEU A 66 -14.45 12.52 1.71
C LEU A 66 -15.66 11.78 2.24
N ARG A 67 -16.82 11.96 1.60
CA ARG A 67 -18.03 11.29 2.05
C ARG A 67 -17.85 9.77 2.00
N VAL A 68 -17.30 9.29 0.90
CA VAL A 68 -17.10 7.85 0.76
C VAL A 68 -16.15 7.34 1.83
N LEU A 69 -14.97 7.95 1.91
CA LEU A 69 -13.97 7.53 2.89
C LEU A 69 -14.54 7.66 4.29
N ARG A 70 -15.36 8.68 4.49
CA ARG A 70 -15.97 8.91 5.78
C ARG A 70 -16.83 7.71 6.19
N ASN A 71 -17.55 7.14 5.23
CA ASN A 71 -18.40 6.00 5.52
C ASN A 71 -17.56 4.82 6.01
N LEU A 72 -16.45 4.57 5.32
CA LEU A 72 -15.58 3.46 5.68
C LEU A 72 -14.92 3.72 7.03
N GLY A 73 -14.52 4.97 7.26
CA GLY A 73 -13.86 5.36 8.50
C GLY A 73 -12.36 5.55 8.30
N LEU A 74 -11.98 5.93 7.08
CA LEU A 74 -10.57 6.15 6.76
C LEU A 74 -10.17 7.59 7.02
N VAL A 75 -11.16 8.48 7.10
CA VAL A 75 -10.91 9.89 7.34
C VAL A 75 -11.90 10.42 8.37
N VAL A 76 -11.53 11.52 9.02
CA VAL A 76 -12.39 12.14 10.02
C VAL A 76 -12.31 13.67 9.93
N GLY A 77 -13.35 14.34 10.41
CA GLY A 77 -13.41 15.79 10.40
C GLY A 77 -13.49 16.33 11.84
N ASP A 78 -12.81 17.44 12.09
CA ASP A 78 -12.79 18.05 13.42
C ASP A 78 -13.48 19.42 13.37
N ARG A 79 -14.67 19.49 13.95
CA ARG A 79 -15.41 20.75 13.99
C ARG A 79 -14.89 21.63 15.11
N ALA A 80 -14.63 22.90 14.79
CA ALA A 80 -14.13 23.84 15.79
C ALA A 80 -14.75 25.22 15.57
N GLY A 81 -15.44 25.71 16.60
CA GLY A 81 -16.08 27.02 16.51
C GLY A 81 -16.96 27.11 15.26
N ARG A 82 -16.61 28.02 14.36
CA ARG A 82 -17.38 28.21 13.12
C ARG A 82 -16.56 27.72 11.92
N SER A 83 -15.76 26.69 12.13
CA SER A 83 -14.95 26.14 11.06
C SER A 83 -14.59 24.71 11.37
N ILE A 84 -14.46 23.90 10.32
CA ILE A 84 -14.11 22.48 10.47
C ILE A 84 -12.96 22.13 9.55
N VAL A 85 -12.22 21.10 9.92
CA VAL A 85 -11.10 20.63 9.09
C VAL A 85 -11.20 19.13 8.84
N TYR A 86 -10.69 18.68 7.69
CA TYR A 86 -10.72 17.27 7.33
C TYR A 86 -9.33 16.65 7.46
N SER A 87 -9.25 15.49 8.10
CA SER A 87 -7.97 14.80 8.29
C SER A 87 -8.18 13.30 8.35
N LEU A 88 -7.08 12.56 8.35
CA LEU A 88 -7.15 11.11 8.41
C LEU A 88 -7.77 10.65 9.72
N TYR A 89 -8.44 9.50 9.71
CA TYR A 89 -9.07 8.98 10.91
C TYR A 89 -8.07 8.92 12.06
N ASP A 90 -6.89 8.35 11.80
CA ASP A 90 -5.84 8.24 12.81
C ASP A 90 -4.47 8.53 12.21
N THR A 91 -3.49 8.72 13.08
CA THR A 91 -2.13 9.00 12.64
C THR A 91 -1.45 7.74 12.12
N HIS A 92 -1.92 6.59 12.59
CA HIS A 92 -1.34 5.30 12.18
C HIS A 92 -1.04 5.31 10.68
N VAL A 93 -2.08 5.51 9.88
CA VAL A 93 -1.91 5.54 8.44
C VAL A 93 -0.89 6.58 8.05
N ALA A 94 -0.93 7.72 8.72
CA ALA A 94 0.01 8.80 8.43
C ALA A 94 1.44 8.31 8.58
N GLN A 95 1.68 7.51 9.61
CA GLN A 95 3.01 6.97 9.85
C GLN A 95 3.42 6.04 8.72
N LEU A 96 2.47 5.21 8.28
CA LEU A 96 2.78 4.27 7.21
C LEU A 96 3.21 5.01 5.95
N LEU A 97 2.47 6.06 5.60
CA LEU A 97 2.78 6.85 4.44
C LEU A 97 4.12 7.57 4.62
N ASP A 98 4.39 7.99 5.85
CA ASP A 98 5.63 8.67 6.14
C ASP A 98 6.82 7.79 5.78
N GLU A 99 6.73 6.51 6.15
CA GLU A 99 7.81 5.57 5.86
C GLU A 99 7.90 5.30 4.36
N ALA A 100 6.78 4.97 3.75
CA ALA A 100 6.75 4.69 2.32
C ALA A 100 7.24 5.90 1.53
N ILE A 101 6.76 7.08 1.91
CA ILE A 101 7.15 8.30 1.21
C ILE A 101 8.65 8.53 1.36
N TYR A 102 9.16 8.38 2.57
CA TYR A 102 10.58 8.58 2.81
C TYR A 102 11.39 7.55 2.04
N HIS A 103 10.95 6.30 2.08
CA HIS A 103 11.64 5.22 1.39
C HIS A 103 11.71 5.50 -0.10
N SER A 104 10.64 6.05 -0.65
CA SER A 104 10.60 6.38 -2.08
C SER A 104 11.39 7.64 -2.39
N GLU A 105 11.20 8.67 -1.56
CA GLU A 105 11.88 9.94 -1.75
C GLU A 105 13.39 9.73 -1.80
N HIS A 106 13.87 8.72 -1.06
CA HIS A 106 15.29 8.46 -1.03
C HIS A 106 15.85 8.34 -2.45
N LEU A 107 15.50 7.26 -3.14
CA LEU A 107 15.96 7.04 -4.51
C LEU A 107 14.81 7.19 -5.48
N HIS A 108 14.80 6.35 -6.52
CA HIS A 108 13.74 6.40 -7.52
C HIS A 108 13.64 5.07 -8.25
N LEU A 109 12.41 4.61 -8.45
CA LEU A 109 12.19 3.34 -9.13
C LEU A 109 12.67 3.43 -10.57
N GLY A 110 12.33 4.52 -11.24
CA GLY A 110 12.74 4.70 -12.63
C GLY A 110 12.03 3.70 -13.54
N LEU A 111 11.21 2.84 -12.94
CA LEU A 111 10.48 1.84 -13.71
C LEU A 111 9.29 2.47 -14.43
N SER A 112 8.09 2.12 -13.98
CA SER A 112 6.87 2.64 -14.58
C SER A 112 6.85 2.36 -16.07
N ASP A 113 6.94 1.08 -16.43
CA ASP A 113 6.92 0.67 -17.83
C ASP A 113 5.55 0.14 -18.23
N ARG A 114 4.50 0.78 -17.72
CA ARG A 114 3.15 0.34 -18.03
C ARG A 114 2.80 0.68 -19.47
N HIS A 115 2.33 -0.32 -20.20
CA HIS A 115 1.96 -0.14 -21.61
C HIS A 115 0.44 -0.09 -21.76
N PRO A 116 -0.27 -0.94 -21.07
CA PRO A 116 -1.76 -0.99 -21.14
C PRO A 116 -2.39 0.35 -20.76
N SER A 117 -3.38 0.77 -21.54
CA SER A 117 -4.07 2.02 -21.27
C SER A 117 -5.20 1.81 -20.27
N ALA A 118 -6.01 0.77 -20.50
CA ALA A 118 -7.12 0.47 -19.61
C ALA A 118 -6.61 0.05 -18.23
N GLY A 119 -5.52 -0.71 -18.22
CA GLY A 119 -4.94 -1.16 -16.96
C GLY A 119 -5.95 -2.00 -16.16
N GLY B 1 25.11 12.74 -25.60
CA GLY B 1 25.84 13.11 -26.85
C GLY B 1 25.23 12.39 -28.03
N HIS B 2 24.87 11.11 -27.82
CA HIS B 2 24.27 10.32 -28.89
C HIS B 2 22.99 10.97 -29.40
N GLY B 3 22.18 11.46 -28.47
CA GLY B 3 20.92 12.10 -28.84
C GLY B 3 20.36 12.89 -27.66
N VAL B 4 20.26 14.20 -27.82
CA VAL B 4 19.74 15.07 -26.77
C VAL B 4 18.76 16.09 -27.35
N GLU B 5 17.93 16.68 -26.48
CA GLU B 5 16.94 17.67 -26.92
C GLU B 5 17.02 18.90 -26.03
N GLY B 6 17.03 20.08 -26.65
CA GLY B 6 17.11 21.34 -25.92
C GLY B 6 15.71 21.88 -25.66
N ARG B 7 14.80 21.02 -25.23
CA ARG B 7 13.43 21.43 -24.96
C ARG B 7 13.39 22.43 -23.81
N ASN B 8 12.65 23.51 -24.01
CA ASN B 8 12.54 24.55 -23.00
C ASN B 8 11.56 24.13 -21.90
N ARG B 9 11.57 24.85 -20.79
CA ARG B 9 10.69 24.54 -19.68
C ARG B 9 10.97 23.14 -19.12
N PRO B 10 12.17 22.93 -18.63
CA PRO B 10 12.58 21.61 -18.06
C PRO B 10 11.98 21.36 -16.68
N SER B 11 10.68 21.67 -16.55
CA SER B 11 10.00 21.46 -15.28
C SER B 11 9.95 19.98 -14.93
N ALA B 12 10.02 19.68 -13.64
CA ALA B 12 9.99 18.30 -13.18
C ALA B 12 9.68 18.23 -11.69
N PRO B 13 8.47 18.51 -11.29
CA PRO B 13 8.06 18.50 -9.86
C PRO B 13 8.06 17.07 -9.30
N LEU B 14 8.40 16.95 -8.02
CA LEU B 14 8.44 15.65 -7.35
C LEU B 14 7.17 15.42 -6.54
N ASP B 15 6.09 16.10 -6.92
CA ASP B 15 4.81 15.94 -6.21
C ASP B 15 3.94 14.90 -6.89
N SER B 16 3.56 15.18 -8.13
CA SER B 16 2.73 14.26 -8.89
C SER B 16 3.45 12.93 -9.09
N GLN B 17 4.76 13.00 -9.30
CA GLN B 17 5.56 11.80 -9.49
C GLN B 17 5.57 10.97 -8.22
N ALA B 18 5.83 11.63 -7.09
CA ALA B 18 5.87 10.93 -5.81
C ALA B 18 4.57 10.18 -5.57
N ALA B 19 3.46 10.81 -5.94
CA ALA B 19 2.16 10.18 -5.76
C ALA B 19 2.05 8.93 -6.63
N ALA B 20 2.30 9.08 -7.92
CA ALA B 20 2.22 7.96 -8.84
C ALA B 20 3.18 6.85 -8.43
N GLN B 21 4.42 7.22 -8.16
CA GLN B 21 5.44 6.24 -7.77
C GLN B 21 5.05 5.54 -6.47
N VAL B 22 4.72 6.33 -5.46
CA VAL B 22 4.34 5.76 -4.16
C VAL B 22 3.10 4.89 -4.31
N ALA B 23 2.11 5.38 -5.07
CA ALA B 23 0.89 4.62 -5.28
C ALA B 23 1.21 3.27 -5.89
N SER B 24 2.14 3.27 -6.84
CA SER B 24 2.52 2.02 -7.50
C SER B 24 3.06 1.03 -6.48
N THR B 25 3.90 1.52 -5.56
CA THR B 25 4.47 0.66 -4.54
C THR B 25 3.38 0.10 -3.63
N LEU B 26 2.50 0.98 -3.16
CA LEU B 26 1.41 0.57 -2.28
C LEU B 26 0.41 -0.30 -3.04
N GLN B 27 0.42 -0.19 -4.36
CA GLN B 27 -0.48 -0.97 -5.19
C GLN B 27 0.00 -2.42 -5.28
N ALA B 28 1.25 -2.59 -5.73
CA ALA B 28 1.81 -3.93 -5.87
C ALA B 28 1.81 -4.66 -4.52
N LEU B 29 2.40 -4.02 -3.51
CA LEU B 29 2.47 -4.63 -2.19
C LEU B 29 1.12 -5.19 -1.79
N ALA B 30 0.07 -4.49 -2.21
CA ALA B 30 -1.27 -4.93 -1.90
C ALA B 30 -1.52 -6.33 -2.46
N THR B 31 -2.72 -6.54 -2.98
CA THR B 31 -3.08 -7.84 -3.55
C THR B 31 -2.92 -8.94 -2.48
N PRO B 32 -4.00 -9.54 -2.01
CA PRO B 32 -3.93 -10.60 -0.95
C PRO B 32 -2.87 -11.67 -1.24
N SER B 33 -2.99 -12.34 -2.38
CA SER B 33 -2.06 -13.40 -2.75
C SER B 33 -0.61 -12.97 -2.49
N ARG B 34 -0.28 -11.77 -2.94
CA ARG B 34 1.07 -11.26 -2.73
C ARG B 34 1.27 -10.88 -1.28
N LEU B 35 0.18 -10.54 -0.58
CA LEU B 35 0.30 -10.13 0.80
C LEU B 35 0.79 -11.27 1.69
N MET B 36 0.06 -12.38 1.67
CA MET B 36 0.41 -13.54 2.46
C MET B 36 1.76 -14.11 2.00
N ILE B 37 1.94 -14.22 0.69
CA ILE B 37 3.19 -14.76 0.15
C ILE B 37 4.37 -13.86 0.54
N LEU B 38 4.18 -12.56 0.38
CA LEU B 38 5.22 -11.61 0.72
C LEU B 38 5.53 -11.65 2.20
N THR B 39 4.49 -11.77 3.01
CA THR B 39 4.66 -11.83 4.45
C THR B 39 5.53 -13.01 4.83
N GLN B 40 5.28 -14.15 4.18
CA GLN B 40 6.06 -15.34 4.45
C GLN B 40 7.53 -15.07 4.21
N LEU B 41 7.84 -14.40 3.09
CA LEU B 41 9.23 -14.07 2.79
C LEU B 41 9.79 -13.07 3.80
N ARG B 42 8.97 -12.09 4.17
CA ARG B 42 9.39 -11.07 5.12
C ARG B 42 9.77 -11.70 6.46
N ASN B 43 9.08 -12.78 6.81
CA ASN B 43 9.34 -13.46 8.07
C ASN B 43 10.80 -13.91 8.13
N GLY B 44 11.31 -14.41 7.01
CA GLY B 44 12.70 -14.86 6.98
C GLY B 44 12.98 -15.63 5.69
N PRO B 45 14.23 -15.91 5.41
CA PRO B 45 14.64 -16.65 4.20
C PRO B 45 14.15 -18.10 4.22
N LEU B 46 13.80 -18.61 3.05
CA LEU B 46 13.31 -19.97 2.96
C LEU B 46 13.05 -20.37 1.50
N PRO B 47 13.25 -21.62 1.14
CA PRO B 47 13.02 -22.11 -0.25
C PRO B 47 11.52 -22.21 -0.59
N VAL B 48 11.22 -22.43 -1.86
CA VAL B 48 9.85 -22.54 -2.31
C VAL B 48 9.16 -23.74 -1.68
N THR B 49 9.93 -24.80 -1.55
CA THR B 49 9.43 -26.04 -0.96
C THR B 49 8.93 -25.79 0.46
N ASP B 50 9.71 -25.05 1.23
CA ASP B 50 9.32 -24.72 2.59
C ASP B 50 8.14 -23.77 2.58
N LEU B 51 8.13 -22.87 1.60
CA LEU B 51 7.04 -21.91 1.51
C LEU B 51 5.72 -22.63 1.25
N ALA B 52 5.76 -23.59 0.33
CA ALA B 52 4.56 -24.36 0.01
C ALA B 52 4.06 -25.11 1.22
N GLU B 53 4.97 -25.71 1.96
CA GLU B 53 4.58 -26.43 3.15
C GLU B 53 3.88 -25.51 4.14
N ALA B 54 4.48 -24.35 4.39
CA ALA B 54 3.90 -23.39 5.33
C ALA B 54 2.57 -22.86 4.82
N ILE B 55 2.57 -22.35 3.58
CA ILE B 55 1.37 -21.80 2.98
C ILE B 55 1.62 -21.37 1.54
N GLY B 56 1.46 -22.31 0.61
CA GLY B 56 1.64 -22.00 -0.80
C GLY B 56 1.04 -23.09 -1.68
N MET B 57 1.51 -24.32 -1.48
CA MET B 57 0.99 -25.45 -2.25
C MET B 57 1.09 -25.15 -3.74
N GLU B 58 2.05 -24.31 -4.12
CA GLU B 58 2.24 -23.97 -5.51
C GLU B 58 3.61 -23.32 -5.71
N GLN B 59 4.62 -24.15 -5.94
CA GLN B 59 5.97 -23.65 -6.12
C GLN B 59 6.13 -22.98 -7.48
N SER B 60 5.25 -23.35 -8.42
CA SER B 60 5.31 -22.79 -9.76
C SER B 60 4.95 -21.30 -9.74
N ALA B 61 3.95 -20.96 -8.94
CA ALA B 61 3.51 -19.58 -8.82
C ALA B 61 4.60 -18.74 -8.14
N VAL B 62 5.33 -19.35 -7.22
CA VAL B 62 6.39 -18.65 -6.52
C VAL B 62 7.55 -18.35 -7.46
N SER B 63 8.03 -19.37 -8.16
CA SER B 63 9.15 -19.18 -9.08
C SER B 63 8.78 -18.15 -10.15
N HIS B 64 7.56 -18.24 -10.66
CA HIS B 64 7.10 -17.32 -11.69
C HIS B 64 7.01 -15.89 -11.14
N GLN B 65 6.37 -15.76 -9.99
CA GLN B 65 6.22 -14.46 -9.36
C GLN B 65 7.57 -13.88 -8.99
N LEU B 66 8.46 -14.75 -8.54
CA LEU B 66 9.80 -14.33 -8.16
C LEU B 66 10.54 -13.77 -9.36
N ARG B 67 10.43 -14.45 -10.50
CA ARG B 67 11.10 -14.00 -11.70
C ARG B 67 10.61 -12.61 -12.09
N VAL B 68 9.30 -12.41 -12.02
CA VAL B 68 8.74 -11.11 -12.38
C VAL B 68 9.24 -10.04 -11.42
N LEU B 69 9.05 -10.28 -10.13
CA LEU B 69 9.46 -9.32 -9.11
C LEU B 69 10.96 -9.07 -9.21
N ARG B 70 11.69 -10.12 -9.54
CA ARG B 70 13.14 -10.02 -9.69
C ARG B 70 13.48 -9.02 -10.77
N ASN B 71 12.75 -9.06 -11.88
CA ASN B 71 13.03 -8.15 -12.98
C ASN B 71 12.88 -6.70 -12.52
N LEU B 72 11.78 -6.41 -11.82
CA LEU B 72 11.53 -5.06 -11.34
C LEU B 72 12.58 -4.65 -10.31
N GLY B 73 12.95 -5.61 -9.45
CA GLY B 73 13.95 -5.36 -8.40
C GLY B 73 13.27 -5.21 -7.04
N LEU B 74 12.12 -5.87 -6.87
CA LEU B 74 11.40 -5.81 -5.61
C LEU B 74 11.86 -6.90 -4.65
N VAL B 75 12.51 -7.93 -5.21
CA VAL B 75 13.01 -9.03 -4.41
C VAL B 75 14.41 -9.41 -4.86
N VAL B 76 15.15 -10.07 -3.97
CA VAL B 76 16.52 -10.49 -4.27
C VAL B 76 16.79 -11.87 -3.68
N GLY B 77 17.77 -12.57 -4.26
CA GLY B 77 18.15 -13.90 -3.78
C GLY B 77 19.60 -13.89 -3.30
N ASP B 78 19.86 -14.63 -2.23
CA ASP B 78 21.22 -14.70 -1.66
C ASP B 78 21.77 -16.12 -1.80
N ARG B 79 22.73 -16.29 -2.69
CA ARG B 79 23.35 -17.60 -2.92
C ARG B 79 24.40 -17.86 -1.86
N ALA B 80 24.38 -19.07 -1.29
CA ALA B 80 25.35 -19.43 -0.26
C ALA B 80 25.71 -20.91 -0.37
N GLY B 81 27.00 -21.20 -0.49
CA GLY B 81 27.47 -22.57 -0.61
C GLY B 81 26.68 -23.31 -1.69
N ARG B 82 25.96 -24.36 -1.29
CA ARG B 82 25.17 -25.15 -2.24
C ARG B 82 23.68 -24.93 -1.99
N SER B 83 23.31 -23.70 -1.66
CA SER B 83 21.92 -23.37 -1.40
C SER B 83 21.71 -21.88 -1.52
N ILE B 84 20.52 -21.49 -1.91
CA ILE B 84 20.17 -20.07 -2.05
C ILE B 84 18.83 -19.80 -1.39
N VAL B 85 18.64 -18.54 -0.97
CA VAL B 85 17.39 -18.13 -0.33
C VAL B 85 16.81 -16.90 -1.02
N TYR B 86 15.48 -16.78 -1.00
CA TYR B 86 14.81 -15.64 -1.63
C TYR B 86 14.28 -14.70 -0.57
N SER B 87 14.51 -13.40 -0.75
CA SER B 87 14.06 -12.40 0.21
C SER B 87 13.80 -11.07 -0.51
N LEU B 88 13.23 -10.11 0.21
CA LEU B 88 12.94 -8.81 -0.35
C LEU B 88 14.22 -8.08 -0.73
N TYR B 89 14.15 -7.23 -1.74
CA TYR B 89 15.32 -6.49 -2.20
C TYR B 89 15.97 -5.76 -1.02
N ASP B 90 15.16 -5.07 -0.22
CA ASP B 90 15.67 -4.34 0.93
C ASP B 90 14.72 -4.47 2.12
N THR B 91 15.19 -4.07 3.29
CA THR B 91 14.39 -4.15 4.50
C THR B 91 13.38 -3.01 4.55
N HIS B 92 13.67 -1.92 3.85
CA HIS B 92 12.78 -0.77 3.83
C HIS B 92 11.32 -1.22 3.73
N VAL B 93 11.02 -1.94 2.65
CA VAL B 93 9.66 -2.43 2.44
C VAL B 93 9.22 -3.26 3.65
N ALA B 94 10.13 -4.07 4.17
CA ALA B 94 9.82 -4.90 5.31
C ALA B 94 9.30 -4.04 6.47
N GLN B 95 9.94 -2.90 6.66
CA GLN B 95 9.53 -2.00 7.73
C GLN B 95 8.13 -1.46 7.46
N LEU B 96 7.86 -1.10 6.23
CA LEU B 96 6.56 -0.55 5.88
C LEU B 96 5.46 -1.56 6.20
N LEU B 97 5.68 -2.81 5.82
CA LEU B 97 4.72 -3.87 6.07
C LEU B 97 4.60 -4.10 7.57
N ASP B 98 5.71 -4.00 8.28
CA ASP B 98 5.70 -4.20 9.71
C ASP B 98 4.73 -3.22 10.37
N GLU B 99 4.75 -1.97 9.93
CA GLU B 99 3.87 -0.96 10.49
C GLU B 99 2.42 -1.24 10.11
N ALA B 100 2.18 -1.42 8.81
CA ALA B 100 0.83 -1.69 8.33
C ALA B 100 0.27 -2.94 9.00
N ILE B 101 1.09 -3.98 9.08
CA ILE B 101 0.64 -5.23 9.67
C ILE B 101 0.30 -5.02 11.15
N TYR B 102 1.16 -4.31 11.86
CA TYR B 102 0.93 -4.06 13.27
C TYR B 102 -0.33 -3.20 13.45
N HIS B 103 -0.45 -2.18 12.62
CA HIS B 103 -1.60 -1.28 12.68
C HIS B 103 -2.90 -2.05 12.46
N SER B 104 -2.87 -3.02 11.55
CA SER B 104 -4.06 -3.82 11.26
C SER B 104 -4.28 -4.87 12.35
N GLU B 105 -3.21 -5.55 12.74
CA GLU B 105 -3.29 -6.59 13.76
C GLU B 105 -3.91 -6.04 15.04
N HIS B 106 -3.68 -4.75 15.30
CA HIS B 106 -4.21 -4.13 16.50
C HIS B 106 -5.72 -4.37 16.59
N LEU B 107 -6.49 -3.73 15.72
CA LEU B 107 -7.94 -3.88 15.71
C LEU B 107 -8.37 -4.67 14.49
N HIS B 108 -9.52 -4.28 13.93
CA HIS B 108 -10.03 -4.96 12.73
C HIS B 108 -10.99 -4.05 11.98
N LEU B 109 -10.84 -4.00 10.66
CA LEU B 109 -11.69 -3.16 9.83
C LEU B 109 -13.14 -3.63 9.91
N GLY B 110 -13.34 -4.94 9.82
CA GLY B 110 -14.68 -5.50 9.88
C GLY B 110 -15.50 -5.10 8.66
N LEU B 111 -14.89 -4.33 7.77
CA LEU B 111 -15.58 -3.87 6.57
C LEU B 111 -15.64 -5.00 5.53
N SER B 112 -14.90 -4.83 4.44
CA SER B 112 -14.87 -5.83 3.39
C SER B 112 -16.28 -6.12 2.88
N ASP B 113 -16.96 -5.08 2.42
CA ASP B 113 -18.32 -5.21 1.91
C ASP B 113 -18.33 -5.20 0.39
N ARG B 114 -17.34 -5.88 -0.21
CA ARG B 114 -17.25 -5.94 -1.66
C ARG B 114 -18.35 -6.84 -2.23
N HIS B 115 -19.09 -6.32 -3.20
CA HIS B 115 -20.17 -7.06 -3.84
C HIS B 115 -19.74 -7.55 -5.22
N PRO B 116 -19.10 -6.71 -5.98
CA PRO B 116 -18.64 -7.07 -7.36
C PRO B 116 -17.72 -8.29 -7.37
N SER B 117 -17.95 -9.18 -8.32
CA SER B 117 -17.14 -10.39 -8.43
C SER B 117 -15.89 -10.11 -9.26
N ALA B 118 -16.08 -9.48 -10.42
CA ALA B 118 -14.95 -9.16 -11.29
C ALA B 118 -14.00 -8.19 -10.62
N GLY B 119 -14.55 -7.22 -9.90
CA GLY B 119 -13.74 -6.23 -9.21
C GLY B 119 -12.81 -5.51 -10.17
N GLY A 1 -30.25 -10.02 9.01
CA GLY A 1 -30.19 -11.51 8.97
C GLY A 1 -31.33 -12.05 8.11
N HIS A 2 -31.39 -11.60 6.86
CA HIS A 2 -32.44 -12.05 5.95
C HIS A 2 -32.36 -13.55 5.74
N GLY A 3 -31.15 -14.05 5.53
CA GLY A 3 -30.95 -15.49 5.31
C GLY A 3 -30.73 -16.21 6.63
N VAL A 4 -31.69 -17.04 7.00
CA VAL A 4 -31.59 -17.79 8.25
C VAL A 4 -30.41 -18.76 8.20
N GLU A 5 -30.28 -19.46 7.09
CA GLU A 5 -29.19 -20.41 6.93
C GLU A 5 -27.87 -19.68 6.66
N GLY A 6 -27.65 -18.59 7.39
CA GLY A 6 -26.43 -17.82 7.23
C GLY A 6 -25.21 -18.60 7.72
N ARG A 7 -24.10 -18.47 7.00
CA ARG A 7 -22.87 -19.16 7.37
C ARG A 7 -22.17 -18.44 8.51
N ASN A 8 -21.52 -19.21 9.38
CA ASN A 8 -20.80 -18.64 10.51
C ASN A 8 -19.55 -17.91 10.04
N ARG A 9 -19.26 -16.78 10.67
CA ARG A 9 -18.09 -15.99 10.32
C ARG A 9 -17.64 -15.12 11.49
N PRO A 10 -17.41 -15.73 12.62
CA PRO A 10 -16.97 -14.99 13.85
C PRO A 10 -15.53 -14.47 13.71
N SER A 11 -15.16 -13.55 14.59
CA SER A 11 -13.83 -12.98 14.55
C SER A 11 -12.77 -14.09 14.55
N ALA A 12 -11.78 -13.96 13.68
CA ALA A 12 -10.72 -14.95 13.58
C ALA A 12 -9.60 -14.45 12.67
N PRO A 13 -8.84 -13.50 13.12
CA PRO A 13 -7.71 -12.91 12.33
C PRO A 13 -6.50 -13.83 12.31
N LEU A 14 -6.48 -14.76 11.36
CA LEU A 14 -5.36 -15.69 11.24
C LEU A 14 -4.26 -15.11 10.37
N ASP A 15 -3.85 -15.86 9.36
CA ASP A 15 -2.80 -15.41 8.44
C ASP A 15 -3.40 -14.88 7.14
N SER A 16 -4.14 -15.74 6.45
CA SER A 16 -4.75 -15.38 5.18
C SER A 16 -5.59 -14.11 5.35
N GLN A 17 -6.21 -13.96 6.51
CA GLN A 17 -7.04 -12.80 6.79
C GLN A 17 -6.18 -11.55 6.88
N ALA A 18 -5.11 -11.61 7.67
CA ALA A 18 -4.22 -10.47 7.84
C ALA A 18 -3.73 -10.00 6.47
N ALA A 19 -3.50 -10.94 5.56
CA ALA A 19 -3.05 -10.59 4.23
C ALA A 19 -4.14 -9.85 3.47
N ALA A 20 -5.33 -10.42 3.42
CA ALA A 20 -6.45 -9.78 2.73
C ALA A 20 -6.74 -8.40 3.31
N GLN A 21 -6.84 -8.33 4.63
CA GLN A 21 -7.12 -7.06 5.30
C GLN A 21 -6.07 -6.01 4.91
N VAL A 22 -4.80 -6.38 5.04
CA VAL A 22 -3.71 -5.47 4.70
C VAL A 22 -3.80 -5.09 3.23
N ALA A 23 -4.04 -6.08 2.38
CA ALA A 23 -4.16 -5.82 0.94
C ALA A 23 -5.13 -4.67 0.69
N SER A 24 -6.26 -4.72 1.37
CA SER A 24 -7.26 -3.68 1.20
C SER A 24 -6.68 -2.32 1.59
N THR A 25 -5.95 -2.30 2.70
CA THR A 25 -5.33 -1.05 3.15
C THR A 25 -4.25 -0.58 2.17
N LEU A 26 -3.35 -1.49 1.82
CA LEU A 26 -2.27 -1.17 0.88
C LEU A 26 -2.84 -0.79 -0.48
N GLN A 27 -4.02 -1.30 -0.77
CA GLN A 27 -4.66 -1.01 -2.03
C GLN A 27 -5.24 0.41 -2.04
N ALA A 28 -6.05 0.73 -1.03
CA ALA A 28 -6.65 2.05 -0.95
C ALA A 28 -5.58 3.13 -0.89
N LEU A 29 -4.69 3.05 0.10
CA LEU A 29 -3.64 4.04 0.25
C LEU A 29 -3.01 4.35 -1.09
N ALA A 30 -2.91 3.34 -1.94
CA ALA A 30 -2.34 3.51 -3.26
C ALA A 30 -3.10 4.59 -4.03
N THR A 31 -3.30 4.36 -5.32
CA THR A 31 -4.00 5.31 -6.16
C THR A 31 -3.29 6.66 -6.16
N PRO A 32 -2.68 7.05 -7.26
CA PRO A 32 -1.93 8.34 -7.36
C PRO A 32 -2.75 9.54 -6.89
N SER A 33 -3.95 9.68 -7.44
CA SER A 33 -4.80 10.82 -7.09
C SER A 33 -5.03 10.88 -5.58
N ARG A 34 -5.33 9.72 -4.99
CA ARG A 34 -5.58 9.67 -3.56
C ARG A 34 -4.34 10.08 -2.77
N LEU A 35 -3.18 9.59 -3.18
CA LEU A 35 -1.94 9.93 -2.50
C LEU A 35 -1.66 11.41 -2.57
N MET A 36 -1.76 11.98 -3.77
CA MET A 36 -1.53 13.41 -3.94
C MET A 36 -2.41 14.21 -2.98
N ILE A 37 -3.70 13.88 -2.95
CA ILE A 37 -4.63 14.57 -2.06
C ILE A 37 -4.26 14.30 -0.61
N LEU A 38 -3.93 13.04 -0.31
CA LEU A 38 -3.59 12.66 1.04
C LEU A 38 -2.35 13.40 1.51
N THR A 39 -1.35 13.51 0.64
CA THR A 39 -0.11 14.20 0.96
C THR A 39 -0.41 15.65 1.32
N GLN A 40 -1.36 16.26 0.60
CA GLN A 40 -1.74 17.64 0.88
C GLN A 40 -2.28 17.76 2.30
N LEU A 41 -3.17 16.83 2.66
CA LEU A 41 -3.74 16.83 4.00
C LEU A 41 -2.67 16.59 5.06
N ARG A 42 -1.73 15.70 4.74
CA ARG A 42 -0.66 15.38 5.67
C ARG A 42 0.01 16.64 6.18
N ASN A 43 0.25 17.59 5.27
CA ASN A 43 0.88 18.86 5.65
C ASN A 43 0.15 20.03 5.00
N GLY A 44 -1.18 20.03 5.11
CA GLY A 44 -1.98 21.09 4.53
C GLY A 44 -3.45 20.94 4.90
N PRO A 45 -3.82 21.34 6.10
CA PRO A 45 -5.22 21.24 6.58
C PRO A 45 -6.08 22.38 6.05
N LEU A 46 -7.02 22.03 5.18
CA LEU A 46 -7.90 23.04 4.58
C LEU A 46 -9.17 22.39 4.03
N PRO A 47 -10.22 23.16 3.90
CA PRO A 47 -11.52 22.66 3.36
C PRO A 47 -11.41 22.28 1.88
N VAL A 48 -12.52 21.86 1.31
CA VAL A 48 -12.55 21.45 -0.11
C VAL A 48 -12.32 22.64 -1.02
N THR A 49 -13.03 23.72 -0.73
CA THR A 49 -12.93 24.95 -1.53
C THR A 49 -11.47 25.41 -1.62
N ASP A 50 -10.77 25.33 -0.49
CA ASP A 50 -9.37 25.74 -0.46
C ASP A 50 -8.49 24.70 -1.15
N LEU A 51 -8.80 23.43 -0.91
CA LEU A 51 -8.02 22.36 -1.51
C LEU A 51 -8.10 22.45 -3.03
N ALA A 52 -9.26 22.80 -3.55
CA ALA A 52 -9.45 22.93 -4.98
C ALA A 52 -8.68 24.14 -5.50
N GLU A 53 -8.79 25.26 -4.80
CA GLU A 53 -8.09 26.48 -5.21
C GLU A 53 -6.61 26.18 -5.41
N ALA A 54 -6.03 25.42 -4.48
CA ALA A 54 -4.61 25.07 -4.56
C ALA A 54 -4.34 24.25 -5.82
N ILE A 55 -5.22 23.30 -6.11
CA ILE A 55 -5.07 22.46 -7.28
C ILE A 55 -5.66 23.14 -8.51
N GLY A 56 -6.99 23.30 -8.51
CA GLY A 56 -7.67 23.95 -9.62
C GLY A 56 -9.03 23.30 -9.89
N MET A 57 -9.97 23.52 -8.98
CA MET A 57 -11.31 22.95 -9.15
C MET A 57 -11.26 21.43 -9.01
N GLU A 58 -11.60 20.95 -7.81
CA GLU A 58 -11.61 19.51 -7.57
C GLU A 58 -12.16 19.21 -6.18
N GLN A 59 -12.97 20.11 -5.66
CA GLN A 59 -13.57 19.94 -4.33
C GLN A 59 -14.61 18.82 -4.38
N SER A 60 -15.16 18.57 -5.55
CA SER A 60 -16.16 17.52 -5.71
C SER A 60 -15.56 16.15 -5.45
N ALA A 61 -14.37 15.92 -6.00
CA ALA A 61 -13.68 14.65 -5.82
C ALA A 61 -13.42 14.41 -4.34
N VAL A 62 -13.17 15.50 -3.61
CA VAL A 62 -12.91 15.39 -2.19
C VAL A 62 -14.16 14.92 -1.45
N SER A 63 -15.29 15.58 -1.72
CA SER A 63 -16.55 15.19 -1.08
C SER A 63 -16.82 13.71 -1.28
N HIS A 64 -16.57 13.22 -2.49
CA HIS A 64 -16.76 11.80 -2.78
C HIS A 64 -15.89 10.97 -1.84
N GLN A 65 -14.66 11.43 -1.62
CA GLN A 65 -13.75 10.72 -0.73
C GLN A 65 -14.35 10.63 0.68
N LEU A 66 -15.00 11.72 1.10
CA LEU A 66 -15.62 11.76 2.43
C LEU A 66 -16.71 10.70 2.54
N ARG A 67 -17.50 10.58 1.48
CA ARG A 67 -18.57 9.59 1.47
C ARG A 67 -18.00 8.19 1.77
N VAL A 68 -16.91 7.85 1.08
CA VAL A 68 -16.26 6.56 1.30
C VAL A 68 -15.64 6.52 2.69
N LEU A 69 -14.88 7.55 3.02
CA LEU A 69 -14.21 7.60 4.31
C LEU A 69 -15.23 7.28 5.41
N ARG A 70 -16.39 7.90 5.31
CA ARG A 70 -17.42 7.70 6.31
C ARG A 70 -17.85 6.24 6.32
N ASN A 71 -18.02 5.68 5.14
CA ASN A 71 -18.40 4.28 5.03
C ASN A 71 -17.30 3.37 5.57
N LEU A 72 -16.06 3.72 5.25
CA LEU A 72 -14.92 2.91 5.68
C LEU A 72 -14.31 3.47 6.96
N GLY A 73 -13.77 4.68 6.88
CA GLY A 73 -13.14 5.32 8.03
C GLY A 73 -11.63 5.30 7.89
N LEU A 74 -11.09 6.28 7.16
CA LEU A 74 -9.65 6.36 6.95
C LEU A 74 -9.12 7.74 7.37
N VAL A 75 -10.03 8.68 7.55
CA VAL A 75 -9.65 10.03 7.94
C VAL A 75 -10.68 10.61 8.91
N VAL A 76 -10.38 11.78 9.46
CA VAL A 76 -11.28 12.45 10.38
C VAL A 76 -11.34 13.94 10.09
N GLY A 77 -12.48 14.55 10.39
CA GLY A 77 -12.66 15.99 10.17
C GLY A 77 -13.18 16.66 11.45
N ASP A 78 -12.77 17.91 11.66
CA ASP A 78 -13.19 18.66 12.84
C ASP A 78 -13.94 19.93 12.43
N ARG A 79 -15.24 19.95 12.71
CA ARG A 79 -16.06 21.11 12.37
C ARG A 79 -15.84 22.23 13.39
N ALA A 80 -16.03 23.46 12.94
CA ALA A 80 -15.87 24.62 13.82
C ALA A 80 -16.69 25.80 13.31
N GLY A 81 -17.91 25.93 13.83
CA GLY A 81 -18.78 27.03 13.43
C GLY A 81 -19.02 26.99 11.93
N ARG A 82 -18.10 27.59 11.17
CA ARG A 82 -18.21 27.63 9.72
C ARG A 82 -16.89 27.23 9.06
N SER A 83 -16.16 26.36 9.72
CA SER A 83 -14.87 25.90 9.20
C SER A 83 -14.62 24.46 9.60
N ILE A 84 -14.34 23.62 8.61
CA ILE A 84 -14.06 22.20 8.86
C ILE A 84 -12.68 21.84 8.34
N VAL A 85 -11.89 21.21 9.20
CA VAL A 85 -10.54 20.79 8.82
C VAL A 85 -10.50 19.28 8.62
N TYR A 86 -9.98 18.85 7.47
CA TYR A 86 -9.88 17.42 7.17
C TYR A 86 -8.47 16.91 7.43
N SER A 87 -8.35 15.81 8.15
CA SER A 87 -7.04 15.23 8.46
C SER A 87 -7.18 13.71 8.62
N LEU A 88 -6.06 13.03 8.69
CA LEU A 88 -6.04 11.57 8.83
C LEU A 88 -6.66 11.17 10.16
N TYR A 89 -7.24 9.96 10.16
CA TYR A 89 -7.90 9.47 11.35
C TYR A 89 -6.98 9.58 12.55
N ASP A 90 -5.75 9.11 12.39
CA ASP A 90 -4.77 9.15 13.47
C ASP A 90 -3.35 9.18 12.91
N THR A 91 -2.36 9.20 13.80
CA THR A 91 -0.97 9.24 13.38
C THR A 91 -0.54 7.88 12.82
N HIS A 92 -1.44 6.91 12.87
CA HIS A 92 -1.13 5.58 12.38
C HIS A 92 -0.63 5.65 10.94
N VAL A 93 -1.56 5.88 10.01
CA VAL A 93 -1.21 5.95 8.60
C VAL A 93 -0.16 7.04 8.38
N ALA A 94 -0.25 8.11 9.16
CA ALA A 94 0.72 9.20 9.04
C ALA A 94 2.13 8.71 9.29
N GLN A 95 2.31 7.96 10.37
CA GLN A 95 3.61 7.43 10.72
C GLN A 95 4.11 6.47 9.64
N LEU A 96 3.22 5.56 9.22
CA LEU A 96 3.59 4.59 8.21
C LEU A 96 4.08 5.30 6.95
N LEU A 97 3.35 6.32 6.52
CA LEU A 97 3.73 7.08 5.34
C LEU A 97 5.08 7.76 5.57
N ASP A 98 5.26 8.30 6.76
CA ASP A 98 6.51 9.00 7.07
C ASP A 98 7.70 8.11 6.76
N GLU A 99 7.62 6.84 7.15
CA GLU A 99 8.71 5.90 6.89
C GLU A 99 8.80 5.58 5.40
N ALA A 100 7.68 5.21 4.80
CA ALA A 100 7.65 4.85 3.39
C ALA A 100 8.16 6.01 2.52
N ILE A 101 7.57 7.18 2.71
CA ILE A 101 7.96 8.34 1.94
C ILE A 101 9.42 8.70 2.22
N TYR A 102 9.81 8.69 3.48
CA TYR A 102 11.17 9.03 3.83
C TYR A 102 12.16 8.07 3.19
N HIS A 103 11.91 6.77 3.36
CA HIS A 103 12.78 5.75 2.81
C HIS A 103 12.78 5.83 1.28
N SER A 104 11.62 6.12 0.71
CA SER A 104 11.50 6.22 -0.75
C SER A 104 12.20 7.48 -1.26
N GLU A 105 11.94 8.60 -0.59
CA GLU A 105 12.53 9.87 -0.98
C GLU A 105 14.05 9.79 -0.91
N HIS A 106 14.55 8.89 -0.09
CA HIS A 106 15.99 8.71 0.06
C HIS A 106 16.58 8.04 -1.18
N LEU A 107 15.75 7.87 -2.20
CA LEU A 107 16.20 7.24 -3.45
C LEU A 107 15.66 7.99 -4.66
N HIS A 108 15.06 7.26 -5.59
CA HIS A 108 14.52 7.87 -6.80
C HIS A 108 13.43 6.97 -7.40
N LEU A 109 13.23 5.80 -6.81
CA LEU A 109 12.22 4.86 -7.29
C LEU A 109 12.21 4.83 -8.82
N GLY A 110 13.30 4.35 -9.38
CA GLY A 110 13.42 4.25 -10.84
C GLY A 110 12.42 3.26 -11.40
N LEU A 111 11.73 3.64 -12.47
CA LEU A 111 10.73 2.76 -13.09
C LEU A 111 11.32 2.11 -14.34
N SER A 112 12.64 2.17 -14.48
CA SER A 112 13.31 1.59 -15.63
C SER A 112 12.67 2.08 -16.93
N ASP A 113 12.91 1.36 -18.02
CA ASP A 113 12.36 1.74 -19.32
C ASP A 113 11.72 0.53 -20.00
N ARG A 114 10.62 0.76 -20.70
CA ARG A 114 9.92 -0.31 -21.39
C ARG A 114 10.82 -0.94 -22.44
N HIS A 115 10.20 -1.59 -23.42
CA HIS A 115 10.96 -2.23 -24.49
C HIS A 115 11.89 -3.29 -23.92
N PRO A 116 11.35 -4.39 -23.47
CA PRO A 116 12.13 -5.51 -22.87
C PRO A 116 13.21 -6.02 -23.83
N SER A 117 12.93 -5.93 -25.13
CA SER A 117 13.88 -6.38 -26.14
C SER A 117 15.17 -5.59 -26.05
N ALA A 118 16.30 -6.26 -26.29
CA ALA A 118 17.60 -5.61 -26.23
C ALA A 118 17.76 -4.86 -24.91
N GLY A 119 18.14 -5.59 -23.86
CA GLY A 119 18.32 -4.98 -22.54
C GLY A 119 18.83 -6.01 -21.54
N GLY B 1 16.40 4.44 -28.45
CA GLY B 1 15.91 5.78 -28.91
C GLY B 1 15.44 5.66 -30.36
N HIS B 2 14.41 4.86 -30.58
CA HIS B 2 13.88 4.68 -31.93
C HIS B 2 13.27 5.98 -32.45
N GLY B 3 12.54 6.68 -31.58
CA GLY B 3 11.91 7.94 -31.95
C GLY B 3 12.84 9.11 -31.68
N VAL B 4 13.31 9.75 -32.76
CA VAL B 4 14.21 10.88 -32.64
C VAL B 4 13.51 12.04 -31.92
N GLU B 5 12.28 12.31 -32.31
CA GLU B 5 11.51 13.38 -31.71
C GLU B 5 10.97 12.96 -30.34
N GLY B 6 11.82 12.32 -29.55
CA GLY B 6 11.41 11.86 -28.23
C GLY B 6 11.21 13.05 -27.28
N ARG B 7 10.20 12.94 -26.43
CA ARG B 7 9.91 14.01 -25.48
C ARG B 7 10.87 13.95 -24.29
N ASN B 8 11.25 15.11 -23.78
CA ASN B 8 12.16 15.19 -22.65
C ASN B 8 11.47 14.69 -21.38
N ARG B 9 12.22 13.97 -20.56
CA ARG B 9 11.67 13.44 -19.31
C ARG B 9 12.79 13.17 -18.30
N PRO B 10 13.58 14.17 -18.02
CA PRO B 10 14.71 14.06 -17.04
C PRO B 10 14.21 13.91 -15.61
N SER B 11 15.10 13.51 -14.72
CA SER B 11 14.75 13.33 -13.32
C SER B 11 14.08 14.59 -12.77
N ALA B 12 12.99 14.40 -12.04
CA ALA B 12 12.25 15.53 -11.47
C ALA B 12 11.16 15.05 -10.52
N PRO B 13 11.55 14.54 -9.37
CA PRO B 13 10.58 14.03 -8.36
C PRO B 13 9.90 15.15 -7.59
N LEU B 14 8.81 15.66 -8.14
CA LEU B 14 8.08 16.74 -7.50
C LEU B 14 7.05 16.18 -6.53
N ASP B 15 5.80 16.61 -6.69
CA ASP B 15 4.71 16.14 -5.83
C ASP B 15 3.89 15.05 -6.52
N SER B 16 3.30 15.41 -7.66
CA SER B 16 2.48 14.47 -8.41
C SER B 16 3.25 13.17 -8.66
N GLN B 17 4.55 13.30 -8.88
CA GLN B 17 5.38 12.14 -9.14
C GLN B 17 5.47 11.25 -7.90
N ALA B 18 5.77 11.87 -6.77
CA ALA B 18 5.88 11.12 -5.52
C ALA B 18 4.59 10.33 -5.27
N ALA B 19 3.46 10.92 -5.64
CA ALA B 19 2.18 10.24 -5.47
C ALA B 19 2.09 9.02 -6.37
N ALA B 20 2.34 9.21 -7.65
CA ALA B 20 2.29 8.11 -8.61
C ALA B 20 3.27 7.00 -8.21
N GLN B 21 4.50 7.40 -7.92
CA GLN B 21 5.53 6.43 -7.54
C GLN B 21 5.07 5.62 -6.32
N VAL B 22 4.65 6.32 -5.28
CA VAL B 22 4.18 5.66 -4.07
C VAL B 22 2.99 4.76 -4.40
N ALA B 23 2.06 5.28 -5.18
CA ALA B 23 0.89 4.50 -5.57
C ALA B 23 1.30 3.14 -6.10
N SER B 24 2.30 3.13 -6.97
CA SER B 24 2.78 1.88 -7.53
C SER B 24 3.25 0.94 -6.43
N THR B 25 4.02 1.49 -5.49
CA THR B 25 4.51 0.68 -4.38
C THR B 25 3.36 0.20 -3.49
N LEU B 26 2.50 1.14 -3.09
CA LEU B 26 1.36 0.80 -2.25
C LEU B 26 0.43 -0.15 -2.96
N GLN B 27 0.45 -0.10 -4.28
CA GLN B 27 -0.40 -0.98 -5.08
C GLN B 27 0.15 -2.40 -5.09
N ALA B 28 1.42 -2.53 -5.48
CA ALA B 28 2.04 -3.85 -5.54
C ALA B 28 1.99 -4.54 -4.18
N LEU B 29 2.52 -3.89 -3.16
CA LEU B 29 2.54 -4.46 -1.82
C LEU B 29 1.18 -5.06 -1.49
N ALA B 30 0.13 -4.42 -1.97
CA ALA B 30 -1.22 -4.90 -1.73
C ALA B 30 -1.37 -6.34 -2.23
N THR B 31 -2.50 -6.64 -2.82
CA THR B 31 -2.77 -7.97 -3.33
C THR B 31 -2.68 -9.01 -2.20
N PRO B 32 -3.79 -9.58 -1.79
CA PRO B 32 -3.81 -10.59 -0.69
C PRO B 32 -2.79 -11.71 -0.88
N SER B 33 -2.85 -12.37 -2.03
CA SER B 33 -1.94 -13.47 -2.31
C SER B 33 -0.50 -13.06 -2.11
N ARG B 34 -0.14 -11.89 -2.64
CA ARG B 34 1.21 -11.39 -2.51
C ARG B 34 1.59 -11.17 -1.05
N LEU B 35 0.68 -10.57 -0.30
CA LEU B 35 0.94 -10.30 1.11
C LEU B 35 1.14 -11.59 1.88
N MET B 36 0.25 -12.57 1.66
CA MET B 36 0.37 -13.84 2.34
C MET B 36 1.76 -14.45 2.10
N ILE B 37 2.16 -14.49 0.83
CA ILE B 37 3.47 -15.04 0.48
C ILE B 37 4.58 -14.17 1.08
N LEU B 38 4.42 -12.86 0.99
CA LEU B 38 5.41 -11.94 1.51
C LEU B 38 5.57 -12.12 3.02
N THR B 39 4.45 -12.28 3.71
CA THR B 39 4.47 -12.46 5.15
C THR B 39 5.27 -13.71 5.51
N GLN B 40 5.12 -14.76 4.70
CA GLN B 40 5.87 -16.00 4.94
C GLN B 40 7.37 -15.73 4.85
N LEU B 41 7.77 -15.00 3.81
CA LEU B 41 9.19 -14.68 3.64
C LEU B 41 9.69 -13.80 4.78
N ARG B 42 8.84 -12.89 5.22
CA ARG B 42 9.20 -11.98 6.30
C ARG B 42 9.75 -12.76 7.49
N ASN B 43 9.13 -13.89 7.79
CA ASN B 43 9.58 -14.73 8.91
C ASN B 43 9.53 -16.20 8.52
N GLY B 44 10.11 -16.52 7.36
CA GLY B 44 10.13 -17.90 6.88
C GLY B 44 10.94 -18.04 5.60
N PRO B 45 12.24 -18.02 5.70
CA PRO B 45 13.15 -18.14 4.52
C PRO B 45 13.25 -19.58 4.03
N LEU B 46 12.75 -19.81 2.82
CA LEU B 46 12.76 -21.15 2.25
C LEU B 46 12.60 -21.10 0.73
N PRO B 47 13.03 -22.12 0.05
CA PRO B 47 12.92 -22.21 -1.44
C PRO B 47 11.46 -22.27 -1.90
N VAL B 48 11.26 -22.29 -3.21
CA VAL B 48 9.91 -22.34 -3.76
C VAL B 48 9.20 -23.64 -3.38
N THR B 49 9.93 -24.72 -3.47
CA THR B 49 9.39 -26.04 -3.14
C THR B 49 8.87 -26.06 -1.70
N ASP B 50 9.78 -25.93 -0.74
CA ASP B 50 9.39 -25.94 0.67
C ASP B 50 8.25 -24.97 0.90
N LEU B 51 8.32 -23.83 0.23
CA LEU B 51 7.26 -22.83 0.37
C LEU B 51 5.91 -23.42 -0.03
N ALA B 52 5.91 -24.19 -1.12
CA ALA B 52 4.69 -24.82 -1.59
C ALA B 52 4.22 -25.89 -0.60
N GLU B 53 5.17 -26.67 -0.11
CA GLU B 53 4.83 -27.73 0.84
C GLU B 53 4.05 -27.14 2.02
N ALA B 54 4.50 -25.98 2.50
CA ALA B 54 3.83 -25.33 3.62
C ALA B 54 2.40 -24.96 3.24
N ILE B 55 2.22 -24.46 2.02
CA ILE B 55 0.89 -24.09 1.55
C ILE B 55 0.19 -25.28 0.92
N GLY B 56 0.70 -25.74 -0.22
CA GLY B 56 0.12 -26.88 -0.91
C GLY B 56 0.21 -26.73 -2.43
N MET B 57 1.42 -26.86 -2.96
CA MET B 57 1.61 -26.74 -4.40
C MET B 57 1.35 -25.30 -4.86
N GLU B 58 2.42 -24.53 -5.01
CA GLU B 58 2.29 -23.15 -5.44
C GLU B 58 3.66 -22.54 -5.70
N GLN B 59 4.64 -23.39 -5.96
CA GLN B 59 6.00 -22.93 -6.23
C GLN B 59 6.06 -22.20 -7.57
N SER B 60 5.13 -22.53 -8.46
CA SER B 60 5.08 -21.91 -9.77
C SER B 60 4.76 -20.43 -9.65
N ALA B 61 3.78 -20.11 -8.80
CA ALA B 61 3.39 -18.72 -8.59
C ALA B 61 4.57 -17.91 -8.06
N VAL B 62 5.43 -18.58 -7.27
CA VAL B 62 6.59 -17.92 -6.72
C VAL B 62 7.56 -17.55 -7.82
N SER B 63 7.89 -18.53 -8.67
CA SER B 63 8.82 -18.27 -9.77
C SER B 63 8.35 -17.07 -10.59
N HIS B 64 7.05 -17.01 -10.83
CA HIS B 64 6.48 -15.89 -11.59
C HIS B 64 6.80 -14.56 -10.87
N GLN B 65 6.67 -14.58 -9.54
CA GLN B 65 6.97 -13.39 -8.75
C GLN B 65 8.41 -12.97 -8.95
N LEU B 66 9.31 -13.96 -9.04
CA LEU B 66 10.73 -13.67 -9.24
C LEU B 66 10.95 -12.96 -10.56
N ARG B 67 10.27 -13.43 -11.59
CA ARG B 67 10.40 -12.81 -12.91
C ARG B 67 10.09 -11.31 -12.81
N VAL B 68 8.99 -10.99 -12.13
CA VAL B 68 8.63 -9.58 -11.96
C VAL B 68 9.63 -8.89 -11.05
N LEU B 69 9.93 -9.51 -9.92
CA LEU B 69 10.87 -8.91 -8.97
C LEU B 69 12.14 -8.50 -9.73
N ARG B 70 12.61 -9.38 -10.58
CA ARG B 70 13.83 -9.12 -11.32
C ARG B 70 13.64 -7.91 -12.21
N ASN B 71 12.48 -7.85 -12.85
CA ASN B 71 12.16 -6.72 -13.72
C ASN B 71 12.02 -5.44 -12.92
N LEU B 72 11.38 -5.54 -11.75
CA LEU B 72 11.16 -4.37 -10.90
C LEU B 72 12.24 -4.26 -9.83
N GLY B 73 12.31 -5.26 -8.97
CA GLY B 73 13.28 -5.27 -7.89
C GLY B 73 12.62 -4.91 -6.57
N LEU B 74 12.01 -5.91 -5.93
CA LEU B 74 11.33 -5.70 -4.66
C LEU B 74 11.86 -6.65 -3.59
N VAL B 75 12.58 -7.68 -4.02
CA VAL B 75 13.13 -8.66 -3.11
C VAL B 75 14.51 -9.10 -3.57
N VAL B 76 15.19 -9.87 -2.74
CA VAL B 76 16.52 -10.39 -3.07
C VAL B 76 16.65 -11.85 -2.65
N GLY B 77 17.50 -12.58 -3.36
CA GLY B 77 17.72 -13.99 -3.05
C GLY B 77 19.22 -14.28 -2.98
N ASP B 78 19.60 -15.23 -2.12
CA ASP B 78 21.00 -15.61 -1.94
C ASP B 78 21.22 -17.07 -2.27
N ARG B 79 21.95 -17.33 -3.36
CA ARG B 79 22.22 -18.70 -3.77
C ARG B 79 23.35 -19.30 -2.93
N ALA B 80 23.31 -20.61 -2.75
CA ALA B 80 24.33 -21.29 -1.96
C ALA B 80 24.48 -22.74 -2.41
N GLY B 81 25.42 -22.99 -3.31
CA GLY B 81 25.65 -24.34 -3.81
C GLY B 81 24.38 -24.90 -4.44
N ARG B 82 23.50 -25.45 -3.60
CA ARG B 82 22.25 -26.03 -4.09
C ARG B 82 21.08 -25.57 -3.23
N SER B 83 21.20 -24.37 -2.65
CA SER B 83 20.15 -23.83 -1.81
C SER B 83 20.05 -22.32 -2.00
N ILE B 84 18.85 -21.84 -2.29
CA ILE B 84 18.61 -20.42 -2.50
C ILE B 84 17.56 -19.92 -1.51
N VAL B 85 17.89 -18.85 -0.79
CA VAL B 85 16.96 -18.27 0.17
C VAL B 85 16.38 -16.97 -0.38
N TYR B 86 15.05 -16.86 -0.34
CA TYR B 86 14.37 -15.67 -0.84
C TYR B 86 13.97 -14.75 0.31
N SER B 87 14.29 -13.48 0.19
CA SER B 87 13.96 -12.50 1.23
C SER B 87 13.77 -11.12 0.61
N LEU B 88 13.27 -10.19 1.40
CA LEU B 88 13.04 -8.83 0.93
C LEU B 88 14.34 -8.16 0.54
N TYR B 89 14.26 -7.21 -0.39
CA TYR B 89 15.44 -6.53 -0.87
C TYR B 89 16.21 -5.93 0.30
N ASP B 90 15.50 -5.23 1.18
CA ASP B 90 16.13 -4.62 2.35
C ASP B 90 15.14 -4.51 3.49
N THR B 91 15.61 -3.97 4.62
CA THR B 91 14.75 -3.82 5.78
C THR B 91 13.76 -2.68 5.58
N HIS B 92 13.85 -2.01 4.43
CA HIS B 92 12.95 -0.91 4.13
C HIS B 92 11.49 -1.37 4.21
N VAL B 93 11.06 -2.14 3.23
CA VAL B 93 9.69 -2.64 3.20
C VAL B 93 9.39 -3.42 4.46
N ALA B 94 10.40 -4.10 4.99
CA ALA B 94 10.22 -4.89 6.20
C ALA B 94 9.81 -3.99 7.37
N GLN B 95 10.54 -2.90 7.54
CA GLN B 95 10.25 -1.96 8.62
C GLN B 95 8.86 -1.36 8.45
N LEU B 96 8.57 -0.92 7.22
CA LEU B 96 7.28 -0.30 6.95
C LEU B 96 6.15 -1.25 7.32
N LEU B 97 6.29 -2.51 6.92
CA LEU B 97 5.27 -3.51 7.23
C LEU B 97 5.18 -3.72 8.73
N ASP B 98 6.33 -3.71 9.40
CA ASP B 98 6.35 -3.91 10.84
C ASP B 98 5.40 -2.92 11.53
N GLU B 99 5.47 -1.66 11.11
CA GLU B 99 4.60 -0.64 11.70
C GLU B 99 3.15 -0.85 11.28
N ALA B 100 2.94 -1.03 9.97
CA ALA B 100 1.59 -1.22 9.46
C ALA B 100 0.91 -2.43 10.10
N ILE B 101 1.59 -3.57 10.03
CA ILE B 101 1.03 -4.79 10.61
C ILE B 101 0.86 -4.65 12.10
N TYR B 102 1.85 -4.10 12.77
CA TYR B 102 1.77 -3.94 14.21
C TYR B 102 0.59 -3.03 14.59
N HIS B 103 0.52 -1.89 13.94
CA HIS B 103 -0.56 -0.94 14.21
C HIS B 103 -1.91 -1.54 13.85
N SER B 104 -1.95 -2.30 12.76
CA SER B 104 -3.19 -2.93 12.32
C SER B 104 -3.57 -4.07 13.26
N GLU B 105 -2.60 -4.91 13.59
CA GLU B 105 -2.85 -6.04 14.48
C GLU B 105 -3.34 -5.55 15.84
N HIS B 106 -3.02 -4.30 16.17
CA HIS B 106 -3.44 -3.72 17.44
C HIS B 106 -4.93 -3.42 17.41
N LEU B 107 -5.61 -3.85 16.36
CA LEU B 107 -7.04 -3.62 16.22
C LEU B 107 -7.74 -4.86 15.69
N HIS B 108 -8.59 -4.67 14.67
CA HIS B 108 -9.32 -5.78 14.08
C HIS B 108 -9.70 -5.47 12.64
N LEU B 109 -9.37 -4.26 12.19
CA LEU B 109 -9.69 -3.84 10.83
C LEU B 109 -11.06 -4.34 10.42
N GLY B 110 -12.08 -3.83 11.09
CA GLY B 110 -13.46 -4.23 10.80
C GLY B 110 -13.85 -3.78 9.40
N LEU B 111 -14.48 -4.68 8.64
CA LEU B 111 -14.91 -4.37 7.28
C LEU B 111 -16.40 -4.08 7.25
N SER B 112 -16.98 -3.85 8.42
CA SER B 112 -18.41 -3.57 8.51
C SER B 112 -19.22 -4.64 7.78
N ASP B 113 -20.46 -4.32 7.45
CA ASP B 113 -21.33 -5.27 6.76
C ASP B 113 -22.04 -4.59 5.59
N ARG B 114 -22.17 -5.31 4.49
CA ARG B 114 -22.82 -4.77 3.30
C ARG B 114 -24.24 -4.35 3.62
N HIS B 115 -25.08 -4.26 2.58
CA HIS B 115 -26.46 -3.86 2.77
C HIS B 115 -26.55 -2.46 3.38
N PRO B 116 -26.23 -1.45 2.60
CA PRO B 116 -26.27 -0.04 3.06
C PRO B 116 -27.64 0.35 3.63
N SER B 117 -28.68 -0.25 3.07
CA SER B 117 -30.04 0.04 3.51
C SER B 117 -30.21 -0.31 4.99
N ALA B 118 -31.02 0.47 5.70
CA ALA B 118 -31.25 0.23 7.11
C ALA B 118 -29.92 0.04 7.85
N GLY B 119 -29.27 1.15 8.17
CA GLY B 119 -27.99 1.08 8.87
C GLY B 119 -27.46 2.49 9.15
N GLY A 1 -31.03 -10.21 -1.74
CA GLY A 1 -32.44 -10.20 -1.25
C GLY A 1 -32.63 -11.29 -0.21
N HIS A 2 -33.18 -12.42 -0.63
CA HIS A 2 -33.41 -13.53 0.29
C HIS A 2 -32.16 -14.40 0.40
N GLY A 3 -31.70 -14.60 1.63
CA GLY A 3 -30.51 -15.42 1.86
C GLY A 3 -30.82 -16.89 1.68
N VAL A 4 -29.81 -17.66 1.28
CA VAL A 4 -29.98 -19.10 1.07
C VAL A 4 -28.95 -19.88 1.89
N GLU A 5 -29.42 -20.89 2.61
CA GLU A 5 -28.53 -21.71 3.43
C GLU A 5 -28.02 -22.90 2.62
N GLY A 6 -26.79 -22.76 2.11
CA GLY A 6 -26.18 -23.83 1.32
C GLY A 6 -25.37 -24.77 2.20
N ARG A 7 -25.39 -24.51 3.50
CA ARG A 7 -24.65 -25.34 4.45
C ARG A 7 -23.20 -25.50 4.00
N ASN A 8 -22.29 -24.80 4.66
CA ASN A 8 -20.88 -24.87 4.31
C ASN A 8 -20.01 -24.68 5.55
N ARG A 9 -18.71 -24.92 5.41
CA ARG A 9 -17.79 -24.78 6.52
C ARG A 9 -16.36 -24.56 6.01
N PRO A 10 -16.13 -23.48 5.33
CA PRO A 10 -14.78 -23.15 4.77
C PRO A 10 -13.82 -22.68 5.85
N SER A 11 -12.53 -22.75 5.54
CA SER A 11 -11.50 -22.34 6.49
C SER A 11 -11.49 -20.81 6.62
N ALA A 12 -10.84 -20.31 7.67
CA ALA A 12 -10.77 -18.87 7.90
C ALA A 12 -9.54 -18.53 8.75
N PRO A 13 -8.37 -18.81 8.25
CA PRO A 13 -7.09 -18.52 8.98
C PRO A 13 -6.82 -17.02 9.05
N LEU A 14 -6.05 -16.64 10.06
CA LEU A 14 -5.71 -15.23 10.26
C LEU A 14 -4.55 -14.83 9.36
N ASP A 15 -4.16 -15.73 8.46
CA ASP A 15 -3.06 -15.44 7.54
C ASP A 15 -3.58 -14.93 6.20
N SER A 16 -4.35 -15.78 5.52
CA SER A 16 -4.91 -15.41 4.23
C SER A 16 -5.79 -14.17 4.37
N GLN A 17 -6.44 -14.04 5.53
CA GLN A 17 -7.31 -12.90 5.79
C GLN A 17 -6.48 -11.62 5.90
N ALA A 18 -5.42 -11.66 6.70
CA ALA A 18 -4.57 -10.50 6.88
C ALA A 18 -4.01 -10.04 5.53
N ALA A 19 -3.70 -10.99 4.66
CA ALA A 19 -3.16 -10.66 3.35
C ALA A 19 -4.23 -9.95 2.50
N ALA A 20 -5.38 -10.58 2.38
CA ALA A 20 -6.47 -10.00 1.59
C ALA A 20 -6.94 -8.69 2.20
N GLN A 21 -7.05 -8.64 3.52
CA GLN A 21 -7.49 -7.43 4.21
C GLN A 21 -6.53 -6.28 3.95
N VAL A 22 -5.25 -6.52 4.21
CA VAL A 22 -4.25 -5.50 3.98
C VAL A 22 -4.19 -5.12 2.51
N ALA A 23 -4.17 -6.13 1.64
CA ALA A 23 -4.12 -5.88 0.22
C ALA A 23 -5.26 -4.96 -0.19
N SER A 24 -6.45 -5.19 0.35
CA SER A 24 -7.60 -4.36 0.03
C SER A 24 -7.33 -2.92 0.40
N THR A 25 -6.74 -2.71 1.59
CA THR A 25 -6.43 -1.36 2.03
C THR A 25 -5.40 -0.70 1.11
N LEU A 26 -4.28 -1.39 0.88
CA LEU A 26 -3.23 -0.88 0.02
C LEU A 26 -3.71 -0.78 -1.41
N GLN A 27 -4.76 -1.52 -1.72
CA GLN A 27 -5.32 -1.51 -3.07
C GLN A 27 -6.09 -0.21 -3.33
N ALA A 28 -7.16 0.00 -2.56
CA ALA A 28 -7.98 1.20 -2.73
C ALA A 28 -7.15 2.46 -2.56
N LEU A 29 -6.41 2.54 -1.46
CA LEU A 29 -5.60 3.72 -1.18
C LEU A 29 -4.67 3.99 -2.34
N ALA A 30 -4.13 2.93 -2.93
CA ALA A 30 -3.23 3.07 -4.05
C ALA A 30 -3.68 4.20 -4.94
N THR A 31 -4.81 3.97 -5.63
CA THR A 31 -5.39 4.96 -6.55
C THR A 31 -4.61 6.29 -6.52
N PRO A 32 -3.91 6.65 -7.55
CA PRO A 32 -3.09 7.89 -7.57
C PRO A 32 -3.85 9.10 -7.02
N SER A 33 -5.10 9.22 -7.40
CA SER A 33 -5.92 10.34 -6.94
C SER A 33 -5.98 10.37 -5.42
N ARG A 34 -6.24 9.21 -4.82
CA ARG A 34 -6.31 9.12 -3.38
C ARG A 34 -4.94 9.38 -2.77
N LEU A 35 -3.89 8.91 -3.42
CA LEU A 35 -2.56 9.07 -2.88
C LEU A 35 -2.24 10.55 -2.69
N MET A 36 -2.41 11.33 -3.75
CA MET A 36 -2.12 12.75 -3.68
C MET A 36 -3.05 13.44 -2.67
N ILE A 37 -4.33 13.11 -2.71
CA ILE A 37 -5.30 13.72 -1.81
C ILE A 37 -4.93 13.44 -0.35
N LEU A 38 -4.58 12.20 -0.07
CA LEU A 38 -4.20 11.81 1.28
C LEU A 38 -2.95 12.54 1.71
N THR A 39 -2.03 12.69 0.78
CA THR A 39 -0.79 13.37 1.07
C THR A 39 -1.08 14.80 1.54
N GLN A 40 -2.06 15.43 0.90
CA GLN A 40 -2.43 16.79 1.28
C GLN A 40 -2.93 16.83 2.72
N LEU A 41 -3.78 15.87 3.07
CA LEU A 41 -4.30 15.82 4.44
C LEU A 41 -3.19 15.60 5.46
N ARG A 42 -2.27 14.70 5.12
CA ARG A 42 -1.15 14.40 6.03
C ARG A 42 -0.62 15.68 6.67
N ASN A 43 -0.72 16.79 5.94
CA ASN A 43 -0.22 18.06 6.45
C ASN A 43 -0.95 18.43 7.73
N GLY A 44 -2.26 18.21 7.74
CA GLY A 44 -3.07 18.51 8.92
C GLY A 44 -4.25 19.43 8.58
N PRO A 45 -4.30 20.64 9.11
CA PRO A 45 -5.42 21.59 8.85
C PRO A 45 -5.36 22.19 7.45
N LEU A 46 -6.46 22.11 6.72
CA LEU A 46 -6.51 22.66 5.38
C LEU A 46 -7.93 22.52 4.80
N PRO A 47 -8.79 23.46 5.07
CA PRO A 47 -10.20 23.43 4.57
C PRO A 47 -10.27 23.15 3.06
N VAL A 48 -11.49 22.93 2.58
CA VAL A 48 -11.68 22.64 1.16
C VAL A 48 -11.07 23.75 0.30
N THR A 49 -11.31 24.98 0.70
CA THR A 49 -10.76 26.13 -0.03
C THR A 49 -9.23 26.10 -0.01
N ASP A 50 -8.67 25.80 1.17
CA ASP A 50 -7.22 25.74 1.31
C ASP A 50 -6.65 24.60 0.46
N LEU A 51 -7.37 23.48 0.46
CA LEU A 51 -6.93 22.33 -0.31
C LEU A 51 -6.86 22.70 -1.79
N ALA A 52 -7.89 23.38 -2.28
CA ALA A 52 -7.94 23.80 -3.67
C ALA A 52 -6.73 24.67 -3.98
N GLU A 53 -6.42 25.60 -3.08
CA GLU A 53 -5.29 26.47 -3.28
C GLU A 53 -4.03 25.66 -3.53
N ALA A 54 -3.80 24.65 -2.69
CA ALA A 54 -2.63 23.80 -2.84
C ALA A 54 -2.60 23.16 -4.23
N ILE A 55 -3.72 22.55 -4.62
CA ILE A 55 -3.82 21.91 -5.93
C ILE A 55 -4.20 22.93 -6.99
N GLY A 56 -5.46 23.34 -6.98
CA GLY A 56 -5.95 24.33 -7.93
C GLY A 56 -7.26 23.88 -8.57
N MET A 57 -8.36 24.01 -7.84
CA MET A 57 -9.67 23.62 -8.39
C MET A 57 -9.88 22.12 -8.30
N GLU A 58 -10.61 21.69 -7.29
CA GLU A 58 -10.88 20.28 -7.10
C GLU A 58 -11.73 20.06 -5.85
N GLN A 59 -12.44 21.09 -5.43
CA GLN A 59 -13.27 21.00 -4.25
C GLN A 59 -14.29 19.86 -4.37
N SER A 60 -14.67 19.54 -5.60
CA SER A 60 -15.63 18.48 -5.84
C SER A 60 -15.02 17.11 -5.54
N ALA A 61 -13.81 16.89 -6.02
CA ALA A 61 -13.13 15.62 -5.79
C ALA A 61 -12.88 15.42 -4.30
N VAL A 62 -12.73 16.52 -3.58
CA VAL A 62 -12.49 16.42 -2.14
C VAL A 62 -13.76 16.02 -1.41
N SER A 63 -14.85 16.73 -1.66
CA SER A 63 -16.10 16.41 -1.00
C SER A 63 -16.48 14.95 -1.23
N HIS A 64 -16.32 14.49 -2.47
CA HIS A 64 -16.64 13.11 -2.81
C HIS A 64 -15.66 12.13 -2.17
N GLN A 65 -14.37 12.41 -2.33
CA GLN A 65 -13.34 11.53 -1.78
C GLN A 65 -13.49 11.42 -0.26
N LEU A 66 -13.69 12.56 0.39
CA LEU A 66 -13.84 12.59 1.83
C LEU A 66 -15.07 11.83 2.24
N ARG A 67 -16.12 11.98 1.49
CA ARG A 67 -17.36 11.27 1.80
C ARG A 67 -17.12 9.77 1.81
N VAL A 68 -16.37 9.28 0.82
CA VAL A 68 -16.06 7.86 0.74
C VAL A 68 -15.15 7.45 1.89
N LEU A 69 -14.02 8.15 2.03
CA LEU A 69 -13.07 7.84 3.08
C LEU A 69 -13.75 7.93 4.43
N ARG A 70 -14.62 8.91 4.59
CA ARG A 70 -15.34 9.10 5.83
C ARG A 70 -16.15 7.85 6.16
N ASN A 71 -16.82 7.31 5.15
CA ASN A 71 -17.63 6.11 5.36
C ASN A 71 -16.74 4.93 5.74
N LEU A 72 -15.60 4.78 5.04
CA LEU A 72 -14.66 3.70 5.32
C LEU A 72 -13.26 4.10 4.90
N GLY A 73 -12.64 4.99 5.66
CA GLY A 73 -11.29 5.45 5.35
C GLY A 73 -10.52 5.78 6.63
N LEU A 74 -11.17 5.56 7.76
CA LEU A 74 -10.54 5.82 9.05
C LEU A 74 -10.02 7.25 9.12
N VAL A 75 -10.93 8.20 9.01
CA VAL A 75 -10.58 9.62 9.09
C VAL A 75 -11.53 10.35 10.03
N VAL A 76 -11.06 11.48 10.57
CA VAL A 76 -11.85 12.28 11.50
C VAL A 76 -11.82 13.74 11.09
N GLY A 77 -12.60 14.56 11.79
CA GLY A 77 -12.64 15.98 11.51
C GLY A 77 -13.31 16.73 12.65
N ASP A 78 -13.05 18.03 12.74
CA ASP A 78 -13.63 18.87 13.80
C ASP A 78 -14.55 19.93 13.21
N ARG A 79 -15.83 19.84 13.54
CA ARG A 79 -16.82 20.80 13.04
C ARG A 79 -16.87 22.02 13.95
N ALA A 80 -16.95 23.19 13.34
CA ALA A 80 -17.01 24.45 14.10
C ALA A 80 -17.81 25.49 13.34
N GLY A 81 -18.06 26.62 13.99
CA GLY A 81 -18.83 27.70 13.37
C GLY A 81 -18.44 27.89 11.91
N ARG A 82 -19.19 27.25 11.02
CA ARG A 82 -18.91 27.34 9.59
C ARG A 82 -17.44 27.06 9.30
N SER A 83 -16.91 26.01 9.92
CA SER A 83 -15.52 25.65 9.73
C SER A 83 -15.29 24.19 10.14
N ILE A 84 -15.07 23.34 9.14
CA ILE A 84 -14.82 21.92 9.40
C ILE A 84 -13.42 21.54 8.96
N VAL A 85 -12.68 20.88 9.84
CA VAL A 85 -11.32 20.45 9.52
C VAL A 85 -11.31 18.94 9.31
N TYR A 86 -10.71 18.50 8.21
CA TYR A 86 -10.63 17.07 7.89
C TYR A 86 -9.22 16.54 8.13
N SER A 87 -9.11 15.42 8.86
CA SER A 87 -7.81 14.83 9.15
C SER A 87 -7.95 13.32 9.31
N LEU A 88 -6.83 12.63 9.39
CA LEU A 88 -6.84 11.18 9.54
C LEU A 88 -7.13 10.80 10.98
N TYR A 89 -7.81 9.67 11.16
CA TYR A 89 -8.14 9.20 12.50
C TYR A 89 -6.88 9.06 13.35
N ASP A 90 -5.86 8.40 12.78
CA ASP A 90 -4.60 8.19 13.49
C ASP A 90 -3.44 8.71 12.66
N THR A 91 -2.24 8.64 13.23
CA THR A 91 -1.04 9.10 12.55
C THR A 91 -0.28 7.93 11.94
N HIS A 92 -0.80 6.72 12.17
CA HIS A 92 -0.14 5.52 11.63
C HIS A 92 0.08 5.66 10.13
N VAL A 93 -1.01 5.93 9.40
CA VAL A 93 -0.93 6.07 7.96
C VAL A 93 0.27 6.94 7.59
N ALA A 94 0.51 7.97 8.38
CA ALA A 94 1.62 8.87 8.13
C ALA A 94 2.95 8.20 8.46
N GLN A 95 2.95 7.37 9.50
CA GLN A 95 4.17 6.70 9.92
C GLN A 95 4.66 5.73 8.85
N LEU A 96 3.78 4.84 8.41
CA LEU A 96 4.15 3.87 7.39
C LEU A 96 4.39 4.57 6.06
N LEU A 97 3.56 5.55 5.75
CA LEU A 97 3.69 6.28 4.51
C LEU A 97 5.00 7.07 4.51
N ASP A 98 5.32 7.67 5.64
CA ASP A 98 6.55 8.45 5.74
C ASP A 98 7.76 7.55 5.51
N GLU A 99 7.68 6.32 6.00
CA GLU A 99 8.78 5.38 5.82
C GLU A 99 8.84 4.90 4.38
N ALA A 100 7.69 4.57 3.81
CA ALA A 100 7.63 4.09 2.43
C ALA A 100 8.10 5.17 1.47
N ILE A 101 7.55 6.36 1.63
CA ILE A 101 7.94 7.49 0.77
C ILE A 101 9.41 7.84 0.98
N TYR A 102 9.83 7.87 2.22
CA TYR A 102 11.20 8.22 2.53
C TYR A 102 12.16 7.23 1.88
N HIS A 103 11.88 5.94 2.04
CA HIS A 103 12.71 4.91 1.47
C HIS A 103 12.65 4.92 -0.06
N SER A 104 11.47 5.23 -0.59
CA SER A 104 11.30 5.28 -2.04
C SER A 104 11.97 6.50 -2.64
N GLU A 105 11.69 7.66 -2.07
CA GLU A 105 12.27 8.91 -2.55
C GLU A 105 13.77 8.93 -2.31
N HIS A 106 14.25 8.11 -1.38
CA HIS A 106 15.66 8.07 -1.08
C HIS A 106 16.48 7.89 -2.35
N LEU A 107 16.39 6.71 -2.95
CA LEU A 107 17.14 6.43 -4.18
C LEU A 107 16.44 7.07 -5.38
N HIS A 108 15.19 6.68 -5.59
CA HIS A 108 14.42 7.21 -6.70
C HIS A 108 15.25 7.24 -7.98
N LEU A 109 15.26 6.12 -8.70
CA LEU A 109 16.03 6.02 -9.93
C LEU A 109 15.52 7.02 -10.96
N GLY A 110 14.20 7.12 -11.07
CA GLY A 110 13.59 8.04 -12.01
C GLY A 110 13.69 7.51 -13.43
N LEU A 111 14.20 6.27 -13.56
CA LEU A 111 14.34 5.65 -14.88
C LEU A 111 13.44 4.43 -14.98
N SER A 112 12.47 4.50 -15.88
CA SER A 112 11.54 3.39 -16.09
C SER A 112 10.97 3.44 -17.50
N ASP A 113 10.34 2.33 -17.90
CA ASP A 113 9.75 2.24 -19.24
C ASP A 113 8.30 2.71 -19.21
N ARG A 114 8.10 4.00 -19.46
CA ARG A 114 6.75 4.57 -19.46
C ARG A 114 6.06 4.28 -20.77
N HIS A 115 4.74 4.12 -20.72
CA HIS A 115 3.97 3.83 -21.92
C HIS A 115 2.52 4.30 -21.74
N PRO A 116 1.87 4.65 -22.82
CA PRO A 116 0.44 5.12 -22.78
C PRO A 116 -0.52 4.00 -22.37
N SER A 117 -0.71 3.03 -23.27
CA SER A 117 -1.61 1.92 -23.01
C SER A 117 -0.92 0.88 -22.14
N ALA A 118 -1.72 0.04 -21.49
CA ALA A 118 -1.18 -1.01 -20.64
C ALA A 118 -0.50 -2.09 -21.47
N GLY A 119 0.59 -2.64 -20.96
CA GLY A 119 1.32 -3.68 -21.68
C GLY A 119 1.70 -3.21 -23.08
N GLY B 1 6.84 0.75 -32.12
CA GLY B 1 7.83 0.49 -33.23
C GLY B 1 8.61 1.76 -33.52
N HIS B 2 8.04 2.62 -34.35
CA HIS B 2 8.70 3.88 -34.71
C HIS B 2 8.15 5.03 -33.87
N GLY B 3 9.04 5.76 -33.22
CA GLY B 3 8.63 6.88 -32.37
C GLY B 3 8.19 8.06 -33.23
N VAL B 4 7.26 8.85 -32.71
CA VAL B 4 6.76 10.03 -33.42
C VAL B 4 6.93 11.28 -32.57
N GLU B 5 7.50 12.31 -33.17
CA GLU B 5 7.71 13.57 -32.46
C GLU B 5 6.50 14.47 -32.61
N GLY B 6 5.63 14.47 -31.60
CA GLY B 6 4.43 15.29 -31.63
C GLY B 6 4.69 16.66 -31.00
N ARG B 7 5.93 16.88 -30.57
CA ARG B 7 6.30 18.15 -29.95
C ARG B 7 5.34 18.50 -28.83
N ASN B 8 5.81 18.35 -27.58
CA ASN B 8 4.97 18.65 -26.42
C ASN B 8 5.83 19.16 -25.27
N ARG B 9 5.17 19.63 -24.22
CA ARG B 9 5.88 20.15 -23.05
C ARG B 9 4.98 20.14 -21.82
N PRO B 10 4.52 18.99 -21.42
CA PRO B 10 3.63 18.84 -20.24
C PRO B 10 4.37 19.04 -18.91
N SER B 11 3.62 19.30 -17.86
CA SER B 11 4.20 19.52 -16.54
C SER B 11 4.70 18.20 -15.96
N ALA B 12 5.55 18.29 -14.94
CA ALA B 12 6.10 17.09 -14.31
C ALA B 12 6.51 17.39 -12.87
N PRO B 13 5.55 17.72 -12.03
CA PRO B 13 5.82 18.04 -10.60
C PRO B 13 6.17 16.80 -9.79
N LEU B 14 6.91 17.00 -8.72
CA LEU B 14 7.33 15.89 -7.86
C LEU B 14 6.19 15.52 -6.90
N ASP B 15 5.02 16.10 -7.12
CA ASP B 15 3.87 15.80 -6.27
C ASP B 15 2.99 14.73 -6.90
N SER B 16 2.45 15.04 -8.07
CA SER B 16 1.59 14.10 -8.79
C SER B 16 2.35 12.83 -9.10
N GLN B 17 3.65 12.97 -9.34
CA GLN B 17 4.49 11.81 -9.65
C GLN B 17 4.63 10.91 -8.43
N ALA B 18 4.96 11.50 -7.28
CA ALA B 18 5.11 10.73 -6.06
C ALA B 18 3.83 9.98 -5.74
N ALA B 19 2.69 10.60 -6.05
CA ALA B 19 1.40 9.96 -5.79
C ALA B 19 1.21 8.75 -6.70
N ALA B 20 1.36 8.97 -8.00
CA ALA B 20 1.20 7.89 -8.98
C ALA B 20 2.26 6.80 -8.76
N GLN B 21 3.49 7.22 -8.47
CA GLN B 21 4.56 6.26 -8.26
C GLN B 21 4.27 5.37 -7.05
N VAL B 22 3.97 6.01 -5.92
CA VAL B 22 3.66 5.26 -4.71
C VAL B 22 2.42 4.42 -4.93
N ALA B 23 1.38 5.03 -5.51
CA ALA B 23 0.15 4.31 -5.77
C ALA B 23 0.43 3.06 -6.56
N SER B 24 1.30 3.16 -7.56
CA SER B 24 1.64 2.01 -8.38
C SER B 24 2.23 0.90 -7.52
N THR B 25 3.14 1.28 -6.62
CA THR B 25 3.76 0.29 -5.74
C THR B 25 2.73 -0.34 -4.81
N LEU B 26 1.95 0.49 -4.12
CA LEU B 26 0.93 0.00 -3.21
C LEU B 26 -0.16 -0.73 -3.97
N GLN B 27 -0.26 -0.46 -5.26
CA GLN B 27 -1.27 -1.10 -6.09
C GLN B 27 -0.89 -2.55 -6.38
N ALA B 28 0.24 -2.74 -7.07
CA ALA B 28 0.68 -4.09 -7.42
C ALA B 28 0.87 -4.95 -6.18
N LEU B 29 1.64 -4.44 -5.22
CA LEU B 29 1.89 -5.19 -4.00
C LEU B 29 0.60 -5.62 -3.36
N ALA B 30 -0.40 -4.75 -3.43
CA ALA B 30 -1.69 -5.06 -2.85
C ALA B 30 -2.04 -6.50 -3.09
N THR B 31 -2.33 -6.83 -4.37
CA THR B 31 -2.71 -8.20 -4.78
C THR B 31 -2.59 -9.18 -3.60
N PRO B 32 -3.68 -9.70 -3.09
CA PRO B 32 -3.66 -10.61 -1.92
C PRO B 32 -2.59 -11.69 -2.03
N SER B 33 -2.44 -12.26 -3.22
CA SER B 33 -1.46 -13.30 -3.44
C SER B 33 -0.06 -12.78 -3.11
N ARG B 34 0.26 -11.59 -3.58
CA ARG B 34 1.56 -11.00 -3.32
C ARG B 34 1.68 -10.66 -1.84
N LEU B 35 0.60 -10.20 -1.24
CA LEU B 35 0.66 -9.81 0.16
C LEU B 35 1.07 -10.98 1.04
N MET B 36 0.37 -12.09 0.90
CA MET B 36 0.69 -13.28 1.69
C MET B 36 2.10 -13.79 1.35
N ILE B 37 2.43 -13.83 0.07
CA ILE B 37 3.75 -14.32 -0.35
C ILE B 37 4.86 -13.44 0.26
N LEU B 38 4.67 -12.15 0.20
CA LEU B 38 5.65 -11.23 0.75
C LEU B 38 5.78 -11.42 2.25
N THR B 39 4.66 -11.64 2.90
CA THR B 39 4.65 -11.84 4.33
C THR B 39 5.54 -13.02 4.68
N GLN B 40 5.47 -14.08 3.86
CA GLN B 40 6.28 -15.26 4.09
C GLN B 40 7.75 -14.91 4.04
N LEU B 41 8.14 -14.14 3.03
CA LEU B 41 9.54 -13.75 2.88
C LEU B 41 10.00 -12.90 4.07
N ARG B 42 9.17 -11.97 4.49
CA ARG B 42 9.50 -11.10 5.61
C ARG B 42 10.19 -11.90 6.71
N ASN B 43 9.86 -13.18 6.83
CA ASN B 43 10.45 -14.03 7.85
C ASN B 43 11.96 -14.09 7.68
N GLY B 44 12.40 -14.23 6.43
CA GLY B 44 13.83 -14.29 6.14
C GLY B 44 14.17 -15.52 5.30
N PRO B 45 14.94 -16.46 5.82
CA PRO B 45 15.33 -17.69 5.07
C PRO B 45 14.19 -18.70 4.98
N LEU B 46 13.92 -19.16 3.77
CA LEU B 46 12.86 -20.14 3.55
C LEU B 46 12.82 -20.57 2.08
N PRO B 47 13.63 -21.52 1.72
CA PRO B 47 13.70 -22.03 0.31
C PRO B 47 12.31 -22.34 -0.25
N VAL B 48 12.26 -22.63 -1.54
CA VAL B 48 10.99 -22.94 -2.19
C VAL B 48 10.28 -24.08 -1.46
N THR B 49 11.02 -25.12 -1.13
CA THR B 49 10.46 -26.26 -0.42
C THR B 49 9.94 -25.82 0.96
N ASP B 50 10.73 -25.02 1.65
CA ASP B 50 10.33 -24.53 2.97
C ASP B 50 9.08 -23.67 2.86
N LEU B 51 9.03 -22.86 1.81
CA LEU B 51 7.89 -21.99 1.61
C LEU B 51 6.63 -22.82 1.42
N ALA B 52 6.74 -23.88 0.61
CA ALA B 52 5.60 -24.75 0.37
C ALA B 52 5.11 -25.34 1.68
N GLU B 53 6.05 -25.79 2.51
CA GLU B 53 5.69 -26.37 3.80
C GLU B 53 4.81 -25.41 4.58
N ALA B 54 5.22 -24.14 4.63
CA ALA B 54 4.45 -23.12 5.35
C ALA B 54 3.03 -23.03 4.78
N ILE B 55 2.93 -22.88 3.46
CA ILE B 55 1.62 -22.78 2.82
C ILE B 55 1.07 -24.17 2.56
N GLY B 56 1.64 -24.85 1.57
CA GLY B 56 1.20 -26.20 1.23
C GLY B 56 0.97 -26.36 -0.26
N MET B 57 2.06 -26.51 -1.03
CA MET B 57 1.94 -26.68 -2.47
C MET B 57 1.71 -25.35 -3.17
N GLU B 58 2.78 -24.79 -3.72
CA GLU B 58 2.68 -23.52 -4.43
C GLU B 58 4.05 -23.10 -4.95
N GLN B 59 4.94 -24.06 -5.12
CA GLN B 59 6.27 -23.77 -5.60
C GLN B 59 6.23 -23.06 -6.94
N SER B 60 5.17 -23.30 -7.71
CA SER B 60 5.02 -22.67 -9.01
C SER B 60 4.73 -21.17 -8.88
N ALA B 61 3.80 -20.84 -7.99
CA ALA B 61 3.45 -19.45 -7.77
C ALA B 61 4.65 -18.68 -7.23
N VAL B 62 5.53 -19.37 -6.52
CA VAL B 62 6.71 -18.73 -5.96
C VAL B 62 7.71 -18.42 -7.07
N SER B 63 8.05 -19.42 -7.85
CA SER B 63 9.02 -19.22 -8.93
C SER B 63 8.56 -18.08 -9.85
N HIS B 64 7.27 -18.06 -10.17
CA HIS B 64 6.74 -17.01 -11.04
C HIS B 64 6.72 -15.66 -10.32
N GLN B 65 6.19 -15.64 -9.11
CA GLN B 65 6.09 -14.39 -8.35
C GLN B 65 7.48 -13.80 -8.14
N LEU B 66 8.42 -14.65 -7.75
CA LEU B 66 9.78 -14.20 -7.50
C LEU B 66 10.40 -13.68 -8.76
N ARG B 67 10.14 -14.35 -9.84
CA ARG B 67 10.69 -13.91 -11.12
C ARG B 67 10.23 -12.48 -11.44
N VAL B 68 8.94 -12.22 -11.20
CA VAL B 68 8.39 -10.89 -11.46
C VAL B 68 9.01 -9.88 -10.48
N LEU B 69 8.91 -10.18 -9.19
CA LEU B 69 9.43 -9.29 -8.17
C LEU B 69 10.91 -9.06 -8.40
N ARG B 70 11.61 -10.10 -8.81
CA ARG B 70 13.04 -10.01 -9.07
C ARG B 70 13.30 -8.97 -10.15
N ASN B 71 12.50 -9.01 -11.22
CA ASN B 71 12.68 -8.06 -12.30
C ASN B 71 12.41 -6.63 -11.82
N LEU B 72 11.35 -6.48 -11.03
CA LEU B 72 10.99 -5.17 -10.47
C LEU B 72 10.19 -5.33 -9.19
N GLY B 73 10.88 -5.69 -8.11
CA GLY B 73 10.24 -5.87 -6.81
C GLY B 73 11.18 -5.51 -5.68
N LEU B 74 12.38 -5.09 -6.03
CA LEU B 74 13.37 -4.72 -5.03
C LEU B 74 13.62 -5.86 -4.06
N VAL B 75 14.08 -6.98 -4.58
CA VAL B 75 14.38 -8.15 -3.76
C VAL B 75 15.75 -8.69 -4.11
N VAL B 76 16.37 -9.39 -3.14
CA VAL B 76 17.70 -9.96 -3.34
C VAL B 76 17.76 -11.37 -2.78
N GLY B 77 18.68 -12.17 -3.29
CA GLY B 77 18.84 -13.54 -2.83
C GLY B 77 20.30 -13.95 -2.86
N ASP B 78 20.64 -14.97 -2.08
CA ASP B 78 22.04 -15.47 -2.02
C ASP B 78 22.12 -16.88 -2.59
N ARG B 79 22.84 -17.00 -3.71
CA ARG B 79 23.01 -18.30 -4.36
C ARG B 79 24.19 -19.04 -3.76
N ALA B 80 24.00 -20.32 -3.46
CA ALA B 80 25.06 -21.13 -2.88
C ALA B 80 24.90 -22.60 -3.28
N GLY B 81 25.84 -23.09 -4.09
CA GLY B 81 25.78 -24.47 -4.55
C GLY B 81 24.39 -24.79 -5.06
N ARG B 82 23.69 -25.67 -4.35
CA ARG B 82 22.33 -26.08 -4.75
C ARG B 82 21.31 -25.52 -3.75
N SER B 83 21.50 -24.28 -3.36
CA SER B 83 20.59 -23.63 -2.42
C SER B 83 20.60 -22.13 -2.63
N ILE B 84 19.42 -21.58 -2.89
CA ILE B 84 19.28 -20.13 -3.10
C ILE B 84 18.27 -19.56 -2.10
N VAL B 85 18.68 -18.53 -1.38
CA VAL B 85 17.81 -17.90 -0.41
C VAL B 85 17.23 -16.61 -1.00
N TYR B 86 15.90 -16.47 -0.92
CA TYR B 86 15.23 -15.27 -1.45
C TYR B 86 14.80 -14.35 -0.31
N SER B 87 15.12 -13.07 -0.43
CA SER B 87 14.77 -12.09 0.60
C SER B 87 14.58 -10.71 -0.04
N LEU B 88 14.08 -9.76 0.75
CA LEU B 88 13.86 -8.42 0.26
C LEU B 88 15.16 -7.63 0.22
N TYR B 89 15.28 -6.72 -0.73
CA TYR B 89 16.49 -5.92 -0.85
C TYR B 89 16.77 -5.20 0.46
N ASP B 90 15.75 -4.54 1.01
CA ASP B 90 15.89 -3.79 2.26
C ASP B 90 14.87 -4.27 3.28
N THR B 91 14.88 -3.65 4.45
CA THR B 91 13.94 -4.02 5.52
C THR B 91 12.82 -2.99 5.63
N HIS B 92 12.91 -1.94 4.81
CA HIS B 92 11.89 -0.89 4.84
C HIS B 92 10.50 -1.49 4.70
N VAL B 93 10.30 -2.28 3.63
CA VAL B 93 9.01 -2.91 3.39
C VAL B 93 8.47 -3.51 4.69
N ALA B 94 9.36 -4.11 5.46
CA ALA B 94 8.98 -4.72 6.72
C ALA B 94 8.64 -3.65 7.76
N GLN B 95 9.39 -2.56 7.73
CA GLN B 95 9.17 -1.49 8.70
C GLN B 95 7.78 -0.86 8.53
N LEU B 96 7.50 -0.43 7.32
CA LEU B 96 6.20 0.20 7.05
C LEU B 96 5.08 -0.83 7.18
N LEU B 97 5.33 -2.03 6.69
CA LEU B 97 4.34 -3.08 6.75
C LEU B 97 4.06 -3.47 8.20
N ASP B 98 5.11 -3.56 8.99
CA ASP B 98 4.96 -3.91 10.39
C ASP B 98 4.11 -2.87 11.11
N GLU B 99 4.29 -1.61 10.73
CA GLU B 99 3.50 -0.53 11.35
C GLU B 99 2.05 -0.58 10.86
N ALA B 100 1.87 -0.81 9.56
CA ALA B 100 0.53 -0.87 9.00
C ALA B 100 -0.24 -2.06 9.55
N ILE B 101 0.40 -3.22 9.51
CA ILE B 101 -0.24 -4.44 10.02
C ILE B 101 -0.48 -4.32 11.51
N TYR B 102 0.49 -3.80 12.22
CA TYR B 102 0.36 -3.65 13.67
C TYR B 102 -0.83 -2.76 14.02
N HIS B 103 -0.90 -1.62 13.35
CA HIS B 103 -1.97 -0.66 13.59
C HIS B 103 -3.32 -1.23 13.14
N SER B 104 -3.29 -2.00 12.06
CA SER B 104 -4.51 -2.60 11.52
C SER B 104 -4.99 -3.75 12.38
N GLU B 105 -4.08 -4.67 12.68
CA GLU B 105 -4.42 -5.83 13.50
C GLU B 105 -4.75 -5.41 14.92
N HIS B 106 -4.27 -4.23 15.32
CA HIS B 106 -4.51 -3.75 16.66
C HIS B 106 -6.00 -3.82 17.00
N LEU B 107 -6.80 -2.97 16.35
CA LEU B 107 -8.24 -2.97 16.60
C LEU B 107 -8.91 -4.13 15.89
N HIS B 108 -8.73 -4.21 14.59
CA HIS B 108 -9.33 -5.28 13.80
C HIS B 108 -10.77 -5.54 14.24
N LEU B 109 -11.70 -4.79 13.66
CA LEU B 109 -13.11 -4.95 14.00
C LEU B 109 -13.60 -6.34 13.64
N GLY B 110 -13.20 -6.80 12.46
CA GLY B 110 -13.60 -8.12 11.99
C GLY B 110 -15.04 -8.11 11.51
N LEU B 111 -15.66 -6.92 11.51
CA LEU B 111 -17.04 -6.80 11.07
C LEU B 111 -17.11 -5.98 9.80
N SER B 112 -17.59 -6.60 8.72
CA SER B 112 -17.72 -5.92 7.44
C SER B 112 -18.78 -6.60 6.58
N ASP B 113 -19.21 -5.91 5.53
CA ASP B 113 -20.23 -6.45 4.62
C ASP B 113 -19.57 -7.23 3.49
N ARG B 114 -19.35 -8.52 3.71
CA ARG B 114 -18.74 -9.37 2.70
C ARG B 114 -19.74 -9.75 1.64
N HIS B 115 -19.26 -9.93 0.42
CA HIS B 115 -20.14 -10.31 -0.69
C HIS B 115 -19.34 -11.02 -1.78
N PRO B 116 -20.00 -11.88 -2.53
CA PRO B 116 -19.35 -12.64 -3.64
C PRO B 116 -18.92 -11.72 -4.78
N SER B 117 -19.90 -11.24 -5.54
CA SER B 117 -19.61 -10.35 -6.68
C SER B 117 -19.35 -8.94 -6.19
N ALA B 118 -18.70 -8.15 -7.03
CA ALA B 118 -18.40 -6.76 -6.69
C ALA B 118 -19.67 -5.91 -6.71
N GLY B 119 -19.76 -4.98 -5.77
CA GLY B 119 -20.93 -4.10 -5.69
C GLY B 119 -22.20 -4.92 -5.46
N GLY A 1 -17.80 -12.27 -11.03
CA GLY A 1 -17.90 -12.19 -9.54
C GLY A 1 -17.48 -13.52 -8.93
N HIS A 2 -16.18 -13.66 -8.67
CA HIS A 2 -15.66 -14.89 -8.08
C HIS A 2 -15.90 -14.91 -6.58
N GLY A 3 -16.34 -16.06 -6.07
CA GLY A 3 -16.62 -16.20 -4.66
C GLY A 3 -17.47 -17.44 -4.38
N VAL A 4 -18.74 -17.22 -4.09
CA VAL A 4 -19.66 -18.31 -3.81
C VAL A 4 -19.32 -18.96 -2.47
N GLU A 5 -18.08 -18.78 -2.03
CA GLU A 5 -17.62 -19.39 -0.80
C GLU A 5 -18.18 -18.63 0.39
N GLY A 6 -18.28 -19.31 1.52
CA GLY A 6 -18.82 -18.68 2.73
C GLY A 6 -20.33 -18.82 2.81
N ARG A 7 -20.81 -20.05 2.70
CA ARG A 7 -22.25 -20.31 2.76
C ARG A 7 -22.80 -19.91 4.11
N ASN A 8 -22.06 -20.24 5.17
CA ASN A 8 -22.50 -19.92 6.54
C ASN A 8 -21.52 -18.94 7.18
N ARG A 9 -20.92 -18.08 6.36
CA ARG A 9 -19.98 -17.11 6.86
C ARG A 9 -18.79 -17.80 7.56
N PRO A 10 -17.62 -17.21 7.49
CA PRO A 10 -16.41 -17.79 8.14
C PRO A 10 -16.68 -18.24 9.57
N SER A 11 -16.22 -19.45 9.89
CA SER A 11 -16.42 -20.01 11.22
C SER A 11 -15.18 -19.77 12.08
N ALA A 12 -14.18 -19.14 11.50
CA ALA A 12 -12.95 -18.86 12.21
C ALA A 12 -12.09 -17.85 11.46
N PRO A 13 -11.32 -17.06 12.16
CA PRO A 13 -10.44 -16.03 11.54
C PRO A 13 -9.28 -16.66 10.77
N LEU A 14 -9.51 -16.95 9.49
CA LEU A 14 -8.48 -17.56 8.66
C LEU A 14 -7.29 -16.63 8.52
N ASP A 15 -6.34 -17.02 7.67
CA ASP A 15 -5.15 -16.20 7.46
C ASP A 15 -5.33 -15.30 6.23
N SER A 16 -6.10 -15.79 5.25
CA SER A 16 -6.32 -15.02 4.03
C SER A 16 -6.82 -13.62 4.36
N GLN A 17 -7.94 -13.55 5.07
CA GLN A 17 -8.50 -12.26 5.46
C GLN A 17 -7.39 -11.35 5.97
N ALA A 18 -6.56 -11.87 6.86
CA ALA A 18 -5.49 -11.05 7.42
C ALA A 18 -4.71 -10.35 6.32
N ALA A 19 -4.17 -11.14 5.38
CA ALA A 19 -3.43 -10.58 4.27
C ALA A 19 -4.33 -9.71 3.39
N ALA A 20 -5.43 -10.28 2.94
CA ALA A 20 -6.36 -9.56 2.09
C ALA A 20 -6.73 -8.21 2.71
N GLN A 21 -7.08 -8.23 3.99
CA GLN A 21 -7.46 -7.02 4.68
C GLN A 21 -6.38 -5.95 4.55
N VAL A 22 -5.14 -6.33 4.87
CA VAL A 22 -4.03 -5.40 4.77
C VAL A 22 -3.81 -4.99 3.31
N ALA A 23 -3.77 -5.97 2.42
CA ALA A 23 -3.55 -5.71 1.01
C ALA A 23 -4.63 -4.75 0.49
N SER A 24 -5.87 -5.00 0.86
CA SER A 24 -6.97 -4.15 0.43
C SER A 24 -6.71 -2.71 0.83
N THR A 25 -6.22 -2.52 2.05
CA THR A 25 -5.91 -1.17 2.53
C THR A 25 -4.86 -0.51 1.63
N LEU A 26 -3.76 -1.22 1.39
CA LEU A 26 -2.71 -0.69 0.52
C LEU A 26 -3.18 -0.59 -0.92
N GLN A 27 -4.20 -1.38 -1.25
CA GLN A 27 -4.73 -1.37 -2.60
C GLN A 27 -5.50 -0.08 -2.87
N ALA A 28 -6.61 0.11 -2.17
CA ALA A 28 -7.41 1.31 -2.34
C ALA A 28 -6.58 2.55 -2.03
N LEU A 29 -5.98 2.57 -0.85
CA LEU A 29 -5.17 3.70 -0.44
C LEU A 29 -4.25 4.14 -1.57
N ALA A 30 -3.89 3.20 -2.43
CA ALA A 30 -3.03 3.50 -3.57
C ALA A 30 -3.65 4.62 -4.41
N THR A 31 -3.83 4.34 -5.70
CA THR A 31 -4.41 5.31 -6.60
C THR A 31 -3.62 6.64 -6.56
N PRO A 32 -2.94 6.97 -7.62
CA PRO A 32 -2.12 8.21 -7.68
C PRO A 32 -2.89 9.45 -7.20
N SER A 33 -4.11 9.61 -7.70
CA SER A 33 -4.91 10.76 -7.32
C SER A 33 -5.21 10.75 -5.82
N ARG A 34 -5.62 9.60 -5.31
CA ARG A 34 -5.95 9.49 -3.90
C ARG A 34 -4.75 9.81 -3.02
N LEU A 35 -3.60 9.26 -3.38
CA LEU A 35 -2.40 9.49 -2.60
C LEU A 35 -2.07 10.97 -2.54
N MET A 36 -1.98 11.60 -3.71
CA MET A 36 -1.67 13.03 -3.76
C MET A 36 -2.59 13.80 -2.83
N ILE A 37 -3.88 13.53 -2.91
CA ILE A 37 -4.85 14.21 -2.05
C ILE A 37 -4.59 13.87 -0.58
N LEU A 38 -4.33 12.60 -0.32
CA LEU A 38 -4.08 12.17 1.04
C LEU A 38 -2.84 12.85 1.61
N THR A 39 -1.79 12.92 0.80
CA THR A 39 -0.55 13.56 1.23
C THR A 39 -0.82 15.00 1.62
N GLN A 40 -1.67 15.67 0.84
CA GLN A 40 -2.00 17.07 1.13
C GLN A 40 -2.59 17.19 2.53
N LEU A 41 -3.50 16.30 2.85
CA LEU A 41 -4.11 16.29 4.18
C LEU A 41 -3.08 15.96 5.25
N ARG A 42 -2.20 15.03 4.94
CA ARG A 42 -1.19 14.60 5.89
C ARG A 42 -0.41 15.80 6.41
N ASN A 43 0.01 16.68 5.51
CA ASN A 43 0.75 17.88 5.89
C ASN A 43 -0.10 18.76 6.81
N GLY A 44 -1.40 18.83 6.50
CA GLY A 44 -2.30 19.63 7.31
C GLY A 44 -3.75 19.45 6.87
N PRO A 45 -4.69 19.70 7.74
CA PRO A 45 -6.14 19.57 7.43
C PRO A 45 -6.64 20.64 6.48
N LEU A 46 -6.80 21.85 6.99
CA LEU A 46 -7.24 22.96 6.18
C LEU A 46 -8.61 22.69 5.56
N PRO A 47 -9.42 23.69 5.44
CA PRO A 47 -10.77 23.55 4.81
C PRO A 47 -10.69 23.24 3.33
N VAL A 48 -11.82 22.84 2.75
CA VAL A 48 -11.87 22.51 1.35
C VAL A 48 -11.44 23.70 0.47
N THR A 49 -11.90 24.88 0.85
CA THR A 49 -11.56 26.09 0.11
C THR A 49 -10.05 26.33 0.12
N ASP A 50 -9.43 26.09 1.27
CA ASP A 50 -7.97 26.27 1.38
C ASP A 50 -7.24 25.26 0.49
N LEU A 51 -7.78 24.04 0.42
CA LEU A 51 -7.17 23.01 -0.41
C LEU A 51 -7.21 23.42 -1.87
N ALA A 52 -8.27 24.12 -2.26
CA ALA A 52 -8.40 24.59 -3.63
C ALA A 52 -7.25 25.53 -3.96
N GLU A 53 -6.99 26.46 -3.05
CA GLU A 53 -5.90 27.42 -3.27
C GLU A 53 -4.58 26.69 -3.47
N ALA A 54 -4.30 25.73 -2.59
CA ALA A 54 -3.07 24.96 -2.70
C ALA A 54 -3.06 24.13 -3.97
N ILE A 55 -4.19 23.47 -4.25
CA ILE A 55 -4.31 22.64 -5.45
C ILE A 55 -5.00 23.42 -6.57
N GLY A 56 -6.32 23.49 -6.50
CA GLY A 56 -7.09 24.20 -7.51
C GLY A 56 -8.53 23.70 -7.57
N MET A 57 -9.46 24.47 -6.99
CA MET A 57 -10.86 24.09 -6.99
C MET A 57 -11.01 22.61 -6.65
N GLU A 58 -11.51 21.86 -7.60
CA GLU A 58 -11.71 20.41 -7.41
C GLU A 58 -12.47 20.16 -6.11
N GLN A 59 -13.05 21.22 -5.55
CA GLN A 59 -13.81 21.10 -4.31
C GLN A 59 -14.84 19.97 -4.42
N SER A 60 -15.31 19.74 -5.63
CA SER A 60 -16.29 18.69 -5.87
C SER A 60 -15.67 17.31 -5.77
N ALA A 61 -14.41 17.20 -6.20
CA ALA A 61 -13.70 15.94 -6.19
C ALA A 61 -13.38 15.49 -4.76
N VAL A 62 -13.02 16.46 -3.92
CA VAL A 62 -12.70 16.15 -2.53
C VAL A 62 -13.95 15.78 -1.76
N SER A 63 -15.01 16.59 -1.91
CA SER A 63 -16.26 16.33 -1.22
C SER A 63 -16.78 14.95 -1.57
N HIS A 64 -16.73 14.61 -2.86
CA HIS A 64 -17.20 13.31 -3.30
C HIS A 64 -16.35 12.18 -2.72
N GLN A 65 -15.04 12.32 -2.88
CA GLN A 65 -14.11 11.31 -2.35
C GLN A 65 -14.23 11.21 -0.83
N LEU A 66 -14.38 12.36 -0.18
CA LEU A 66 -14.51 12.38 1.26
C LEU A 66 -15.73 11.60 1.69
N ARG A 67 -16.84 11.79 1.00
CA ARG A 67 -18.07 11.08 1.33
C ARG A 67 -17.87 9.57 1.22
N VAL A 68 -17.17 9.15 0.16
CA VAL A 68 -16.93 7.72 -0.05
C VAL A 68 -16.17 7.14 1.13
N LEU A 69 -15.02 7.73 1.45
CA LEU A 69 -14.22 7.28 2.57
C LEU A 69 -14.97 7.46 3.88
N ARG A 70 -15.70 8.55 3.98
CA ARG A 70 -16.46 8.85 5.19
C ARG A 70 -17.33 7.66 5.56
N ASN A 71 -17.95 7.06 4.55
CA ASN A 71 -18.82 5.90 4.81
C ASN A 71 -18.04 4.81 5.53
N LEU A 72 -16.83 4.53 5.05
CA LEU A 72 -16.00 3.49 5.68
C LEU A 72 -15.55 3.95 7.06
N GLY A 73 -15.24 5.24 7.18
CA GLY A 73 -14.80 5.79 8.46
C GLY A 73 -13.27 5.86 8.53
N LEU A 74 -12.66 6.35 7.46
CA LEU A 74 -11.20 6.45 7.41
C LEU A 74 -10.76 7.91 7.58
N VAL A 75 -11.72 8.82 7.56
CA VAL A 75 -11.42 10.24 7.70
C VAL A 75 -12.40 10.89 8.66
N VAL A 76 -12.02 12.05 9.20
CA VAL A 76 -12.88 12.77 10.13
C VAL A 76 -12.57 14.26 10.11
N GLY A 77 -13.37 15.03 10.84
CA GLY A 77 -13.16 16.47 10.91
C GLY A 77 -13.49 16.99 12.30
N ASP A 78 -12.91 18.14 12.65
CA ASP A 78 -13.14 18.75 13.97
C ASP A 78 -13.68 20.16 13.83
N ARG A 79 -14.68 20.50 14.63
CA ARG A 79 -15.26 21.83 14.58
C ARG A 79 -14.53 22.78 15.52
N ALA A 80 -14.24 23.98 15.05
CA ALA A 80 -13.55 24.98 15.85
C ALA A 80 -13.93 26.39 15.43
N GLY A 81 -14.24 27.25 16.40
CA GLY A 81 -14.62 28.62 16.10
C GLY A 81 -15.66 28.67 14.99
N ARG A 82 -15.25 29.20 13.83
CA ARG A 82 -16.16 29.31 12.69
C ARG A 82 -15.61 28.53 11.50
N SER A 83 -14.87 27.47 11.79
CA SER A 83 -14.30 26.64 10.73
C SER A 83 -14.04 25.23 11.24
N ILE A 84 -13.63 24.35 10.34
CA ILE A 84 -13.35 22.97 10.71
C ILE A 84 -12.07 22.49 10.05
N VAL A 85 -11.50 21.40 10.57
CA VAL A 85 -10.26 20.84 10.02
C VAL A 85 -10.47 19.38 9.62
N TYR A 86 -10.11 19.05 8.38
CA TYR A 86 -10.26 17.69 7.90
C TYR A 86 -9.01 16.88 8.19
N SER A 87 -9.16 15.81 8.98
CA SER A 87 -8.02 14.98 9.35
C SER A 87 -8.37 13.50 9.17
N LEU A 88 -7.35 12.69 8.92
CA LEU A 88 -7.55 11.26 8.73
C LEU A 88 -7.84 10.59 10.06
N TYR A 89 -8.80 9.67 10.04
CA TYR A 89 -9.19 8.96 11.26
C TYR A 89 -8.02 8.17 11.80
N ASP A 90 -7.38 7.37 10.94
CA ASP A 90 -6.25 6.55 11.34
C ASP A 90 -4.94 7.32 11.17
N THR A 91 -4.12 7.31 12.22
CA THR A 91 -2.83 7.99 12.17
C THR A 91 -1.72 7.02 11.74
N HIS A 92 -1.92 5.75 12.06
CA HIS A 92 -0.94 4.73 11.70
C HIS A 92 -0.68 4.76 10.20
N VAL A 93 -1.74 4.83 9.41
CA VAL A 93 -1.61 4.85 7.97
C VAL A 93 -0.66 5.98 7.54
N ALA A 94 -0.82 7.14 8.17
CA ALA A 94 0.05 8.27 7.86
C ALA A 94 1.50 7.90 8.09
N GLN A 95 1.74 7.11 9.13
CA GLN A 95 3.10 6.68 9.45
C GLN A 95 3.65 5.80 8.32
N LEU A 96 2.79 4.96 7.76
CA LEU A 96 3.20 4.07 6.66
C LEU A 96 3.66 4.91 5.46
N LEU A 97 2.89 5.94 5.15
CA LEU A 97 3.25 6.83 4.04
C LEU A 97 4.51 7.61 4.36
N ASP A 98 4.66 8.00 5.61
CA ASP A 98 5.83 8.77 6.02
C ASP A 98 7.10 8.00 5.71
N GLU A 99 7.12 6.71 6.07
CA GLU A 99 8.28 5.87 5.81
C GLU A 99 8.42 5.60 4.32
N ALA A 100 7.34 5.13 3.71
CA ALA A 100 7.35 4.84 2.28
C ALA A 100 7.83 6.05 1.48
N ILE A 101 7.28 7.21 1.80
CA ILE A 101 7.65 8.43 1.11
C ILE A 101 9.12 8.73 1.32
N TYR A 102 9.58 8.60 2.57
CA TYR A 102 10.98 8.87 2.88
C TYR A 102 11.89 7.92 2.10
N HIS A 103 11.54 6.64 2.10
CA HIS A 103 12.34 5.65 1.39
C HIS A 103 12.46 6.02 -0.09
N SER A 104 11.37 6.50 -0.66
CA SER A 104 11.36 6.90 -2.07
C SER A 104 12.08 8.23 -2.27
N GLU A 105 11.85 9.16 -1.35
CA GLU A 105 12.46 10.48 -1.44
C GLU A 105 13.98 10.37 -1.50
N HIS A 106 14.52 9.37 -0.82
CA HIS A 106 15.96 9.16 -0.82
C HIS A 106 16.39 8.42 -2.07
N LEU A 107 15.43 8.07 -2.92
CA LEU A 107 15.73 7.37 -4.15
C LEU A 107 14.79 7.82 -5.26
N HIS A 108 15.31 8.65 -6.17
CA HIS A 108 14.50 9.14 -7.28
C HIS A 108 15.39 9.63 -8.41
N LEU A 109 16.69 9.43 -8.26
CA LEU A 109 17.64 9.86 -9.28
C LEU A 109 17.40 9.11 -10.59
N GLY A 110 17.15 7.82 -10.48
CA GLY A 110 16.90 7.00 -11.67
C GLY A 110 15.51 7.25 -12.22
N LEU A 111 14.49 7.00 -11.39
CA LEU A 111 13.11 7.21 -11.81
C LEU A 111 12.92 6.78 -13.27
N SER A 112 12.87 5.47 -13.49
CA SER A 112 12.70 4.95 -14.85
C SER A 112 11.29 4.40 -15.04
N ASP A 113 10.60 4.92 -16.04
CA ASP A 113 9.22 4.48 -16.32
C ASP A 113 9.22 3.37 -17.37
N ARG A 114 8.81 2.18 -16.96
CA ARG A 114 8.76 1.05 -17.88
C ARG A 114 7.48 1.08 -18.70
N HIS A 115 7.55 1.70 -19.87
CA HIS A 115 6.39 1.80 -20.74
C HIS A 115 6.83 2.10 -22.18
N PRO A 116 7.67 1.26 -22.73
CA PRO A 116 8.17 1.43 -24.12
C PRO A 116 7.08 1.19 -25.16
N SER A 117 7.25 1.79 -26.34
CA SER A 117 6.28 1.63 -27.42
C SER A 117 6.93 1.91 -28.76
N ALA A 118 6.27 1.46 -29.83
CA ALA A 118 6.79 1.67 -31.18
C ALA A 118 8.19 1.07 -31.31
N GLY A 119 8.34 -0.17 -30.83
CA GLY A 119 9.63 -0.84 -30.90
C GLY A 119 9.51 -2.28 -30.41
N GLY B 1 -6.78 2.52 -23.21
CA GLY B 1 -5.38 2.95 -22.92
C GLY B 1 -5.31 4.46 -22.86
N HIS B 2 -5.54 5.02 -21.67
CA HIS B 2 -5.50 6.47 -21.49
C HIS B 2 -4.05 6.94 -21.38
N GLY B 3 -3.75 8.07 -22.02
CA GLY B 3 -2.41 8.62 -21.97
C GLY B 3 -2.19 9.61 -23.10
N VAL B 4 -1.39 9.22 -24.10
CA VAL B 4 -1.10 10.09 -25.23
C VAL B 4 -0.20 11.26 -24.81
N GLU B 5 -0.21 11.55 -23.52
CA GLU B 5 0.55 12.67 -23.00
C GLU B 5 2.02 12.29 -22.92
N GLY B 6 2.89 13.29 -22.93
CA GLY B 6 4.33 13.05 -22.85
C GLY B 6 4.91 12.78 -24.23
N ARG B 7 4.66 13.69 -25.16
CA ARG B 7 5.16 13.54 -26.52
C ARG B 7 6.69 13.53 -26.53
N ASN B 8 7.28 14.41 -25.73
CA ASN B 8 8.74 14.49 -25.66
C ASN B 8 9.23 14.10 -24.27
N ARG B 9 8.51 13.19 -23.63
CA ARG B 9 8.87 12.74 -22.30
C ARG B 9 8.89 13.92 -21.32
N PRO B 10 8.57 13.68 -20.08
CA PRO B 10 8.56 14.73 -19.04
C PRO B 10 9.83 15.58 -19.06
N SER B 11 9.65 16.90 -18.99
CA SER B 11 10.79 17.82 -19.01
C SER B 11 11.18 18.22 -17.58
N ALA B 12 10.45 17.67 -16.61
CA ALA B 12 10.73 17.99 -15.22
C ALA B 12 10.00 17.02 -14.29
N PRO B 13 10.58 16.74 -13.15
CA PRO B 13 9.97 15.80 -12.15
C PRO B 13 8.70 16.39 -11.53
N LEU B 14 7.57 16.20 -12.20
CA LEU B 14 6.31 16.71 -11.70
C LEU B 14 6.00 16.12 -10.33
N ASP B 15 4.81 16.40 -9.82
CA ASP B 15 4.40 15.89 -8.51
C ASP B 15 3.58 14.61 -8.66
N SER B 16 2.86 14.51 -9.78
CA SER B 16 2.01 13.34 -10.02
C SER B 16 2.83 12.06 -9.89
N GLN B 17 3.89 11.95 -10.69
CA GLN B 17 4.75 10.78 -10.64
C GLN B 17 5.06 10.43 -9.19
N ALA B 18 5.45 11.41 -8.40
CA ALA B 18 5.81 11.16 -7.01
C ALA B 18 4.72 10.33 -6.33
N ALA B 19 3.48 10.85 -6.37
CA ALA B 19 2.38 10.12 -5.75
C ALA B 19 2.12 8.81 -6.48
N ALA B 20 1.96 8.89 -7.79
CA ALA B 20 1.69 7.69 -8.58
C ALA B 20 2.72 6.61 -8.30
N GLN B 21 3.98 6.99 -8.26
CA GLN B 21 5.06 6.04 -8.01
C GLN B 21 4.81 5.31 -6.70
N VAL B 22 4.60 6.09 -5.63
CA VAL B 22 4.35 5.49 -4.33
C VAL B 22 3.07 4.67 -4.34
N ALA B 23 2.01 5.25 -4.90
CA ALA B 23 0.72 4.57 -4.97
C ALA B 23 0.87 3.25 -5.72
N SER B 24 1.56 3.29 -6.85
CA SER B 24 1.76 2.08 -7.65
C SER B 24 2.41 1.00 -6.80
N THR B 25 3.38 1.38 -5.98
CA THR B 25 4.06 0.42 -5.12
C THR B 25 3.06 -0.23 -4.16
N LEU B 26 2.25 0.60 -3.50
CA LEU B 26 1.24 0.07 -2.58
C LEU B 26 0.15 -0.65 -3.34
N GLN B 27 0.00 -0.32 -4.61
CA GLN B 27 -1.03 -0.94 -5.44
C GLN B 27 -0.66 -2.39 -5.74
N ALA B 28 0.42 -2.59 -6.50
CA ALA B 28 0.87 -3.93 -6.84
C ALA B 28 1.17 -4.73 -5.58
N LEU B 29 2.02 -4.17 -4.72
CA LEU B 29 2.39 -4.84 -3.48
C LEU B 29 1.16 -5.40 -2.80
N ALA B 30 0.02 -4.74 -3.01
CA ALA B 30 -1.22 -5.19 -2.40
C ALA B 30 -1.51 -6.65 -2.78
N THR B 31 -2.69 -6.89 -3.34
CA THR B 31 -3.05 -8.23 -3.75
C THR B 31 -2.95 -9.20 -2.57
N PRO B 32 -4.06 -9.73 -2.10
CA PRO B 32 -4.08 -10.67 -0.95
C PRO B 32 -3.05 -11.79 -1.09
N SER B 33 -3.04 -12.43 -2.24
CA SER B 33 -2.12 -13.54 -2.47
C SER B 33 -0.67 -13.08 -2.37
N ARG B 34 -0.36 -11.96 -3.02
CA ARG B 34 1.00 -11.44 -3.02
C ARG B 34 1.44 -11.11 -1.60
N LEU B 35 0.57 -10.45 -0.85
CA LEU B 35 0.91 -10.06 0.51
C LEU B 35 1.22 -11.30 1.36
N MET B 36 0.31 -12.26 1.36
CA MET B 36 0.51 -13.47 2.15
C MET B 36 1.89 -14.07 1.83
N ILE B 37 2.20 -14.19 0.56
CA ILE B 37 3.49 -14.73 0.14
C ILE B 37 4.63 -13.83 0.63
N LEU B 38 4.44 -12.52 0.49
CA LEU B 38 5.45 -11.58 0.90
C LEU B 38 5.70 -11.68 2.41
N THR B 39 4.63 -11.78 3.16
CA THR B 39 4.74 -11.89 4.61
C THR B 39 5.56 -13.12 4.98
N GLN B 40 5.32 -14.23 4.27
CA GLN B 40 6.06 -15.45 4.55
C GLN B 40 7.57 -15.21 4.41
N LEU B 41 7.95 -14.53 3.34
CA LEU B 41 9.36 -14.20 3.15
C LEU B 41 9.87 -13.24 4.21
N ARG B 42 9.03 -12.30 4.60
CA ARG B 42 9.41 -11.31 5.60
C ARG B 42 9.89 -12.01 6.87
N ASN B 43 9.17 -13.02 7.30
CA ASN B 43 9.54 -13.77 8.50
C ASN B 43 10.88 -14.46 8.29
N GLY B 44 11.09 -14.99 7.09
CA GLY B 44 12.34 -15.67 6.78
C GLY B 44 12.41 -16.03 5.30
N PRO B 45 13.60 -16.17 4.76
CA PRO B 45 13.81 -16.53 3.34
C PRO B 45 13.40 -17.98 3.03
N LEU B 46 14.25 -18.91 3.44
CA LEU B 46 13.97 -20.32 3.24
C LEU B 46 13.82 -20.64 1.76
N PRO B 47 14.27 -21.80 1.34
CA PRO B 47 14.18 -22.24 -0.07
C PRO B 47 12.73 -22.45 -0.51
N VAL B 48 12.53 -22.58 -1.81
CA VAL B 48 11.20 -22.80 -2.36
C VAL B 48 10.56 -24.06 -1.76
N THR B 49 11.36 -25.11 -1.66
CA THR B 49 10.88 -26.37 -1.10
C THR B 49 10.39 -26.18 0.34
N ASP B 50 11.13 -25.40 1.11
CA ASP B 50 10.76 -25.15 2.50
C ASP B 50 9.43 -24.38 2.55
N LEU B 51 9.26 -23.46 1.63
CA LEU B 51 8.02 -22.67 1.58
C LEU B 51 6.83 -23.58 1.32
N ALA B 52 7.05 -24.61 0.50
CA ALA B 52 5.98 -25.56 0.21
C ALA B 52 5.51 -26.23 1.49
N GLU B 53 6.47 -26.68 2.30
CA GLU B 53 6.13 -27.33 3.57
C GLU B 53 5.28 -26.41 4.43
N ALA B 54 5.73 -25.16 4.58
CA ALA B 54 5.00 -24.19 5.38
C ALA B 54 3.64 -23.89 4.76
N ILE B 55 3.63 -23.68 3.45
CA ILE B 55 2.39 -23.38 2.72
C ILE B 55 1.83 -24.64 2.09
N GLY B 56 2.39 -25.03 0.95
CA GLY B 56 1.93 -26.22 0.24
C GLY B 56 2.30 -26.15 -1.23
N MET B 57 3.32 -26.89 -1.62
CA MET B 57 3.77 -26.91 -3.01
C MET B 57 3.74 -25.51 -3.60
N GLU B 58 2.86 -25.31 -4.56
CA GLU B 58 2.73 -24.00 -5.21
C GLU B 58 4.10 -23.50 -5.66
N GLN B 59 5.08 -24.39 -5.63
CA GLN B 59 6.44 -24.02 -6.05
C GLN B 59 6.41 -23.31 -7.39
N SER B 60 5.42 -23.65 -8.21
CA SER B 60 5.29 -23.04 -9.53
C SER B 60 4.80 -21.60 -9.43
N ALA B 61 3.96 -21.34 -8.43
CA ALA B 61 3.40 -20.00 -8.24
C ALA B 61 4.46 -19.02 -7.77
N VAL B 62 5.34 -19.50 -6.90
CA VAL B 62 6.41 -18.66 -6.37
C VAL B 62 7.45 -18.38 -7.45
N SER B 63 7.87 -19.44 -8.14
CA SER B 63 8.87 -19.29 -9.19
C SER B 63 8.38 -18.30 -10.24
N HIS B 64 7.11 -18.43 -10.63
CA HIS B 64 6.54 -17.54 -11.63
C HIS B 64 6.47 -16.10 -11.11
N GLN B 65 5.89 -15.94 -9.93
CA GLN B 65 5.77 -14.62 -9.32
C GLN B 65 7.15 -14.02 -9.08
N LEU B 66 8.08 -14.84 -8.62
CA LEU B 66 9.42 -14.37 -8.34
C LEU B 66 10.06 -13.82 -9.60
N ARG B 67 9.90 -14.54 -10.70
CA ARG B 67 10.46 -14.11 -11.98
C ARG B 67 9.90 -12.74 -12.37
N VAL B 68 8.59 -12.57 -12.18
CA VAL B 68 7.95 -11.30 -12.55
C VAL B 68 8.59 -10.15 -11.76
N LEU B 69 8.61 -10.28 -10.44
CA LEU B 69 9.21 -9.25 -9.60
C LEU B 69 10.71 -9.15 -9.87
N ARG B 70 11.33 -10.29 -10.10
CA ARG B 70 12.76 -10.33 -10.36
C ARG B 70 13.12 -9.35 -11.47
N ASN B 71 12.27 -9.27 -12.49
CA ASN B 71 12.51 -8.36 -13.60
C ASN B 71 12.58 -6.92 -13.10
N LEU B 72 11.69 -6.58 -12.17
CA LEU B 72 11.67 -5.23 -11.61
C LEU B 72 12.87 -5.00 -10.72
N GLY B 73 13.26 -6.03 -9.97
CA GLY B 73 14.39 -5.93 -9.06
C GLY B 73 13.93 -5.58 -7.65
N LEU B 74 12.85 -6.24 -7.21
CA LEU B 74 12.30 -5.99 -5.88
C LEU B 74 12.66 -7.12 -4.94
N VAL B 75 13.20 -8.20 -5.49
CA VAL B 75 13.58 -9.37 -4.69
C VAL B 75 14.95 -9.88 -5.10
N VAL B 76 15.59 -10.63 -4.21
CA VAL B 76 16.92 -11.18 -4.49
C VAL B 76 17.16 -12.43 -3.67
N GLY B 77 18.31 -13.06 -3.90
CA GLY B 77 18.67 -14.27 -3.17
C GLY B 77 20.17 -14.33 -2.93
N ASP B 78 20.58 -15.10 -1.92
CA ASP B 78 22.00 -15.24 -1.59
C ASP B 78 22.41 -16.69 -1.61
N ARG B 79 23.59 -16.97 -2.18
CA ARG B 79 24.10 -18.33 -2.25
C ARG B 79 24.93 -18.67 -1.02
N ALA B 80 24.67 -19.83 -0.43
CA ALA B 80 25.42 -20.27 0.74
C ALA B 80 25.54 -21.78 0.78
N GLY B 81 26.74 -22.28 1.06
CA GLY B 81 26.97 -23.72 1.11
C GLY B 81 26.34 -24.41 -0.08
N ARG B 82 25.31 -25.23 0.19
CA ARG B 82 24.62 -25.95 -0.88
C ARG B 82 23.16 -25.54 -0.94
N SER B 83 22.88 -24.27 -0.61
CA SER B 83 21.51 -23.77 -0.64
C SER B 83 21.52 -22.25 -0.79
N ILE B 84 20.34 -21.69 -0.96
CA ILE B 84 20.21 -20.24 -1.11
C ILE B 84 19.03 -19.72 -0.29
N VAL B 85 19.03 -18.42 -0.01
CA VAL B 85 17.95 -17.80 0.75
C VAL B 85 17.29 -16.69 -0.06
N TYR B 86 15.95 -16.74 -0.15
CA TYR B 86 15.21 -15.74 -0.91
C TYR B 86 14.82 -14.59 0.00
N SER B 87 15.32 -13.39 -0.31
CA SER B 87 15.03 -12.21 0.50
C SER B 87 14.64 -11.04 -0.38
N LEU B 88 13.84 -10.14 0.16
CA LEU B 88 13.39 -8.97 -0.58
C LEU B 88 14.52 -7.97 -0.74
N TYR B 89 14.64 -7.42 -1.94
CA TYR B 89 15.68 -6.44 -2.22
C TYR B 89 15.52 -5.21 -1.33
N ASP B 90 14.30 -4.70 -1.27
CA ASP B 90 14.02 -3.52 -0.45
C ASP B 90 13.61 -3.93 0.96
N THR B 91 14.26 -3.32 1.96
CA THR B 91 13.93 -3.62 3.35
C THR B 91 12.91 -2.62 3.90
N HIS B 92 12.97 -1.39 3.37
CA HIS B 92 12.04 -0.36 3.81
C HIS B 92 10.61 -0.85 3.67
N VAL B 93 10.30 -1.46 2.52
CA VAL B 93 8.95 -1.97 2.29
C VAL B 93 8.52 -2.87 3.43
N ALA B 94 9.42 -3.73 3.89
CA ALA B 94 9.13 -4.63 4.99
C ALA B 94 8.72 -3.82 6.22
N GLN B 95 9.39 -2.68 6.42
CA GLN B 95 9.08 -1.82 7.56
C GLN B 95 7.65 -1.30 7.45
N LEU B 96 7.24 -0.97 6.22
CA LEU B 96 5.87 -0.47 6.00
C LEU B 96 4.85 -1.53 6.40
N LEU B 97 5.10 -2.77 5.99
CA LEU B 97 4.21 -3.87 6.34
C LEU B 97 4.23 -4.12 7.84
N ASP B 98 5.40 -4.00 8.44
CA ASP B 98 5.55 -4.25 9.87
C ASP B 98 4.61 -3.34 10.66
N GLU B 99 4.61 -2.05 10.31
CA GLU B 99 3.74 -1.10 10.99
C GLU B 99 2.28 -1.35 10.62
N ALA B 100 2.00 -1.43 9.33
CA ALA B 100 0.64 -1.67 8.86
C ALA B 100 0.07 -2.92 9.53
N ILE B 101 0.84 -3.99 9.52
CA ILE B 101 0.39 -5.24 10.11
C ILE B 101 0.13 -5.07 11.60
N TYR B 102 1.06 -4.40 12.28
CA TYR B 102 0.90 -4.17 13.71
C TYR B 102 -0.37 -3.39 14.00
N HIS B 103 -0.57 -2.31 13.24
CA HIS B 103 -1.75 -1.48 13.43
C HIS B 103 -3.02 -2.30 13.28
N SER B 104 -3.01 -3.23 12.32
CA SER B 104 -4.17 -4.08 12.10
C SER B 104 -4.27 -5.17 13.16
N GLU B 105 -3.13 -5.74 13.52
CA GLU B 105 -3.08 -6.81 14.51
C GLU B 105 -3.71 -6.35 15.81
N HIS B 106 -3.53 -5.07 16.13
CA HIS B 106 -4.10 -4.51 17.35
C HIS B 106 -5.57 -4.19 17.17
N LEU B 107 -6.08 -4.41 15.95
CA LEU B 107 -7.46 -4.14 15.65
C LEU B 107 -8.03 -5.16 14.68
N HIS B 108 -8.84 -6.08 15.20
CA HIS B 108 -9.43 -7.12 14.35
C HIS B 108 -10.65 -7.72 15.04
N LEU B 109 -11.01 -7.17 16.20
CA LEU B 109 -12.15 -7.68 16.95
C LEU B 109 -13.43 -7.53 16.15
N GLY B 110 -13.57 -6.39 15.48
CA GLY B 110 -14.76 -6.13 14.68
C GLY B 110 -14.72 -6.93 13.38
N LEU B 111 -13.67 -6.73 12.60
CA LEU B 111 -13.51 -7.44 11.33
C LEU B 111 -14.85 -7.58 10.63
N SER B 112 -15.36 -6.47 10.10
CA SER B 112 -16.65 -6.48 9.42
C SER B 112 -16.45 -6.42 7.91
N ASP B 113 -16.97 -7.43 7.21
CA ASP B 113 -16.83 -7.48 5.75
C ASP B 113 -18.06 -6.88 5.09
N ARG B 114 -17.84 -5.79 4.33
CA ARG B 114 -18.95 -5.12 3.65
C ARG B 114 -19.21 -5.78 2.30
N HIS B 115 -20.14 -6.73 2.29
CA HIS B 115 -20.48 -7.43 1.05
C HIS B 115 -21.85 -8.09 1.17
N PRO B 116 -22.87 -7.32 1.47
CA PRO B 116 -24.25 -7.84 1.62
C PRO B 116 -24.86 -8.27 0.29
N SER B 117 -25.82 -9.18 0.35
CA SER B 117 -26.49 -9.67 -0.86
C SER B 117 -27.87 -10.21 -0.52
N ALA B 118 -28.69 -10.39 -1.56
CA ALA B 118 -30.05 -10.90 -1.36
C ALA B 118 -30.81 -10.05 -0.35
N GLY B 119 -30.65 -8.74 -0.47
CA GLY B 119 -31.34 -7.82 0.44
C GLY B 119 -31.22 -6.38 -0.06
N GLY A 1 -13.71 -38.45 -1.61
CA GLY A 1 -12.38 -38.97 -2.02
C GLY A 1 -11.41 -38.88 -0.85
N HIS A 2 -10.26 -39.53 -0.96
CA HIS A 2 -9.27 -39.50 0.09
C HIS A 2 -7.88 -39.76 -0.48
N GLY A 3 -6.86 -39.17 0.14
CA GLY A 3 -5.48 -39.35 -0.31
C GLY A 3 -4.71 -38.04 -0.22
N VAL A 4 -5.38 -36.93 -0.51
CA VAL A 4 -4.74 -35.61 -0.45
C VAL A 4 -5.56 -34.66 0.40
N GLU A 5 -4.88 -33.97 1.31
CA GLU A 5 -5.57 -33.02 2.19
C GLU A 5 -6.84 -33.64 2.76
N GLY A 6 -7.70 -32.79 3.34
CA GLY A 6 -8.94 -33.27 3.92
C GLY A 6 -8.72 -33.88 5.30
N ARG A 7 -7.61 -33.49 5.93
CA ARG A 7 -7.29 -34.01 7.26
C ARG A 7 -8.16 -33.35 8.32
N ASN A 8 -9.20 -34.07 8.73
CA ASN A 8 -10.11 -33.57 9.75
C ASN A 8 -10.65 -32.21 9.34
N ARG A 9 -10.71 -31.97 8.03
CA ARG A 9 -11.22 -30.71 7.51
C ARG A 9 -10.44 -29.52 8.10
N PRO A 10 -10.35 -28.45 7.35
CA PRO A 10 -9.64 -27.22 7.81
C PRO A 10 -10.34 -26.54 8.98
N SER A 11 -9.56 -25.97 9.89
CA SER A 11 -10.12 -25.29 11.06
C SER A 11 -9.06 -24.43 11.73
N ALA A 12 -8.18 -23.86 10.93
CA ALA A 12 -7.12 -23.00 11.46
C ALA A 12 -6.52 -22.13 10.36
N PRO A 13 -7.26 -21.16 9.89
CA PRO A 13 -6.81 -20.23 8.83
C PRO A 13 -5.47 -19.58 9.17
N LEU A 14 -4.56 -19.58 8.22
CA LEU A 14 -3.24 -18.99 8.42
C LEU A 14 -3.29 -17.49 8.14
N ASP A 15 -2.17 -16.81 8.41
CA ASP A 15 -2.09 -15.37 8.19
C ASP A 15 -2.71 -14.99 6.85
N SER A 16 -2.89 -15.99 5.99
CA SER A 16 -3.48 -15.76 4.66
C SER A 16 -4.59 -14.71 4.75
N GLN A 17 -5.36 -14.77 5.82
CA GLN A 17 -6.45 -13.82 6.02
C GLN A 17 -5.89 -12.41 6.21
N ALA A 18 -4.84 -12.30 7.02
CA ALA A 18 -4.21 -11.02 7.27
C ALA A 18 -3.61 -10.46 5.99
N ALA A 19 -3.22 -11.36 5.08
CA ALA A 19 -2.64 -10.93 3.81
C ALA A 19 -3.70 -10.23 2.96
N ALA A 20 -4.84 -10.89 2.78
CA ALA A 20 -5.92 -10.30 1.99
C ALA A 20 -6.38 -8.98 2.60
N GLN A 21 -6.59 -8.98 3.91
CA GLN A 21 -7.03 -7.77 4.60
C GLN A 21 -6.08 -6.60 4.29
N VAL A 22 -4.79 -6.84 4.48
CA VAL A 22 -3.79 -5.81 4.21
C VAL A 22 -3.82 -5.41 2.74
N ALA A 23 -3.88 -6.42 1.86
CA ALA A 23 -3.90 -6.16 0.43
C ALA A 23 -5.03 -5.20 0.09
N SER A 24 -6.19 -5.42 0.69
CA SER A 24 -7.34 -4.55 0.44
C SER A 24 -7.01 -3.13 0.85
N THR A 25 -6.38 -2.98 2.01
CA THR A 25 -6.00 -1.65 2.49
C THR A 25 -4.99 -1.00 1.54
N LEU A 26 -3.97 -1.78 1.17
CA LEU A 26 -2.93 -1.29 0.26
C LEU A 26 -3.51 -1.04 -1.13
N GLN A 27 -4.64 -1.68 -1.41
CA GLN A 27 -5.29 -1.51 -2.70
C GLN A 27 -6.02 -0.17 -2.77
N ALA A 28 -6.92 0.06 -1.82
CA ALA A 28 -7.68 1.30 -1.79
C ALA A 28 -6.75 2.50 -1.70
N LEU A 29 -5.86 2.50 -0.71
CA LEU A 29 -4.93 3.60 -0.54
C LEU A 29 -4.27 3.95 -1.85
N ALA A 30 -3.88 2.93 -2.60
CA ALA A 30 -3.24 3.14 -3.89
C ALA A 30 -4.05 4.12 -4.72
N THR A 31 -3.63 4.33 -5.95
CA THR A 31 -4.31 5.24 -6.85
C THR A 31 -3.75 6.66 -6.69
N PRO A 32 -3.18 7.24 -7.72
CA PRO A 32 -2.58 8.61 -7.63
C PRO A 32 -3.50 9.62 -6.96
N SER A 33 -4.75 9.63 -7.35
CA SER A 33 -5.71 10.57 -6.78
C SER A 33 -5.82 10.39 -5.28
N ARG A 34 -5.89 9.13 -4.83
CA ARG A 34 -6.01 8.86 -3.41
C ARG A 34 -4.80 9.37 -2.66
N LEU A 35 -3.61 9.09 -3.18
CA LEU A 35 -2.39 9.52 -2.51
C LEU A 35 -2.31 11.04 -2.46
N MET A 36 -2.58 11.69 -3.58
CA MET A 36 -2.53 13.14 -3.62
C MET A 36 -3.49 13.74 -2.60
N ILE A 37 -4.73 13.27 -2.61
CA ILE A 37 -5.74 13.76 -1.66
C ILE A 37 -5.35 13.44 -0.23
N LEU A 38 -4.90 12.21 -0.01
CA LEU A 38 -4.50 11.79 1.32
C LEU A 38 -3.32 12.62 1.82
N THR A 39 -2.37 12.86 0.94
CA THR A 39 -1.21 13.66 1.30
C THR A 39 -1.64 15.05 1.73
N GLN A 40 -2.61 15.62 1.00
CA GLN A 40 -3.09 16.95 1.34
C GLN A 40 -3.61 16.97 2.77
N LEU A 41 -4.45 16.02 3.11
CA LEU A 41 -5.00 15.96 4.46
C LEU A 41 -3.89 15.71 5.48
N ARG A 42 -2.98 14.82 5.14
CA ARG A 42 -1.87 14.49 6.04
C ARG A 42 -0.87 15.65 6.09
N ASN A 43 -0.90 16.50 5.06
CA ASN A 43 0.02 17.64 5.01
C ASN A 43 -0.23 18.58 6.18
N GLY A 44 -1.50 18.80 6.49
CA GLY A 44 -1.85 19.69 7.59
C GLY A 44 -3.28 20.19 7.45
N PRO A 45 -3.64 21.19 8.21
CA PRO A 45 -5.01 21.79 8.18
C PRO A 45 -5.25 22.62 6.93
N LEU A 46 -6.17 22.18 6.09
CA LEU A 46 -6.49 22.89 4.86
C LEU A 46 -7.89 22.52 4.38
N PRO A 47 -8.90 23.16 4.88
CA PRO A 47 -10.31 22.89 4.49
C PRO A 47 -10.50 22.91 2.96
N VAL A 48 -11.76 22.94 2.53
CA VAL A 48 -12.04 22.95 1.11
C VAL A 48 -11.41 24.16 0.41
N THR A 49 -11.65 25.34 0.95
CA THR A 49 -11.10 26.56 0.40
C THR A 49 -9.58 26.47 0.32
N ASP A 50 -8.97 25.99 1.41
CA ASP A 50 -7.53 25.84 1.45
C ASP A 50 -7.08 24.81 0.43
N LEU A 51 -7.91 23.80 0.22
CA LEU A 51 -7.59 22.76 -0.73
C LEU A 51 -7.46 23.36 -2.14
N ALA A 52 -8.39 24.22 -2.48
CA ALA A 52 -8.37 24.87 -3.78
C ALA A 52 -7.09 25.67 -3.94
N GLU A 53 -6.73 26.41 -2.89
CA GLU A 53 -5.51 27.21 -2.93
C GLU A 53 -4.28 26.30 -3.01
N ALA A 54 -4.39 25.11 -2.44
CA ALA A 54 -3.28 24.17 -2.46
C ALA A 54 -3.05 23.61 -3.86
N ILE A 55 -4.11 23.07 -4.45
CA ILE A 55 -4.03 22.51 -5.80
C ILE A 55 -4.44 23.54 -6.83
N GLY A 56 -5.73 23.89 -6.83
CA GLY A 56 -6.25 24.87 -7.78
C GLY A 56 -7.54 24.40 -8.42
N MET A 57 -8.68 24.85 -7.88
CA MET A 57 -9.98 24.47 -8.43
C MET A 57 -10.16 22.96 -8.38
N GLU A 58 -10.87 22.50 -7.34
CA GLU A 58 -11.13 21.07 -7.18
C GLU A 58 -11.96 20.82 -5.93
N GLN A 59 -12.62 21.87 -5.46
CA GLN A 59 -13.43 21.74 -4.25
C GLN A 59 -14.44 20.61 -4.39
N SER A 60 -14.81 20.31 -5.63
CA SER A 60 -15.76 19.24 -5.89
C SER A 60 -15.12 17.87 -5.72
N ALA A 61 -13.82 17.79 -6.02
CA ALA A 61 -13.09 16.54 -5.92
C ALA A 61 -12.81 16.17 -4.47
N VAL A 62 -12.49 17.16 -3.65
CA VAL A 62 -12.20 16.92 -2.25
C VAL A 62 -13.50 16.62 -1.50
N SER A 63 -14.50 17.48 -1.66
CA SER A 63 -15.76 17.29 -0.98
C SER A 63 -16.37 15.94 -1.35
N HIS A 64 -16.32 15.61 -2.64
CA HIS A 64 -16.86 14.35 -3.11
C HIS A 64 -16.04 13.18 -2.58
N GLN A 65 -14.71 13.30 -2.66
CA GLN A 65 -13.83 12.24 -2.20
C GLN A 65 -13.97 12.02 -0.71
N LEU A 66 -13.93 13.10 0.05
CA LEU A 66 -14.03 13.01 1.50
C LEU A 66 -15.37 12.44 1.89
N ARG A 67 -16.43 12.90 1.26
CA ARG A 67 -17.76 12.41 1.58
C ARG A 67 -17.84 10.90 1.33
N VAL A 68 -17.30 10.46 0.20
CA VAL A 68 -17.33 9.05 -0.12
C VAL A 68 -16.62 8.24 0.97
N LEU A 69 -15.40 8.64 1.29
CA LEU A 69 -14.63 7.95 2.32
C LEU A 69 -15.27 8.15 3.68
N ARG A 70 -15.96 9.26 3.84
CA ARG A 70 -16.61 9.59 5.11
C ARG A 70 -17.66 8.55 5.44
N ASN A 71 -18.44 8.14 4.43
CA ASN A 71 -19.48 7.15 4.64
C ASN A 71 -18.88 5.85 5.14
N LEU A 72 -17.79 5.42 4.52
CA LEU A 72 -17.13 4.19 4.93
C LEU A 72 -16.56 4.32 6.34
N GLY A 73 -16.02 5.50 6.64
CA GLY A 73 -15.44 5.75 7.96
C GLY A 73 -13.92 5.61 7.91
N LEU A 74 -13.27 6.43 7.09
CA LEU A 74 -11.82 6.38 6.96
C LEU A 74 -11.20 7.71 7.37
N VAL A 75 -12.02 8.74 7.45
CA VAL A 75 -11.55 10.07 7.84
C VAL A 75 -12.44 10.66 8.91
N VAL A 76 -11.93 11.69 9.58
CA VAL A 76 -12.69 12.35 10.65
C VAL A 76 -12.44 13.84 10.65
N GLY A 77 -13.30 14.60 11.33
CA GLY A 77 -13.17 16.05 11.41
C GLY A 77 -12.74 16.47 12.81
N ASP A 78 -12.21 17.68 12.92
CA ASP A 78 -11.76 18.20 14.22
C ASP A 78 -12.08 19.68 14.34
N ARG A 79 -13.02 20.01 15.23
CA ARG A 79 -13.42 21.40 15.43
C ARG A 79 -12.35 22.15 16.23
N ALA A 80 -11.92 23.30 15.70
CA ALA A 80 -10.91 24.09 16.38
C ALA A 80 -10.74 25.44 15.68
N GLY A 81 -10.51 26.49 16.47
CA GLY A 81 -10.33 27.82 15.92
C GLY A 81 -11.49 28.19 15.01
N ARG A 82 -12.72 27.95 15.47
CA ARG A 82 -13.90 28.26 14.69
C ARG A 82 -13.78 27.68 13.28
N SER A 83 -13.05 26.58 13.15
CA SER A 83 -12.86 25.92 11.86
C SER A 83 -12.60 24.44 12.06
N ILE A 84 -13.19 23.62 11.20
CA ILE A 84 -13.02 22.18 11.28
C ILE A 84 -11.85 21.74 10.39
N VAL A 85 -11.16 20.68 10.81
CA VAL A 85 -10.02 20.15 10.06
C VAL A 85 -10.27 18.69 9.69
N TYR A 86 -10.01 18.34 8.44
CA TYR A 86 -10.19 16.97 7.97
C TYR A 86 -8.91 16.17 8.16
N SER A 87 -9.03 15.05 8.87
CA SER A 87 -7.87 14.18 9.13
C SER A 87 -8.26 12.72 8.99
N LEU A 88 -7.28 11.87 8.77
CA LEU A 88 -7.53 10.44 8.61
C LEU A 88 -8.03 9.84 9.93
N TYR A 89 -8.99 8.93 9.83
CA TYR A 89 -9.55 8.30 11.02
C TYR A 89 -8.45 7.62 11.82
N ASP A 90 -7.65 6.80 11.15
CA ASP A 90 -6.57 6.07 11.83
C ASP A 90 -5.23 6.76 11.57
N THR A 91 -4.45 6.92 12.62
CA THR A 91 -3.14 7.55 12.50
C THR A 91 -2.14 6.60 11.85
N HIS A 92 -2.39 5.31 12.00
CA HIS A 92 -1.51 4.30 11.41
C HIS A 92 -1.37 4.51 9.91
N VAL A 93 -2.50 4.78 9.26
CA VAL A 93 -2.51 5.01 7.81
C VAL A 93 -1.54 6.15 7.47
N ALA A 94 -1.60 7.21 8.26
CA ALA A 94 -0.73 8.36 8.02
C ALA A 94 0.74 7.94 8.14
N GLN A 95 1.04 7.13 9.16
CA GLN A 95 2.40 6.68 9.37
C GLN A 95 2.85 5.81 8.20
N LEU A 96 1.96 4.92 7.76
CA LEU A 96 2.29 4.03 6.65
C LEU A 96 2.65 4.85 5.41
N LEU A 97 1.89 5.89 5.14
CA LEU A 97 2.14 6.74 4.00
C LEU A 97 3.47 7.45 4.16
N ASP A 98 3.77 7.88 5.38
CA ASP A 98 5.01 8.58 5.65
C ASP A 98 6.20 7.69 5.29
N GLU A 99 6.12 6.42 5.65
CA GLU A 99 7.20 5.49 5.34
C GLU A 99 7.34 5.28 3.85
N ALA A 100 6.23 4.92 3.19
CA ALA A 100 6.26 4.71 1.75
C ALA A 100 6.70 5.98 1.03
N ILE A 101 6.21 7.12 1.50
CA ILE A 101 6.57 8.39 0.88
C ILE A 101 8.07 8.63 0.98
N TYR A 102 8.62 8.37 2.14
CA TYR A 102 10.05 8.56 2.36
C TYR A 102 10.85 7.57 1.51
N HIS A 103 10.33 6.35 1.41
CA HIS A 103 10.98 5.32 0.62
C HIS A 103 11.15 5.76 -0.82
N SER A 104 10.10 6.37 -1.37
CA SER A 104 10.14 6.85 -2.75
C SER A 104 10.87 8.18 -2.85
N GLU A 105 10.70 9.02 -1.84
CA GLU A 105 11.34 10.33 -1.82
C GLU A 105 12.85 10.18 -1.99
N HIS A 106 13.42 9.19 -1.32
CA HIS A 106 14.86 8.99 -1.40
C HIS A 106 15.31 8.97 -2.86
N LEU A 107 14.93 7.93 -3.58
CA LEU A 107 15.29 7.82 -4.99
C LEU A 107 14.71 6.55 -5.59
N HIS A 108 13.76 6.71 -6.50
CA HIS A 108 13.14 5.56 -7.17
C HIS A 108 12.55 5.96 -8.51
N LEU A 109 13.27 5.65 -9.58
CA LEU A 109 12.82 5.98 -10.93
C LEU A 109 11.52 5.23 -11.24
N GLY A 110 11.47 3.97 -10.85
CA GLY A 110 10.28 3.16 -11.10
C GLY A 110 9.79 3.32 -12.52
N LEU A 111 10.48 2.70 -13.47
CA LEU A 111 10.10 2.80 -14.87
C LEU A 111 8.93 1.85 -15.16
N SER A 112 7.87 2.39 -15.75
CA SER A 112 6.71 1.58 -16.09
C SER A 112 7.00 0.72 -17.32
N ASP A 113 6.40 -0.48 -17.35
CA ASP A 113 6.59 -1.39 -18.48
C ASP A 113 5.43 -1.27 -19.47
N ARG A 114 4.48 -0.39 -19.16
CA ARG A 114 3.32 -0.20 -20.02
C ARG A 114 3.74 0.37 -21.37
N HIS A 115 3.53 1.66 -21.55
CA HIS A 115 3.89 2.32 -22.80
C HIS A 115 3.46 1.46 -24.00
N PRO A 116 2.18 1.39 -24.25
CA PRO A 116 1.62 0.59 -25.37
C PRO A 116 2.17 1.05 -26.72
N SER A 117 2.37 0.11 -27.63
CA SER A 117 2.88 0.43 -28.97
C SER A 117 1.86 0.07 -30.04
N ALA A 118 1.47 1.07 -30.82
CA ALA A 118 0.49 0.85 -31.88
C ALA A 118 1.10 0.03 -33.00
N GLY A 119 0.30 -0.85 -33.61
CA GLY A 119 0.77 -1.69 -34.69
C GLY A 119 1.03 -0.88 -35.95
N GLY B 1 -6.62 30.55 -26.26
CA GLY B 1 -7.60 31.16 -25.30
C GLY B 1 -6.85 31.70 -24.09
N HIS B 2 -7.49 32.59 -23.34
CA HIS B 2 -6.88 33.17 -22.16
C HIS B 2 -7.96 33.57 -21.15
N GLY B 3 -7.59 33.54 -19.87
CA GLY B 3 -8.53 33.89 -18.80
C GLY B 3 -8.38 32.94 -17.62
N VAL B 4 -8.10 31.68 -17.91
CA VAL B 4 -7.94 30.67 -16.84
C VAL B 4 -6.62 29.93 -17.02
N GLU B 5 -5.90 29.75 -15.92
CA GLU B 5 -4.62 29.04 -15.96
C GLU B 5 -3.81 29.47 -17.17
N GLY B 6 -2.76 28.71 -17.48
CA GLY B 6 -1.91 29.02 -18.62
C GLY B 6 -0.91 30.12 -18.28
N ARG B 7 -0.65 30.29 -16.99
CA ARG B 7 0.29 31.31 -16.54
C ARG B 7 1.72 30.89 -16.85
N ASN B 8 2.27 31.45 -17.92
CA ASN B 8 3.65 31.13 -18.31
C ASN B 8 3.82 29.62 -18.44
N ARG B 9 2.73 28.93 -18.76
CA ARG B 9 2.77 27.49 -18.92
C ARG B 9 3.33 26.81 -17.66
N PRO B 10 2.91 25.60 -17.40
CA PRO B 10 3.39 24.83 -16.20
C PRO B 10 4.87 24.47 -16.32
N SER B 11 5.57 24.47 -15.19
CA SER B 11 6.99 24.13 -15.17
C SER B 11 7.45 23.82 -13.75
N ALA B 12 6.53 23.34 -12.92
CA ALA B 12 6.84 23.01 -11.54
C ALA B 12 5.85 22.00 -10.99
N PRO B 13 5.97 20.76 -11.40
CA PRO B 13 5.07 19.67 -10.93
C PRO B 13 5.07 19.55 -9.41
N LEU B 14 3.88 19.36 -8.85
CA LEU B 14 3.74 19.24 -7.40
C LEU B 14 3.89 17.78 -6.98
N ASP B 15 3.89 17.54 -5.67
CA ASP B 15 4.01 16.19 -5.14
C ASP B 15 3.15 15.22 -5.93
N SER B 16 2.20 15.76 -6.69
CA SER B 16 1.29 14.93 -7.48
C SER B 16 2.05 13.74 -8.09
N GLN B 17 3.29 14.01 -8.52
CA GLN B 17 4.12 12.95 -9.09
C GLN B 17 4.45 11.90 -8.04
N ALA B 18 4.83 12.36 -6.85
CA ALA B 18 5.18 11.46 -5.76
C ALA B 18 3.96 10.63 -5.35
N ALA B 19 2.76 11.20 -5.57
CA ALA B 19 1.54 10.50 -5.22
C ALA B 19 1.34 9.31 -6.15
N ALA B 20 1.43 9.55 -7.45
CA ALA B 20 1.26 8.48 -8.43
C ALA B 20 2.31 7.39 -8.22
N GLN B 21 3.56 7.80 -8.04
CA GLN B 21 4.64 6.85 -7.83
C GLN B 21 4.32 5.92 -6.65
N VAL B 22 3.96 6.53 -5.52
CA VAL B 22 3.62 5.74 -4.34
C VAL B 22 2.40 4.86 -4.61
N ALA B 23 1.37 5.44 -5.22
CA ALA B 23 0.16 4.71 -5.52
C ALA B 23 0.50 3.44 -6.28
N SER B 24 1.39 3.57 -7.26
CA SER B 24 1.80 2.41 -8.06
C SER B 24 2.41 1.35 -7.16
N THR B 25 3.27 1.77 -6.24
CA THR B 25 3.91 0.83 -5.32
C THR B 25 2.86 0.17 -4.42
N LEU B 26 1.97 0.99 -3.86
CA LEU B 26 0.92 0.48 -2.99
C LEU B 26 -0.06 -0.38 -3.76
N GLN B 27 -0.08 -0.20 -5.08
CA GLN B 27 -0.96 -0.98 -5.93
C GLN B 27 -0.42 -2.39 -6.11
N ALA B 28 0.81 -2.49 -6.61
CA ALA B 28 1.43 -3.80 -6.83
C ALA B 28 1.47 -4.59 -5.54
N LEU B 29 2.06 -4.00 -4.51
CA LEU B 29 2.17 -4.69 -3.22
C LEU B 29 0.84 -5.30 -2.84
N ALA B 30 -0.23 -4.57 -3.06
CA ALA B 30 -1.56 -5.05 -2.74
C ALA B 30 -1.77 -6.44 -3.33
N THR B 31 -2.97 -6.96 -3.21
CA THR B 31 -3.31 -8.28 -3.73
C THR B 31 -2.99 -9.35 -2.69
N PRO B 32 -3.98 -10.09 -2.23
CA PRO B 32 -3.78 -11.14 -1.18
C PRO B 32 -2.57 -12.04 -1.46
N SER B 33 -2.47 -12.51 -2.69
CA SER B 33 -1.38 -13.39 -3.06
C SER B 33 -0.03 -12.73 -2.84
N ARG B 34 0.08 -11.46 -3.23
CA ARG B 34 1.33 -10.74 -3.07
C ARG B 34 1.70 -10.62 -1.60
N LEU B 35 0.73 -10.25 -0.77
CA LEU B 35 1.00 -10.11 0.66
C LEU B 35 1.42 -11.43 1.27
N MET B 36 0.67 -12.49 0.97
CA MET B 36 1.00 -13.79 1.52
C MET B 36 2.41 -14.21 1.11
N ILE B 37 2.72 -14.08 -0.18
CA ILE B 37 4.05 -14.46 -0.66
C ILE B 37 5.12 -13.56 -0.07
N LEU B 38 4.85 -12.25 -0.05
CA LEU B 38 5.80 -11.30 0.49
C LEU B 38 6.04 -11.57 1.97
N THR B 39 4.97 -11.87 2.68
CA THR B 39 5.06 -12.16 4.10
C THR B 39 5.97 -13.36 4.32
N GLN B 40 5.82 -14.37 3.47
CA GLN B 40 6.65 -15.57 3.59
C GLN B 40 8.13 -15.19 3.49
N LEU B 41 8.47 -14.42 2.49
CA LEU B 41 9.87 -14.01 2.31
C LEU B 41 10.32 -13.14 3.47
N ARG B 42 9.45 -12.23 3.89
CA ARG B 42 9.77 -11.34 5.00
C ARG B 42 9.78 -12.12 6.32
N ASN B 43 9.09 -13.26 6.33
CA ASN B 43 9.02 -14.08 7.54
C ASN B 43 10.40 -14.57 7.94
N GLY B 44 11.18 -14.99 6.95
CA GLY B 44 12.53 -15.49 7.22
C GLY B 44 13.05 -16.30 6.04
N PRO B 45 14.11 -17.05 6.24
CA PRO B 45 14.73 -17.89 5.18
C PRO B 45 13.96 -19.19 4.96
N LEU B 46 13.35 -19.31 3.79
CA LEU B 46 12.55 -20.50 3.47
C LEU B 46 12.52 -20.71 1.95
N PRO B 47 13.50 -21.38 1.43
CA PRO B 47 13.58 -21.67 -0.04
C PRO B 47 12.29 -22.28 -0.58
N VAL B 48 12.35 -22.79 -1.80
CA VAL B 48 11.18 -23.38 -2.43
C VAL B 48 10.64 -24.54 -1.60
N THR B 49 11.51 -25.46 -1.24
CA THR B 49 11.13 -26.62 -0.46
C THR B 49 10.49 -26.17 0.86
N ASP B 50 11.11 -25.19 1.51
CA ASP B 50 10.60 -24.66 2.76
C ASP B 50 9.26 -23.98 2.52
N LEU B 51 9.12 -23.35 1.36
CA LEU B 51 7.88 -22.66 1.05
C LEU B 51 6.73 -23.67 1.01
N ALA B 52 6.96 -24.80 0.37
CA ALA B 52 5.94 -25.82 0.28
C ALA B 52 5.55 -26.28 1.68
N GLU B 53 6.56 -26.49 2.52
CA GLU B 53 6.30 -26.93 3.89
C GLU B 53 5.55 -25.84 4.66
N ALA B 54 5.80 -24.58 4.30
CA ALA B 54 5.14 -23.46 4.97
C ALA B 54 3.65 -23.42 4.62
N ILE B 55 3.36 -23.40 3.32
CA ILE B 55 1.97 -23.36 2.87
C ILE B 55 1.47 -24.77 2.59
N GLY B 56 2.02 -25.41 1.56
CA GLY B 56 1.61 -26.76 1.20
C GLY B 56 1.36 -26.89 -0.30
N MET B 57 2.38 -27.36 -1.03
CA MET B 57 2.24 -27.56 -2.47
C MET B 57 1.98 -26.23 -3.16
N GLU B 58 3.04 -25.62 -3.68
CA GLU B 58 2.92 -24.35 -4.38
C GLU B 58 4.27 -23.89 -4.91
N GLN B 59 5.21 -24.82 -5.01
CA GLN B 59 6.54 -24.49 -5.48
C GLN B 59 6.48 -23.78 -6.82
N SER B 60 5.43 -24.06 -7.58
CA SER B 60 5.26 -23.44 -8.89
C SER B 60 4.83 -21.97 -8.76
N ALA B 61 4.05 -21.70 -7.72
CA ALA B 61 3.56 -20.34 -7.50
C ALA B 61 4.65 -19.41 -7.02
N VAL B 62 5.54 -19.91 -6.15
CA VAL B 62 6.62 -19.12 -5.63
C VAL B 62 7.68 -18.90 -6.70
N SER B 63 8.11 -19.98 -7.35
CA SER B 63 9.13 -19.88 -8.38
C SER B 63 8.67 -18.94 -9.49
N HIS B 64 7.41 -19.08 -9.88
CA HIS B 64 6.85 -18.22 -10.93
C HIS B 64 6.76 -16.78 -10.44
N GLN B 65 6.25 -16.60 -9.23
CA GLN B 65 6.10 -15.27 -8.66
C GLN B 65 7.45 -14.59 -8.49
N LEU B 66 8.38 -15.30 -7.87
CA LEU B 66 9.71 -14.74 -7.64
C LEU B 66 10.38 -14.42 -8.95
N ARG B 67 10.28 -15.33 -9.90
CA ARG B 67 10.90 -15.11 -11.20
C ARG B 67 10.33 -13.85 -11.85
N VAL B 68 9.02 -13.71 -11.80
CA VAL B 68 8.37 -12.55 -12.40
C VAL B 68 8.91 -11.26 -11.77
N LEU B 69 8.88 -11.20 -10.45
CA LEU B 69 9.36 -10.02 -9.73
C LEU B 69 10.88 -9.89 -9.89
N ARG B 70 11.54 -11.02 -10.08
CA ARG B 70 12.99 -11.04 -10.23
C ARG B 70 13.39 -10.25 -11.46
N ASN B 71 12.64 -10.43 -12.55
CA ASN B 71 12.95 -9.71 -13.79
C ASN B 71 12.87 -8.20 -13.58
N LEU B 72 11.80 -7.77 -12.90
CA LEU B 72 11.64 -6.34 -12.62
C LEU B 72 12.74 -5.84 -11.71
N GLY B 73 13.09 -6.65 -10.71
CA GLY B 73 14.14 -6.28 -9.77
C GLY B 73 13.54 -5.78 -8.46
N LEU B 74 12.67 -6.61 -7.86
CA LEU B 74 12.03 -6.25 -6.60
C LEU B 74 12.53 -7.15 -5.47
N VAL B 75 13.17 -8.26 -5.84
CA VAL B 75 13.68 -9.19 -4.85
C VAL B 75 15.12 -9.57 -5.17
N VAL B 76 15.80 -10.14 -4.19
CA VAL B 76 17.20 -10.54 -4.36
C VAL B 76 17.49 -11.82 -3.61
N GLY B 77 18.61 -12.47 -3.95
CA GLY B 77 19.00 -13.72 -3.29
C GLY B 77 20.23 -13.49 -2.41
N ASP B 78 20.44 -14.38 -1.45
CA ASP B 78 21.59 -14.26 -0.55
C ASP B 78 22.20 -15.64 -0.28
N ARG B 79 23.41 -15.86 -0.79
CA ARG B 79 24.09 -17.13 -0.59
C ARG B 79 24.62 -17.23 0.85
N ALA B 80 24.28 -18.34 1.51
CA ALA B 80 24.72 -18.54 2.89
C ALA B 80 24.39 -19.96 3.34
N GLY B 81 25.31 -20.57 4.07
CA GLY B 81 25.10 -21.93 4.56
C GLY B 81 24.77 -22.88 3.42
N ARG B 82 25.58 -22.83 2.37
CA ARG B 82 25.37 -23.69 1.22
C ARG B 82 23.91 -23.62 0.76
N SER B 83 23.25 -22.50 1.04
CA SER B 83 21.86 -22.32 0.65
C SER B 83 21.57 -20.85 0.41
N ILE B 84 20.79 -20.59 -0.63
CA ILE B 84 20.44 -19.21 -0.98
C ILE B 84 19.11 -18.82 -0.31
N VAL B 85 18.99 -17.55 0.05
CA VAL B 85 17.76 -17.06 0.69
C VAL B 85 17.15 -15.94 -0.14
N TYR B 86 15.84 -16.01 -0.34
CA TYR B 86 15.14 -14.99 -1.11
C TYR B 86 14.63 -13.87 -0.21
N SER B 87 15.01 -12.64 -0.53
CA SER B 87 14.60 -11.48 0.26
C SER B 87 14.24 -10.31 -0.65
N LEU B 88 13.46 -9.38 -0.13
CA LEU B 88 13.04 -8.22 -0.91
C LEU B 88 14.24 -7.33 -1.22
N TYR B 89 14.30 -6.82 -2.44
CA TYR B 89 15.40 -5.97 -2.85
C TYR B 89 15.54 -4.79 -1.89
N ASP B 90 14.45 -4.08 -1.65
CA ASP B 90 14.48 -2.92 -0.75
C ASP B 90 13.96 -3.30 0.63
N THR B 91 14.66 -2.85 1.66
CA THR B 91 14.25 -3.14 3.03
C THR B 91 13.06 -2.26 3.43
N HIS B 92 12.93 -1.13 2.76
CA HIS B 92 11.84 -0.20 3.05
C HIS B 92 10.49 -0.90 2.88
N VAL B 93 10.36 -1.68 1.81
CA VAL B 93 9.13 -2.40 1.55
C VAL B 93 8.79 -3.31 2.74
N ALA B 94 9.80 -4.00 3.25
CA ALA B 94 9.61 -4.88 4.39
C ALA B 94 9.07 -4.10 5.59
N GLN B 95 9.69 -2.95 5.85
CA GLN B 95 9.26 -2.11 6.97
C GLN B 95 7.84 -1.62 6.76
N LEU B 96 7.54 -1.23 5.53
CA LEU B 96 6.20 -0.73 5.21
C LEU B 96 5.16 -1.78 5.52
N LEU B 97 5.44 -3.02 5.13
CA LEU B 97 4.53 -4.12 5.37
C LEU B 97 4.39 -4.36 6.87
N ASP B 98 5.49 -4.25 7.60
CA ASP B 98 5.46 -4.46 9.03
C ASP B 98 4.49 -3.49 9.70
N GLU B 99 4.52 -2.24 9.26
CA GLU B 99 3.63 -1.23 9.83
C GLU B 99 2.18 -1.53 9.47
N ALA B 100 1.91 -1.75 8.19
CA ALA B 100 0.55 -2.07 7.75
C ALA B 100 0.04 -3.33 8.43
N ILE B 101 0.92 -4.33 8.53
CA ILE B 101 0.54 -5.59 9.15
C ILE B 101 0.15 -5.37 10.61
N TYR B 102 0.94 -4.57 11.31
CA TYR B 102 0.66 -4.29 12.71
C TYR B 102 -0.63 -3.49 12.85
N HIS B 103 -0.83 -2.57 11.92
CA HIS B 103 -2.03 -1.74 11.94
C HIS B 103 -3.28 -2.61 11.87
N SER B 104 -3.25 -3.61 11.00
CA SER B 104 -4.39 -4.51 10.86
C SER B 104 -4.42 -5.53 12.00
N GLU B 105 -3.25 -5.96 12.44
CA GLU B 105 -3.15 -6.95 13.51
C GLU B 105 -3.80 -6.41 14.78
N HIS B 106 -3.75 -5.09 14.95
CA HIS B 106 -4.33 -4.47 16.13
C HIS B 106 -5.81 -4.69 16.19
N LEU B 107 -6.35 -5.48 15.24
CA LEU B 107 -7.78 -5.78 15.17
C LEU B 107 -8.49 -4.85 14.20
N HIS B 108 -8.94 -5.40 13.07
CA HIS B 108 -9.65 -4.61 12.07
C HIS B 108 -10.61 -5.48 11.28
N LEU B 109 -11.89 -5.38 11.59
CA LEU B 109 -12.90 -6.18 10.90
C LEU B 109 -12.92 -5.86 9.41
N GLY B 110 -12.85 -4.58 9.09
CA GLY B 110 -12.86 -4.15 7.70
C GLY B 110 -13.89 -4.93 6.90
N LEU B 111 -15.16 -4.61 7.10
CA LEU B 111 -16.24 -5.30 6.39
C LEU B 111 -16.32 -4.82 4.95
N SER B 112 -16.35 -5.76 4.01
CA SER B 112 -16.44 -5.41 2.60
C SER B 112 -17.88 -5.03 2.24
N ASP B 113 -18.03 -4.16 1.25
CA ASP B 113 -19.35 -3.71 0.81
C ASP B 113 -19.77 -4.46 -0.45
N ARG B 114 -18.93 -5.38 -0.90
CA ARG B 114 -19.24 -6.15 -2.10
C ARG B 114 -20.46 -7.04 -1.86
N HIS B 115 -20.21 -8.33 -1.63
CA HIS B 115 -21.30 -9.27 -1.40
C HIS B 115 -22.43 -9.04 -2.39
N PRO B 116 -22.22 -9.38 -3.63
CA PRO B 116 -23.24 -9.22 -4.71
C PRO B 116 -24.51 -10.00 -4.40
N SER B 117 -25.66 -9.41 -4.76
CA SER B 117 -26.95 -10.05 -4.53
C SER B 117 -27.63 -10.37 -5.85
N ALA B 118 -27.93 -11.65 -6.06
CA ALA B 118 -28.57 -12.08 -7.29
C ALA B 118 -30.03 -11.61 -7.32
N GLY B 119 -30.51 -11.24 -8.50
CA GLY B 119 -31.87 -10.76 -8.66
C GLY B 119 -32.87 -11.91 -8.47
N GLY A 1 -37.25 -7.39 7.66
CA GLY A 1 -36.21 -7.66 6.63
C GLY A 1 -34.87 -7.11 7.11
N HIS A 2 -34.85 -6.58 8.33
CA HIS A 2 -33.63 -6.03 8.90
C HIS A 2 -32.80 -7.13 9.55
N GLY A 3 -31.53 -7.21 9.17
CA GLY A 3 -30.63 -8.22 9.72
C GLY A 3 -29.95 -7.72 11.00
N VAL A 4 -30.55 -8.02 12.13
CA VAL A 4 -30.00 -7.60 13.42
C VAL A 4 -28.76 -8.42 13.76
N GLU A 5 -28.69 -9.61 13.22
CA GLU A 5 -27.55 -10.49 13.46
C GLU A 5 -26.27 -9.92 12.85
N GLY A 6 -25.14 -10.20 13.48
CA GLY A 6 -23.86 -9.71 12.99
C GLY A 6 -22.72 -10.65 13.39
N ARG A 7 -21.98 -10.27 14.43
CA ARG A 7 -20.87 -11.10 14.89
C ARG A 7 -20.03 -11.57 13.72
N ASN A 8 -19.02 -10.78 13.35
CA ASN A 8 -18.14 -11.13 12.24
C ASN A 8 -16.70 -10.76 12.57
N ARG A 9 -15.96 -10.32 11.54
CA ARG A 9 -14.57 -9.93 11.71
C ARG A 9 -13.77 -11.08 12.34
N PRO A 10 -13.76 -12.22 11.70
CA PRO A 10 -13.01 -13.41 12.20
C PRO A 10 -11.50 -13.25 12.07
N SER A 11 -10.77 -13.83 13.01
CA SER A 11 -9.32 -13.75 12.99
C SER A 11 -8.71 -14.85 13.87
N ALA A 12 -7.84 -15.66 13.27
CA ALA A 12 -7.21 -16.75 14.00
C ALA A 12 -6.34 -17.59 13.04
N PRO A 13 -6.86 -17.92 11.89
CA PRO A 13 -6.13 -18.76 10.89
C PRO A 13 -4.75 -18.19 10.57
N LEU A 14 -4.20 -18.64 9.45
CA LEU A 14 -2.88 -18.18 9.03
C LEU A 14 -2.93 -16.71 8.67
N ASP A 15 -1.78 -16.03 8.79
CA ASP A 15 -1.70 -14.61 8.48
C ASP A 15 -2.44 -14.30 7.19
N SER A 16 -2.73 -15.34 6.40
CA SER A 16 -3.45 -15.15 5.14
C SER A 16 -4.54 -14.08 5.28
N GLN A 17 -5.22 -14.10 6.42
CA GLN A 17 -6.27 -13.12 6.68
C GLN A 17 -5.67 -11.72 6.79
N ALA A 18 -4.54 -11.62 7.49
CA ALA A 18 -3.86 -10.35 7.64
C ALA A 18 -3.34 -9.84 6.30
N ALA A 19 -3.03 -10.78 5.40
CA ALA A 19 -2.52 -10.42 4.08
C ALA A 19 -3.62 -9.76 3.27
N ALA A 20 -4.77 -10.41 3.17
CA ALA A 20 -5.89 -9.86 2.41
C ALA A 20 -6.35 -8.53 3.00
N GLN A 21 -6.56 -8.51 4.30
CA GLN A 21 -7.00 -7.29 4.96
C GLN A 21 -6.06 -6.13 4.63
N VAL A 22 -4.77 -6.37 4.80
CA VAL A 22 -3.78 -5.36 4.50
C VAL A 22 -3.83 -5.00 3.01
N ALA A 23 -3.97 -6.03 2.17
CA ALA A 23 -4.04 -5.82 0.73
C ALA A 23 -5.08 -4.75 0.41
N SER A 24 -6.25 -4.87 1.01
CA SER A 24 -7.32 -3.91 0.77
C SER A 24 -6.86 -2.52 1.19
N THR A 25 -6.22 -2.43 2.35
CA THR A 25 -5.74 -1.14 2.83
C THR A 25 -4.69 -0.55 1.88
N LEU A 26 -3.68 -1.35 1.56
CA LEU A 26 -2.61 -0.92 0.68
C LEU A 26 -3.12 -0.73 -0.73
N GLN A 27 -4.25 -1.36 -1.03
CA GLN A 27 -4.84 -1.25 -2.36
C GLN A 27 -5.53 0.11 -2.53
N ALA A 28 -6.52 0.38 -1.69
CA ALA A 28 -7.26 1.64 -1.77
C ALA A 28 -6.33 2.82 -1.62
N LEU A 29 -5.54 2.83 -0.55
CA LEU A 29 -4.62 3.93 -0.29
C LEU A 29 -3.80 4.22 -1.53
N ALA A 30 -3.35 3.15 -2.18
CA ALA A 30 -2.55 3.32 -3.37
C ALA A 30 -3.07 4.45 -4.22
N THR A 31 -4.24 4.24 -4.84
CA THR A 31 -4.89 5.24 -5.70
C THR A 31 -4.09 6.55 -5.71
N PRO A 32 -3.40 6.86 -6.79
CA PRO A 32 -2.55 8.09 -6.86
C PRO A 32 -3.26 9.35 -6.37
N SER A 33 -4.48 9.56 -6.84
CA SER A 33 -5.25 10.73 -6.45
C SER A 33 -5.42 10.77 -4.93
N ARG A 34 -5.75 9.63 -4.34
CA ARG A 34 -5.94 9.57 -2.90
C ARG A 34 -4.66 9.96 -2.17
N LEU A 35 -3.53 9.42 -2.62
CA LEU A 35 -2.26 9.74 -1.97
C LEU A 35 -2.02 11.24 -1.98
N MET A 36 -2.10 11.85 -3.14
CA MET A 36 -1.88 13.29 -3.23
C MET A 36 -2.80 14.03 -2.25
N ILE A 37 -4.07 13.66 -2.22
CA ILE A 37 -5.02 14.32 -1.32
C ILE A 37 -4.61 14.11 0.15
N LEU A 38 -4.32 12.86 0.49
CA LEU A 38 -3.92 12.54 1.86
C LEU A 38 -2.64 13.27 2.23
N THR A 39 -1.71 13.32 1.30
CA THR A 39 -0.45 13.98 1.55
C THR A 39 -0.69 15.45 1.83
N GLN A 40 -1.71 16.02 1.16
CA GLN A 40 -2.02 17.43 1.36
C GLN A 40 -2.49 17.66 2.79
N LEU A 41 -3.43 16.85 3.24
CA LEU A 41 -3.96 16.97 4.61
C LEU A 41 -2.86 16.71 5.62
N ARG A 42 -1.92 15.86 5.24
CA ARG A 42 -0.82 15.52 6.13
C ARG A 42 -0.29 16.77 6.84
N ASN A 43 -0.19 17.87 6.10
CA ASN A 43 0.31 19.11 6.67
C ASN A 43 -0.62 19.60 7.77
N GLY A 44 -1.92 19.50 7.51
CA GLY A 44 -2.90 19.92 8.51
C GLY A 44 -4.27 20.14 7.88
N PRO A 45 -5.25 20.48 8.67
CA PRO A 45 -6.64 20.73 8.18
C PRO A 45 -6.72 21.97 7.30
N LEU A 46 -7.62 21.94 6.33
CA LEU A 46 -7.80 23.09 5.46
C LEU A 46 -9.13 22.99 4.69
N PRO A 47 -9.62 24.09 4.19
CA PRO A 47 -10.89 24.12 3.40
C PRO A 47 -10.76 23.39 2.06
N VAL A 48 -11.86 22.81 1.59
CA VAL A 48 -11.86 22.09 0.32
C VAL A 48 -11.59 23.05 -0.84
N THR A 49 -12.18 24.22 -0.73
CA THR A 49 -11.99 25.26 -1.75
C THR A 49 -10.50 25.57 -1.95
N ASP A 50 -9.88 26.14 -0.92
CA ASP A 50 -8.46 26.50 -1.00
C ASP A 50 -7.66 25.30 -1.50
N LEU A 51 -8.04 24.11 -1.04
CA LEU A 51 -7.34 22.90 -1.46
C LEU A 51 -7.44 22.76 -2.98
N ALA A 52 -8.62 23.02 -3.53
CA ALA A 52 -8.81 22.93 -4.96
C ALA A 52 -7.96 23.96 -5.68
N GLU A 53 -7.94 25.17 -5.14
CA GLU A 53 -7.15 26.25 -5.74
C GLU A 53 -5.71 25.79 -5.92
N ALA A 54 -5.24 24.96 -4.98
CA ALA A 54 -3.88 24.45 -5.06
C ALA A 54 -3.77 23.40 -6.18
N ILE A 55 -4.81 22.58 -6.31
CA ILE A 55 -4.82 21.53 -7.34
C ILE A 55 -5.40 22.08 -8.63
N GLY A 56 -6.70 22.37 -8.63
CA GLY A 56 -7.36 22.91 -9.81
C GLY A 56 -8.82 22.49 -9.89
N MET A 57 -9.65 23.04 -9.00
CA MET A 57 -11.08 22.70 -9.00
C MET A 57 -11.28 21.20 -8.82
N GLU A 58 -11.16 20.74 -7.58
CA GLU A 58 -11.32 19.32 -7.27
C GLU A 58 -11.86 19.13 -5.86
N GLN A 59 -12.45 20.18 -5.30
CA GLN A 59 -13.00 20.11 -3.96
C GLN A 59 -14.11 19.07 -3.88
N SER A 60 -14.81 18.87 -5.00
CA SER A 60 -15.89 17.90 -5.05
C SER A 60 -15.36 16.49 -4.87
N ALA A 61 -14.25 16.20 -5.53
CA ALA A 61 -13.63 14.88 -5.43
C ALA A 61 -13.20 14.61 -3.99
N VAL A 62 -12.83 15.68 -3.28
CA VAL A 62 -12.41 15.54 -1.89
C VAL A 62 -13.59 15.17 -1.00
N SER A 63 -14.68 15.94 -1.13
CA SER A 63 -15.86 15.68 -0.32
C SER A 63 -16.35 14.24 -0.54
N HIS A 64 -16.34 13.81 -1.79
CA HIS A 64 -16.79 12.45 -2.11
C HIS A 64 -15.90 11.42 -1.41
N GLN A 65 -14.58 11.57 -1.55
CA GLN A 65 -13.65 10.66 -0.92
C GLN A 65 -13.80 10.73 0.59
N LEU A 66 -14.08 11.92 1.09
CA LEU A 66 -14.25 12.12 2.52
C LEU A 66 -15.43 11.30 3.03
N ARG A 67 -16.53 11.31 2.30
CA ARG A 67 -17.71 10.55 2.70
C ARG A 67 -17.39 9.06 2.73
N VAL A 68 -16.65 8.60 1.72
CA VAL A 68 -16.29 7.18 1.66
C VAL A 68 -15.44 6.81 2.87
N LEU A 69 -14.34 7.53 3.06
CA LEU A 69 -13.45 7.26 4.18
C LEU A 69 -14.18 7.41 5.50
N ARG A 70 -15.01 8.44 5.58
CA ARG A 70 -15.77 8.70 6.78
C ARG A 70 -16.58 7.46 7.16
N ASN A 71 -17.16 6.80 6.16
CA ASN A 71 -17.95 5.61 6.44
C ASN A 71 -17.09 4.54 7.12
N LEU A 72 -15.92 4.28 6.55
CA LEU A 72 -15.02 3.27 7.12
C LEU A 72 -14.50 3.72 8.49
N GLY A 73 -14.16 5.00 8.58
CA GLY A 73 -13.66 5.57 9.83
C GLY A 73 -12.14 5.69 9.79
N LEU A 74 -11.66 6.83 9.31
CA LEU A 74 -10.22 7.06 9.22
C LEU A 74 -9.90 8.55 9.30
N VAL A 75 -10.92 9.38 9.14
CA VAL A 75 -10.76 10.83 9.19
C VAL A 75 -11.86 11.45 10.04
N VAL A 76 -11.61 12.66 10.54
CA VAL A 76 -12.57 13.37 11.37
C VAL A 76 -12.89 14.73 10.78
N GLY A 77 -13.88 15.40 11.34
CA GLY A 77 -14.26 16.72 10.86
C GLY A 77 -15.02 17.48 11.94
N ASP A 78 -14.89 18.81 11.95
CA ASP A 78 -15.56 19.65 12.93
C ASP A 78 -16.40 20.72 12.23
N ARG A 79 -17.70 20.73 12.55
CA ARG A 79 -18.61 21.70 11.94
C ARG A 79 -18.38 23.09 12.53
N ALA A 80 -18.70 24.12 11.75
CA ALA A 80 -18.52 25.49 12.20
C ALA A 80 -19.28 26.46 11.29
N GLY A 81 -20.47 26.84 11.73
CA GLY A 81 -21.30 27.76 10.96
C GLY A 81 -21.70 27.14 9.62
N ARG A 82 -21.38 27.83 8.54
CA ARG A 82 -21.70 27.35 7.19
C ARG A 82 -20.51 26.62 6.57
N SER A 83 -19.50 26.31 7.39
CA SER A 83 -18.31 25.64 6.92
C SER A 83 -17.84 24.62 7.95
N ILE A 84 -16.98 23.72 7.52
CA ILE A 84 -16.45 22.69 8.42
C ILE A 84 -14.97 22.43 8.09
N VAL A 85 -14.27 21.79 9.03
CA VAL A 85 -12.85 21.48 8.84
C VAL A 85 -12.67 19.97 8.75
N TYR A 86 -11.81 19.54 7.82
CA TYR A 86 -11.54 18.11 7.62
C TYR A 86 -10.10 17.79 8.03
N SER A 87 -9.94 16.67 8.75
CA SER A 87 -8.62 16.26 9.22
C SER A 87 -8.57 14.74 9.34
N LEU A 88 -7.39 14.20 9.59
CA LEU A 88 -7.20 12.77 9.73
C LEU A 88 -7.52 12.32 11.15
N TYR A 89 -8.12 11.15 11.28
CA TYR A 89 -8.47 10.62 12.60
C TYR A 89 -7.22 10.43 13.44
N ASP A 90 -6.18 9.85 12.85
CA ASP A 90 -4.93 9.63 13.56
C ASP A 90 -3.74 9.87 12.65
N THR A 91 -2.54 9.86 13.22
CA THR A 91 -1.31 10.08 12.46
C THR A 91 -0.67 8.76 12.09
N HIS A 92 -1.21 7.66 12.62
CA HIS A 92 -0.67 6.33 12.31
C HIS A 92 -0.34 6.22 10.84
N VAL A 93 -1.34 6.36 9.99
CA VAL A 93 -1.14 6.26 8.55
C VAL A 93 -0.04 7.22 8.13
N ALA A 94 -0.05 8.43 8.70
CA ALA A 94 0.95 9.43 8.36
C ALA A 94 2.36 8.89 8.62
N GLN A 95 2.52 8.21 9.75
CA GLN A 95 3.81 7.65 10.11
C GLN A 95 4.23 6.60 9.08
N LEU A 96 3.29 5.74 8.71
CA LEU A 96 3.59 4.69 7.74
C LEU A 96 4.11 5.31 6.44
N LEU A 97 3.44 6.37 6.00
CA LEU A 97 3.82 7.07 4.78
C LEU A 97 5.21 7.68 4.96
N ASP A 98 5.48 8.18 6.15
CA ASP A 98 6.76 8.80 6.43
C ASP A 98 7.89 7.81 6.14
N GLU A 99 7.72 6.57 6.59
CA GLU A 99 8.74 5.55 6.35
C GLU A 99 8.81 5.20 4.87
N ALA A 100 7.67 4.88 4.28
CA ALA A 100 7.62 4.53 2.87
C ALA A 100 8.29 5.63 2.04
N ILE A 101 7.95 6.89 2.33
CA ILE A 101 8.53 8.00 1.59
C ILE A 101 10.05 8.06 1.81
N TYR A 102 10.45 7.89 3.07
CA TYR A 102 11.86 7.93 3.41
C TYR A 102 12.61 6.83 2.67
N HIS A 103 12.05 5.63 2.69
CA HIS A 103 12.66 4.49 2.02
C HIS A 103 12.68 4.71 0.51
N SER A 104 11.62 5.33 -0.01
CA SER A 104 11.53 5.58 -1.44
C SER A 104 12.71 6.44 -1.90
N GLU A 105 12.98 7.50 -1.16
CA GLU A 105 14.10 8.38 -1.50
C GLU A 105 15.44 7.73 -1.14
N HIS A 106 15.61 7.44 0.14
CA HIS A 106 16.85 6.83 0.61
C HIS A 106 17.18 5.61 -0.24
N LEU A 107 16.14 4.98 -0.80
CA LEU A 107 16.33 3.81 -1.65
C LEU A 107 15.99 4.14 -3.10
N HIS A 108 16.98 4.61 -3.84
CA HIS A 108 16.77 4.94 -5.24
C HIS A 108 18.07 4.80 -6.03
N LEU A 109 19.05 4.13 -5.44
CA LEU A 109 20.32 3.93 -6.09
C LEU A 109 20.16 3.11 -7.36
N GLY A 110 19.35 2.06 -7.28
CA GLY A 110 19.11 1.21 -8.43
C GLY A 110 20.35 0.38 -8.75
N LEU A 111 20.28 -0.40 -9.83
CA LEU A 111 21.41 -1.23 -10.24
C LEU A 111 21.49 -1.30 -11.76
N SER A 112 21.93 -0.21 -12.38
CA SER A 112 22.05 -0.14 -13.83
C SER A 112 20.87 -0.84 -14.49
N ASP A 113 21.10 -1.35 -15.71
CA ASP A 113 20.05 -2.05 -16.44
C ASP A 113 18.83 -1.15 -16.63
N ARG A 114 18.27 -1.17 -17.82
CA ARG A 114 17.09 -0.35 -18.13
C ARG A 114 16.11 -1.11 -19.02
N HIS A 115 14.83 -0.80 -18.87
CA HIS A 115 13.80 -1.46 -19.66
C HIS A 115 12.48 -0.72 -19.54
N PRO A 116 12.38 0.42 -20.16
CA PRO A 116 11.14 1.26 -20.13
C PRO A 116 9.90 0.46 -20.53
N SER A 117 10.05 -0.41 -21.52
CA SER A 117 8.94 -1.23 -22.00
C SER A 117 9.36 -2.70 -22.09
N ALA A 118 8.38 -3.58 -21.95
CA ALA A 118 8.65 -5.02 -22.01
C ALA A 118 9.17 -5.41 -23.38
N GLY A 119 8.63 -4.79 -24.42
CA GLY A 119 9.04 -5.08 -25.79
C GLY A 119 8.53 -4.02 -26.75
N GLY B 1 18.43 -0.24 -34.20
CA GLY B 1 17.05 -0.13 -33.62
C GLY B 1 17.15 -0.17 -32.09
N HIS B 2 18.34 0.03 -31.56
CA HIS B 2 18.55 0.01 -30.12
C HIS B 2 18.58 1.43 -29.57
N GLY B 3 17.73 1.69 -28.58
CA GLY B 3 17.66 3.01 -27.96
C GLY B 3 18.69 3.17 -26.86
N VAL B 4 19.85 3.71 -27.21
CA VAL B 4 20.92 3.91 -26.24
C VAL B 4 20.61 5.09 -25.34
N GLU B 5 19.74 5.98 -25.80
CA GLU B 5 19.36 7.16 -25.03
C GLU B 5 18.51 6.76 -23.84
N GLY B 6 18.60 7.55 -22.76
CA GLY B 6 17.84 7.27 -21.55
C GLY B 6 17.55 8.55 -20.78
N ARG B 7 18.28 8.76 -19.70
CA ARG B 7 18.11 9.96 -18.87
C ARG B 7 16.62 10.18 -18.59
N ASN B 8 16.13 9.56 -17.52
CA ASN B 8 14.73 9.70 -17.14
C ASN B 8 14.60 9.85 -15.62
N ARG B 9 13.51 9.31 -15.07
CA ARG B 9 13.27 9.39 -13.64
C ARG B 9 13.27 10.84 -13.17
N PRO B 10 12.39 11.63 -13.72
CA PRO B 10 12.27 13.08 -13.36
C PRO B 10 11.67 13.28 -11.96
N SER B 11 12.09 14.35 -11.29
CA SER B 11 11.58 14.64 -9.96
C SER B 11 11.87 16.09 -9.59
N ALA B 12 10.83 16.82 -9.21
CA ALA B 12 10.97 18.23 -8.84
C ALA B 12 9.60 18.86 -8.62
N PRO B 13 8.66 18.61 -9.49
CA PRO B 13 7.29 19.19 -9.40
C PRO B 13 6.64 18.91 -8.05
N LEU B 14 5.33 19.07 -8.00
CA LEU B 14 4.60 18.85 -6.76
C LEU B 14 4.65 17.37 -6.37
N ASP B 15 4.52 17.11 -5.07
CA ASP B 15 4.56 15.74 -4.57
C ASP B 15 3.75 14.82 -5.46
N SER B 16 2.88 15.40 -6.29
CA SER B 16 2.04 14.61 -7.19
C SER B 16 2.83 13.43 -7.75
N GLN B 17 4.10 13.66 -8.08
CA GLN B 17 4.94 12.59 -8.61
C GLN B 17 5.17 11.53 -7.54
N ALA B 18 5.43 11.97 -6.32
CA ALA B 18 5.65 11.06 -5.20
C ALA B 18 4.40 10.25 -4.91
N ALA B 19 3.23 10.85 -5.20
CA ALA B 19 1.96 10.18 -4.96
C ALA B 19 1.79 9.02 -5.93
N ALA B 20 1.95 9.30 -7.22
CA ALA B 20 1.82 8.26 -8.23
C ALA B 20 2.84 7.14 -8.02
N GLN B 21 4.10 7.52 -7.86
CA GLN B 21 5.15 6.54 -7.66
C GLN B 21 4.80 5.62 -6.47
N VAL B 22 4.42 6.24 -5.36
CA VAL B 22 4.05 5.48 -4.19
C VAL B 22 2.83 4.62 -4.49
N ALA B 23 1.86 5.20 -5.19
CA ALA B 23 0.65 4.48 -5.56
C ALA B 23 1.01 3.14 -6.19
N SER B 24 1.95 3.17 -7.12
CA SER B 24 2.37 1.95 -7.80
C SER B 24 2.93 0.96 -6.80
N THR B 25 3.75 1.44 -5.88
CA THR B 25 4.33 0.57 -4.86
C THR B 25 3.25 -0.03 -3.96
N LEU B 26 2.41 0.84 -3.42
CA LEU B 26 1.33 0.41 -2.53
C LEU B 26 0.29 -0.40 -3.29
N GLN B 27 0.25 -0.22 -4.60
CA GLN B 27 -0.69 -0.95 -5.44
C GLN B 27 -0.25 -2.40 -5.61
N ALA B 28 0.95 -2.58 -6.18
CA ALA B 28 1.46 -3.93 -6.41
C ALA B 28 1.56 -4.71 -5.11
N LEU B 29 2.25 -4.14 -4.13
CA LEU B 29 2.43 -4.83 -2.85
C LEU B 29 1.10 -5.31 -2.32
N ALA B 30 0.09 -4.47 -2.45
CA ALA B 30 -1.24 -4.83 -1.99
C ALA B 30 -1.51 -6.29 -2.29
N THR B 31 -1.73 -6.60 -3.57
CA THR B 31 -2.02 -7.98 -4.03
C THR B 31 -1.99 -8.97 -2.85
N PRO B 32 -3.12 -9.44 -2.40
CA PRO B 32 -3.18 -10.36 -1.22
C PRO B 32 -2.16 -11.50 -1.30
N SER B 33 -2.11 -12.16 -2.44
CA SER B 33 -1.19 -13.27 -2.62
C SER B 33 0.24 -12.83 -2.37
N ARG B 34 0.61 -11.67 -2.89
CA ARG B 34 1.96 -11.16 -2.73
C ARG B 34 2.24 -10.91 -1.24
N LEU B 35 1.29 -10.31 -0.54
CA LEU B 35 1.49 -10.03 0.88
C LEU B 35 1.77 -11.31 1.65
N MET B 36 0.92 -12.31 1.48
CA MET B 36 1.13 -13.56 2.17
C MET B 36 2.53 -14.13 1.88
N ILE B 37 2.91 -14.12 0.61
CA ILE B 37 4.22 -14.64 0.23
C ILE B 37 5.35 -13.83 0.88
N LEU B 38 5.24 -12.51 0.80
CA LEU B 38 6.25 -11.64 1.38
C LEU B 38 6.30 -11.82 2.89
N THR B 39 5.14 -11.94 3.50
CA THR B 39 5.09 -12.12 4.94
C THR B 39 5.78 -13.42 5.32
N GLN B 40 5.70 -14.41 4.45
CA GLN B 40 6.33 -15.70 4.72
C GLN B 40 7.84 -15.52 4.77
N LEU B 41 8.40 -14.88 3.74
CA LEU B 41 9.84 -14.65 3.69
C LEU B 41 10.29 -13.79 4.85
N ARG B 42 9.41 -12.89 5.28
CA ARG B 42 9.73 -12.00 6.39
C ARG B 42 10.50 -12.74 7.49
N ASN B 43 10.06 -13.97 7.77
CA ASN B 43 10.71 -14.78 8.80
C ASN B 43 12.15 -15.06 8.41
N GLY B 44 12.37 -15.38 7.15
CA GLY B 44 13.71 -15.65 6.67
C GLY B 44 13.68 -16.42 5.35
N PRO B 45 14.84 -16.71 4.79
CA PRO B 45 14.96 -17.45 3.50
C PRO B 45 14.51 -18.90 3.64
N LEU B 46 13.96 -19.44 2.57
CA LEU B 46 13.52 -20.83 2.60
C LEU B 46 13.29 -21.35 1.17
N PRO B 47 13.28 -22.66 0.99
CA PRO B 47 13.04 -23.28 -0.34
C PRO B 47 11.60 -23.06 -0.83
N VAL B 48 11.43 -22.99 -2.14
CA VAL B 48 10.10 -22.80 -2.72
C VAL B 48 9.21 -24.01 -2.43
N THR B 49 9.81 -25.17 -2.53
CA THR B 49 9.10 -26.43 -2.27
C THR B 49 8.47 -26.40 -0.87
N ASP B 50 9.31 -26.39 0.17
CA ASP B 50 8.82 -26.37 1.54
C ASP B 50 7.77 -25.26 1.70
N LEU B 51 8.03 -24.13 1.09
CA LEU B 51 7.11 -23.01 1.17
C LEU B 51 5.74 -23.44 0.64
N ALA B 52 5.73 -24.17 -0.47
CA ALA B 52 4.49 -24.63 -1.05
C ALA B 52 3.79 -25.59 -0.11
N GLU B 53 4.57 -26.49 0.49
CA GLU B 53 4.02 -27.46 1.42
C GLU B 53 3.23 -26.74 2.50
N ALA B 54 3.71 -25.55 2.88
CA ALA B 54 3.02 -24.76 3.90
C ALA B 54 1.72 -24.17 3.33
N ILE B 55 1.76 -23.76 2.07
CA ILE B 55 0.58 -23.19 1.42
C ILE B 55 -0.25 -24.28 0.77
N GLY B 56 0.29 -24.88 -0.29
CA GLY B 56 -0.41 -25.95 -0.99
C GLY B 56 -0.07 -25.96 -2.47
N MET B 57 1.16 -26.36 -2.80
CA MET B 57 1.58 -26.41 -4.20
C MET B 57 1.45 -25.06 -4.87
N GLU B 58 2.40 -24.17 -4.61
CA GLU B 58 2.39 -22.83 -5.20
C GLU B 58 3.80 -22.30 -5.37
N GLN B 59 4.77 -23.20 -5.39
CA GLN B 59 6.17 -22.81 -5.56
C GLN B 59 6.36 -22.12 -6.91
N SER B 60 5.54 -22.51 -7.89
CA SER B 60 5.64 -21.92 -9.22
C SER B 60 5.27 -20.45 -9.18
N ALA B 61 4.20 -20.13 -8.46
CA ALA B 61 3.74 -18.76 -8.34
C ALA B 61 4.81 -17.91 -7.67
N VAL B 62 5.60 -18.53 -6.78
CA VAL B 62 6.67 -17.80 -6.10
C VAL B 62 7.79 -17.47 -7.06
N SER B 63 8.26 -18.49 -7.79
CA SER B 63 9.35 -18.28 -8.74
C SER B 63 8.97 -17.19 -9.76
N HIS B 64 7.72 -17.24 -10.23
CA HIS B 64 7.25 -16.25 -11.20
C HIS B 64 7.31 -14.84 -10.60
N GLN B 65 6.74 -14.69 -9.41
CA GLN B 65 6.73 -13.40 -8.75
C GLN B 65 8.17 -12.96 -8.44
N LEU B 66 9.02 -13.94 -8.17
CA LEU B 66 10.42 -13.65 -7.88
C LEU B 66 11.09 -13.01 -9.09
N ARG B 67 10.82 -13.57 -10.26
CA ARG B 67 11.43 -13.04 -11.48
C ARG B 67 10.96 -11.61 -11.72
N VAL B 68 9.67 -11.37 -11.49
CA VAL B 68 9.13 -10.03 -11.70
C VAL B 68 9.81 -9.03 -10.75
N LEU B 69 9.77 -9.34 -9.46
CA LEU B 69 10.37 -8.46 -8.46
C LEU B 69 11.86 -8.32 -8.72
N ARG B 70 12.48 -9.41 -9.08
CA ARG B 70 13.91 -9.41 -9.36
C ARG B 70 14.24 -8.37 -10.41
N ASN B 71 13.40 -8.27 -11.44
CA ASN B 71 13.63 -7.30 -12.50
C ASN B 71 13.65 -5.88 -11.93
N LEU B 72 12.67 -5.56 -11.09
CA LEU B 72 12.59 -4.25 -10.48
C LEU B 72 13.75 -4.03 -9.52
N GLY B 73 14.08 -5.07 -8.77
CA GLY B 73 15.16 -5.01 -7.79
C GLY B 73 14.62 -4.75 -6.40
N LEU B 74 14.30 -5.82 -5.68
CA LEU B 74 13.77 -5.68 -4.33
C LEU B 74 14.10 -6.93 -3.49
N VAL B 75 14.53 -7.99 -4.16
CA VAL B 75 14.88 -9.23 -3.47
C VAL B 75 16.19 -9.77 -4.02
N VAL B 76 16.84 -10.62 -3.23
CA VAL B 76 18.12 -11.21 -3.62
C VAL B 76 18.02 -12.73 -3.63
N GLY B 77 19.04 -13.38 -4.18
CA GLY B 77 19.06 -14.83 -4.23
C GLY B 77 20.49 -15.34 -4.37
N ASP B 78 20.79 -16.45 -3.70
CA ASP B 78 22.14 -17.04 -3.76
C ASP B 78 22.08 -18.46 -4.32
N ARG B 79 22.85 -18.71 -5.37
CA ARG B 79 22.88 -20.03 -5.99
C ARG B 79 23.66 -21.02 -5.13
N ALA B 80 23.31 -22.29 -5.24
CA ALA B 80 23.99 -23.32 -4.47
C ALA B 80 23.69 -24.70 -5.04
N GLY B 81 24.62 -25.23 -5.83
CA GLY B 81 24.44 -26.55 -6.43
C GLY B 81 23.22 -26.56 -7.33
N ARG B 82 22.31 -27.49 -7.08
CA ARG B 82 21.09 -27.62 -7.88
C ARG B 82 19.92 -26.91 -7.20
N SER B 83 20.25 -25.98 -6.30
CA SER B 83 19.22 -25.24 -5.58
C SER B 83 19.73 -23.85 -5.23
N ILE B 84 18.82 -22.96 -4.90
CA ILE B 84 19.17 -21.59 -4.53
C ILE B 84 18.29 -21.09 -3.38
N VAL B 85 18.72 -20.04 -2.72
CA VAL B 85 17.97 -19.46 -1.60
C VAL B 85 17.45 -18.08 -1.99
N TYR B 86 16.18 -17.82 -1.68
CA TYR B 86 15.55 -16.53 -2.00
C TYR B 86 15.34 -15.73 -0.72
N SER B 87 15.65 -14.44 -0.77
CA SER B 87 15.49 -13.57 0.38
C SER B 87 15.21 -12.14 -0.08
N LEU B 88 14.87 -11.27 0.87
CA LEU B 88 14.56 -9.88 0.56
C LEU B 88 15.85 -9.06 0.49
N TYR B 89 15.88 -8.11 -0.44
CA TYR B 89 17.05 -7.26 -0.60
C TYR B 89 17.32 -6.47 0.66
N ASP B 90 16.27 -5.89 1.24
CA ASP B 90 16.41 -5.10 2.45
C ASP B 90 15.23 -5.35 3.38
N THR B 91 15.31 -4.81 4.59
CA THR B 91 14.24 -4.98 5.57
C THR B 91 13.33 -3.75 5.59
N HIS B 92 13.73 -2.71 4.86
CA HIS B 92 12.93 -1.48 4.80
C HIS B 92 11.45 -1.83 4.68
N VAL B 93 11.09 -2.50 3.59
CA VAL B 93 9.70 -2.89 3.37
C VAL B 93 9.16 -3.63 4.58
N ALA B 94 9.98 -4.52 5.14
CA ALA B 94 9.57 -5.28 6.31
C ALA B 94 9.16 -4.34 7.44
N GLN B 95 9.95 -3.29 7.65
CA GLN B 95 9.66 -2.34 8.70
C GLN B 95 8.32 -1.66 8.45
N LEU B 96 8.11 -1.25 7.19
CA LEU B 96 6.87 -0.58 6.85
C LEU B 96 5.68 -1.47 7.20
N LEU B 97 5.79 -2.75 6.87
CA LEU B 97 4.73 -3.71 7.16
C LEU B 97 4.55 -3.85 8.67
N ASP B 98 5.66 -3.81 9.39
CA ASP B 98 5.60 -3.93 10.84
C ASP B 98 4.69 -2.87 11.43
N GLU B 99 4.86 -1.63 10.96
CA GLU B 99 4.03 -0.53 11.44
C GLU B 99 2.58 -0.71 11.01
N ALA B 100 2.39 -0.91 9.71
CA ALA B 100 1.05 -1.11 9.17
C ALA B 100 0.33 -2.21 9.95
N ILE B 101 1.01 -3.32 10.16
CA ILE B 101 0.42 -4.44 10.88
C ILE B 101 0.09 -4.03 12.32
N TYR B 102 1.03 -3.35 12.96
CA TYR B 102 0.85 -2.91 14.32
C TYR B 102 -0.36 -1.98 14.43
N HIS B 103 -0.44 -1.04 13.49
CA HIS B 103 -1.55 -0.10 13.46
C HIS B 103 -2.86 -0.81 13.16
N SER B 104 -2.80 -1.83 12.30
CA SER B 104 -3.99 -2.58 11.94
C SER B 104 -4.60 -3.22 13.18
N GLU B 105 -3.78 -3.85 14.01
CA GLU B 105 -4.27 -4.48 15.22
C GLU B 105 -4.60 -3.41 16.28
N HIS B 106 -3.58 -2.64 16.65
CA HIS B 106 -3.76 -1.60 17.67
C HIS B 106 -4.95 -0.74 17.31
N LEU B 107 -5.21 -0.61 16.01
CA LEU B 107 -6.34 0.19 15.54
C LEU B 107 -7.44 -0.70 14.97
N HIS B 108 -8.33 -1.14 15.85
CA HIS B 108 -9.43 -2.00 15.44
C HIS B 108 -10.63 -1.81 16.35
N LEU B 109 -10.62 -0.74 17.12
CA LEU B 109 -11.72 -0.46 18.05
C LEU B 109 -13.02 -0.23 17.28
N GLY B 110 -12.93 0.54 16.20
CA GLY B 110 -14.11 0.83 15.39
C GLY B 110 -15.05 1.78 16.14
N LEU B 111 -16.19 2.08 15.52
CA LEU B 111 -17.17 2.98 16.12
C LEU B 111 -18.58 2.53 15.78
N SER B 112 -19.00 1.44 16.40
CA SER B 112 -20.34 0.91 16.16
C SER B 112 -20.70 1.00 14.68
N ASP B 113 -22.00 1.08 14.39
CA ASP B 113 -22.46 1.18 13.01
C ASP B 113 -21.97 -0.01 12.19
N ARG B 114 -22.84 -0.55 11.35
CA ARG B 114 -22.49 -1.70 10.51
C ARG B 114 -23.12 -1.57 9.14
N HIS B 115 -22.46 -2.15 8.13
CA HIS B 115 -22.97 -2.10 6.77
C HIS B 115 -22.20 -3.05 5.88
N PRO B 116 -22.44 -4.34 6.02
CA PRO B 116 -21.75 -5.38 5.22
C PRO B 116 -21.87 -5.13 3.72
N SER B 117 -23.04 -4.66 3.29
CA SER B 117 -23.29 -4.37 1.87
C SER B 117 -23.85 -2.97 1.70
N ALA B 118 -23.62 -2.38 0.53
CA ALA B 118 -24.11 -1.04 0.25
C ALA B 118 -25.63 -1.02 0.24
N GLY B 119 -26.23 -2.09 -0.24
CA GLY B 119 -27.69 -2.19 -0.29
C GLY B 119 -28.13 -3.56 -0.82
N GLY A 1 -21.21 -16.38 30.58
CA GLY A 1 -22.54 -16.18 29.93
C GLY A 1 -22.48 -16.62 28.47
N HIS A 2 -21.27 -16.88 28.00
CA HIS A 2 -21.08 -17.31 26.61
C HIS A 2 -21.90 -16.43 25.66
N GLY A 3 -21.38 -15.25 25.36
CA GLY A 3 -22.07 -14.33 24.47
C GLY A 3 -22.21 -14.93 23.08
N VAL A 4 -21.15 -15.58 22.60
CA VAL A 4 -21.18 -16.20 21.28
C VAL A 4 -20.51 -17.57 21.33
N GLU A 5 -20.81 -18.40 20.33
CA GLU A 5 -20.23 -19.74 20.26
C GLU A 5 -19.82 -20.08 18.83
N GLY A 6 -18.72 -20.82 18.70
CA GLY A 6 -18.24 -21.21 17.38
C GLY A 6 -17.49 -20.06 16.70
N ARG A 7 -17.41 -18.93 17.41
CA ARG A 7 -16.71 -17.76 16.88
C ARG A 7 -16.00 -17.01 17.98
N ASN A 8 -14.68 -16.88 17.86
CA ASN A 8 -13.90 -16.17 18.86
C ASN A 8 -12.62 -15.61 18.25
N ARG A 9 -12.40 -14.31 18.40
CA ARG A 9 -11.22 -13.66 17.86
C ARG A 9 -11.10 -13.94 16.36
N PRO A 10 -11.99 -13.38 15.58
CA PRO A 10 -12.01 -13.56 14.10
C PRO A 10 -10.75 -12.97 13.45
N SER A 11 -10.31 -13.61 12.37
CA SER A 11 -9.13 -13.12 11.65
C SER A 11 -8.00 -12.78 12.62
N ALA A 12 -7.08 -13.72 12.80
CA ALA A 12 -5.96 -13.51 13.70
C ALA A 12 -5.00 -14.68 13.65
N PRO A 13 -5.47 -15.86 13.99
CA PRO A 13 -4.63 -17.10 13.98
C PRO A 13 -4.11 -17.41 12.59
N LEU A 14 -4.89 -17.05 11.57
CA LEU A 14 -4.50 -17.31 10.19
C LEU A 14 -4.07 -16.03 9.51
N ASP A 15 -2.80 -15.67 9.67
CA ASP A 15 -2.26 -14.46 9.07
C ASP A 15 -2.87 -14.23 7.68
N SER A 16 -3.33 -15.31 7.06
CA SER A 16 -3.94 -15.21 5.74
C SER A 16 -4.92 -14.03 5.69
N GLN A 17 -5.78 -13.94 6.70
CA GLN A 17 -6.75 -12.86 6.77
C GLN A 17 -6.02 -11.52 6.93
N ALA A 18 -5.04 -11.49 7.83
CA ALA A 18 -4.28 -10.28 8.07
C ALA A 18 -3.65 -9.80 6.76
N ALA A 19 -3.38 -10.72 5.85
CA ALA A 19 -2.80 -10.36 4.57
C ALA A 19 -3.83 -9.65 3.71
N ALA A 20 -5.01 -10.26 3.59
CA ALA A 20 -6.08 -9.67 2.78
C ALA A 20 -6.46 -8.29 3.32
N GLN A 21 -6.61 -8.20 4.64
CA GLN A 21 -6.98 -6.95 5.28
C GLN A 21 -5.93 -5.86 5.00
N VAL A 22 -4.67 -6.20 5.29
CA VAL A 22 -3.59 -5.26 5.06
C VAL A 22 -3.51 -4.88 3.58
N ALA A 23 -3.63 -5.88 2.71
CA ALA A 23 -3.59 -5.62 1.28
C ALA A 23 -4.66 -4.61 0.89
N SER A 24 -5.85 -4.77 1.46
CA SER A 24 -6.96 -3.87 1.16
C SER A 24 -6.58 -2.43 1.51
N THR A 25 -5.96 -2.26 2.68
CA THR A 25 -5.56 -0.93 3.12
C THR A 25 -4.49 -0.35 2.17
N LEU A 26 -3.43 -1.13 1.94
CA LEU A 26 -2.36 -0.67 1.06
C LEU A 26 -2.87 -0.50 -0.36
N GLN A 27 -3.98 -1.16 -0.66
CA GLN A 27 -4.58 -1.05 -1.98
C GLN A 27 -5.26 0.30 -2.17
N ALA A 28 -6.25 0.57 -1.31
CA ALA A 28 -6.99 1.83 -1.40
C ALA A 28 -6.03 3.02 -1.24
N LEU A 29 -5.27 3.03 -0.16
CA LEU A 29 -4.33 4.11 0.08
C LEU A 29 -3.52 4.39 -1.17
N ALA A 30 -3.25 3.35 -1.95
CA ALA A 30 -2.48 3.50 -3.17
C ALA A 30 -3.15 4.51 -4.09
N THR A 31 -3.17 4.22 -5.38
CA THR A 31 -3.78 5.11 -6.35
C THR A 31 -3.14 6.50 -6.28
N PRO A 32 -2.50 6.96 -7.32
CA PRO A 32 -1.83 8.28 -7.34
C PRO A 32 -2.72 9.41 -6.81
N SER A 33 -3.95 9.45 -7.30
CA SER A 33 -4.88 10.51 -6.88
C SER A 33 -5.08 10.49 -5.37
N ARG A 34 -5.35 9.32 -4.83
CA ARG A 34 -5.55 9.18 -3.39
C ARG A 34 -4.26 9.44 -2.64
N LEU A 35 -3.15 8.99 -3.21
CA LEU A 35 -1.87 9.15 -2.56
C LEU A 35 -1.55 10.63 -2.35
N MET A 36 -1.61 11.40 -3.42
CA MET A 36 -1.33 12.82 -3.34
C MET A 36 -2.31 13.51 -2.39
N ILE A 37 -3.60 13.18 -2.55
CA ILE A 37 -4.63 13.79 -1.70
C ILE A 37 -4.38 13.44 -0.23
N LEU A 38 -4.05 12.18 0.03
CA LEU A 38 -3.78 11.72 1.38
C LEU A 38 -2.59 12.46 1.97
N THR A 39 -1.57 12.67 1.15
CA THR A 39 -0.38 13.38 1.60
C THR A 39 -0.75 14.79 2.06
N GLN A 40 -1.62 15.44 1.29
CA GLN A 40 -2.05 16.79 1.63
C GLN A 40 -2.68 16.81 3.02
N LEU A 41 -3.53 15.82 3.29
CA LEU A 41 -4.17 15.73 4.60
C LEU A 41 -3.14 15.49 5.70
N ARG A 42 -2.19 14.61 5.42
CA ARG A 42 -1.15 14.30 6.39
C ARG A 42 -0.30 15.54 6.67
N ASN A 43 -0.10 16.36 5.65
CA ASN A 43 0.71 17.57 5.80
C ASN A 43 0.13 18.46 6.89
N GLY A 44 -1.19 18.58 6.91
CA GLY A 44 -1.85 19.42 7.90
C GLY A 44 -3.29 19.73 7.48
N PRO A 45 -3.97 20.54 8.25
CA PRO A 45 -5.39 20.93 7.97
C PRO A 45 -5.49 21.92 6.81
N LEU A 46 -6.44 21.66 5.92
CA LEU A 46 -6.62 22.53 4.76
C LEU A 46 -8.05 22.40 4.21
N PRO A 47 -8.92 23.31 4.55
CA PRO A 47 -10.33 23.27 4.07
C PRO A 47 -10.44 23.01 2.57
N VAL A 48 -11.64 22.66 2.13
CA VAL A 48 -11.86 22.38 0.71
C VAL A 48 -11.27 23.50 -0.16
N THR A 49 -11.49 24.73 0.25
CA THR A 49 -10.97 25.88 -0.48
C THR A 49 -9.45 25.84 -0.52
N ASP A 50 -8.84 25.45 0.59
CA ASP A 50 -7.38 25.37 0.65
C ASP A 50 -6.87 24.31 -0.31
N LEU A 51 -7.61 23.20 -0.41
CA LEU A 51 -7.21 22.14 -1.31
C LEU A 51 -7.22 22.63 -2.75
N ALA A 52 -8.28 23.32 -3.13
CA ALA A 52 -8.37 23.85 -4.48
C ALA A 52 -7.16 24.71 -4.78
N GLU A 53 -6.83 25.59 -3.85
CA GLU A 53 -5.68 26.48 -4.05
C GLU A 53 -4.43 25.65 -4.33
N ALA A 54 -4.16 24.65 -3.48
CA ALA A 54 -2.99 23.81 -3.66
C ALA A 54 -2.93 23.26 -5.08
N ILE A 55 -3.97 22.53 -5.47
CA ILE A 55 -4.03 21.96 -6.81
C ILE A 55 -4.58 22.98 -7.80
N GLY A 56 -5.89 23.22 -7.74
CA GLY A 56 -6.55 24.17 -8.63
C GLY A 56 -7.79 23.58 -9.26
N MET A 57 -8.95 23.83 -8.63
CA MET A 57 -10.21 23.34 -9.17
C MET A 57 -10.28 21.82 -9.08
N GLU A 58 -10.69 21.32 -7.91
CA GLU A 58 -10.81 19.89 -7.71
C GLU A 58 -11.54 19.60 -6.40
N GLN A 59 -12.41 20.51 -6.00
CA GLN A 59 -13.15 20.35 -4.76
C GLN A 59 -14.13 19.18 -4.86
N SER A 60 -14.50 18.84 -6.09
CA SER A 60 -15.44 17.74 -6.32
C SER A 60 -14.81 16.41 -5.90
N ALA A 61 -13.56 16.20 -6.30
CA ALA A 61 -12.86 14.96 -5.98
C ALA A 61 -12.71 14.82 -4.47
N VAL A 62 -12.57 15.96 -3.77
CA VAL A 62 -12.41 15.92 -2.33
C VAL A 62 -13.72 15.56 -1.65
N SER A 63 -14.77 16.29 -1.95
CA SER A 63 -16.08 16.02 -1.36
C SER A 63 -16.51 14.59 -1.65
N HIS A 64 -16.25 14.13 -2.88
CA HIS A 64 -16.62 12.78 -3.27
C HIS A 64 -15.82 11.75 -2.48
N GLN A 65 -14.50 11.92 -2.48
CA GLN A 65 -13.63 11.00 -1.76
C GLN A 65 -13.95 11.03 -0.26
N LEU A 66 -14.22 12.22 0.26
CA LEU A 66 -14.52 12.37 1.65
C LEU A 66 -15.78 11.59 2.01
N ARG A 67 -16.80 11.70 1.17
CA ARG A 67 -18.05 11.00 1.42
C ARG A 67 -17.84 9.50 1.44
N VAL A 68 -17.02 9.01 0.51
CA VAL A 68 -16.75 7.58 0.43
C VAL A 68 -16.09 7.10 1.72
N LEU A 69 -14.99 7.73 2.11
CA LEU A 69 -14.29 7.35 3.34
C LEU A 69 -15.19 7.58 4.53
N ARG A 70 -15.94 8.68 4.51
CA ARG A 70 -16.83 9.01 5.61
C ARG A 70 -17.73 7.81 5.93
N ASN A 71 -18.23 7.16 4.88
CA ASN A 71 -19.10 6.01 5.08
C ASN A 71 -18.36 4.91 5.83
N LEU A 72 -17.12 4.63 5.41
CA LEU A 72 -16.31 3.60 6.05
C LEU A 72 -15.98 4.02 7.49
N GLY A 73 -15.71 5.30 7.68
CA GLY A 73 -15.37 5.82 9.01
C GLY A 73 -13.87 5.79 9.23
N LEU A 74 -13.10 5.99 8.15
CA LEU A 74 -11.64 5.97 8.24
C LEU A 74 -11.11 7.40 8.38
N VAL A 75 -12.01 8.37 8.38
CA VAL A 75 -11.61 9.77 8.51
C VAL A 75 -12.51 10.48 9.51
N VAL A 76 -12.00 11.56 10.10
CA VAL A 76 -12.75 12.34 11.08
C VAL A 76 -12.82 13.79 10.66
N GLY A 77 -14.00 14.39 10.81
CA GLY A 77 -14.18 15.80 10.46
C GLY A 77 -14.61 16.61 11.68
N ASP A 78 -13.92 17.72 11.90
CA ASP A 78 -14.23 18.60 13.04
C ASP A 78 -14.88 19.87 12.56
N ARG A 79 -16.22 19.93 12.66
CA ARG A 79 -16.96 21.10 12.24
C ARG A 79 -17.02 22.13 13.36
N ALA A 80 -16.61 23.35 13.05
CA ALA A 80 -16.62 24.42 14.04
C ALA A 80 -16.25 25.76 13.40
N GLY A 81 -16.88 26.82 13.87
CA GLY A 81 -16.61 28.15 13.34
C GLY A 81 -16.55 28.12 11.83
N ARG A 82 -17.71 27.91 11.19
CA ARG A 82 -17.78 27.85 9.74
C ARG A 82 -16.49 27.28 9.15
N SER A 83 -15.89 26.34 9.86
CA SER A 83 -14.64 25.73 9.42
C SER A 83 -14.62 24.26 9.80
N ILE A 84 -14.45 23.40 8.80
CA ILE A 84 -14.40 21.96 9.03
C ILE A 84 -13.02 21.42 8.67
N VAL A 85 -12.39 20.74 9.62
CA VAL A 85 -11.08 20.15 9.38
C VAL A 85 -11.20 18.65 9.12
N TYR A 86 -10.73 18.22 7.94
CA TYR A 86 -10.79 16.81 7.58
C TYR A 86 -9.45 16.14 7.84
N SER A 87 -9.47 15.06 8.62
CA SER A 87 -8.25 14.33 8.94
C SER A 87 -8.52 12.83 8.97
N LEU A 88 -7.46 12.04 8.86
CA LEU A 88 -7.59 10.59 8.88
C LEU A 88 -7.92 10.09 10.28
N TYR A 89 -8.86 9.16 10.37
CA TYR A 89 -9.25 8.61 11.66
C TYR A 89 -8.08 7.90 12.33
N ASP A 90 -7.44 6.99 11.58
CA ASP A 90 -6.31 6.24 12.11
C ASP A 90 -5.03 7.05 11.98
N THR A 91 -4.16 6.93 12.98
CA THR A 91 -2.87 7.63 12.95
C THR A 91 -1.78 6.73 12.38
N HIS A 92 -1.97 5.42 12.51
CA HIS A 92 -0.99 4.47 12.00
C HIS A 92 -0.79 4.68 10.50
N VAL A 93 -1.89 4.86 9.76
CA VAL A 93 -1.81 5.06 8.32
C VAL A 93 -0.90 6.25 8.01
N ALA A 94 -1.03 7.31 8.79
CA ALA A 94 -0.21 8.49 8.60
C ALA A 94 1.28 8.14 8.78
N GLN A 95 1.56 7.41 9.85
CA GLN A 95 2.94 7.00 10.12
C GLN A 95 3.46 6.12 8.98
N LEU A 96 2.61 5.23 8.49
CA LEU A 96 3.00 4.33 7.41
C LEU A 96 3.41 5.15 6.19
N LEU A 97 2.63 6.16 5.87
CA LEU A 97 2.93 7.02 4.73
C LEU A 97 4.25 7.74 4.94
N ASP A 98 4.49 8.18 6.16
CA ASP A 98 5.72 8.90 6.47
C ASP A 98 6.94 8.02 6.17
N GLU A 99 6.84 6.75 6.51
CA GLU A 99 7.95 5.83 6.26
C GLU A 99 8.11 5.57 4.76
N ALA A 100 7.02 5.13 4.12
CA ALA A 100 7.06 4.85 2.69
C ALA A 100 7.47 6.10 1.91
N ILE A 101 6.91 7.24 2.29
CA ILE A 101 7.22 8.48 1.60
C ILE A 101 8.70 8.81 1.74
N TYR A 102 9.22 8.67 2.94
CA TYR A 102 10.64 8.95 3.18
C TYR A 102 11.50 8.03 2.33
N HIS A 103 11.09 6.78 2.22
CA HIS A 103 11.83 5.80 1.43
C HIS A 103 11.86 6.21 -0.04
N SER A 104 10.73 6.72 -0.53
CA SER A 104 10.64 7.15 -1.92
C SER A 104 11.35 8.48 -2.14
N GLU A 105 11.17 9.40 -1.20
CA GLU A 105 11.80 10.71 -1.30
C GLU A 105 13.31 10.57 -1.32
N HIS A 106 13.83 9.62 -0.54
CA HIS A 106 15.26 9.41 -0.49
C HIS A 106 15.83 9.28 -1.88
N LEU A 107 15.52 8.19 -2.56
CA LEU A 107 16.01 7.95 -3.92
C LEU A 107 17.37 8.57 -4.13
N HIS A 108 17.38 9.86 -4.46
CA HIS A 108 18.61 10.60 -4.69
C HIS A 108 19.33 10.04 -5.92
N LEU A 109 19.40 8.72 -6.01
CA LEU A 109 20.05 8.07 -7.13
C LEU A 109 19.31 8.36 -8.42
N GLY A 110 17.99 8.32 -8.36
CA GLY A 110 17.17 8.58 -9.54
C GLY A 110 17.18 7.39 -10.49
N LEU A 111 16.42 6.36 -10.16
CA LEU A 111 16.35 5.17 -10.98
C LEU A 111 15.49 5.42 -12.22
N SER A 112 15.91 4.84 -13.35
CA SER A 112 15.17 5.01 -14.58
C SER A 112 13.70 4.68 -14.38
N ASP A 113 12.92 5.68 -13.97
CA ASP A 113 11.49 5.49 -13.74
C ASP A 113 10.71 5.73 -15.02
N ARG A 114 9.57 5.07 -15.14
CA ARG A 114 8.72 5.21 -16.32
C ARG A 114 8.06 6.58 -16.34
N HIS A 115 7.40 6.91 -17.45
CA HIS A 115 6.72 8.20 -17.59
C HIS A 115 5.32 8.01 -18.16
N PRO A 116 4.46 7.37 -17.42
CA PRO A 116 3.05 7.11 -17.84
C PRO A 116 2.19 8.37 -17.74
N SER A 117 1.13 8.42 -18.53
CA SER A 117 0.21 9.55 -18.50
C SER A 117 -1.19 9.12 -18.91
N ALA A 118 -1.98 8.69 -17.93
CA ALA A 118 -3.35 8.25 -18.19
C ALA A 118 -3.41 7.44 -19.48
N GLY A 119 -4.61 7.27 -20.01
CA GLY A 119 -4.79 6.52 -21.24
C GLY A 119 -4.17 5.13 -21.14
N GLY B 1 30.94 20.19 -17.10
CA GLY B 1 30.88 19.49 -18.41
C GLY B 1 29.44 19.40 -18.87
N HIS B 2 28.51 19.70 -17.97
CA HIS B 2 27.09 19.65 -18.30
C HIS B 2 26.75 18.32 -18.97
N GLY B 3 26.59 17.27 -18.17
CA GLY B 3 26.26 15.96 -18.70
C GLY B 3 24.90 15.97 -19.37
N VAL B 4 23.94 16.66 -18.76
CA VAL B 4 22.59 16.75 -19.32
C VAL B 4 22.06 18.16 -19.20
N GLU B 5 21.05 18.48 -20.01
CA GLU B 5 20.44 19.82 -19.99
C GLU B 5 18.93 19.72 -20.12
N GLY B 6 18.23 20.59 -19.41
CA GLY B 6 16.78 20.61 -19.45
C GLY B 6 16.20 19.52 -18.55
N ARG B 7 17.08 18.77 -17.89
CA ARG B 7 16.65 17.71 -17.00
C ARG B 7 17.60 17.59 -15.80
N ASN B 8 17.06 17.77 -14.61
CA ASN B 8 17.86 17.67 -13.39
C ASN B 8 16.98 17.32 -12.19
N ARG B 9 17.36 16.25 -11.50
CA ARG B 9 16.60 15.81 -10.33
C ARG B 9 15.13 15.63 -10.68
N PRO B 10 14.84 14.72 -11.58
CA PRO B 10 13.44 14.44 -12.01
C PRO B 10 12.61 13.80 -10.90
N SER B 11 11.32 14.12 -10.89
CA SER B 11 10.41 13.57 -9.88
C SER B 11 10.94 13.87 -8.47
N ALA B 12 10.59 15.03 -7.96
CA ALA B 12 11.03 15.44 -6.63
C ALA B 12 10.34 16.73 -6.21
N PRO B 13 10.54 17.80 -6.95
CA PRO B 13 9.95 19.13 -6.64
C PRO B 13 8.43 19.06 -6.63
N LEU B 14 7.86 18.19 -7.47
CA LEU B 14 6.41 18.05 -7.55
C LEU B 14 5.97 16.77 -6.90
N ASP B 15 5.74 16.83 -5.58
CA ASP B 15 5.30 15.66 -4.82
C ASP B 15 4.34 14.81 -5.65
N SER B 16 3.67 15.45 -6.60
CA SER B 16 2.73 14.75 -7.48
C SER B 16 3.34 13.42 -7.94
N GLN B 17 4.56 13.47 -8.43
CA GLN B 17 5.25 12.26 -8.89
C GLN B 17 5.47 11.31 -7.73
N ALA B 18 5.94 11.85 -6.61
CA ALA B 18 6.19 11.04 -5.43
C ALA B 18 4.92 10.30 -5.03
N ALA B 19 3.76 10.88 -5.34
CA ALA B 19 2.49 10.27 -5.02
C ALA B 19 2.26 9.05 -5.91
N ALA B 20 2.42 9.25 -7.21
CA ALA B 20 2.22 8.16 -8.17
C ALA B 20 3.18 7.02 -7.88
N GLN B 21 4.45 7.36 -7.66
CA GLN B 21 5.47 6.36 -7.40
C GLN B 21 5.13 5.56 -6.13
N VAL B 22 4.85 6.28 -5.05
CA VAL B 22 4.50 5.64 -3.79
C VAL B 22 3.24 4.79 -3.96
N ALA B 23 2.25 5.34 -4.65
CA ALA B 23 1.01 4.61 -4.87
C ALA B 23 1.29 3.30 -5.58
N SER B 24 2.18 3.34 -6.57
CA SER B 24 2.53 2.13 -7.31
C SER B 24 3.09 1.06 -6.38
N THR B 25 3.98 1.47 -5.47
CA THR B 25 4.56 0.53 -4.53
C THR B 25 3.48 -0.04 -3.61
N LEU B 26 2.69 0.85 -2.99
CA LEU B 26 1.63 0.41 -2.09
C LEU B 26 0.59 -0.39 -2.84
N GLN B 27 0.54 -0.20 -4.15
CA GLN B 27 -0.42 -0.93 -4.98
C GLN B 27 0.02 -2.37 -5.16
N ALA B 28 1.20 -2.57 -5.74
CA ALA B 28 1.71 -3.92 -5.97
C ALA B 28 1.79 -4.69 -4.66
N LEU B 29 2.51 -4.13 -3.69
CA LEU B 29 2.66 -4.78 -2.39
C LEU B 29 1.32 -5.26 -1.88
N ALA B 30 0.26 -4.54 -2.24
CA ALA B 30 -1.08 -4.90 -1.80
C ALA B 30 -1.41 -6.32 -2.27
N THR B 31 -2.64 -6.51 -2.74
CA THR B 31 -3.07 -7.80 -3.22
C THR B 31 -2.89 -8.87 -2.12
N PRO B 32 -3.95 -9.48 -1.67
CA PRO B 32 -3.88 -10.51 -0.59
C PRO B 32 -2.80 -11.56 -0.85
N SER B 33 -2.78 -12.09 -2.07
CA SER B 33 -1.81 -13.13 -2.41
C SER B 33 -0.38 -12.63 -2.20
N ARG B 34 -0.08 -11.45 -2.72
CA ARG B 34 1.25 -10.89 -2.59
C ARG B 34 1.53 -10.52 -1.14
N LEU B 35 0.50 -10.04 -0.44
CA LEU B 35 0.68 -9.64 0.94
C LEU B 35 1.14 -10.82 1.79
N MET B 36 0.40 -11.91 1.72
CA MET B 36 0.76 -13.09 2.49
C MET B 36 2.14 -13.61 2.08
N ILE B 37 2.37 -13.69 0.77
CA ILE B 37 3.65 -14.17 0.27
C ILE B 37 4.80 -13.27 0.75
N LEU B 38 4.57 -11.97 0.67
CA LEU B 38 5.57 -11.01 1.11
C LEU B 38 5.86 -11.17 2.59
N THR B 39 4.82 -11.41 3.37
CA THR B 39 4.97 -11.60 4.80
C THR B 39 5.88 -12.78 5.09
N GLN B 40 5.67 -13.87 4.34
CA GLN B 40 6.48 -15.07 4.52
C GLN B 40 7.96 -14.74 4.31
N LEU B 41 8.24 -13.97 3.26
CA LEU B 41 9.62 -13.58 2.98
C LEU B 41 10.18 -12.71 4.10
N ARG B 42 9.37 -11.78 4.57
CA ARG B 42 9.78 -10.89 5.65
C ARG B 42 10.07 -11.68 6.92
N ASN B 43 9.29 -12.74 7.14
CA ASN B 43 9.45 -13.55 8.33
C ASN B 43 10.86 -14.13 8.42
N GLY B 44 11.35 -14.63 7.29
CA GLY B 44 12.70 -15.19 7.26
C GLY B 44 12.93 -15.97 5.96
N PRO B 45 14.06 -16.61 5.84
CA PRO B 45 14.42 -17.41 4.63
C PRO B 45 13.67 -18.73 4.59
N LEU B 46 13.11 -19.05 3.42
CA LEU B 46 12.35 -20.29 3.27
C LEU B 46 12.35 -20.71 1.79
N PRO B 47 13.18 -21.63 1.41
CA PRO B 47 13.25 -22.13 0.00
C PRO B 47 11.87 -22.45 -0.57
N VAL B 48 11.81 -22.60 -1.88
CA VAL B 48 10.55 -22.90 -2.55
C VAL B 48 9.84 -24.07 -1.84
N THR B 49 10.60 -25.09 -1.50
CA THR B 49 10.05 -26.25 -0.82
C THR B 49 9.44 -25.85 0.53
N ASP B 50 10.13 -24.94 1.23
CA ASP B 50 9.65 -24.48 2.52
C ASP B 50 8.33 -23.73 2.35
N LEU B 51 8.22 -22.96 1.28
CA LEU B 51 7.02 -22.21 1.03
C LEU B 51 5.84 -23.17 0.83
N ALA B 52 6.05 -24.19 0.02
CA ALA B 52 5.01 -25.17 -0.22
C ALA B 52 4.53 -25.75 1.09
N GLU B 53 5.46 -26.13 1.95
CA GLU B 53 5.10 -26.71 3.25
C GLU B 53 4.19 -25.75 4.01
N ALA B 54 4.62 -24.48 4.11
CA ALA B 54 3.82 -23.49 4.83
C ALA B 54 2.39 -23.48 4.33
N ILE B 55 2.21 -23.25 3.03
CA ILE B 55 0.88 -23.22 2.43
C ILE B 55 0.45 -24.61 2.02
N GLY B 56 1.07 -25.15 0.98
CA GLY B 56 0.74 -26.49 0.50
C GLY B 56 0.45 -26.48 -0.99
N MET B 57 1.48 -26.76 -1.80
CA MET B 57 1.31 -26.81 -3.24
C MET B 57 1.04 -25.43 -3.81
N GLU B 58 2.11 -24.71 -4.11
CA GLU B 58 1.98 -23.37 -4.67
C GLU B 58 3.35 -22.84 -5.09
N GLN B 59 4.25 -23.74 -5.44
CA GLN B 59 5.59 -23.35 -5.85
C GLN B 59 5.55 -22.59 -7.17
N SER B 60 4.50 -22.82 -7.95
CA SER B 60 4.36 -22.16 -9.24
C SER B 60 4.15 -20.66 -9.06
N ALA B 61 3.30 -20.29 -8.12
CA ALA B 61 3.02 -18.88 -7.86
C ALA B 61 4.27 -18.17 -7.37
N VAL B 62 5.13 -18.90 -6.66
CA VAL B 62 6.35 -18.31 -6.13
C VAL B 62 7.35 -18.05 -7.26
N SER B 63 7.65 -19.10 -8.04
CA SER B 63 8.58 -18.97 -9.14
C SER B 63 8.10 -17.90 -10.11
N HIS B 64 6.80 -17.87 -10.36
CA HIS B 64 6.23 -16.88 -11.28
C HIS B 64 6.38 -15.47 -10.72
N GLN B 65 5.97 -15.28 -9.48
CA GLN B 65 6.08 -13.97 -8.84
C GLN B 65 7.53 -13.55 -8.74
N LEU B 66 8.39 -14.50 -8.39
CA LEU B 66 9.81 -14.21 -8.26
C LEU B 66 10.37 -13.71 -9.57
N ARG B 67 10.01 -14.37 -10.67
CA ARG B 67 10.50 -13.97 -11.97
C ARG B 67 10.06 -12.56 -12.32
N VAL B 68 8.81 -12.25 -11.99
CA VAL B 68 8.28 -10.92 -12.27
C VAL B 68 9.09 -9.87 -11.53
N LEU B 69 9.19 -10.01 -10.22
CA LEU B 69 9.96 -9.07 -9.41
C LEU B 69 11.41 -9.07 -9.83
N ARG B 70 11.94 -10.25 -10.12
CA ARG B 70 13.33 -10.39 -10.53
C ARG B 70 13.63 -9.42 -11.66
N ASN B 71 12.71 -9.34 -12.62
CA ASN B 71 12.91 -8.43 -13.75
C ASN B 71 13.03 -6.99 -13.27
N LEU B 72 12.15 -6.59 -12.36
CA LEU B 72 12.17 -5.23 -11.83
C LEU B 72 13.44 -5.00 -11.03
N GLY B 73 13.86 -6.01 -10.28
CA GLY B 73 15.07 -5.91 -9.46
C GLY B 73 14.73 -5.43 -8.06
N LEU B 74 13.56 -5.79 -7.56
CA LEU B 74 13.12 -5.38 -6.23
C LEU B 74 13.41 -6.48 -5.21
N VAL B 75 13.97 -7.59 -5.68
CA VAL B 75 14.30 -8.71 -4.79
C VAL B 75 15.69 -9.23 -5.09
N VAL B 76 16.31 -9.85 -4.09
CA VAL B 76 17.65 -10.40 -4.25
C VAL B 76 17.66 -11.88 -3.88
N GLY B 77 18.39 -12.67 -4.67
CA GLY B 77 18.49 -14.11 -4.42
C GLY B 77 19.94 -14.52 -4.20
N ASP B 78 20.18 -15.27 -3.14
CA ASP B 78 21.54 -15.73 -2.82
C ASP B 78 21.66 -17.22 -3.09
N ARG B 79 22.24 -17.56 -4.24
CA ARG B 79 22.42 -18.96 -4.61
C ARG B 79 23.71 -19.52 -4.01
N ALA B 80 23.57 -20.63 -3.29
CA ALA B 80 24.74 -21.26 -2.67
C ALA B 80 24.37 -22.59 -2.04
N GLY B 81 25.29 -23.55 -2.11
CA GLY B 81 25.04 -24.87 -1.55
C GLY B 81 23.64 -25.35 -1.89
N ARG B 82 23.42 -25.66 -3.17
CA ARG B 82 22.12 -26.13 -3.64
C ARG B 82 20.99 -25.49 -2.84
N SER B 83 21.21 -24.25 -2.41
CA SER B 83 20.21 -23.53 -1.62
C SER B 83 20.18 -22.08 -2.01
N ILE B 84 19.00 -21.60 -2.41
CA ILE B 84 18.83 -20.21 -2.83
C ILE B 84 17.88 -19.50 -1.87
N VAL B 85 18.35 -18.41 -1.28
CA VAL B 85 17.51 -17.62 -0.38
C VAL B 85 16.94 -16.41 -1.09
N TYR B 86 15.61 -16.32 -1.12
CA TYR B 86 14.94 -15.19 -1.77
C TYR B 86 14.53 -14.15 -0.74
N SER B 87 14.97 -12.91 -0.95
CA SER B 87 14.64 -11.82 -0.04
C SER B 87 14.38 -10.53 -0.81
N LEU B 88 13.70 -9.59 -0.17
CA LEU B 88 13.41 -8.32 -0.81
C LEU B 88 14.66 -7.45 -0.91
N TYR B 89 14.83 -6.80 -2.06
CA TYR B 89 16.00 -5.94 -2.25
C TYR B 89 15.97 -4.77 -1.28
N ASP B 90 14.86 -4.05 -1.24
CA ASP B 90 14.74 -2.90 -0.34
C ASP B 90 14.35 -3.34 1.06
N THR B 91 14.92 -2.68 2.06
CA THR B 91 14.61 -3.01 3.45
C THR B 91 13.50 -2.11 3.98
N HIS B 92 13.33 -0.95 3.35
CA HIS B 92 12.28 -0.02 3.77
C HIS B 92 10.91 -0.66 3.64
N VAL B 93 10.69 -1.37 2.53
CA VAL B 93 9.42 -2.04 2.30
C VAL B 93 9.11 -2.99 3.46
N ALA B 94 10.13 -3.72 3.91
CA ALA B 94 9.95 -4.64 5.03
C ALA B 94 9.49 -3.88 6.27
N GLN B 95 10.16 -2.76 6.55
CA GLN B 95 9.82 -1.96 7.72
C GLN B 95 8.38 -1.44 7.58
N LEU B 96 8.02 -1.03 6.37
CA LEU B 96 6.68 -0.52 6.13
C LEU B 96 5.65 -1.59 6.48
N LEU B 97 5.90 -2.81 6.06
CA LEU B 97 4.98 -3.91 6.33
C LEU B 97 4.89 -4.16 7.83
N ASP B 98 6.01 -4.04 8.52
CA ASP B 98 6.03 -4.26 9.97
C ASP B 98 5.10 -3.28 10.67
N GLU B 99 5.11 -2.03 10.23
CA GLU B 99 4.25 -1.01 10.82
C GLU B 99 2.78 -1.28 10.49
N ALA B 100 2.48 -1.39 9.19
CA ALA B 100 1.11 -1.63 8.76
C ALA B 100 0.59 -2.92 9.38
N ILE B 101 1.41 -3.97 9.37
CA ILE B 101 0.99 -5.25 9.91
C ILE B 101 0.67 -5.11 11.39
N TYR B 102 1.54 -4.44 12.13
CA TYR B 102 1.32 -4.24 13.56
C TYR B 102 0.03 -3.47 13.79
N HIS B 103 -0.22 -2.47 12.95
CA HIS B 103 -1.43 -1.67 13.09
C HIS B 103 -2.68 -2.52 12.92
N SER B 104 -2.64 -3.42 11.95
CA SER B 104 -3.79 -4.30 11.69
C SER B 104 -3.90 -5.38 12.77
N GLU B 105 -2.76 -5.92 13.18
CA GLU B 105 -2.75 -6.96 14.20
C GLU B 105 -3.24 -6.41 15.53
N HIS B 106 -2.98 -5.13 15.77
CA HIS B 106 -3.38 -4.49 17.02
C HIS B 106 -4.89 -4.35 17.08
N LEU B 107 -5.57 -4.89 16.08
CA LEU B 107 -7.03 -4.82 16.03
C LEU B 107 -7.62 -5.04 17.41
N HIS B 108 -7.57 -6.29 17.89
CA HIS B 108 -8.10 -6.63 19.20
C HIS B 108 -9.60 -6.38 19.26
N LEU B 109 -10.01 -5.15 18.97
CA LEU B 109 -11.41 -4.78 19.02
C LEU B 109 -12.22 -5.66 18.07
N GLY B 110 -11.68 -5.89 16.88
CA GLY B 110 -12.37 -6.73 15.91
C GLY B 110 -13.56 -6.00 15.31
N LEU B 111 -13.29 -5.12 14.36
CA LEU B 111 -14.36 -4.36 13.71
C LEU B 111 -15.11 -5.23 12.71
N SER B 112 -16.42 -5.01 12.62
CA SER B 112 -17.24 -5.78 11.70
C SER B 112 -16.63 -5.78 10.31
N ASP B 113 -15.73 -6.74 10.06
CA ASP B 113 -15.08 -6.85 8.76
C ASP B 113 -15.91 -7.71 7.82
N ARG B 114 -15.71 -7.50 6.52
CA ARG B 114 -16.44 -8.27 5.51
C ARG B 114 -15.87 -9.68 5.39
N HIS B 115 -16.56 -10.53 4.65
CA HIS B 115 -16.12 -11.91 4.46
C HIS B 115 -16.18 -12.30 2.97
N PRO B 116 -15.35 -11.68 2.16
CA PRO B 116 -15.29 -11.95 0.71
C PRO B 116 -14.58 -13.26 0.40
N SER B 117 -14.88 -13.85 -0.76
CA SER B 117 -14.25 -15.10 -1.17
C SER B 117 -14.22 -15.22 -2.68
N ALA B 118 -13.19 -14.66 -3.31
CA ALA B 118 -13.05 -14.71 -4.76
C ALA B 118 -14.40 -14.45 -5.43
N GLY B 119 -14.48 -14.76 -6.72
CA GLY B 119 -15.71 -14.55 -7.46
C GLY B 119 -16.19 -13.10 -7.34
N GLY A 1 -23.24 -30.50 18.84
CA GLY A 1 -21.96 -31.27 18.91
C GLY A 1 -21.81 -32.11 17.65
N HIS A 2 -22.89 -32.75 17.23
CA HIS A 2 -22.85 -33.59 16.04
C HIS A 2 -23.04 -32.75 14.79
N GLY A 3 -23.32 -31.47 14.98
CA GLY A 3 -23.54 -30.56 13.85
C GLY A 3 -22.20 -30.17 13.22
N VAL A 4 -21.12 -30.75 13.73
CA VAL A 4 -19.79 -30.46 13.20
C VAL A 4 -19.66 -30.95 11.76
N GLU A 5 -20.32 -32.06 11.47
CA GLU A 5 -20.28 -32.64 10.13
C GLU A 5 -20.87 -31.67 9.10
N GLY A 6 -20.26 -31.60 7.94
CA GLY A 6 -20.73 -30.71 6.88
C GLY A 6 -19.89 -30.85 5.62
N ARG A 7 -19.19 -29.78 5.26
CA ARG A 7 -18.35 -29.80 4.06
C ARG A 7 -17.02 -30.49 4.36
N ASN A 8 -16.78 -30.78 5.64
CA ASN A 8 -15.54 -31.44 6.04
C ASN A 8 -14.34 -30.62 5.64
N ARG A 9 -14.46 -29.29 5.81
CA ARG A 9 -13.36 -28.39 5.45
C ARG A 9 -12.74 -27.78 6.71
N PRO A 10 -11.47 -27.46 6.67
CA PRO A 10 -10.75 -26.86 7.82
C PRO A 10 -11.23 -25.44 8.12
N SER A 11 -11.09 -25.03 9.39
CA SER A 11 -11.52 -23.69 9.79
C SER A 11 -10.54 -23.13 10.82
N ALA A 12 -9.49 -22.48 10.33
CA ALA A 12 -8.48 -21.90 11.20
C ALA A 12 -7.53 -21.00 10.41
N PRO A 13 -8.05 -19.96 9.80
CA PRO A 13 -7.23 -19.01 8.99
C PRO A 13 -6.35 -18.13 9.86
N LEU A 14 -5.03 -18.31 9.74
CA LEU A 14 -4.10 -17.52 10.53
C LEU A 14 -3.95 -16.13 9.93
N ASP A 15 -2.73 -15.59 10.00
CA ASP A 15 -2.47 -14.26 9.45
C ASP A 15 -3.15 -14.07 8.11
N SER A 16 -3.55 -15.18 7.48
CA SER A 16 -4.22 -15.13 6.18
C SER A 16 -5.19 -13.94 6.12
N GLN A 17 -6.03 -13.81 7.14
CA GLN A 17 -6.98 -12.71 7.19
C GLN A 17 -6.24 -11.38 7.32
N ALA A 18 -5.26 -11.34 8.22
CA ALA A 18 -4.48 -10.13 8.43
C ALA A 18 -3.81 -9.70 7.12
N ALA A 19 -3.51 -10.67 6.26
CA ALA A 19 -2.87 -10.38 4.99
C ALA A 19 -3.85 -9.67 4.05
N ALA A 20 -5.03 -10.26 3.90
CA ALA A 20 -6.04 -9.68 3.03
C ALA A 20 -6.46 -8.31 3.53
N GLN A 21 -6.60 -8.19 4.85
CA GLN A 21 -7.00 -6.92 5.45
C GLN A 21 -5.94 -5.84 5.17
N VAL A 22 -4.69 -6.17 5.45
CA VAL A 22 -3.59 -5.23 5.22
C VAL A 22 -3.51 -4.90 3.73
N ALA A 23 -3.64 -5.91 2.89
CA ALA A 23 -3.56 -5.70 1.45
C ALA A 23 -4.63 -4.70 1.02
N SER A 24 -5.83 -4.83 1.58
CA SER A 24 -6.92 -3.92 1.25
C SER A 24 -6.53 -2.48 1.57
N THR A 25 -5.95 -2.27 2.76
CA THR A 25 -5.53 -0.94 3.15
C THR A 25 -4.44 -0.42 2.22
N LEU A 26 -3.46 -1.29 1.92
CA LEU A 26 -2.37 -0.91 1.03
C LEU A 26 -2.88 -0.69 -0.38
N GLN A 27 -4.04 -1.27 -0.69
CA GLN A 27 -4.62 -1.13 -2.01
C GLN A 27 -5.22 0.27 -2.17
N ALA A 28 -6.15 0.62 -1.28
CA ALA A 28 -6.80 1.93 -1.36
C ALA A 28 -5.76 3.03 -1.17
N LEU A 29 -5.03 2.97 -0.05
CA LEU A 29 -4.04 3.99 0.25
C LEU A 29 -3.23 4.31 -1.00
N ALA A 30 -3.04 3.30 -1.84
CA ALA A 30 -2.30 3.49 -3.08
C ALA A 30 -2.98 4.58 -3.92
N THR A 31 -3.10 4.33 -5.22
CA THR A 31 -3.73 5.28 -6.12
C THR A 31 -3.04 6.66 -6.02
N PRO A 32 -2.37 7.09 -7.07
CA PRO A 32 -1.66 8.40 -7.06
C PRO A 32 -2.51 9.55 -6.52
N SER A 33 -3.75 9.63 -6.98
CA SER A 33 -4.65 10.69 -6.55
C SER A 33 -4.76 10.74 -5.03
N ARG A 34 -4.87 9.58 -4.42
CA ARG A 34 -4.97 9.50 -2.97
C ARG A 34 -3.67 9.92 -2.31
N LEU A 35 -2.54 9.62 -2.94
CA LEU A 35 -1.26 9.96 -2.37
C LEU A 35 -1.06 11.47 -2.27
N MET A 36 -1.18 12.15 -3.40
CA MET A 36 -1.03 13.60 -3.41
C MET A 36 -2.02 14.24 -2.47
N ILE A 37 -3.27 13.78 -2.51
CA ILE A 37 -4.29 14.33 -1.61
C ILE A 37 -3.93 14.05 -0.16
N LEU A 38 -3.51 12.82 0.10
CA LEU A 38 -3.14 12.42 1.44
C LEU A 38 -2.01 13.30 1.96
N THR A 39 -1.05 13.60 1.09
CA THR A 39 0.08 14.44 1.48
C THR A 39 -0.40 15.83 1.83
N GLN A 40 -1.42 16.31 1.11
CA GLN A 40 -1.95 17.65 1.38
C GLN A 40 -2.55 17.70 2.79
N LEU A 41 -3.41 16.74 3.10
CA LEU A 41 -4.04 16.69 4.40
C LEU A 41 -3.00 16.47 5.50
N ARG A 42 -1.95 15.73 5.16
CA ARG A 42 -0.90 15.45 6.12
C ARG A 42 -0.37 16.75 6.72
N ASN A 43 -0.25 17.78 5.90
CA ASN A 43 0.25 19.07 6.39
C ASN A 43 -0.69 19.64 7.44
N GLY A 44 -1.99 19.51 7.21
CA GLY A 44 -2.98 20.02 8.15
C GLY A 44 -4.38 20.00 7.55
N PRO A 45 -5.37 20.39 8.32
CA PRO A 45 -6.79 20.42 7.85
C PRO A 45 -7.03 21.50 6.81
N LEU A 46 -8.01 21.28 5.95
CA LEU A 46 -8.33 22.24 4.91
C LEU A 46 -9.48 21.73 4.03
N PRO A 47 -10.29 22.62 3.51
CA PRO A 47 -11.43 22.26 2.61
C PRO A 47 -10.95 21.82 1.22
N VAL A 48 -11.90 21.56 0.34
CA VAL A 48 -11.57 21.15 -1.03
C VAL A 48 -11.11 22.34 -1.83
N THR A 49 -11.99 23.33 -1.98
CA THR A 49 -11.66 24.54 -2.74
C THR A 49 -10.17 24.84 -2.67
N ASP A 50 -9.62 24.76 -1.46
CA ASP A 50 -8.20 25.00 -1.26
C ASP A 50 -7.38 23.96 -2.03
N LEU A 51 -7.81 22.71 -1.96
CA LEU A 51 -7.11 21.64 -2.64
C LEU A 51 -7.12 21.90 -4.14
N ALA A 52 -8.23 22.40 -4.64
CA ALA A 52 -8.34 22.69 -6.06
C ALA A 52 -7.30 23.73 -6.46
N GLU A 53 -7.17 24.76 -5.63
CA GLU A 53 -6.19 25.82 -5.91
C GLU A 53 -4.80 25.21 -6.04
N ALA A 54 -4.44 24.34 -5.09
CA ALA A 54 -3.13 23.69 -5.13
C ALA A 54 -2.96 22.91 -6.43
N ILE A 55 -3.95 22.08 -6.76
CA ILE A 55 -3.90 21.29 -7.98
C ILE A 55 -4.60 22.03 -9.13
N GLY A 56 -5.92 21.99 -9.14
CA GLY A 56 -6.70 22.66 -10.18
C GLY A 56 -7.90 21.83 -10.59
N MET A 57 -9.03 22.04 -9.91
CA MET A 57 -10.26 21.32 -10.24
C MET A 57 -10.12 19.86 -9.86
N GLU A 58 -10.79 19.46 -8.78
CA GLU A 58 -10.74 18.08 -8.31
C GLU A 58 -11.51 17.93 -7.00
N GLN A 59 -12.25 18.96 -6.64
CA GLN A 59 -13.01 18.92 -5.41
C GLN A 59 -13.90 17.68 -5.36
N SER A 60 -14.46 17.31 -6.50
CA SER A 60 -15.34 16.15 -6.57
C SER A 60 -14.59 14.87 -6.17
N ALA A 61 -13.42 14.67 -6.76
CA ALA A 61 -12.63 13.50 -6.46
C ALA A 61 -12.35 13.41 -4.97
N VAL A 62 -12.16 14.56 -4.33
CA VAL A 62 -11.89 14.58 -2.90
C VAL A 62 -13.12 14.17 -2.11
N SER A 63 -14.25 14.83 -2.37
CA SER A 63 -15.48 14.51 -1.67
C SER A 63 -15.83 13.03 -1.84
N HIS A 64 -15.69 12.54 -3.06
CA HIS A 64 -15.99 11.13 -3.34
C HIS A 64 -15.06 10.20 -2.56
N GLN A 65 -13.76 10.45 -2.67
CA GLN A 65 -12.78 9.64 -1.97
C GLN A 65 -12.98 9.73 -0.47
N LEU A 66 -13.32 10.91 0.00
CA LEU A 66 -13.56 11.10 1.43
C LEU A 66 -14.69 10.21 1.91
N ARG A 67 -15.78 10.19 1.15
CA ARG A 67 -16.93 9.38 1.54
C ARG A 67 -16.54 7.90 1.60
N VAL A 68 -15.81 7.44 0.59
CA VAL A 68 -15.40 6.03 0.57
C VAL A 68 -14.44 5.74 1.72
N LEU A 69 -13.36 6.51 1.80
CA LEU A 69 -12.37 6.30 2.86
C LEU A 69 -13.04 6.39 4.21
N ARG A 70 -13.95 7.33 4.36
CA ARG A 70 -14.66 7.49 5.62
C ARG A 70 -15.39 6.20 5.99
N ASN A 71 -15.96 5.53 5.00
CA ASN A 71 -16.68 4.30 5.27
C ASN A 71 -15.75 3.23 5.84
N LEU A 72 -14.55 3.13 5.25
CA LEU A 72 -13.58 2.13 5.71
C LEU A 72 -13.11 2.46 7.11
N GLY A 73 -12.81 3.73 7.35
CA GLY A 73 -12.34 4.18 8.67
C GLY A 73 -10.84 4.43 8.67
N LEU A 74 -10.46 5.69 8.50
CA LEU A 74 -9.05 6.06 8.50
C LEU A 74 -8.89 7.58 8.47
N VAL A 75 -10.00 8.28 8.32
CA VAL A 75 -9.98 9.74 8.28
C VAL A 75 -11.16 10.31 9.08
N VAL A 76 -11.03 11.56 9.51
CA VAL A 76 -12.08 12.20 10.29
C VAL A 76 -12.17 13.68 9.93
N GLY A 77 -13.35 14.26 10.14
CA GLY A 77 -13.56 15.68 9.86
C GLY A 77 -14.11 16.40 11.08
N ASP A 78 -13.69 17.65 11.27
CA ASP A 78 -14.16 18.45 12.40
C ASP A 78 -15.20 19.45 11.96
N ARG A 79 -16.42 19.31 12.50
CA ARG A 79 -17.52 20.22 12.15
C ARG A 79 -17.65 21.32 13.19
N ALA A 80 -17.84 22.55 12.72
CA ALA A 80 -17.99 23.70 13.62
C ALA A 80 -18.97 24.70 13.05
N GLY A 81 -20.23 24.61 13.49
CA GLY A 81 -21.26 25.53 13.01
C GLY A 81 -21.43 25.40 11.50
N ARG A 82 -20.61 26.14 10.75
CA ARG A 82 -20.67 26.12 9.29
C ARG A 82 -19.29 25.88 8.69
N SER A 83 -18.34 25.49 9.54
CA SER A 83 -16.98 25.23 9.09
C SER A 83 -16.61 23.78 9.33
N ILE A 84 -16.51 23.02 8.24
CA ILE A 84 -16.15 21.61 8.33
C ILE A 84 -14.84 21.36 7.60
N VAL A 85 -13.91 20.67 8.28
CA VAL A 85 -12.62 20.35 7.70
C VAL A 85 -12.39 18.85 7.71
N TYR A 86 -11.47 18.39 6.85
CA TYR A 86 -11.16 16.96 6.75
C TYR A 86 -9.72 16.71 7.17
N SER A 87 -9.51 15.65 7.96
CA SER A 87 -8.17 15.30 8.43
C SER A 87 -8.08 13.79 8.66
N LEU A 88 -6.87 13.32 8.93
CA LEU A 88 -6.64 11.90 9.16
C LEU A 88 -7.16 11.51 10.54
N TYR A 89 -7.64 10.29 10.66
CA TYR A 89 -8.16 9.79 11.93
C TYR A 89 -7.12 9.99 13.04
N ASP A 90 -5.88 9.60 12.76
CA ASP A 90 -4.81 9.74 13.74
C ASP A 90 -3.46 9.82 13.04
N THR A 91 -2.39 9.89 13.84
CA THR A 91 -1.04 9.97 13.29
C THR A 91 -0.58 8.60 12.81
N HIS A 92 -1.49 7.63 12.84
CA HIS A 92 -1.16 6.27 12.41
C HIS A 92 -0.76 6.27 10.94
N VAL A 93 -1.74 6.43 10.06
CA VAL A 93 -1.48 6.45 8.63
C VAL A 93 -0.27 7.32 8.32
N ALA A 94 -0.18 8.45 9.00
CA ALA A 94 0.94 9.36 8.80
C ALA A 94 2.26 8.69 9.16
N GLN A 95 2.24 7.92 10.23
CA GLN A 95 3.45 7.23 10.68
C GLN A 95 3.95 6.28 9.59
N LEU A 96 3.03 5.50 9.03
CA LEU A 96 3.41 4.55 7.99
C LEU A 96 3.94 5.30 6.77
N LEU A 97 3.26 6.37 6.41
CA LEU A 97 3.66 7.17 5.27
C LEU A 97 5.03 7.79 5.52
N ASP A 98 5.25 8.23 6.74
CA ASP A 98 6.52 8.85 7.10
C ASP A 98 7.67 7.90 6.80
N GLU A 99 7.53 6.64 7.23
CA GLU A 99 8.58 5.65 6.97
C GLU A 99 8.75 5.42 5.47
N ALA A 100 7.64 5.15 4.79
CA ALA A 100 7.69 4.92 3.35
C ALA A 100 8.32 6.11 2.63
N ILE A 101 7.93 7.30 3.05
CA ILE A 101 8.48 8.51 2.43
C ILE A 101 9.98 8.58 2.63
N TYR A 102 10.43 8.31 3.85
CA TYR A 102 11.84 8.35 4.14
C TYR A 102 12.59 7.32 3.31
N HIS A 103 12.04 6.11 3.25
CA HIS A 103 12.65 5.03 2.49
C HIS A 103 12.88 5.46 1.04
N SER A 104 11.87 6.08 0.45
CA SER A 104 11.98 6.54 -0.93
C SER A 104 12.83 7.80 -1.02
N GLU A 105 12.74 8.64 0.01
CA GLU A 105 13.49 9.88 0.04
C GLU A 105 14.99 9.60 -0.06
N HIS A 106 15.45 8.54 0.59
CA HIS A 106 16.87 8.20 0.56
C HIS A 106 17.34 8.06 -0.87
N LEU A 107 16.91 6.99 -1.53
CA LEU A 107 17.32 6.75 -2.92
C LEU A 107 16.92 7.94 -3.79
N HIS A 108 15.94 7.73 -4.65
CA HIS A 108 15.47 8.79 -5.54
C HIS A 108 16.64 9.66 -6.03
N LEU A 109 17.75 9.00 -6.35
CA LEU A 109 18.93 9.72 -6.81
C LEU A 109 18.67 10.33 -8.18
N GLY A 110 17.91 9.61 -9.02
CA GLY A 110 17.59 10.10 -10.36
C GLY A 110 17.46 8.94 -11.34
N LEU A 111 16.80 7.87 -10.90
CA LEU A 111 16.61 6.69 -11.75
C LEU A 111 15.20 6.68 -12.34
N SER A 112 14.93 5.70 -13.20
CA SER A 112 13.62 5.58 -13.83
C SER A 112 12.81 4.48 -13.16
N ASP A 113 11.71 4.88 -12.50
CA ASP A 113 10.86 3.91 -11.82
C ASP A 113 10.20 2.98 -12.83
N ARG A 114 9.84 3.52 -13.99
CA ARG A 114 9.20 2.72 -15.03
C ARG A 114 9.54 3.28 -16.41
N HIS A 115 9.88 2.38 -17.32
CA HIS A 115 10.23 2.77 -18.69
C HIS A 115 10.83 1.57 -19.44
N PRO A 116 11.73 0.86 -18.80
CA PRO A 116 12.42 -0.30 -19.43
C PRO A 116 11.42 -1.36 -19.91
N SER A 117 10.48 -1.70 -19.04
CA SER A 117 9.46 -2.69 -19.36
C SER A 117 8.60 -2.23 -20.53
N ALA A 118 8.20 -0.96 -20.49
CA ALA A 118 7.37 -0.39 -21.54
C ALA A 118 8.15 -0.31 -22.85
N GLY A 119 7.46 -0.58 -23.95
CA GLY A 119 8.09 -0.53 -25.26
C GLY A 119 7.27 -1.30 -26.30
N GLY B 1 17.50 28.36 -26.89
CA GLY B 1 16.89 29.34 -25.96
C GLY B 1 15.48 29.68 -26.45
N HIS B 2 15.32 29.82 -27.77
CA HIS B 2 14.03 30.14 -28.34
C HIS B 2 13.19 28.88 -28.54
N GLY B 3 13.80 27.72 -28.26
CA GLY B 3 13.10 26.45 -28.42
C GLY B 3 12.14 26.21 -27.26
N VAL B 4 12.06 27.18 -26.36
CA VAL B 4 11.17 27.08 -25.20
C VAL B 4 9.71 27.03 -25.64
N GLU B 5 9.39 27.82 -26.66
CA GLU B 5 8.02 27.87 -27.18
C GLU B 5 7.58 26.49 -27.64
N GLY B 6 6.31 26.16 -27.38
CA GLY B 6 5.78 24.86 -27.78
C GLY B 6 4.31 24.75 -27.39
N ARG B 7 4.01 23.83 -26.49
CA ARG B 7 2.63 23.62 -26.04
C ARG B 7 2.25 24.68 -25.02
N ASN B 8 3.22 25.48 -24.58
CA ASN B 8 2.97 26.52 -23.61
C ASN B 8 2.39 25.93 -22.33
N ARG B 9 2.93 24.79 -21.91
CA ARG B 9 2.46 24.13 -20.70
C ARG B 9 3.52 24.18 -19.60
N PRO B 10 3.11 24.20 -18.36
CA PRO B 10 4.04 24.24 -17.20
C PRO B 10 4.85 22.94 -17.07
N SER B 11 6.02 23.04 -16.45
CA SER B 11 6.87 21.88 -16.25
C SER B 11 7.59 21.96 -14.91
N ALA B 12 6.94 21.48 -13.86
CA ALA B 12 7.52 21.51 -12.53
C ALA B 12 6.68 20.67 -11.56
N PRO B 13 6.62 19.38 -11.79
CA PRO B 13 5.84 18.45 -10.92
C PRO B 13 6.52 18.19 -9.59
N LEU B 14 5.91 18.65 -8.51
CA LEU B 14 6.46 18.46 -7.18
C LEU B 14 6.23 17.03 -6.70
N ASP B 15 6.00 16.88 -5.40
CA ASP B 15 5.75 15.56 -4.83
C ASP B 15 4.84 14.73 -5.72
N SER B 16 4.13 15.42 -6.62
CA SER B 16 3.21 14.73 -7.53
C SER B 16 3.80 13.40 -8.01
N GLN B 17 5.04 13.44 -8.48
CA GLN B 17 5.71 12.24 -8.93
C GLN B 17 5.90 11.26 -7.76
N ALA B 18 6.36 11.79 -6.64
CA ALA B 18 6.59 10.96 -5.46
C ALA B 18 5.29 10.28 -5.03
N ALA B 19 4.16 10.92 -5.33
CA ALA B 19 2.86 10.37 -4.98
C ALA B 19 2.55 9.16 -5.85
N ALA B 20 2.69 9.34 -7.16
CA ALA B 20 2.41 8.25 -8.09
C ALA B 20 3.37 7.09 -7.85
N GLN B 21 4.63 7.41 -7.61
CA GLN B 21 5.64 6.39 -7.36
C GLN B 21 5.29 5.59 -6.11
N VAL B 22 5.03 6.29 -5.02
CA VAL B 22 4.67 5.63 -3.78
C VAL B 22 3.39 4.82 -3.95
N ALA B 23 2.40 5.42 -4.61
CA ALA B 23 1.15 4.73 -4.84
C ALA B 23 1.40 3.40 -5.56
N SER B 24 2.30 3.43 -6.54
CA SER B 24 2.61 2.22 -7.29
C SER B 24 3.13 1.13 -6.35
N THR B 25 4.04 1.52 -5.44
CA THR B 25 4.59 0.56 -4.49
C THR B 25 3.49 0.05 -3.57
N LEU B 26 2.66 0.96 -3.07
CA LEU B 26 1.57 0.59 -2.18
C LEU B 26 0.54 -0.25 -2.92
N GLN B 27 0.52 -0.12 -4.24
CA GLN B 27 -0.43 -0.88 -5.05
C GLN B 27 0.00 -2.34 -5.14
N ALA B 28 1.21 -2.57 -5.64
CA ALA B 28 1.70 -3.95 -5.78
C ALA B 28 1.79 -4.60 -4.41
N LEU B 29 2.50 -3.97 -3.48
CA LEU B 29 2.67 -4.53 -2.16
C LEU B 29 1.35 -5.05 -1.64
N ALA B 30 0.27 -4.41 -2.06
CA ALA B 30 -1.07 -4.83 -1.64
C ALA B 30 -1.31 -6.27 -2.08
N THR B 31 -2.49 -6.54 -2.63
CA THR B 31 -2.83 -7.87 -3.09
C THR B 31 -2.64 -8.90 -1.96
N PRO B 32 -3.69 -9.51 -1.47
CA PRO B 32 -3.59 -10.50 -0.35
C PRO B 32 -2.52 -11.56 -0.59
N SER B 33 -2.51 -12.12 -1.79
CA SER B 33 -1.54 -13.16 -2.13
C SER B 33 -0.11 -12.70 -1.85
N ARG B 34 0.15 -11.44 -2.12
CA ARG B 34 1.48 -10.89 -1.88
C ARG B 34 1.73 -10.72 -0.38
N LEU B 35 0.68 -10.38 0.36
CA LEU B 35 0.84 -10.17 1.80
C LEU B 35 1.24 -11.45 2.51
N MET B 36 0.44 -12.50 2.32
CA MET B 36 0.74 -13.78 2.96
C MET B 36 2.13 -14.24 2.54
N ILE B 37 2.43 -14.16 1.24
CA ILE B 37 3.74 -14.58 0.76
C ILE B 37 4.83 -13.71 1.37
N LEU B 38 4.58 -12.40 1.42
CA LEU B 38 5.55 -11.48 1.98
C LEU B 38 5.83 -11.81 3.43
N THR B 39 4.77 -12.12 4.18
CA THR B 39 4.92 -12.45 5.58
C THR B 39 5.77 -13.70 5.75
N GLN B 40 5.62 -14.64 4.81
CA GLN B 40 6.40 -15.87 4.86
C GLN B 40 7.89 -15.58 4.69
N LEU B 41 8.22 -14.82 3.64
CA LEU B 41 9.60 -14.46 3.37
C LEU B 41 10.17 -13.62 4.51
N ARG B 42 9.32 -12.83 5.13
CA ARG B 42 9.75 -11.98 6.23
C ARG B 42 10.45 -12.81 7.30
N ASN B 43 9.93 -14.01 7.55
CA ASN B 43 10.53 -14.89 8.56
C ASN B 43 11.96 -15.24 8.18
N GLY B 44 12.18 -15.49 6.89
CA GLY B 44 13.52 -15.82 6.42
C GLY B 44 13.47 -16.43 5.02
N PRO B 45 14.60 -16.84 4.50
CA PRO B 45 14.70 -17.46 3.15
C PRO B 45 14.00 -18.82 3.10
N LEU B 46 13.50 -19.18 1.92
CA LEU B 46 12.84 -20.46 1.76
C LEU B 46 12.39 -20.65 0.30
N PRO B 47 12.42 -21.87 -0.19
CA PRO B 47 12.01 -22.19 -1.59
C PRO B 47 10.50 -22.15 -1.77
N VAL B 48 10.05 -22.32 -3.01
CA VAL B 48 8.62 -22.30 -3.31
C VAL B 48 7.94 -23.55 -2.79
N THR B 49 8.69 -24.63 -2.80
CA THR B 49 8.17 -25.92 -2.31
C THR B 49 7.71 -25.81 -0.86
N ASP B 50 8.48 -25.07 -0.06
CA ASP B 50 8.15 -24.88 1.35
C ASP B 50 6.88 -24.02 1.45
N LEU B 51 6.78 -23.04 0.57
CA LEU B 51 5.63 -22.15 0.59
C LEU B 51 4.36 -22.93 0.29
N ALA B 52 4.46 -23.88 -0.63
CA ALA B 52 3.31 -24.68 -1.00
C ALA B 52 2.85 -25.49 0.20
N GLU B 53 3.81 -26.12 0.89
CA GLU B 53 3.47 -26.92 2.06
C GLU B 53 2.71 -26.06 3.08
N ALA B 54 3.20 -24.84 3.30
CA ALA B 54 2.54 -23.94 4.26
C ALA B 54 1.11 -23.66 3.81
N ILE B 55 0.94 -23.28 2.55
CA ILE B 55 -0.39 -22.99 2.01
C ILE B 55 -0.96 -24.23 1.35
N GLY B 56 -0.51 -24.51 0.13
CA GLY B 56 -0.98 -25.69 -0.60
C GLY B 56 -1.13 -25.39 -2.09
N MET B 57 -0.06 -25.65 -2.84
CA MET B 57 -0.08 -25.41 -4.29
C MET B 57 -0.19 -23.94 -4.60
N GLU B 58 0.91 -23.36 -5.08
CA GLU B 58 0.95 -21.93 -5.41
C GLU B 58 2.35 -21.51 -5.82
N GLN B 59 3.21 -22.48 -6.05
CA GLN B 59 4.59 -22.18 -6.41
C GLN B 59 4.62 -21.28 -7.64
N SER B 60 3.71 -21.51 -8.58
CA SER B 60 3.66 -20.71 -9.79
C SER B 60 3.41 -19.23 -9.46
N ALA B 61 2.42 -18.98 -8.61
CA ALA B 61 2.10 -17.62 -8.22
C ALA B 61 3.32 -16.95 -7.63
N VAL B 62 4.13 -17.72 -6.89
CA VAL B 62 5.32 -17.15 -6.27
C VAL B 62 6.36 -16.80 -7.33
N SER B 63 6.71 -17.76 -8.17
CA SER B 63 7.71 -17.54 -9.21
C SER B 63 7.29 -16.37 -10.10
N HIS B 64 6.00 -16.33 -10.45
CA HIS B 64 5.49 -15.26 -11.30
C HIS B 64 5.62 -13.90 -10.60
N GLN B 65 5.14 -13.83 -9.37
CA GLN B 65 5.21 -12.59 -8.60
C GLN B 65 6.66 -12.19 -8.38
N LEU B 66 7.51 -13.17 -8.12
CA LEU B 66 8.92 -12.89 -7.89
C LEU B 66 9.53 -12.22 -9.11
N ARG B 67 9.23 -12.74 -10.29
CA ARG B 67 9.78 -12.18 -11.52
C ARG B 67 9.32 -10.72 -11.68
N VAL B 68 8.03 -10.48 -11.43
CA VAL B 68 7.51 -9.13 -11.55
C VAL B 68 8.13 -8.21 -10.50
N LEU B 69 8.01 -8.61 -9.24
CA LEU B 69 8.55 -7.80 -8.14
C LEU B 69 10.03 -7.54 -8.37
N ARG B 70 10.74 -8.58 -8.80
CA ARG B 70 12.16 -8.45 -9.05
C ARG B 70 12.43 -7.35 -10.06
N ASN B 71 11.59 -7.26 -11.09
CA ASN B 71 11.77 -6.24 -12.11
C ASN B 71 11.68 -4.85 -11.52
N LEU B 72 10.72 -4.65 -10.62
CA LEU B 72 10.54 -3.34 -9.99
C LEU B 72 11.72 -3.02 -9.09
N GLY B 73 12.17 -4.02 -8.34
CA GLY B 73 13.31 -3.83 -7.44
C GLY B 73 12.86 -3.67 -5.99
N LEU B 74 12.85 -4.76 -5.24
CA LEU B 74 12.45 -4.72 -3.84
C LEU B 74 12.75 -6.05 -3.16
N VAL B 75 13.16 -7.05 -3.96
CA VAL B 75 13.47 -8.37 -3.43
C VAL B 75 14.75 -8.90 -4.07
N VAL B 76 15.42 -9.82 -3.38
CA VAL B 76 16.65 -10.40 -3.90
C VAL B 76 16.74 -11.87 -3.52
N GLY B 77 17.50 -12.63 -4.29
CA GLY B 77 17.68 -14.06 -4.02
C GLY B 77 19.16 -14.41 -3.97
N ASP B 78 19.50 -15.38 -3.11
CA ASP B 78 20.89 -15.80 -2.97
C ASP B 78 21.13 -17.12 -3.68
N ARG B 79 21.99 -17.09 -4.69
CA ARG B 79 22.30 -18.30 -5.46
C ARG B 79 23.57 -18.94 -4.93
N ALA B 80 23.54 -20.27 -4.78
CA ALA B 80 24.69 -21.01 -4.27
C ALA B 80 24.78 -22.37 -4.94
N GLY B 81 25.59 -22.45 -6.00
CA GLY B 81 25.76 -23.70 -6.73
C GLY B 81 24.44 -24.17 -7.31
N ARG B 82 23.69 -24.97 -6.53
CA ARG B 82 22.40 -25.49 -6.98
C ARG B 82 21.31 -25.14 -5.97
N SER B 83 21.62 -24.22 -5.05
CA SER B 83 20.66 -23.80 -4.03
C SER B 83 20.37 -22.32 -4.15
N ILE B 84 19.16 -21.98 -4.55
CA ILE B 84 18.75 -20.59 -4.70
C ILE B 84 17.57 -20.29 -3.79
N VAL B 85 17.68 -19.21 -3.02
CA VAL B 85 16.61 -18.81 -2.11
C VAL B 85 16.15 -17.40 -2.44
N TYR B 86 14.93 -17.06 -2.02
CA TYR B 86 14.35 -15.74 -2.27
C TYR B 86 14.17 -14.97 -0.96
N SER B 87 14.51 -13.69 -0.97
CA SER B 87 14.38 -12.85 0.22
C SER B 87 14.14 -11.40 -0.18
N LEU B 88 13.84 -10.57 0.80
CA LEU B 88 13.61 -9.15 0.55
C LEU B 88 14.93 -8.42 0.31
N TYR B 89 14.89 -7.39 -0.53
CA TYR B 89 16.09 -6.62 -0.83
C TYR B 89 16.75 -6.15 0.45
N ASP B 90 15.97 -5.62 1.37
CA ASP B 90 16.50 -5.13 2.64
C ASP B 90 15.42 -5.10 3.71
N THR B 91 15.77 -4.62 4.90
CA THR B 91 14.81 -4.54 6.00
C THR B 91 13.88 -3.36 5.80
N HIS B 92 14.02 -2.68 4.67
CA HIS B 92 13.16 -1.52 4.38
C HIS B 92 11.69 -1.94 4.35
N VAL B 93 11.30 -2.62 3.27
CA VAL B 93 9.92 -3.07 3.13
C VAL B 93 9.42 -3.67 4.45
N ALA B 94 10.29 -4.43 5.11
CA ALA B 94 9.93 -5.06 6.37
C ALA B 94 9.62 -4.00 7.43
N GLN B 95 10.40 -2.93 7.43
CA GLN B 95 10.21 -1.86 8.40
C GLN B 95 8.81 -1.27 8.25
N LEU B 96 8.43 -0.97 7.01
CA LEU B 96 7.11 -0.40 6.76
C LEU B 96 6.02 -1.37 7.19
N LEU B 97 6.22 -2.65 6.85
CA LEU B 97 5.25 -3.67 7.20
C LEU B 97 5.15 -3.79 8.73
N ASP B 98 6.29 -3.68 9.40
CA ASP B 98 6.31 -3.79 10.85
C ASP B 98 5.39 -2.74 11.47
N GLU B 99 5.50 -1.50 10.98
CA GLU B 99 4.66 -0.43 11.49
C GLU B 99 3.18 -0.69 11.18
N ALA B 100 2.90 -0.99 9.92
CA ALA B 100 1.53 -1.28 9.51
C ALA B 100 0.96 -2.44 10.32
N ILE B 101 1.77 -3.47 10.50
CA ILE B 101 1.32 -4.63 11.26
C ILE B 101 0.99 -4.24 12.69
N TYR B 102 1.85 -3.45 13.30
CA TYR B 102 1.63 -3.01 14.67
C TYR B 102 0.35 -2.19 14.77
N HIS B 103 0.17 -1.29 13.82
CA HIS B 103 -1.01 -0.43 13.80
C HIS B 103 -2.29 -1.28 13.80
N SER B 104 -2.30 -2.31 12.96
CA SER B 104 -3.46 -3.20 12.88
C SER B 104 -3.51 -4.14 14.08
N GLU B 105 -2.35 -4.57 14.52
CA GLU B 105 -2.27 -5.49 15.65
C GLU B 105 -2.95 -4.88 16.87
N HIS B 106 -2.81 -3.58 17.06
CA HIS B 106 -3.41 -2.91 18.19
C HIS B 106 -4.92 -3.16 18.21
N LEU B 107 -5.62 -2.54 17.28
CA LEU B 107 -7.07 -2.72 17.20
C LEU B 107 -7.42 -4.19 17.06
N HIS B 108 -7.90 -4.57 15.87
CA HIS B 108 -8.27 -5.95 15.60
C HIS B 108 -8.90 -6.59 16.83
N LEU B 109 -9.75 -5.84 17.52
CA LEU B 109 -10.41 -6.33 18.71
C LEU B 109 -11.38 -7.43 18.36
N GLY B 110 -12.02 -7.32 17.20
CA GLY B 110 -12.99 -8.32 16.74
C GLY B 110 -14.11 -7.66 15.96
N LEU B 111 -13.77 -6.70 15.11
CA LEU B 111 -14.77 -6.00 14.30
C LEU B 111 -14.79 -6.58 12.88
N SER B 112 -15.66 -6.02 12.04
CA SER B 112 -15.77 -6.48 10.65
C SER B 112 -15.23 -5.42 9.70
N ASP B 113 -14.15 -5.76 9.01
CA ASP B 113 -13.54 -4.83 8.06
C ASP B 113 -14.49 -4.57 6.90
N ARG B 114 -15.18 -5.61 6.45
CA ARG B 114 -16.13 -5.48 5.33
C ARG B 114 -17.34 -6.36 5.57
N HIS B 115 -18.51 -5.82 5.28
CA HIS B 115 -19.77 -6.55 5.48
C HIS B 115 -20.95 -5.60 5.32
N PRO B 116 -21.01 -4.57 6.12
CA PRO B 116 -22.14 -3.58 6.08
C PRO B 116 -22.33 -2.99 4.69
N SER B 117 -21.23 -2.66 4.05
CA SER B 117 -21.27 -2.09 2.71
C SER B 117 -21.91 -3.06 1.73
N ALA B 118 -21.50 -4.32 1.82
CA ALA B 118 -22.04 -5.35 0.93
C ALA B 118 -23.49 -5.67 1.31
N GLY B 119 -24.30 -5.96 0.30
CA GLY B 119 -25.71 -6.28 0.53
C GLY B 119 -26.52 -6.14 -0.75
N GLY A 1 -7.55 -44.38 -0.76
CA GLY A 1 -8.27 -45.37 -1.61
C GLY A 1 -9.76 -45.09 -1.58
N HIS A 2 -10.16 -44.11 -0.77
CA HIS A 2 -11.58 -43.75 -0.65
C HIS A 2 -11.72 -42.27 -0.28
N GLY A 3 -12.91 -41.73 -0.49
CA GLY A 3 -13.16 -40.33 -0.18
C GLY A 3 -12.17 -39.42 -0.89
N VAL A 4 -12.62 -38.79 -1.96
CA VAL A 4 -11.77 -37.89 -2.73
C VAL A 4 -11.33 -36.71 -1.88
N GLU A 5 -12.21 -36.30 -0.96
CA GLU A 5 -11.91 -35.17 -0.09
C GLU A 5 -10.68 -35.48 0.78
N GLY A 6 -10.39 -34.57 1.70
CA GLY A 6 -9.24 -34.75 2.59
C GLY A 6 -9.19 -33.67 3.65
N ARG A 7 -8.23 -33.77 4.56
CA ARG A 7 -8.09 -32.79 5.63
C ARG A 7 -7.37 -31.55 5.11
N ASN A 8 -7.94 -30.92 4.08
CA ASN A 8 -7.34 -29.73 3.50
C ASN A 8 -7.30 -28.60 4.53
N ARG A 9 -8.37 -28.46 5.28
CA ARG A 9 -8.45 -27.41 6.31
C ARG A 9 -7.84 -26.11 5.80
N PRO A 10 -8.37 -25.58 4.72
CA PRO A 10 -7.85 -24.32 4.11
C PRO A 10 -8.19 -23.10 4.95
N SER A 11 -8.53 -23.33 6.22
CA SER A 11 -8.88 -22.25 7.14
C SER A 11 -7.92 -22.22 8.33
N ALA A 12 -6.89 -23.06 8.26
CA ALA A 12 -5.89 -23.12 9.33
C ALA A 12 -4.98 -21.88 9.29
N PRO A 13 -4.57 -21.48 8.11
CA PRO A 13 -3.66 -20.31 7.94
C PRO A 13 -4.26 -19.04 8.54
N LEU A 14 -3.42 -18.23 9.14
CA LEU A 14 -3.86 -16.97 9.77
C LEU A 14 -3.41 -15.79 8.94
N ASP A 15 -2.10 -15.51 8.95
CA ASP A 15 -1.54 -14.38 8.20
C ASP A 15 -2.30 -14.18 6.90
N SER A 16 -2.81 -15.27 6.35
CA SER A 16 -3.58 -15.20 5.10
C SER A 16 -4.56 -14.03 5.16
N GLN A 17 -5.33 -13.95 6.24
CA GLN A 17 -6.29 -12.87 6.41
C GLN A 17 -5.57 -11.53 6.49
N ALA A 18 -4.49 -11.49 7.27
CA ALA A 18 -3.72 -10.26 7.42
C ALA A 18 -3.23 -9.76 6.07
N ALA A 19 -3.02 -10.70 5.13
CA ALA A 19 -2.56 -10.34 3.80
C ALA A 19 -3.69 -9.69 3.02
N ALA A 20 -4.84 -10.35 3.00
CA ALA A 20 -5.99 -9.81 2.28
C ALA A 20 -6.47 -8.51 2.89
N GLN A 21 -6.51 -8.46 4.23
CA GLN A 21 -6.96 -7.26 4.92
C GLN A 21 -6.01 -6.10 4.66
N VAL A 22 -4.72 -6.32 4.90
CA VAL A 22 -3.74 -5.28 4.69
C VAL A 22 -3.68 -4.91 3.21
N ALA A 23 -3.65 -5.90 2.34
CA ALA A 23 -3.61 -5.67 0.92
C ALA A 23 -4.74 -4.73 0.51
N SER A 24 -5.94 -4.98 1.05
CA SER A 24 -7.09 -4.15 0.72
C SER A 24 -6.83 -2.70 1.11
N THR A 25 -6.26 -2.50 2.30
CA THR A 25 -5.97 -1.14 2.77
C THR A 25 -4.93 -0.47 1.87
N LEU A 26 -3.81 -1.16 1.64
CA LEU A 26 -2.75 -0.63 0.80
C LEU A 26 -3.22 -0.52 -0.64
N GLN A 27 -4.26 -1.25 -0.98
CA GLN A 27 -4.82 -1.21 -2.33
C GLN A 27 -5.59 0.09 -2.56
N ALA A 28 -6.63 0.30 -1.75
CA ALA A 28 -7.45 1.50 -1.89
C ALA A 28 -6.59 2.75 -1.76
N LEU A 29 -5.81 2.82 -0.68
CA LEU A 29 -4.96 3.99 -0.44
C LEU A 29 -4.07 4.23 -1.65
N ALA A 30 -3.57 3.15 -2.23
CA ALA A 30 -2.70 3.27 -3.39
C ALA A 30 -3.21 4.35 -4.33
N THR A 31 -4.31 4.03 -5.03
CA THR A 31 -4.93 4.96 -5.99
C THR A 31 -4.19 6.31 -6.01
N PRO A 32 -3.45 6.60 -7.03
CA PRO A 32 -2.66 7.86 -7.11
C PRO A 32 -3.45 9.09 -6.66
N SER A 33 -4.63 9.25 -7.21
CA SER A 33 -5.46 10.39 -6.86
C SER A 33 -5.75 10.42 -5.37
N ARG A 34 -6.13 9.27 -4.82
CA ARG A 34 -6.44 9.20 -3.40
C ARG A 34 -5.20 9.49 -2.57
N LEU A 35 -4.07 8.92 -2.97
CA LEU A 35 -2.83 9.13 -2.22
C LEU A 35 -2.46 10.61 -2.19
N MET A 36 -2.41 11.23 -3.38
CA MET A 36 -2.06 12.64 -3.45
C MET A 36 -2.97 13.47 -2.54
N ILE A 37 -4.27 13.22 -2.61
CA ILE A 37 -5.22 13.98 -1.80
C ILE A 37 -4.92 13.78 -0.30
N LEU A 38 -4.75 12.53 0.09
CA LEU A 38 -4.45 12.22 1.49
C LEU A 38 -3.14 12.83 1.91
N THR A 39 -2.17 12.76 1.03
CA THR A 39 -0.87 13.33 1.32
C THR A 39 -1.00 14.81 1.59
N GLN A 40 -1.84 15.50 0.82
CA GLN A 40 -2.04 16.92 1.01
C GLN A 40 -2.59 17.21 2.40
N LEU A 41 -3.58 16.41 2.81
CA LEU A 41 -4.18 16.58 4.13
C LEU A 41 -3.19 16.23 5.23
N ARG A 42 -2.20 15.41 4.89
CA ARG A 42 -1.19 14.99 5.85
C ARG A 42 -0.89 16.11 6.85
N ASN A 43 -0.92 17.35 6.36
CA ASN A 43 -0.66 18.50 7.22
C ASN A 43 -1.71 18.58 8.32
N GLY A 44 -2.93 18.97 7.94
CA GLY A 44 -4.02 19.08 8.91
C GLY A 44 -5.07 20.11 8.47
N PRO A 45 -4.76 21.38 8.59
CA PRO A 45 -5.69 22.46 8.16
C PRO A 45 -5.63 22.72 6.66
N LEU A 46 -6.60 22.15 5.93
CA LEU A 46 -6.66 22.34 4.47
C LEU A 46 -8.11 22.37 4.01
N PRO A 47 -8.81 23.42 4.36
CA PRO A 47 -10.25 23.58 3.97
C PRO A 47 -10.48 23.25 2.50
N VAL A 48 -11.74 23.05 2.13
CA VAL A 48 -12.07 22.71 0.76
C VAL A 48 -11.49 23.74 -0.21
N THR A 49 -11.70 25.01 0.12
CA THR A 49 -11.19 26.10 -0.71
C THR A 49 -9.65 26.07 -0.74
N ASP A 50 -9.06 25.69 0.39
CA ASP A 50 -7.60 25.63 0.48
C ASP A 50 -7.08 24.51 -0.41
N LEU A 51 -7.79 23.39 -0.43
CA LEU A 51 -7.37 22.26 -1.25
C LEU A 51 -7.41 22.65 -2.72
N ALA A 52 -8.43 23.41 -3.09
CA ALA A 52 -8.55 23.85 -4.47
C ALA A 52 -7.33 24.67 -4.85
N GLU A 53 -6.97 25.62 -4.00
CA GLU A 53 -5.80 26.46 -4.28
C GLU A 53 -4.56 25.59 -4.47
N ALA A 54 -4.37 24.62 -3.58
CA ALA A 54 -3.21 23.73 -3.69
C ALA A 54 -3.27 22.92 -4.97
N ILE A 55 -4.42 22.27 -5.20
CA ILE A 55 -4.58 21.46 -6.41
C ILE A 55 -4.94 22.34 -7.60
N GLY A 56 -6.17 22.87 -7.58
CA GLY A 56 -6.63 23.73 -8.67
C GLY A 56 -7.99 23.29 -9.17
N MET A 57 -9.04 23.58 -8.40
CA MET A 57 -10.39 23.21 -8.80
C MET A 57 -10.61 21.71 -8.66
N GLU A 58 -11.32 21.32 -7.61
CA GLU A 58 -11.60 19.91 -7.37
C GLU A 58 -12.42 19.75 -6.09
N GLN A 59 -13.03 20.82 -5.64
CA GLN A 59 -13.83 20.77 -4.43
C GLN A 59 -14.84 19.64 -4.50
N SER A 60 -15.32 19.35 -5.70
CA SER A 60 -16.29 18.28 -5.88
C SER A 60 -15.68 16.92 -5.58
N ALA A 61 -14.46 16.71 -6.06
CA ALA A 61 -13.77 15.44 -5.83
C ALA A 61 -13.50 15.26 -4.35
N VAL A 62 -13.32 16.36 -3.63
CA VAL A 62 -13.05 16.29 -2.20
C VAL A 62 -14.30 15.91 -1.44
N SER A 63 -15.39 16.65 -1.68
CA SER A 63 -16.65 16.36 -0.98
C SER A 63 -17.06 14.92 -1.22
N HIS A 64 -16.98 14.47 -2.47
CA HIS A 64 -17.36 13.11 -2.81
C HIS A 64 -16.46 12.10 -2.09
N GLN A 65 -15.16 12.31 -2.20
CA GLN A 65 -14.20 11.41 -1.57
C GLN A 65 -14.38 11.43 -0.06
N LEU A 66 -14.64 12.60 0.48
CA LEU A 66 -14.83 12.74 1.91
C LEU A 66 -16.01 11.92 2.38
N ARG A 67 -17.10 11.96 1.63
CA ARG A 67 -18.29 11.20 1.98
C ARG A 67 -17.99 9.70 1.99
N VAL A 68 -17.23 9.25 0.99
CA VAL A 68 -16.90 7.82 0.92
C VAL A 68 -16.04 7.41 2.11
N LEU A 69 -14.92 8.10 2.30
CA LEU A 69 -14.02 7.79 3.41
C LEU A 69 -14.73 7.98 4.74
N ARG A 70 -15.52 9.04 4.83
CA ARG A 70 -16.26 9.33 6.05
C ARG A 70 -17.13 8.15 6.42
N ASN A 71 -17.77 7.54 5.43
CA ASN A 71 -18.65 6.41 5.68
C ASN A 71 -17.86 5.29 6.36
N LEU A 72 -16.71 4.94 5.79
CA LEU A 72 -15.88 3.89 6.36
C LEU A 72 -15.28 4.34 7.68
N GLY A 73 -14.84 5.59 7.73
CA GLY A 73 -14.25 6.14 8.95
C GLY A 73 -12.73 6.25 8.80
N LEU A 74 -12.27 6.72 7.65
CA LEU A 74 -10.83 6.88 7.41
C LEU A 74 -10.41 8.33 7.66
N VAL A 75 -11.38 9.22 7.73
CA VAL A 75 -11.10 10.63 7.98
C VAL A 75 -12.07 11.21 8.98
N VAL A 76 -11.70 12.33 9.59
CA VAL A 76 -12.55 12.99 10.58
C VAL A 76 -12.50 14.49 10.40
N GLY A 77 -13.55 15.18 10.85
CA GLY A 77 -13.62 16.63 10.76
C GLY A 77 -13.91 17.24 12.13
N ASP A 78 -13.41 18.46 12.35
CA ASP A 78 -13.62 19.16 13.61
C ASP A 78 -14.49 20.39 13.40
N ARG A 79 -15.73 20.31 13.86
CA ARG A 79 -16.66 21.42 13.73
C ARG A 79 -16.30 22.56 14.68
N ALA A 80 -16.26 23.78 14.15
CA ALA A 80 -15.93 24.94 14.97
C ALA A 80 -16.70 26.17 14.49
N GLY A 81 -17.84 26.42 15.12
CA GLY A 81 -18.67 27.56 14.75
C GLY A 81 -19.07 27.48 13.28
N ARG A 82 -18.65 28.46 12.50
CA ARG A 82 -18.97 28.51 11.08
C ARG A 82 -17.79 28.00 10.24
N SER A 83 -16.88 27.28 10.90
CA SER A 83 -15.71 26.75 10.22
C SER A 83 -15.40 25.34 10.71
N ILE A 84 -14.97 24.49 9.80
CA ILE A 84 -14.63 23.12 10.13
C ILE A 84 -13.37 22.69 9.42
N VAL A 85 -12.56 21.85 10.08
CA VAL A 85 -11.31 21.37 9.49
C VAL A 85 -11.36 19.87 9.24
N TYR A 86 -10.93 19.46 8.05
CA TYR A 86 -10.93 18.04 7.70
C TYR A 86 -9.54 17.43 7.89
N SER A 87 -9.47 16.31 8.60
CA SER A 87 -8.20 15.65 8.85
C SER A 87 -8.39 14.15 8.87
N LEU A 88 -7.28 13.41 8.81
CA LEU A 88 -7.33 11.96 8.81
C LEU A 88 -7.82 11.45 10.17
N TYR A 89 -8.54 10.32 10.15
CA TYR A 89 -9.04 9.74 11.38
C TYR A 89 -7.94 9.62 12.41
N ASP A 90 -6.76 9.18 11.97
CA ASP A 90 -5.62 9.02 12.87
C ASP A 90 -4.32 9.33 12.14
N THR A 91 -3.21 9.21 12.86
CA THR A 91 -1.90 9.48 12.28
C THR A 91 -1.25 8.19 11.80
N HIS A 92 -1.75 7.07 12.30
CA HIS A 92 -1.21 5.76 11.91
C HIS A 92 -0.89 5.72 10.42
N VAL A 93 -1.93 5.80 9.59
CA VAL A 93 -1.75 5.77 8.16
C VAL A 93 -0.64 6.73 7.74
N ALA A 94 -0.54 7.86 8.45
CA ALA A 94 0.49 8.84 8.15
C ALA A 94 1.88 8.25 8.39
N GLN A 95 2.00 7.47 9.47
CA GLN A 95 3.28 6.86 9.79
C GLN A 95 3.74 5.97 8.65
N LEU A 96 2.82 5.17 8.13
CA LEU A 96 3.17 4.25 7.04
C LEU A 96 3.64 5.06 5.83
N LEU A 97 2.94 6.14 5.52
CA LEU A 97 3.30 6.98 4.39
C LEU A 97 4.65 7.64 4.65
N ASP A 98 4.88 8.05 5.89
CA ASP A 98 6.12 8.70 6.25
C ASP A 98 7.31 7.81 5.89
N GLU A 99 7.22 6.54 6.26
CA GLU A 99 8.29 5.59 5.96
C GLU A 99 8.35 5.32 4.45
N ALA A 100 7.19 5.03 3.87
CA ALA A 100 7.11 4.77 2.44
C ALA A 100 7.76 5.90 1.65
N ILE A 101 7.40 7.13 1.99
CA ILE A 101 7.94 8.28 1.29
C ILE A 101 9.45 8.37 1.49
N TYR A 102 9.88 8.18 2.74
CA TYR A 102 11.30 8.23 3.04
C TYR A 102 12.06 7.18 2.25
N HIS A 103 11.47 5.99 2.16
CA HIS A 103 12.10 4.90 1.41
C HIS A 103 12.08 5.20 -0.09
N SER A 104 10.98 5.77 -0.57
CA SER A 104 10.86 6.07 -1.99
C SER A 104 11.99 6.99 -2.43
N GLU A 105 12.22 8.04 -1.67
CA GLU A 105 13.30 8.98 -2.00
C GLU A 105 14.67 8.42 -1.63
N HIS A 106 14.81 8.02 -0.37
CA HIS A 106 16.07 7.49 0.13
C HIS A 106 16.60 6.43 -0.82
N LEU A 107 15.75 5.97 -1.73
CA LEU A 107 16.13 4.96 -2.70
C LEU A 107 15.49 5.22 -4.05
N HIS A 108 14.20 4.95 -4.16
CA HIS A 108 13.47 5.16 -5.40
C HIS A 108 13.75 4.02 -6.38
N LEU A 109 13.16 2.87 -6.13
CA LEU A 109 13.36 1.72 -7.00
C LEU A 109 12.83 2.00 -8.40
N GLY A 110 11.66 2.62 -8.46
CA GLY A 110 11.05 2.96 -9.74
C GLY A 110 10.60 1.70 -10.48
N LEU A 111 9.34 1.71 -10.93
CA LEU A 111 8.80 0.55 -11.65
C LEU A 111 7.62 0.98 -12.51
N SER A 112 7.53 0.41 -13.70
CA SER A 112 6.45 0.74 -14.62
C SER A 112 6.34 -0.32 -15.72
N ASP A 113 6.48 -1.58 -15.34
CA ASP A 113 6.40 -2.68 -16.31
C ASP A 113 4.94 -3.03 -16.58
N ARG A 114 4.74 -3.87 -17.59
CA ARG A 114 3.39 -4.29 -17.95
C ARG A 114 2.86 -5.32 -16.96
N HIS A 115 1.54 -5.32 -16.78
CA HIS A 115 0.92 -6.25 -15.84
C HIS A 115 1.49 -7.66 -16.02
N PRO A 116 1.53 -8.45 -14.98
CA PRO A 116 2.05 -9.84 -15.02
C PRO A 116 1.19 -10.75 -15.89
N SER A 117 -0.07 -10.39 -16.04
CA SER A 117 -0.99 -11.19 -16.84
C SER A 117 -0.88 -12.67 -16.47
N ALA A 118 -0.28 -13.46 -17.36
CA ALA A 118 -0.11 -14.88 -17.11
C ALA A 118 -1.43 -15.51 -16.68
N GLY A 119 -1.35 -16.68 -16.07
CA GLY A 119 -2.55 -17.38 -15.61
C GLY A 119 -2.18 -18.66 -14.87
N GLY B 1 -9.14 37.87 -22.81
CA GLY B 1 -10.00 38.12 -24.00
C GLY B 1 -9.35 37.51 -25.24
N HIS B 2 -8.23 36.82 -25.04
CA HIS B 2 -7.53 36.18 -26.13
C HIS B 2 -6.76 34.96 -25.65
N GLY B 3 -6.40 34.07 -26.57
CA GLY B 3 -5.67 32.86 -26.22
C GLY B 3 -6.43 32.04 -25.18
N VAL B 4 -7.09 30.98 -25.65
CA VAL B 4 -7.86 30.12 -24.75
C VAL B 4 -6.95 29.48 -23.72
N GLU B 5 -5.72 29.21 -24.12
CA GLU B 5 -4.74 28.59 -23.23
C GLU B 5 -4.48 29.48 -22.01
N GLY B 6 -3.49 29.10 -21.21
CA GLY B 6 -3.15 29.87 -20.02
C GLY B 6 -1.94 29.27 -19.31
N ARG B 7 -1.51 29.92 -18.23
CA ARG B 7 -0.36 29.45 -17.47
C ARG B 7 -0.76 28.33 -16.52
N ASN B 8 -1.32 27.26 -17.07
CA ASN B 8 -1.76 26.13 -16.25
C ASN B 8 -0.56 25.50 -15.55
N ARG B 9 0.54 25.35 -16.27
CA ARG B 9 1.75 24.76 -15.70
C ARG B 9 1.40 23.56 -14.82
N PRO B 10 0.76 22.57 -15.39
CA PRO B 10 0.35 21.35 -14.64
C PRO B 10 1.53 20.47 -14.28
N SER B 11 2.74 21.03 -14.39
CA SER B 11 3.96 20.29 -14.07
C SER B 11 4.69 20.93 -12.90
N ALA B 12 4.06 21.92 -12.30
CA ALA B 12 4.65 22.60 -11.15
C ALA B 12 4.59 21.71 -9.90
N PRO B 13 3.49 21.04 -9.70
CA PRO B 13 3.29 20.14 -8.52
C PRO B 13 4.37 19.07 -8.44
N LEU B 14 4.82 18.79 -7.23
CA LEU B 14 5.85 17.78 -7.00
C LEU B 14 5.24 16.53 -6.39
N ASP B 15 4.84 16.63 -5.12
CA ASP B 15 4.25 15.49 -4.41
C ASP B 15 3.41 14.65 -5.35
N SER B 16 2.83 15.31 -6.36
CA SER B 16 2.01 14.59 -7.35
C SER B 16 2.71 13.31 -7.79
N GLN B 17 3.97 13.44 -8.18
CA GLN B 17 4.74 12.28 -8.62
C GLN B 17 4.90 11.28 -7.49
N ALA B 18 5.22 11.80 -6.30
CA ALA B 18 5.39 10.94 -5.13
C ALA B 18 4.12 10.13 -4.87
N ALA B 19 2.97 10.69 -5.24
CA ALA B 19 1.70 10.00 -5.04
C ALA B 19 1.57 8.85 -6.02
N ALA B 20 1.80 9.14 -7.30
CA ALA B 20 1.71 8.10 -8.33
C ALA B 20 2.79 7.03 -8.12
N GLN B 21 3.99 7.47 -7.77
CA GLN B 21 5.09 6.54 -7.56
C GLN B 21 4.80 5.62 -6.36
N VAL B 22 4.50 6.24 -5.23
CA VAL B 22 4.22 5.47 -4.03
C VAL B 22 2.97 4.62 -4.24
N ALA B 23 1.92 5.23 -4.79
CA ALA B 23 0.69 4.51 -5.05
C ALA B 23 0.97 3.24 -5.83
N SER B 24 1.82 3.35 -6.83
CA SER B 24 2.17 2.18 -7.65
C SER B 24 2.78 1.09 -6.79
N THR B 25 3.71 1.49 -5.91
CA THR B 25 4.35 0.52 -5.02
C THR B 25 3.35 -0.15 -4.09
N LEU B 26 2.55 0.66 -3.40
CA LEU B 26 1.55 0.15 -2.48
C LEU B 26 0.46 -0.59 -3.24
N GLN B 27 0.36 -0.31 -4.52
CA GLN B 27 -0.65 -0.96 -5.37
C GLN B 27 -0.25 -2.40 -5.66
N ALA B 28 0.89 -2.57 -6.32
CA ALA B 28 1.37 -3.91 -6.67
C ALA B 28 1.49 -4.77 -5.42
N LEU B 29 2.19 -4.26 -4.41
CA LEU B 29 2.39 -5.00 -3.18
C LEU B 29 1.06 -5.43 -2.60
N ALA B 30 0.07 -4.54 -2.66
CA ALA B 30 -1.25 -4.84 -2.14
C ALA B 30 -1.63 -6.27 -2.47
N THR B 31 -1.97 -6.50 -3.75
CA THR B 31 -2.37 -7.84 -4.22
C THR B 31 -2.31 -8.87 -3.09
N PRO B 32 -3.43 -9.31 -2.57
CA PRO B 32 -3.45 -10.27 -1.43
C PRO B 32 -2.45 -11.40 -1.58
N SER B 33 -2.47 -12.05 -2.73
CA SER B 33 -1.57 -13.16 -2.99
C SER B 33 -0.12 -12.73 -2.86
N ARG B 34 0.21 -11.60 -3.46
CA ARG B 34 1.58 -11.09 -3.40
C ARG B 34 1.97 -10.77 -1.97
N LEU B 35 1.07 -10.09 -1.25
CA LEU B 35 1.36 -9.71 0.13
C LEU B 35 1.60 -10.95 0.99
N MET B 36 0.69 -11.91 0.94
CA MET B 36 0.85 -13.12 1.72
C MET B 36 2.19 -13.78 1.44
N ILE B 37 2.54 -13.92 0.16
CA ILE B 37 3.81 -14.56 -0.20
C ILE B 37 4.99 -13.76 0.38
N LEU B 38 4.96 -12.46 0.18
CA LEU B 38 6.03 -11.60 0.70
C LEU B 38 6.09 -11.67 2.21
N THR B 39 4.93 -11.68 2.84
CA THR B 39 4.87 -11.74 4.27
C THR B 39 5.54 -13.02 4.76
N GLN B 40 5.32 -14.11 4.04
CA GLN B 40 5.92 -15.39 4.42
C GLN B 40 7.44 -15.29 4.40
N LEU B 41 7.95 -14.68 3.33
CA LEU B 41 9.40 -14.52 3.20
C LEU B 41 9.93 -13.58 4.26
N ARG B 42 9.07 -12.71 4.77
CA ARG B 42 9.47 -11.74 5.79
C ARG B 42 10.53 -12.32 6.71
N ASN B 43 10.43 -13.61 6.99
CA ASN B 43 11.39 -14.28 7.86
C ASN B 43 12.79 -14.22 7.24
N GLY B 44 13.00 -14.98 6.17
CA GLY B 44 14.29 -14.98 5.48
C GLY B 44 14.53 -16.30 4.77
N PRO B 45 14.87 -17.36 5.49
CA PRO B 45 15.10 -18.70 4.88
C PRO B 45 13.80 -19.47 4.65
N LEU B 46 13.35 -19.48 3.40
CA LEU B 46 12.11 -20.19 3.04
C LEU B 46 12.22 -20.76 1.63
N PRO B 47 13.04 -21.76 1.46
CA PRO B 47 13.23 -22.43 0.15
C PRO B 47 11.91 -22.71 -0.55
N VAL B 48 11.97 -22.97 -1.84
CA VAL B 48 10.76 -23.25 -2.61
C VAL B 48 9.96 -24.38 -1.96
N THR B 49 10.64 -25.45 -1.61
CA THR B 49 9.99 -26.59 -0.97
C THR B 49 9.41 -26.17 0.40
N ASP B 50 10.12 -25.28 1.08
CA ASP B 50 9.68 -24.81 2.39
C ASP B 50 8.39 -23.99 2.23
N LEU B 51 8.34 -23.17 1.18
CA LEU B 51 7.18 -22.35 0.94
C LEU B 51 5.96 -23.22 0.68
N ALA B 52 6.18 -24.30 -0.08
CA ALA B 52 5.10 -25.21 -0.39
C ALA B 52 4.52 -25.77 0.91
N GLU B 53 5.40 -26.22 1.80
CA GLU B 53 4.94 -26.78 3.07
C GLU B 53 4.10 -25.75 3.82
N ALA B 54 4.59 -24.50 3.87
CA ALA B 54 3.86 -23.45 4.56
C ALA B 54 2.51 -23.20 3.89
N ILE B 55 2.54 -23.02 2.57
CA ILE B 55 1.31 -22.76 1.81
C ILE B 55 0.60 -24.07 1.51
N GLY B 56 1.18 -24.86 0.61
CA GLY B 56 0.60 -26.15 0.23
C GLY B 56 0.50 -26.29 -1.28
N MET B 57 1.63 -26.50 -1.94
CA MET B 57 1.64 -26.67 -3.38
C MET B 57 1.46 -25.32 -4.08
N GLU B 58 2.57 -24.77 -4.58
CA GLU B 58 2.52 -23.49 -5.27
C GLU B 58 3.92 -23.09 -5.73
N GLN B 59 4.82 -24.04 -5.78
CA GLN B 59 6.19 -23.77 -6.19
C GLN B 59 6.21 -23.03 -7.52
N SER B 60 5.22 -23.32 -8.37
CA SER B 60 5.14 -22.68 -9.68
C SER B 60 4.85 -21.19 -9.53
N ALA B 61 3.92 -20.86 -8.63
CA ALA B 61 3.56 -19.47 -8.41
C ALA B 61 4.74 -18.70 -7.85
N VAL B 62 5.60 -19.39 -7.09
CA VAL B 62 6.77 -18.74 -6.51
C VAL B 62 7.81 -18.45 -7.57
N SER B 63 8.18 -19.47 -8.35
CA SER B 63 9.19 -19.28 -9.39
C SER B 63 8.75 -18.18 -10.35
N HIS B 64 7.49 -18.23 -10.77
CA HIS B 64 6.98 -17.21 -11.69
C HIS B 64 7.05 -15.82 -11.05
N GLN B 65 6.55 -15.72 -9.83
CA GLN B 65 6.55 -14.44 -9.12
C GLN B 65 7.98 -13.97 -8.89
N LEU B 66 8.86 -14.90 -8.56
CA LEU B 66 10.25 -14.57 -8.32
C LEU B 66 10.88 -13.97 -9.57
N ARG B 67 10.60 -14.56 -10.71
CA ARG B 67 11.16 -14.05 -11.96
C ARG B 67 10.67 -12.63 -12.24
N VAL B 68 9.39 -12.38 -11.98
CA VAL B 68 8.84 -11.06 -12.22
C VAL B 68 9.49 -10.02 -11.29
N LEU B 69 9.45 -10.29 -9.99
CA LEU B 69 10.05 -9.37 -9.02
C LEU B 69 11.54 -9.25 -9.26
N ARG B 70 12.17 -10.38 -9.55
CA ARG B 70 13.60 -10.39 -9.80
C ARG B 70 13.95 -9.39 -10.90
N ASN B 71 13.14 -9.37 -11.95
CA ASN B 71 13.39 -8.46 -13.06
C ASN B 71 13.43 -7.01 -12.56
N LEU B 72 12.41 -6.62 -11.80
CA LEU B 72 12.35 -5.27 -11.27
C LEU B 72 13.44 -5.05 -10.25
N GLY B 73 13.65 -6.04 -9.38
CA GLY B 73 14.67 -5.94 -8.34
C GLY B 73 14.06 -5.71 -6.98
N LEU B 74 12.96 -6.41 -6.68
CA LEU B 74 12.28 -6.27 -5.40
C LEU B 74 12.73 -7.36 -4.43
N VAL B 75 13.37 -8.40 -4.97
CA VAL B 75 13.85 -9.51 -4.15
C VAL B 75 15.24 -9.93 -4.58
N VAL B 76 15.92 -10.66 -3.71
CA VAL B 76 17.27 -11.15 -4.01
C VAL B 76 17.47 -12.55 -3.46
N GLY B 77 18.43 -13.27 -4.02
CA GLY B 77 18.72 -14.62 -3.57
C GLY B 77 20.22 -14.79 -3.31
N ASP B 78 20.56 -15.66 -2.36
CA ASP B 78 21.96 -15.90 -2.00
C ASP B 78 22.38 -17.31 -2.40
N ARG B 79 23.25 -17.40 -3.41
CA ARG B 79 23.72 -18.69 -3.88
C ARG B 79 24.75 -19.26 -2.91
N ALA B 80 24.54 -20.50 -2.49
CA ALA B 80 25.46 -21.16 -1.55
C ALA B 80 25.62 -22.63 -1.91
N GLY B 81 26.67 -22.94 -2.66
CA GLY B 81 26.93 -24.31 -3.07
C GLY B 81 25.75 -24.88 -3.84
N ARG B 82 25.07 -25.86 -3.24
CA ARG B 82 23.90 -26.49 -3.88
C ARG B 82 22.62 -26.04 -3.20
N SER B 83 22.66 -24.87 -2.55
CA SER B 83 21.50 -24.34 -1.86
C SER B 83 21.38 -22.85 -2.10
N ILE B 84 20.19 -22.41 -2.49
CA ILE B 84 19.94 -20.99 -2.73
C ILE B 84 18.81 -20.50 -1.83
N VAL B 85 19.08 -19.41 -1.12
CA VAL B 85 18.06 -18.82 -0.24
C VAL B 85 17.49 -17.56 -0.88
N TYR B 86 16.16 -17.48 -0.91
CA TYR B 86 15.47 -16.33 -1.51
C TYR B 86 14.96 -15.40 -0.42
N SER B 87 15.21 -14.11 -0.58
CA SER B 87 14.78 -13.11 0.41
C SER B 87 14.52 -11.78 -0.27
N LEU B 88 13.92 -10.86 0.46
CA LEU B 88 13.59 -9.54 -0.08
C LEU B 88 14.86 -8.75 -0.34
N TYR B 89 14.82 -7.88 -1.34
CA TYR B 89 15.97 -7.05 -1.67
C TYR B 89 16.45 -6.30 -0.45
N ASP B 90 15.52 -5.73 0.30
CA ASP B 90 15.86 -4.97 1.50
C ASP B 90 14.81 -5.18 2.58
N THR B 91 15.02 -4.54 3.73
CA THR B 91 14.08 -4.66 4.85
C THR B 91 13.10 -3.50 4.85
N HIS B 92 13.44 -2.43 4.13
CA HIS B 92 12.56 -1.26 4.05
C HIS B 92 11.10 -1.69 3.92
N VAL B 93 10.78 -2.32 2.80
CA VAL B 93 9.41 -2.77 2.57
C VAL B 93 8.88 -3.50 3.80
N ALA B 94 9.77 -4.22 4.48
CA ALA B 94 9.38 -4.96 5.67
C ALA B 94 8.96 -3.99 6.78
N GLN B 95 9.67 -2.87 6.87
CA GLN B 95 9.36 -1.87 7.89
C GLN B 95 7.95 -1.35 7.69
N LEU B 96 7.60 -1.04 6.45
CA LEU B 96 6.26 -0.53 6.16
C LEU B 96 5.21 -1.56 6.55
N LEU B 97 5.47 -2.82 6.21
CA LEU B 97 4.56 -3.89 6.55
C LEU B 97 4.47 -4.06 8.06
N ASP B 98 5.61 -3.94 8.74
CA ASP B 98 5.64 -4.09 10.18
C ASP B 98 4.68 -3.11 10.83
N GLU B 99 4.73 -1.84 10.38
CA GLU B 99 3.86 -0.83 10.94
C GLU B 99 2.41 -1.08 10.50
N ALA B 100 2.22 -1.31 9.20
CA ALA B 100 0.89 -1.58 8.69
C ALA B 100 0.23 -2.72 9.46
N ILE B 101 0.97 -3.80 9.65
CA ILE B 101 0.44 -4.96 10.37
C ILE B 101 0.11 -4.58 11.81
N TYR B 102 1.03 -3.86 12.45
CA TYR B 102 0.82 -3.44 13.83
C TYR B 102 -0.43 -2.59 13.93
N HIS B 103 -0.61 -1.68 12.98
CA HIS B 103 -1.77 -0.82 12.97
C HIS B 103 -3.04 -1.62 12.67
N SER B 104 -2.92 -2.59 11.77
CA SER B 104 -4.06 -3.40 11.38
C SER B 104 -4.66 -4.09 12.61
N GLU B 105 -3.81 -4.72 13.40
CA GLU B 105 -4.28 -5.39 14.61
C GLU B 105 -4.56 -4.40 15.73
N HIS B 106 -3.57 -3.56 16.03
CA HIS B 106 -3.71 -2.58 17.09
C HIS B 106 -5.01 -1.81 16.95
N LEU B 107 -5.64 -1.95 15.79
CA LEU B 107 -6.90 -1.27 15.52
C LEU B 107 -7.84 -2.15 14.70
N HIS B 108 -7.51 -2.30 13.42
CA HIS B 108 -8.33 -3.12 12.52
C HIS B 108 -9.60 -2.38 12.13
N LEU B 109 -9.45 -1.39 11.25
CA LEU B 109 -10.61 -0.61 10.81
C LEU B 109 -11.61 -1.50 10.08
N GLY B 110 -11.10 -2.39 9.23
CA GLY B 110 -11.96 -3.29 8.48
C GLY B 110 -12.77 -2.53 7.43
N LEU B 111 -12.76 -3.02 6.20
CA LEU B 111 -13.49 -2.39 5.12
C LEU B 111 -13.74 -3.37 3.99
N SER B 112 -14.93 -3.30 3.40
CA SER B 112 -15.28 -4.20 2.31
C SER B 112 -16.50 -3.66 1.56
N ASP B 113 -16.50 -2.36 1.30
CA ASP B 113 -17.60 -1.73 0.58
C ASP B 113 -17.43 -1.88 -0.92
N ARG B 114 -18.47 -1.53 -1.67
CA ARG B 114 -18.42 -1.64 -3.12
C ARG B 114 -17.60 -0.50 -3.72
N HIS B 115 -16.97 -0.76 -4.86
CA HIS B 115 -16.15 0.24 -5.51
C HIS B 115 -16.87 1.60 -5.54
N PRO B 116 -16.14 2.68 -5.50
CA PRO B 116 -16.73 4.06 -5.53
C PRO B 116 -17.42 4.35 -6.85
N SER B 117 -17.04 3.63 -7.90
CA SER B 117 -17.64 3.84 -9.21
C SER B 117 -17.70 5.33 -9.54
N ALA B 118 -18.91 5.89 -9.53
CA ALA B 118 -19.10 7.30 -9.83
C ALA B 118 -18.37 7.67 -11.12
N GLY B 119 -18.12 8.96 -11.29
CA GLY B 119 -17.44 9.44 -12.49
C GLY B 119 -17.26 10.95 -12.45
N GLY A 1 -31.84 -7.15 3.20
CA GLY A 1 -31.96 -5.67 3.33
C GLY A 1 -31.98 -5.04 1.94
N HIS A 2 -32.20 -3.73 1.89
CA HIS A 2 -32.25 -3.02 0.61
C HIS A 2 -30.90 -3.11 -0.10
N GLY A 3 -29.83 -2.89 0.65
CA GLY A 3 -28.48 -2.95 0.09
C GLY A 3 -27.99 -4.39 0.03
N VAL A 4 -26.79 -4.63 0.56
CA VAL A 4 -26.20 -5.97 0.57
C VAL A 4 -25.76 -6.34 1.98
N GLU A 5 -26.12 -7.56 2.40
CA GLU A 5 -25.75 -8.03 3.73
C GLU A 5 -24.41 -8.74 3.69
N GLY A 6 -23.47 -8.28 4.52
CA GLY A 6 -22.15 -8.88 4.57
C GLY A 6 -22.11 -10.03 5.57
N ARG A 7 -21.83 -11.23 5.08
CA ARG A 7 -21.76 -12.41 5.93
C ARG A 7 -20.44 -12.45 6.68
N ASN A 8 -20.49 -12.92 7.93
CA ASN A 8 -19.29 -13.01 8.75
C ASN A 8 -18.49 -14.26 8.41
N ARG A 9 -17.18 -14.09 8.25
CA ARG A 9 -16.32 -15.22 7.92
C ARG A 9 -16.14 -16.15 9.12
N PRO A 10 -15.92 -17.41 8.88
CA PRO A 10 -15.70 -18.41 9.97
C PRO A 10 -14.39 -18.17 10.73
N SER A 11 -14.34 -18.63 11.97
CA SER A 11 -13.15 -18.46 12.78
C SER A 11 -11.93 -18.99 12.05
N ALA A 12 -11.08 -18.08 11.56
CA ALA A 12 -9.88 -18.47 10.84
C ALA A 12 -8.93 -17.28 10.70
N PRO A 13 -8.50 -16.74 11.80
CA PRO A 13 -7.56 -15.56 11.82
C PRO A 13 -6.15 -15.95 11.38
N LEU A 14 -6.06 -16.79 10.37
CA LEU A 14 -4.76 -17.23 9.87
C LEU A 14 -4.10 -16.12 9.08
N ASP A 15 -2.79 -15.98 9.23
CA ASP A 15 -2.02 -14.95 8.53
C ASP A 15 -2.61 -14.71 7.13
N SER A 16 -3.24 -15.74 6.58
CA SER A 16 -3.85 -15.63 5.26
C SER A 16 -4.85 -14.48 5.25
N GLN A 17 -5.71 -14.44 6.25
CA GLN A 17 -6.70 -13.37 6.33
C GLN A 17 -6.01 -12.03 6.55
N ALA A 18 -5.07 -12.00 7.50
CA ALA A 18 -4.34 -10.78 7.79
C ALA A 18 -3.67 -10.25 6.53
N ALA A 19 -3.32 -11.16 5.62
CA ALA A 19 -2.68 -10.76 4.37
C ALA A 19 -3.68 -10.05 3.48
N ALA A 20 -4.84 -10.67 3.28
CA ALA A 20 -5.88 -10.09 2.44
C ALA A 20 -6.31 -8.73 2.99
N GLN A 21 -6.50 -8.66 4.30
CA GLN A 21 -6.91 -7.42 4.94
C GLN A 21 -5.88 -6.32 4.68
N VAL A 22 -4.61 -6.63 4.92
CA VAL A 22 -3.54 -5.67 4.70
C VAL A 22 -3.49 -5.28 3.23
N ALA A 23 -3.60 -6.26 2.34
CA ALA A 23 -3.56 -5.99 0.92
C ALA A 23 -4.67 -5.02 0.55
N SER A 24 -5.85 -5.22 1.12
CA SER A 24 -6.98 -4.35 0.84
C SER A 24 -6.64 -2.90 1.20
N THR A 25 -6.02 -2.72 2.38
CA THR A 25 -5.65 -1.39 2.81
C THR A 25 -4.59 -0.79 1.88
N LEU A 26 -3.57 -1.59 1.57
CA LEU A 26 -2.50 -1.15 0.69
C LEU A 26 -3.04 -0.87 -0.71
N GLN A 27 -4.16 -1.50 -1.04
CA GLN A 27 -4.78 -1.32 -2.34
C GLN A 27 -5.50 0.03 -2.40
N ALA A 28 -6.43 0.26 -1.47
CA ALA A 28 -7.19 1.51 -1.45
C ALA A 28 -6.25 2.70 -1.32
N LEU A 29 -5.42 2.69 -0.28
CA LEU A 29 -4.49 3.80 -0.06
C LEU A 29 -3.79 4.16 -1.35
N ALA A 30 -3.51 3.16 -2.17
CA ALA A 30 -2.86 3.41 -3.44
C ALA A 30 -3.65 4.44 -4.24
N THR A 31 -3.39 4.48 -5.54
CA THR A 31 -4.07 5.41 -6.42
C THR A 31 -3.42 6.81 -6.35
N PRO A 32 -2.82 7.28 -7.41
CA PRO A 32 -2.14 8.61 -7.42
C PRO A 32 -3.02 9.73 -6.86
N SER A 33 -4.28 9.73 -7.23
CA SER A 33 -5.20 10.76 -6.77
C SER A 33 -5.30 10.76 -5.25
N ARG A 34 -5.43 9.58 -4.66
CA ARG A 34 -5.53 9.47 -3.22
C ARG A 34 -4.26 9.99 -2.54
N LEU A 35 -3.11 9.60 -3.07
CA LEU A 35 -1.85 10.05 -2.48
C LEU A 35 -1.73 11.56 -2.52
N MET A 36 -2.02 12.15 -3.67
CA MET A 36 -1.93 13.59 -3.79
C MET A 36 -2.81 14.27 -2.74
N ILE A 37 -4.07 13.82 -2.65
CA ILE A 37 -4.99 14.40 -1.68
C ILE A 37 -4.50 14.17 -0.26
N LEU A 38 -4.05 12.96 0.00
CA LEU A 38 -3.56 12.60 1.32
C LEU A 38 -2.35 13.46 1.68
N THR A 39 -1.49 13.69 0.71
CA THR A 39 -0.30 14.49 0.92
C THR A 39 -0.69 15.89 1.36
N GLN A 40 -1.69 16.46 0.69
CA GLN A 40 -2.15 17.81 1.04
C GLN A 40 -2.66 17.83 2.47
N LEU A 41 -3.45 16.84 2.83
CA LEU A 41 -4.01 16.77 4.18
C LEU A 41 -2.88 16.67 5.20
N ARG A 42 -1.87 15.89 4.88
CA ARG A 42 -0.74 15.71 5.77
C ARG A 42 0.01 17.02 5.97
N ASN A 43 0.11 17.81 4.91
CA ASN A 43 0.82 19.07 4.97
C ASN A 43 0.25 19.97 6.07
N GLY A 44 -1.08 20.01 6.15
CA GLY A 44 -1.75 20.83 7.15
C GLY A 44 -3.25 20.92 6.89
N PRO A 45 -3.95 21.71 7.66
CA PRO A 45 -5.42 21.90 7.51
C PRO A 45 -5.76 22.82 6.34
N LEU A 46 -6.54 22.30 5.41
CA LEU A 46 -6.92 23.08 4.23
C LEU A 46 -8.31 22.62 3.73
N PRO A 47 -9.35 23.31 4.13
CA PRO A 47 -10.73 22.97 3.71
C PRO A 47 -10.84 22.71 2.20
N VAL A 48 -12.01 22.27 1.77
CA VAL A 48 -12.23 21.97 0.35
C VAL A 48 -11.88 23.19 -0.50
N THR A 49 -12.34 24.35 -0.08
CA THR A 49 -12.06 25.58 -0.80
C THR A 49 -10.56 25.83 -0.89
N ASP A 50 -9.86 25.54 0.21
CA ASP A 50 -8.41 25.71 0.25
C ASP A 50 -7.74 24.75 -0.73
N LEU A 51 -8.27 23.53 -0.79
CA LEU A 51 -7.70 22.53 -1.68
C LEU A 51 -7.81 22.99 -3.12
N ALA A 52 -8.97 23.52 -3.48
CA ALA A 52 -9.18 23.99 -4.83
C ALA A 52 -8.13 25.02 -5.19
N GLU A 53 -7.91 25.98 -4.29
CA GLU A 53 -6.91 27.01 -4.54
C GLU A 53 -5.54 26.38 -4.80
N ALA A 54 -5.14 25.45 -3.94
CA ALA A 54 -3.85 24.79 -4.08
C ALA A 54 -3.72 24.19 -5.47
N ILE A 55 -4.64 23.29 -5.81
CA ILE A 55 -4.61 22.65 -7.12
C ILE A 55 -5.33 23.50 -8.16
N GLY A 56 -6.66 23.53 -8.06
CA GLY A 56 -7.47 24.30 -8.99
C GLY A 56 -8.62 23.48 -9.54
N MET A 57 -9.81 23.64 -8.95
CA MET A 57 -10.99 22.91 -9.40
C MET A 57 -10.84 21.42 -9.14
N GLU A 58 -11.45 20.96 -8.05
CA GLU A 58 -11.39 19.54 -7.71
C GLU A 58 -12.18 19.26 -6.43
N GLN A 59 -13.01 20.21 -6.05
CA GLN A 59 -13.82 20.07 -4.85
C GLN A 59 -14.63 18.78 -4.91
N SER A 60 -15.12 18.44 -6.09
CA SER A 60 -15.92 17.24 -6.27
C SER A 60 -15.11 16.00 -5.92
N ALA A 61 -13.91 15.90 -6.47
CA ALA A 61 -13.05 14.75 -6.21
C ALA A 61 -12.78 14.63 -4.72
N VAL A 62 -12.65 15.77 -4.04
CA VAL A 62 -12.38 15.75 -2.61
C VAL A 62 -13.58 15.19 -1.84
N SER A 63 -14.75 15.76 -2.09
CA SER A 63 -15.96 15.31 -1.40
C SER A 63 -16.18 13.82 -1.65
N HIS A 64 -15.96 13.40 -2.89
CA HIS A 64 -16.14 11.99 -3.23
C HIS A 64 -15.16 11.11 -2.46
N GLN A 65 -13.89 11.49 -2.50
CA GLN A 65 -12.86 10.72 -1.80
C GLN A 65 -13.10 10.74 -0.30
N LEU A 66 -13.48 11.90 0.22
CA LEU A 66 -13.74 12.04 1.65
C LEU A 66 -14.88 11.14 2.06
N ARG A 67 -15.95 11.14 1.27
CA ARG A 67 -17.11 10.32 1.59
C ARG A 67 -16.74 8.84 1.58
N VAL A 68 -15.95 8.44 0.59
CA VAL A 68 -15.54 7.05 0.50
C VAL A 68 -14.63 6.68 1.65
N LEU A 69 -13.56 7.44 1.83
CA LEU A 69 -12.60 7.17 2.90
C LEU A 69 -13.31 7.21 4.24
N ARG A 70 -14.19 8.18 4.41
CA ARG A 70 -14.93 8.32 5.65
C ARG A 70 -15.72 7.05 5.94
N ASN A 71 -16.34 6.48 4.91
CA ASN A 71 -17.13 5.28 5.09
C ASN A 71 -16.28 4.16 5.70
N LEU A 72 -15.12 3.92 5.09
CA LEU A 72 -14.22 2.88 5.59
C LEU A 72 -13.65 3.26 6.95
N GLY A 73 -13.31 4.53 7.10
CA GLY A 73 -12.74 5.03 8.35
C GLY A 73 -11.23 5.22 8.23
N LEU A 74 -10.82 6.31 7.60
CA LEU A 74 -9.40 6.60 7.41
C LEU A 74 -9.12 8.09 7.50
N VAL A 75 -10.19 8.87 7.51
CA VAL A 75 -10.06 10.32 7.58
C VAL A 75 -11.11 10.91 8.53
N VAL A 76 -10.84 12.11 9.03
CA VAL A 76 -11.76 12.77 9.94
C VAL A 76 -11.78 14.26 9.70
N GLY A 77 -12.85 14.93 10.11
CA GLY A 77 -12.98 16.38 9.93
C GLY A 77 -13.49 17.02 11.22
N ASP A 78 -13.01 18.22 11.51
CA ASP A 78 -13.43 18.94 12.71
C ASP A 78 -14.41 20.05 12.35
N ARG A 79 -15.68 19.83 12.67
CA ARG A 79 -16.71 20.81 12.37
C ARG A 79 -16.73 21.91 13.42
N ALA A 80 -16.76 23.16 12.97
CA ALA A 80 -16.78 24.31 13.87
C ALA A 80 -17.88 25.28 13.48
N GLY A 81 -18.46 25.94 14.48
CA GLY A 81 -19.53 26.90 14.23
C GLY A 81 -19.03 28.10 13.42
N ARG A 82 -18.08 27.85 12.53
CA ARG A 82 -17.52 28.91 11.70
C ARG A 82 -16.91 28.33 10.43
N SER A 83 -16.49 27.07 10.50
CA SER A 83 -15.90 26.42 9.34
C SER A 83 -15.64 24.95 9.65
N ILE A 84 -15.34 24.19 8.61
CA ILE A 84 -15.07 22.76 8.77
C ILE A 84 -13.68 22.44 8.22
N VAL A 85 -12.89 21.74 9.03
CA VAL A 85 -11.54 21.34 8.61
C VAL A 85 -11.48 19.83 8.36
N TYR A 86 -10.89 19.45 7.24
CA TYR A 86 -10.77 18.04 6.87
C TYR A 86 -9.33 17.57 7.06
N SER A 87 -9.15 16.43 7.73
CA SER A 87 -7.82 15.90 7.96
C SER A 87 -7.89 14.37 8.05
N LEU A 88 -6.73 13.74 7.99
CA LEU A 88 -6.64 12.29 8.04
C LEU A 88 -6.78 11.81 9.49
N TYR A 89 -7.24 10.58 9.66
CA TYR A 89 -7.41 10.02 11.00
C TYR A 89 -6.16 10.29 11.85
N ASP A 90 -5.07 10.66 11.19
CA ASP A 90 -3.82 10.97 11.89
C ASP A 90 -3.56 9.96 13.01
N THR A 91 -2.86 8.89 12.66
CA THR A 91 -2.54 7.85 13.64
C THR A 91 -1.52 6.87 13.06
N HIS A 92 -1.78 5.57 13.25
CA HIS A 92 -0.88 4.55 12.75
C HIS A 92 -0.67 4.73 11.26
N VAL A 93 -1.75 4.81 10.50
CA VAL A 93 -1.66 5.00 9.06
C VAL A 93 -0.72 6.14 8.73
N ALA A 94 -0.80 7.21 9.53
CA ALA A 94 0.06 8.37 9.32
C ALA A 94 1.52 8.00 9.48
N GLN A 95 1.81 7.18 10.49
CA GLN A 95 3.18 6.76 10.73
C GLN A 95 3.72 6.00 9.52
N LEU A 96 2.93 5.08 9.00
CA LEU A 96 3.34 4.30 7.84
C LEU A 96 3.55 5.21 6.64
N LEU A 97 2.65 6.14 6.46
CA LEU A 97 2.76 7.06 5.34
C LEU A 97 4.00 7.94 5.49
N ASP A 98 4.26 8.36 6.73
CA ASP A 98 5.41 9.22 7.01
C ASP A 98 6.72 8.52 6.67
N GLU A 99 6.79 7.23 6.99
CA GLU A 99 7.99 6.46 6.69
C GLU A 99 8.10 6.16 5.20
N ALA A 100 7.04 5.60 4.63
CA ALA A 100 7.03 5.26 3.21
C ALA A 100 7.29 6.50 2.36
N ILE A 101 6.57 7.58 2.64
CA ILE A 101 6.73 8.80 1.87
C ILE A 101 8.13 9.37 2.04
N TYR A 102 8.59 9.43 3.29
CA TYR A 102 9.91 9.98 3.58
C TYR A 102 11.00 9.13 2.93
N HIS A 103 10.85 7.82 3.04
CA HIS A 103 11.84 6.91 2.46
C HIS A 103 11.81 6.98 0.94
N SER A 104 10.61 7.05 0.37
CA SER A 104 10.47 7.13 -1.07
C SER A 104 10.99 8.46 -1.60
N GLU A 105 10.64 9.53 -0.91
CA GLU A 105 11.07 10.87 -1.31
C GLU A 105 12.57 11.02 -1.13
N HIS A 106 13.13 10.30 -0.16
CA HIS A 106 14.56 10.39 0.11
C HIS A 106 15.36 10.19 -1.17
N LEU A 107 15.31 8.99 -1.71
CA LEU A 107 16.03 8.67 -2.95
C LEU A 107 15.91 9.82 -3.93
N HIS A 108 16.87 10.73 -3.87
CA HIS A 108 16.88 11.89 -4.77
C HIS A 108 17.99 11.76 -5.81
N LEU A 109 17.61 11.85 -7.07
CA LEU A 109 18.58 11.72 -8.16
C LEU A 109 19.62 12.84 -8.08
N GLY A 110 19.15 14.05 -7.80
CA GLY A 110 20.04 15.19 -7.70
C GLY A 110 20.84 15.38 -8.99
N LEU A 111 20.59 16.49 -9.67
CA LEU A 111 21.28 16.79 -10.93
C LEU A 111 21.11 15.63 -11.90
N SER A 112 19.91 15.09 -11.96
CA SER A 112 19.63 13.97 -12.87
C SER A 112 20.65 12.86 -12.68
N ASP A 113 21.68 12.85 -13.52
CA ASP A 113 22.72 11.84 -13.44
C ASP A 113 24.03 12.36 -14.02
N ARG A 114 25.02 11.48 -14.13
CA ARG A 114 26.32 11.87 -14.65
C ARG A 114 26.18 12.33 -16.10
N HIS A 115 25.33 11.64 -16.85
CA HIS A 115 25.13 11.99 -18.25
C HIS A 115 24.55 13.40 -18.38
N PRO A 116 24.85 14.09 -19.44
CA PRO A 116 24.34 15.48 -19.68
C PRO A 116 22.82 15.50 -19.88
N SER A 117 22.15 16.37 -19.12
CA SER A 117 20.70 16.49 -19.23
C SER A 117 20.31 16.98 -20.63
N ALA A 118 21.04 17.98 -21.11
CA ALA A 118 20.75 18.53 -22.44
C ALA A 118 21.89 19.43 -22.90
N GLY A 119 22.05 19.58 -24.21
CA GLY A 119 23.10 20.42 -24.75
C GLY A 119 24.46 20.00 -24.24
N GLY B 1 12.37 -0.51 -30.20
CA GLY B 1 12.92 -1.84 -29.80
C GLY B 1 11.87 -2.92 -30.00
N HIS B 2 12.25 -4.16 -29.75
CA HIS B 2 11.32 -5.28 -29.91
C HIS B 2 10.13 -5.13 -28.97
N GLY B 3 10.41 -4.78 -27.72
CA GLY B 3 9.35 -4.59 -26.73
C GLY B 3 8.80 -3.18 -26.79
N VAL B 4 8.94 -2.43 -25.70
CA VAL B 4 8.45 -1.06 -25.64
C VAL B 4 9.53 -0.14 -25.06
N GLU B 5 9.50 1.13 -25.48
CA GLU B 5 10.47 2.10 -24.99
C GLU B 5 9.81 3.09 -24.04
N GLY B 6 10.31 3.14 -22.82
CA GLY B 6 9.76 4.05 -21.82
C GLY B 6 10.35 5.45 -21.97
N ARG B 7 9.49 6.42 -22.27
CA ARG B 7 9.94 7.79 -22.44
C ARG B 7 10.14 8.47 -21.08
N ASN B 8 11.20 9.25 -20.97
CA ASN B 8 11.50 9.95 -19.72
C ASN B 8 10.57 11.15 -19.55
N ARG B 9 10.02 11.28 -18.35
CA ARG B 9 9.11 12.40 -18.07
C ARG B 9 9.90 13.70 -17.91
N PRO B 10 9.28 14.82 -18.22
CA PRO B 10 9.93 16.16 -18.10
C PRO B 10 10.19 16.53 -16.64
N SER B 11 11.21 17.37 -16.43
CA SER B 11 11.55 17.81 -15.09
C SER B 11 10.31 18.33 -14.37
N ALA B 12 9.77 17.52 -13.47
CA ALA B 12 8.58 17.91 -12.71
C ALA B 12 8.44 17.04 -11.47
N PRO B 13 9.42 17.04 -10.61
CA PRO B 13 9.41 16.24 -9.35
C PRO B 13 8.43 16.80 -8.32
N LEU B 14 7.26 17.21 -8.80
CA LEU B 14 6.25 17.76 -7.91
C LEU B 14 5.57 16.65 -7.12
N ASP B 15 5.26 16.93 -5.86
CA ASP B 15 4.60 15.94 -5.00
C ASP B 15 3.62 15.08 -5.81
N SER B 16 3.09 15.66 -6.88
CA SER B 16 2.16 14.94 -7.73
C SER B 16 2.80 13.63 -8.21
N GLN B 17 4.02 13.72 -8.70
CA GLN B 17 4.72 12.53 -9.17
C GLN B 17 5.00 11.60 -8.00
N ALA B 18 5.52 12.15 -6.91
CA ALA B 18 5.82 11.35 -5.74
C ALA B 18 4.58 10.60 -5.27
N ALA B 19 3.40 11.18 -5.51
CA ALA B 19 2.17 10.55 -5.12
C ALA B 19 1.88 9.34 -6.00
N ALA B 20 1.97 9.53 -7.32
CA ALA B 20 1.72 8.44 -8.25
C ALA B 20 2.72 7.32 -8.03
N GLN B 21 3.98 7.69 -7.80
CA GLN B 21 5.02 6.70 -7.57
C GLN B 21 4.70 5.86 -6.33
N VAL B 22 4.39 6.54 -5.23
CA VAL B 22 4.06 5.86 -3.99
C VAL B 22 2.81 4.99 -4.19
N ALA B 23 1.80 5.54 -4.84
CA ALA B 23 0.57 4.80 -5.08
C ALA B 23 0.88 3.51 -5.83
N SER B 24 1.76 3.60 -6.82
CA SER B 24 2.13 2.43 -7.60
C SER B 24 2.71 1.35 -6.69
N THR B 25 3.60 1.76 -5.78
CA THR B 25 4.19 0.81 -4.85
C THR B 25 3.12 0.21 -3.93
N LEU B 26 2.28 1.07 -3.39
CA LEU B 26 1.21 0.62 -2.50
C LEU B 26 0.22 -0.27 -3.25
N GLN B 27 0.18 -0.10 -4.57
CA GLN B 27 -0.71 -0.90 -5.39
C GLN B 27 -0.17 -2.32 -5.57
N ALA B 28 1.06 -2.42 -6.07
CA ALA B 28 1.66 -3.73 -6.29
C ALA B 28 1.76 -4.50 -4.99
N LEU B 29 2.39 -3.91 -3.98
CA LEU B 29 2.55 -4.58 -2.69
C LEU B 29 1.23 -5.20 -2.26
N ALA B 30 0.14 -4.51 -2.56
CA ALA B 30 -1.17 -5.01 -2.20
C ALA B 30 -1.36 -6.40 -2.77
N THR B 31 -2.61 -6.84 -2.84
CA THR B 31 -2.93 -8.17 -3.36
C THR B 31 -2.76 -9.23 -2.25
N PRO B 32 -3.81 -9.88 -1.84
CA PRO B 32 -3.73 -10.92 -0.76
C PRO B 32 -2.62 -11.94 -1.00
N SER B 33 -2.50 -12.39 -2.24
CA SER B 33 -1.48 -13.38 -2.58
C SER B 33 -0.09 -12.86 -2.28
N ARG B 34 0.18 -11.63 -2.68
CA ARG B 34 1.49 -11.03 -2.44
C ARG B 34 1.78 -10.92 -0.95
N LEU B 35 0.79 -10.48 -0.18
CA LEU B 35 0.97 -10.32 1.25
C LEU B 35 1.26 -11.66 1.92
N MET B 36 0.48 -12.67 1.58
CA MET B 36 0.68 -13.98 2.17
C MET B 36 2.09 -14.49 1.87
N ILE B 37 2.50 -14.39 0.61
CA ILE B 37 3.82 -14.84 0.21
C ILE B 37 4.89 -14.00 0.91
N LEU B 38 4.68 -12.69 0.93
CA LEU B 38 5.62 -11.78 1.55
C LEU B 38 5.77 -12.10 3.03
N THR B 39 4.64 -12.41 3.68
CA THR B 39 4.65 -12.73 5.09
C THR B 39 5.53 -13.95 5.33
N GLN B 40 5.36 -14.97 4.50
CA GLN B 40 6.16 -16.19 4.63
C GLN B 40 7.65 -15.86 4.56
N LEU B 41 8.01 -15.03 3.59
CA LEU B 41 9.40 -14.65 3.42
C LEU B 41 9.91 -13.92 4.65
N ARG B 42 9.05 -13.07 5.19
CA ARG B 42 9.41 -12.30 6.38
C ARG B 42 9.66 -13.22 7.57
N ASN B 43 8.87 -14.28 7.68
CA ASN B 43 8.99 -15.21 8.79
C ASN B 43 10.40 -15.78 8.86
N GLY B 44 10.95 -16.12 7.70
CA GLY B 44 12.30 -16.67 7.65
C GLY B 44 12.62 -17.22 6.25
N PRO B 45 13.77 -17.81 6.10
CA PRO B 45 14.21 -18.40 4.79
C PRO B 45 13.53 -19.73 4.52
N LEU B 46 12.84 -19.81 3.39
CA LEU B 46 12.12 -21.04 3.02
C LEU B 46 12.05 -21.17 1.49
N PRO B 47 12.96 -21.91 0.91
CA PRO B 47 12.99 -22.12 -0.57
C PRO B 47 11.60 -22.45 -1.14
N VAL B 48 11.52 -22.51 -2.46
CA VAL B 48 10.26 -22.80 -3.13
C VAL B 48 9.67 -24.11 -2.60
N THR B 49 10.52 -25.12 -2.48
CA THR B 49 10.08 -26.42 -1.97
C THR B 49 9.53 -26.27 -0.55
N ASP B 50 10.19 -25.44 0.25
CA ASP B 50 9.76 -25.21 1.63
C ASP B 50 8.40 -24.52 1.63
N LEU B 51 8.22 -23.58 0.70
CA LEU B 51 6.96 -22.86 0.62
C LEU B 51 5.81 -23.82 0.33
N ALA B 52 6.03 -24.71 -0.63
CA ALA B 52 5.02 -25.67 -0.98
C ALA B 52 4.59 -26.45 0.25
N GLU B 53 5.57 -26.94 1.02
CA GLU B 53 5.26 -27.68 2.23
C GLU B 53 4.37 -26.85 3.16
N ALA B 54 4.76 -25.61 3.39
CA ALA B 54 4.00 -24.73 4.27
C ALA B 54 2.55 -24.65 3.81
N ILE B 55 2.34 -24.21 2.58
CA ILE B 55 0.99 -24.09 2.03
C ILE B 55 0.55 -25.40 1.41
N GLY B 56 1.12 -25.74 0.26
CA GLY B 56 0.78 -26.97 -0.44
C GLY B 56 0.47 -26.71 -1.90
N MET B 57 1.45 -26.96 -2.78
CA MET B 57 1.25 -26.77 -4.21
C MET B 57 1.05 -25.30 -4.53
N GLU B 58 2.14 -24.63 -4.92
CA GLU B 58 2.06 -23.21 -5.26
C GLU B 58 3.42 -22.72 -5.73
N GLN B 59 4.30 -23.64 -6.06
CA GLN B 59 5.63 -23.29 -6.51
C GLN B 59 5.56 -22.36 -7.72
N SER B 60 4.58 -22.60 -8.59
CA SER B 60 4.41 -21.79 -9.78
C SER B 60 4.13 -20.34 -9.43
N ALA B 61 3.19 -20.13 -8.51
CA ALA B 61 2.83 -18.79 -8.10
C ALA B 61 4.05 -18.08 -7.51
N VAL B 62 4.90 -18.83 -6.82
CA VAL B 62 6.09 -18.24 -6.21
C VAL B 62 7.06 -17.77 -7.29
N SER B 63 7.40 -18.67 -8.21
CA SER B 63 8.33 -18.34 -9.28
C SER B 63 7.82 -17.14 -10.07
N HIS B 64 6.51 -17.13 -10.35
CA HIS B 64 5.91 -16.04 -11.10
C HIS B 64 6.03 -14.72 -10.33
N GLN B 65 5.63 -14.74 -9.06
CA GLN B 65 5.68 -13.55 -8.24
C GLN B 65 7.12 -13.10 -8.05
N LEU B 66 8.02 -14.06 -7.85
CA LEU B 66 9.42 -13.75 -7.66
C LEU B 66 9.99 -13.07 -8.89
N ARG B 67 9.67 -13.61 -10.06
CA ARG B 67 10.17 -13.04 -11.31
C ARG B 67 9.66 -11.63 -11.50
N VAL B 68 8.38 -11.42 -11.20
CA VAL B 68 7.80 -10.09 -11.35
C VAL B 68 8.42 -9.11 -10.36
N LEU B 69 8.39 -9.46 -9.08
CA LEU B 69 8.95 -8.59 -8.05
C LEU B 69 10.42 -8.33 -8.32
N ARG B 70 11.12 -9.39 -8.73
CA ARG B 70 12.54 -9.27 -9.03
C ARG B 70 12.77 -8.22 -10.11
N ASN B 71 11.90 -8.21 -11.13
CA ASN B 71 12.05 -7.26 -12.22
C ASN B 71 11.98 -5.83 -11.69
N LEU B 72 10.95 -5.55 -10.89
CA LEU B 72 10.78 -4.21 -10.33
C LEU B 72 11.89 -3.92 -9.33
N GLY B 73 12.24 -4.92 -8.53
CA GLY B 73 13.30 -4.77 -7.52
C GLY B 73 12.68 -4.60 -6.15
N LEU B 74 12.29 -5.71 -5.53
CA LEU B 74 11.69 -5.66 -4.20
C LEU B 74 12.05 -6.91 -3.40
N VAL B 75 12.65 -7.89 -4.07
CA VAL B 75 13.03 -9.14 -3.42
C VAL B 75 14.39 -9.60 -3.92
N VAL B 76 15.05 -10.44 -3.15
CA VAL B 76 16.36 -10.96 -3.52
C VAL B 76 16.53 -12.39 -3.04
N GLY B 77 17.46 -13.12 -3.65
CA GLY B 77 17.72 -14.50 -3.27
C GLY B 77 19.22 -14.76 -3.17
N ASP B 78 19.63 -15.61 -2.23
CA ASP B 78 21.03 -15.94 -2.05
C ASP B 78 21.33 -17.32 -2.64
N ARG B 79 22.00 -17.33 -3.78
CA ARG B 79 22.35 -18.58 -4.44
C ARG B 79 23.58 -19.20 -3.79
N ALA B 80 23.52 -20.51 -3.54
CA ALA B 80 24.64 -21.22 -2.92
C ALA B 80 24.94 -22.51 -3.67
N GLY B 81 26.21 -22.90 -3.68
CA GLY B 81 26.61 -24.12 -4.37
C GLY B 81 26.01 -25.36 -3.72
N ARG B 82 24.81 -25.19 -3.13
CA ARG B 82 24.14 -26.30 -2.48
C ARG B 82 22.63 -26.09 -2.50
N SER B 83 22.21 -24.83 -2.56
CA SER B 83 20.80 -24.51 -2.58
C SER B 83 20.60 -23.01 -2.78
N ILE B 84 19.36 -22.61 -3.04
CA ILE B 84 19.03 -21.20 -3.24
C ILE B 84 17.97 -20.77 -2.24
N VAL B 85 18.20 -19.63 -1.59
CA VAL B 85 17.26 -19.09 -0.62
C VAL B 85 16.63 -17.80 -1.16
N TYR B 86 15.31 -17.71 -1.07
CA TYR B 86 14.58 -16.53 -1.53
C TYR B 86 14.11 -15.68 -0.35
N SER B 87 14.36 -14.37 -0.42
CA SER B 87 13.96 -13.47 0.65
C SER B 87 13.68 -12.09 0.07
N LEU B 88 13.06 -11.25 0.88
CA LEU B 88 12.72 -9.90 0.46
C LEU B 88 13.95 -8.99 0.53
N TYR B 89 13.95 -7.95 -0.28
CA TYR B 89 15.07 -7.01 -0.29
C TYR B 89 15.46 -6.63 1.14
N ASP B 90 14.58 -6.92 2.09
CA ASP B 90 14.85 -6.62 3.49
C ASP B 90 15.50 -5.25 3.66
N THR B 91 14.68 -4.22 3.82
CA THR B 91 15.17 -2.86 3.98
C THR B 91 14.04 -1.93 4.41
N HIS B 92 13.98 -0.76 3.78
CA HIS B 92 12.95 0.22 4.09
C HIS B 92 11.57 -0.42 3.95
N VAL B 93 11.31 -1.02 2.79
CA VAL B 93 10.02 -1.66 2.55
C VAL B 93 9.67 -2.58 3.71
N ALA B 94 10.68 -3.27 4.24
CA ALA B 94 10.46 -4.18 5.35
C ALA B 94 9.98 -3.42 6.58
N GLN B 95 10.59 -2.27 6.83
CA GLN B 95 10.21 -1.44 7.98
C GLN B 95 8.73 -1.07 7.88
N LEU B 96 8.32 -0.63 6.71
CA LEU B 96 6.93 -0.25 6.50
C LEU B 96 6.01 -1.45 6.72
N LEU B 97 6.42 -2.58 6.19
CA LEU B 97 5.61 -3.78 6.35
C LEU B 97 5.55 -4.20 7.81
N ASP B 98 6.67 -4.07 8.51
CA ASP B 98 6.73 -4.45 9.91
C ASP B 98 5.78 -3.62 10.75
N GLU B 99 5.71 -2.33 10.45
CA GLU B 99 4.83 -1.43 11.19
C GLU B 99 3.37 -1.66 10.78
N ALA B 100 3.10 -1.60 9.49
CA ALA B 100 1.75 -1.78 8.99
C ALA B 100 1.18 -3.12 9.45
N ILE B 101 1.95 -4.19 9.26
CA ILE B 101 1.49 -5.51 9.64
C ILE B 101 1.31 -5.61 11.14
N TYR B 102 2.29 -5.12 11.88
CA TYR B 102 2.22 -5.16 13.34
C TYR B 102 1.04 -4.36 13.85
N HIS B 103 0.84 -3.18 13.28
CA HIS B 103 -0.25 -2.31 13.69
C HIS B 103 -1.60 -2.93 13.31
N SER B 104 -1.66 -3.51 12.11
CA SER B 104 -2.89 -4.12 11.63
C SER B 104 -3.21 -5.38 12.45
N GLU B 105 -2.19 -6.20 12.68
CA GLU B 105 -2.37 -7.42 13.45
C GLU B 105 -2.70 -7.11 14.90
N HIS B 106 -2.21 -5.98 15.38
CA HIS B 106 -2.44 -5.59 16.77
C HIS B 106 -3.92 -5.68 17.10
N LEU B 107 -4.71 -4.80 16.50
CA LEU B 107 -6.15 -4.78 16.72
C LEU B 107 -6.70 -6.19 16.76
N HIS B 108 -6.77 -6.74 17.96
CA HIS B 108 -7.28 -8.10 18.15
C HIS B 108 -8.65 -8.07 18.82
N LEU B 109 -9.63 -8.70 18.19
CA LEU B 109 -10.98 -8.73 18.73
C LEU B 109 -10.99 -9.43 20.08
N GLY B 110 -10.26 -10.53 20.18
CA GLY B 110 -10.19 -11.28 21.43
C GLY B 110 -11.58 -11.73 21.88
N LEU B 111 -11.82 -13.03 21.86
CA LEU B 111 -13.11 -13.58 22.26
C LEU B 111 -14.23 -12.93 21.46
N SER B 112 -14.00 -12.76 20.15
CA SER B 112 -15.00 -12.15 19.29
C SER B 112 -15.47 -10.83 19.86
N ASP B 113 -16.61 -10.85 20.54
CA ASP B 113 -17.17 -9.63 21.13
C ASP B 113 -18.03 -9.97 22.35
N ARG B 114 -18.67 -8.95 22.91
CA ARG B 114 -19.52 -9.16 24.08
C ARG B 114 -20.65 -10.12 23.76
N HIS B 115 -21.24 -9.98 22.58
CA HIS B 115 -22.33 -10.84 22.17
C HIS B 115 -21.87 -12.30 22.12
N PRO B 116 -22.77 -13.22 22.36
CA PRO B 116 -22.45 -14.68 22.34
C PRO B 116 -22.10 -15.17 20.93
N SER B 117 -20.96 -15.84 20.81
CA SER B 117 -20.52 -16.37 19.54
C SER B 117 -21.51 -17.41 19.01
N ALA B 118 -21.95 -18.30 19.89
CA ALA B 118 -22.90 -19.33 19.50
C ALA B 118 -23.49 -20.01 20.74
N GLY B 119 -24.70 -20.56 20.59
CA GLY B 119 -25.35 -21.23 21.71
C GLY B 119 -25.39 -20.33 22.93
N GLY A 1 -29.51 -23.39 31.00
CA GLY A 1 -30.18 -22.10 31.34
C GLY A 1 -29.51 -21.48 32.55
N HIS A 2 -29.93 -20.27 32.88
CA HIS A 2 -29.35 -19.56 34.03
C HIS A 2 -27.84 -19.62 33.99
N GLY A 3 -27.27 -19.45 32.80
CA GLY A 3 -25.82 -19.49 32.64
C GLY A 3 -25.43 -19.19 31.20
N VAL A 4 -24.13 -19.21 30.92
CA VAL A 4 -23.62 -18.95 29.57
C VAL A 4 -22.85 -20.14 29.04
N GLU A 5 -23.17 -20.54 27.81
CA GLU A 5 -22.50 -21.69 27.19
C GLU A 5 -21.01 -21.40 27.04
N GLY A 6 -20.67 -20.41 26.22
CA GLY A 6 -19.27 -20.04 26.00
C GLY A 6 -19.05 -19.58 24.56
N ARG A 7 -18.10 -18.68 24.38
CA ARG A 7 -17.79 -18.16 23.05
C ARG A 7 -17.25 -19.27 22.15
N ASN A 8 -16.39 -20.11 22.71
CA ASN A 8 -15.82 -21.21 21.95
C ASN A 8 -15.18 -20.70 20.66
N ARG A 9 -14.25 -19.76 20.80
CA ARG A 9 -13.59 -19.20 19.63
C ARG A 9 -12.69 -20.24 18.96
N PRO A 10 -12.55 -20.16 17.66
CA PRO A 10 -11.70 -21.11 16.89
C PRO A 10 -10.20 -20.88 17.15
N SER A 11 -9.43 -21.96 17.13
CA SER A 11 -7.99 -21.87 17.36
C SER A 11 -7.24 -22.06 16.06
N ALA A 12 -6.88 -20.96 15.41
CA ALA A 12 -6.14 -21.01 14.17
C ALA A 12 -5.61 -19.64 13.78
N PRO A 13 -4.49 -19.58 13.10
CA PRO A 13 -3.88 -18.30 12.66
C PRO A 13 -4.73 -17.60 11.61
N LEU A 14 -4.76 -16.27 11.69
CA LEU A 14 -5.53 -15.47 10.75
C LEU A 14 -4.62 -14.79 9.74
N ASP A 15 -3.31 -15.06 9.84
CA ASP A 15 -2.33 -14.44 8.94
C ASP A 15 -2.93 -14.23 7.55
N SER A 16 -3.61 -15.25 7.05
CA SER A 16 -4.26 -15.16 5.74
C SER A 16 -5.18 -13.94 5.69
N GLN A 17 -6.04 -13.82 6.70
CA GLN A 17 -6.97 -12.69 6.76
C GLN A 17 -6.19 -11.39 6.86
N ALA A 18 -5.18 -11.36 7.71
CA ALA A 18 -4.38 -10.15 7.89
C ALA A 18 -3.76 -9.73 6.56
N ALA A 19 -3.52 -10.71 5.67
CA ALA A 19 -2.95 -10.42 4.37
C ALA A 19 -3.98 -9.75 3.48
N ALA A 20 -5.14 -10.37 3.37
CA ALA A 20 -6.21 -9.82 2.53
C ALA A 20 -6.68 -8.48 3.08
N GLN A 21 -6.81 -8.39 4.40
CA GLN A 21 -7.27 -7.16 5.03
C GLN A 21 -6.27 -6.02 4.81
N VAL A 22 -5.01 -6.28 5.16
CA VAL A 22 -3.97 -5.28 4.99
C VAL A 22 -3.81 -4.93 3.51
N ALA A 23 -3.80 -5.95 2.66
CA ALA A 23 -3.67 -5.74 1.23
C ALA A 23 -4.74 -4.76 0.74
N SER A 24 -5.96 -4.94 1.23
CA SER A 24 -7.06 -4.07 0.85
C SER A 24 -6.73 -2.61 1.20
N THR A 25 -6.20 -2.42 2.41
CA THR A 25 -5.82 -1.08 2.84
C THR A 25 -4.71 -0.52 1.96
N LEU A 26 -3.70 -1.35 1.70
CA LEU A 26 -2.57 -0.95 0.86
C LEU A 26 -3.05 -0.69 -0.57
N GLN A 27 -4.18 -1.28 -0.93
CA GLN A 27 -4.73 -1.09 -2.27
C GLN A 27 -5.36 0.30 -2.40
N ALA A 28 -6.30 0.61 -1.50
CA ALA A 28 -6.96 1.91 -1.54
C ALA A 28 -5.94 3.04 -1.40
N LEU A 29 -5.15 2.99 -0.34
CA LEU A 29 -4.14 4.03 -0.11
C LEU A 29 -3.38 4.32 -1.39
N ALA A 30 -3.18 3.29 -2.20
CA ALA A 30 -2.48 3.45 -3.46
C ALA A 30 -3.18 4.52 -4.32
N THR A 31 -3.27 4.25 -5.62
CA THR A 31 -3.91 5.18 -6.53
C THR A 31 -3.24 6.56 -6.46
N PRO A 32 -2.62 7.00 -7.53
CA PRO A 32 -1.92 8.33 -7.56
C PRO A 32 -2.80 9.47 -7.03
N SER A 33 -4.04 9.51 -7.49
CA SER A 33 -4.95 10.56 -7.07
C SER A 33 -5.23 10.50 -5.58
N ARG A 34 -5.51 9.30 -5.09
CA ARG A 34 -5.82 9.14 -3.68
C ARG A 34 -4.62 9.50 -2.81
N LEU A 35 -3.45 8.99 -3.17
CA LEU A 35 -2.24 9.25 -2.39
C LEU A 35 -1.96 10.74 -2.35
N MET A 36 -1.90 11.37 -3.53
CA MET A 36 -1.63 12.81 -3.58
C MET A 36 -2.57 13.56 -2.65
N ILE A 37 -3.87 13.25 -2.74
CA ILE A 37 -4.85 13.91 -1.89
C ILE A 37 -4.56 13.61 -0.42
N LEU A 38 -4.27 12.35 -0.13
CA LEU A 38 -3.98 11.95 1.24
C LEU A 38 -2.75 12.69 1.77
N THR A 39 -1.75 12.82 0.91
CA THR A 39 -0.52 13.51 1.29
C THR A 39 -0.86 14.94 1.71
N GLN A 40 -1.77 15.57 0.98
CA GLN A 40 -2.18 16.95 1.31
C GLN A 40 -2.79 17.00 2.70
N LEU A 41 -3.66 16.05 2.99
CA LEU A 41 -4.31 15.99 4.31
C LEU A 41 -3.29 15.77 5.41
N ARG A 42 -2.23 15.05 5.08
CA ARG A 42 -1.19 14.75 6.06
C ARG A 42 -1.00 15.91 7.03
N ASN A 43 -1.23 17.13 6.54
CA ASN A 43 -1.09 18.31 7.38
C ASN A 43 -2.25 18.40 8.37
N GLY A 44 -3.36 18.96 7.92
CA GLY A 44 -4.53 19.10 8.78
C GLY A 44 -5.36 20.33 8.39
N PRO A 45 -4.89 21.50 8.76
CA PRO A 45 -5.60 22.78 8.46
C PRO A 45 -5.58 23.11 6.96
N LEU A 46 -6.53 22.54 6.23
CA LEU A 46 -6.61 22.79 4.79
C LEU A 46 -8.03 22.53 4.29
N PRO A 47 -8.96 23.35 4.69
CA PRO A 47 -10.38 23.21 4.27
C PRO A 47 -10.52 22.92 2.78
N VAL A 48 -11.74 22.59 2.37
CA VAL A 48 -12.00 22.28 0.96
C VAL A 48 -11.53 23.43 0.07
N THR A 49 -11.85 24.65 0.46
CA THR A 49 -11.45 25.82 -0.29
C THR A 49 -9.92 25.91 -0.35
N ASP A 50 -9.27 25.59 0.77
CA ASP A 50 -7.82 25.63 0.84
C ASP A 50 -7.21 24.58 -0.08
N LEU A 51 -7.82 23.40 -0.09
CA LEU A 51 -7.33 22.32 -0.94
C LEU A 51 -7.40 22.74 -2.40
N ALA A 52 -8.51 23.36 -2.78
CA ALA A 52 -8.68 23.83 -4.15
C ALA A 52 -7.53 24.73 -4.52
N GLU A 53 -7.21 25.68 -3.65
CA GLU A 53 -6.11 26.61 -3.93
C GLU A 53 -4.83 25.83 -4.21
N ALA A 54 -4.56 24.81 -3.38
CA ALA A 54 -3.37 24.00 -3.57
C ALA A 54 -3.33 23.41 -4.99
N ILE A 55 -4.37 22.67 -5.33
CA ILE A 55 -4.46 22.07 -6.66
C ILE A 55 -4.94 23.09 -7.68
N GLY A 56 -6.20 23.49 -7.57
CA GLY A 56 -6.77 24.47 -8.48
C GLY A 56 -8.12 24.00 -9.01
N MET A 57 -9.16 24.07 -8.18
CA MET A 57 -10.49 23.66 -8.59
C MET A 57 -10.61 22.14 -8.56
N GLU A 58 -11.14 21.62 -7.46
CA GLU A 58 -11.30 20.18 -7.32
C GLU A 58 -12.07 19.85 -6.04
N GLN A 59 -12.99 20.72 -5.67
CA GLN A 59 -13.77 20.52 -4.46
C GLN A 59 -14.73 19.35 -4.61
N SER A 60 -15.03 18.99 -5.86
CA SER A 60 -15.94 17.88 -6.12
C SER A 60 -15.31 16.55 -5.73
N ALA A 61 -14.03 16.38 -6.08
CA ALA A 61 -13.32 15.15 -5.75
C ALA A 61 -13.23 14.98 -4.24
N VAL A 62 -13.06 16.10 -3.54
CA VAL A 62 -12.95 16.05 -2.08
C VAL A 62 -14.27 15.61 -1.46
N SER A 63 -15.35 16.28 -1.83
CA SER A 63 -16.66 15.92 -1.29
C SER A 63 -16.96 14.44 -1.52
N HIS A 64 -16.66 13.96 -2.73
CA HIS A 64 -16.90 12.56 -3.05
C HIS A 64 -15.95 11.65 -2.28
N GLN A 65 -14.68 12.04 -2.22
CA GLN A 65 -13.68 11.26 -1.52
C GLN A 65 -14.03 11.13 -0.05
N LEU A 66 -14.51 12.22 0.54
CA LEU A 66 -14.91 12.21 1.93
C LEU A 66 -16.13 11.35 2.14
N ARG A 67 -17.05 11.43 1.20
CA ARG A 67 -18.28 10.66 1.31
C ARG A 67 -17.98 9.15 1.39
N VAL A 68 -17.10 8.69 0.50
CA VAL A 68 -16.73 7.28 0.48
C VAL A 68 -15.78 6.96 1.62
N LEU A 69 -14.70 7.73 1.72
CA LEU A 69 -13.72 7.51 2.78
C LEU A 69 -14.42 7.50 4.14
N ARG A 70 -15.40 8.37 4.30
CA ARG A 70 -16.15 8.43 5.55
C ARG A 70 -17.00 7.18 5.71
N ASN A 71 -17.63 6.74 4.63
CA ASN A 71 -18.48 5.56 4.69
C ASN A 71 -17.67 4.34 5.12
N LEU A 72 -16.57 4.10 4.42
CA LEU A 72 -15.70 2.97 4.77
C LEU A 72 -15.04 3.19 6.11
N GLY A 73 -14.63 4.42 6.37
CA GLY A 73 -13.97 4.76 7.63
C GLY A 73 -12.46 4.74 7.47
N LEU A 74 -11.88 5.92 7.28
CA LEU A 74 -10.44 6.03 7.12
C LEU A 74 -9.97 7.46 7.34
N VAL A 75 -10.93 8.38 7.48
CA VAL A 75 -10.61 9.78 7.69
C VAL A 75 -11.57 10.39 8.71
N VAL A 76 -11.20 11.55 9.25
CA VAL A 76 -12.03 12.24 10.23
C VAL A 76 -12.02 13.74 9.98
N GLY A 77 -13.09 14.41 10.41
CA GLY A 77 -13.19 15.86 10.24
C GLY A 77 -13.87 16.50 11.44
N ASP A 78 -13.53 17.75 11.71
CA ASP A 78 -14.13 18.48 12.84
C ASP A 78 -14.58 19.86 12.39
N ARG A 79 -15.90 20.03 12.29
CA ARG A 79 -16.46 21.32 11.87
C ARG A 79 -16.69 22.22 13.07
N ALA A 80 -16.33 23.50 12.93
CA ALA A 80 -16.50 24.46 14.01
C ALA A 80 -16.98 25.80 13.45
N GLY A 81 -18.29 26.01 13.45
CA GLY A 81 -18.86 27.25 12.95
C GLY A 81 -18.57 27.39 11.45
N ARG A 82 -17.80 28.40 11.09
CA ARG A 82 -17.45 28.64 9.69
C ARG A 82 -16.12 27.99 9.35
N SER A 83 -15.48 27.39 10.36
CA SER A 83 -14.19 26.74 10.17
C SER A 83 -14.38 25.24 10.16
N ILE A 84 -13.28 24.53 9.96
CA ILE A 84 -13.32 23.08 9.93
C ILE A 84 -11.93 22.51 9.61
N VAL A 85 -11.66 21.29 10.06
CA VAL A 85 -10.38 20.64 9.79
C VAL A 85 -10.58 19.18 9.39
N TYR A 86 -10.05 18.82 8.22
CA TYR A 86 -10.15 17.44 7.73
C TYR A 86 -8.80 16.75 7.81
N SER A 87 -8.76 15.60 8.47
CA SER A 87 -7.52 14.85 8.63
C SER A 87 -7.80 13.35 8.68
N LEU A 88 -6.76 12.55 8.54
CA LEU A 88 -6.90 11.10 8.57
C LEU A 88 -7.45 10.65 9.92
N TYR A 89 -8.14 9.52 9.93
CA TYR A 89 -8.72 9.00 11.15
C TYR A 89 -7.66 8.86 12.23
N ASP A 90 -6.54 8.23 11.88
CA ASP A 90 -5.45 8.03 12.83
C ASP A 90 -4.13 8.45 12.20
N THR A 91 -3.05 8.32 12.97
CA THR A 91 -1.72 8.69 12.49
C THR A 91 -0.99 7.47 11.94
N HIS A 92 -1.47 6.28 12.31
CA HIS A 92 -0.85 5.04 11.84
C HIS A 92 -0.53 5.15 10.35
N VAL A 93 -1.57 5.27 9.53
CA VAL A 93 -1.39 5.39 8.09
C VAL A 93 -0.32 6.42 7.78
N ALA A 94 -0.27 7.48 8.57
CA ALA A 94 0.73 8.53 8.38
C ALA A 94 2.13 7.97 8.58
N GLN A 95 2.27 7.08 9.57
CA GLN A 95 3.57 6.48 9.86
C GLN A 95 4.06 5.68 8.66
N LEU A 96 3.16 4.87 8.10
CA LEU A 96 3.52 4.04 6.95
C LEU A 96 3.93 4.93 5.77
N LEU A 97 3.17 6.00 5.54
CA LEU A 97 3.46 6.92 4.47
C LEU A 97 4.78 7.63 4.72
N ASP A 98 5.04 7.95 5.99
CA ASP A 98 6.27 8.64 6.35
C ASP A 98 7.48 7.80 5.96
N GLU A 99 7.42 6.51 6.25
CA GLU A 99 8.53 5.62 5.91
C GLU A 99 8.66 5.51 4.39
N ALA A 100 7.56 5.18 3.72
CA ALA A 100 7.57 5.07 2.28
C ALA A 100 8.12 6.34 1.64
N ILE A 101 7.68 7.48 2.16
CA ILE A 101 8.12 8.76 1.62
C ILE A 101 9.63 8.90 1.75
N TYR A 102 10.14 8.61 2.93
CA TYR A 102 11.58 8.71 3.17
C TYR A 102 12.34 7.72 2.27
N HIS A 103 11.79 6.53 2.13
CA HIS A 103 12.42 5.51 1.30
C HIS A 103 12.56 5.98 -0.13
N SER A 104 11.48 6.54 -0.68
CA SER A 104 11.49 7.04 -2.05
C SER A 104 12.26 8.35 -2.15
N GLU A 105 12.11 9.20 -1.14
CA GLU A 105 12.78 10.48 -1.13
C GLU A 105 14.29 10.32 -1.20
N HIS A 106 14.81 9.31 -0.50
CA HIS A 106 16.24 9.06 -0.50
C HIS A 106 16.76 8.95 -1.92
N LEU A 107 16.42 7.86 -2.59
CA LEU A 107 16.86 7.63 -3.96
C LEU A 107 15.77 8.06 -4.93
N HIS A 108 15.89 9.28 -5.44
CA HIS A 108 14.91 9.81 -6.38
C HIS A 108 14.80 8.89 -7.60
N LEU A 109 14.37 9.46 -8.72
CA LEU A 109 14.22 8.69 -9.95
C LEU A 109 15.55 8.12 -10.39
N GLY A 110 16.60 8.93 -10.30
CA GLY A 110 17.93 8.49 -10.71
C GLY A 110 18.00 8.26 -12.20
N LEU A 111 17.06 8.85 -12.93
CA LEU A 111 17.03 8.70 -14.39
C LEU A 111 17.59 9.94 -15.06
N SER A 112 18.91 9.98 -15.20
CA SER A 112 19.57 11.11 -15.84
C SER A 112 21.03 10.81 -16.09
N ASP A 113 21.38 10.52 -17.34
CA ASP A 113 22.76 10.22 -17.70
C ASP A 113 23.29 9.07 -16.84
N ARG A 114 22.48 8.04 -16.67
CA ARG A 114 22.88 6.89 -15.87
C ARG A 114 24.05 6.16 -16.53
N HIS A 115 25.02 5.77 -15.71
CA HIS A 115 26.18 5.06 -16.22
C HIS A 115 26.81 4.19 -15.13
N PRO A 116 27.45 3.11 -15.51
CA PRO A 116 28.11 2.19 -14.54
C PRO A 116 28.93 2.94 -13.50
N SER A 117 29.61 4.00 -13.92
CA SER A 117 30.41 4.80 -13.01
C SER A 117 29.55 5.39 -11.91
N ALA A 118 28.38 5.87 -12.28
CA ALA A 118 27.46 6.47 -11.32
C ALA A 118 28.16 7.57 -10.52
N GLY A 119 28.90 8.43 -11.23
CA GLY A 119 29.62 9.52 -10.58
C GLY A 119 30.75 8.98 -9.71
N GLY B 1 32.55 24.63 -26.82
CA GLY B 1 33.39 23.41 -26.92
C GLY B 1 34.40 23.38 -25.78
N HIS B 2 35.16 22.29 -25.70
CA HIS B 2 36.17 22.15 -24.65
C HIS B 2 35.59 22.56 -23.29
N GLY B 3 34.33 22.21 -23.07
CA GLY B 3 33.67 22.56 -21.81
C GLY B 3 32.31 21.87 -21.72
N VAL B 4 31.60 22.11 -20.62
CA VAL B 4 30.28 21.51 -20.40
C VAL B 4 29.22 22.59 -20.26
N GLU B 5 28.12 22.43 -20.99
CA GLU B 5 27.04 23.40 -20.95
C GLU B 5 26.45 23.49 -19.55
N GLY B 6 25.80 22.41 -19.11
CA GLY B 6 25.19 22.38 -17.79
C GLY B 6 23.92 21.52 -17.79
N ARG B 7 23.67 20.83 -16.69
CA ARG B 7 22.49 19.99 -16.58
C ARG B 7 21.21 20.82 -16.70
N ASN B 8 21.20 21.98 -16.05
CA ASN B 8 20.04 22.85 -16.09
C ASN B 8 18.78 22.11 -15.69
N ARG B 9 18.81 21.51 -14.50
CA ARG B 9 17.66 20.75 -14.01
C ARG B 9 16.48 21.68 -13.76
N PRO B 10 15.27 21.19 -13.95
CA PRO B 10 14.04 21.99 -13.72
C PRO B 10 13.80 22.29 -12.25
N SER B 11 13.21 23.45 -11.97
CA SER B 11 12.93 23.84 -10.59
C SER B 11 11.43 23.73 -10.30
N ALA B 12 11.02 22.63 -9.69
CA ALA B 12 9.63 22.43 -9.36
C ALA B 12 9.45 21.18 -8.48
N PRO B 13 8.44 21.16 -7.65
CA PRO B 13 8.15 20.00 -6.76
C PRO B 13 7.71 18.78 -7.56
N LEU B 14 8.08 17.60 -7.07
CA LEU B 14 7.72 16.35 -7.72
C LEU B 14 6.67 15.60 -6.91
N ASP B 15 6.22 16.20 -5.81
CA ASP B 15 5.22 15.56 -4.95
C ASP B 15 4.26 14.72 -5.77
N SER B 16 3.76 15.29 -6.85
CA SER B 16 2.83 14.58 -7.72
C SER B 16 3.44 13.23 -8.14
N GLN B 17 4.67 13.26 -8.63
CA GLN B 17 5.34 12.05 -9.05
C GLN B 17 5.49 11.10 -7.86
N ALA B 18 5.90 11.64 -6.72
CA ALA B 18 6.06 10.83 -5.52
C ALA B 18 4.75 10.14 -5.17
N ALA B 19 3.63 10.76 -5.52
CA ALA B 19 2.32 10.19 -5.24
C ALA B 19 2.06 8.99 -6.16
N ALA B 20 2.22 9.21 -7.46
CA ALA B 20 1.98 8.14 -8.42
C ALA B 20 3.00 7.02 -8.24
N GLN B 21 4.25 7.39 -7.98
CA GLN B 21 5.31 6.40 -7.80
C GLN B 21 5.04 5.55 -6.55
N VAL B 22 4.84 6.21 -5.43
CA VAL B 22 4.57 5.51 -4.18
C VAL B 22 3.27 4.72 -4.30
N ALA B 23 2.24 5.34 -4.85
CA ALA B 23 0.97 4.68 -5.03
C ALA B 23 1.16 3.36 -5.76
N SER B 24 1.97 3.39 -6.81
CA SER B 24 2.22 2.17 -7.59
C SER B 24 2.79 1.09 -6.68
N THR B 25 3.75 1.47 -5.84
CA THR B 25 4.35 0.51 -4.91
C THR B 25 3.29 -0.02 -3.93
N LEU B 26 2.48 0.90 -3.39
CA LEU B 26 1.43 0.51 -2.46
C LEU B 26 0.40 -0.36 -3.15
N GLN B 27 0.32 -0.25 -4.47
CA GLN B 27 -0.62 -1.04 -5.24
C GLN B 27 -0.14 -2.49 -5.35
N ALA B 28 1.09 -2.67 -5.84
CA ALA B 28 1.64 -4.02 -5.99
C ALA B 28 1.67 -4.72 -4.64
N LEU B 29 2.32 -4.10 -3.65
CA LEU B 29 2.42 -4.68 -2.33
C LEU B 29 1.08 -5.23 -1.88
N ALA B 30 0.02 -4.52 -2.26
CA ALA B 30 -1.33 -4.95 -1.90
C ALA B 30 -1.58 -6.38 -2.39
N THR B 31 -2.78 -6.62 -2.89
CA THR B 31 -3.15 -7.94 -3.39
C THR B 31 -2.97 -8.99 -2.28
N PRO B 32 -4.03 -9.60 -1.84
CA PRO B 32 -3.98 -10.62 -0.75
C PRO B 32 -2.91 -11.68 -1.00
N SER B 33 -2.89 -12.22 -2.21
CA SER B 33 -1.92 -13.26 -2.54
C SER B 33 -0.49 -12.75 -2.43
N ARG B 34 -0.26 -11.57 -3.00
CA ARG B 34 1.07 -10.99 -2.96
C ARG B 34 1.53 -10.72 -1.53
N LEU B 35 0.66 -10.10 -0.75
CA LEU B 35 1.00 -9.75 0.62
C LEU B 35 1.32 -11.02 1.42
N MET B 36 0.40 -11.99 1.39
CA MET B 36 0.61 -13.23 2.12
C MET B 36 1.99 -13.81 1.77
N ILE B 37 2.30 -13.87 0.48
CA ILE B 37 3.59 -14.40 0.05
C ILE B 37 4.73 -13.54 0.59
N LEU B 38 4.57 -12.23 0.49
CA LEU B 38 5.59 -11.31 0.97
C LEU B 38 5.80 -11.48 2.47
N THR B 39 4.70 -11.63 3.19
CA THR B 39 4.76 -11.82 4.64
C THR B 39 5.62 -13.04 4.96
N GLN B 40 5.46 -14.10 4.18
CA GLN B 40 6.24 -15.31 4.39
C GLN B 40 7.73 -15.04 4.21
N LEU B 41 8.06 -14.29 3.15
CA LEU B 41 9.46 -13.96 2.88
C LEU B 41 10.04 -13.11 3.98
N ARG B 42 9.19 -12.30 4.61
CA ARG B 42 9.64 -11.42 5.68
C ARG B 42 10.74 -12.10 6.52
N ASN B 43 10.64 -13.42 6.64
CA ASN B 43 11.64 -14.17 7.40
C ASN B 43 12.96 -14.19 6.65
N GLY B 44 13.09 -15.11 5.70
CA GLY B 44 14.33 -15.23 4.91
C GLY B 44 14.58 -16.67 4.52
N PRO B 45 15.04 -17.48 5.45
CA PRO B 45 15.33 -18.92 5.20
C PRO B 45 14.07 -19.74 4.94
N LEU B 46 13.61 -19.74 3.69
CA LEU B 46 12.40 -20.47 3.32
C LEU B 46 12.41 -20.78 1.82
N PRO B 47 13.31 -21.61 1.39
CA PRO B 47 13.43 -21.99 -0.05
C PRO B 47 12.06 -22.30 -0.67
N VAL B 48 12.05 -22.47 -1.98
CA VAL B 48 10.79 -22.76 -2.69
C VAL B 48 10.10 -23.98 -2.07
N THR B 49 10.87 -25.03 -1.83
CA THR B 49 10.34 -26.25 -1.23
C THR B 49 9.80 -25.95 0.17
N ASP B 50 10.49 -25.08 0.89
CA ASP B 50 10.06 -24.71 2.25
C ASP B 50 8.75 -23.94 2.18
N LEU B 51 8.63 -23.05 1.21
CA LEU B 51 7.43 -22.27 1.06
C LEU B 51 6.23 -23.17 0.77
N ALA B 52 6.45 -24.16 -0.08
CA ALA B 52 5.39 -25.11 -0.41
C ALA B 52 4.87 -25.76 0.86
N GLU B 53 5.79 -26.24 1.69
CA GLU B 53 5.40 -26.88 2.95
C GLU B 53 4.50 -25.93 3.76
N ALA B 54 4.88 -24.66 3.82
CA ALA B 54 4.10 -23.68 4.56
C ALA B 54 2.67 -23.63 4.03
N ILE B 55 2.52 -23.39 2.73
CA ILE B 55 1.21 -23.33 2.11
C ILE B 55 0.71 -24.73 1.80
N GLY B 56 1.35 -25.39 0.84
CA GLY B 56 0.98 -26.74 0.44
C GLY B 56 0.86 -26.86 -1.07
N MET B 57 2.01 -26.85 -1.75
CA MET B 57 2.02 -26.97 -3.20
C MET B 57 1.69 -25.64 -3.86
N GLU B 58 2.73 -24.91 -4.25
CA GLU B 58 2.54 -23.62 -4.89
C GLU B 58 3.89 -23.06 -5.36
N GLN B 59 4.78 -23.95 -5.78
CA GLN B 59 6.09 -23.53 -6.24
C GLN B 59 5.99 -22.77 -7.55
N SER B 60 4.91 -23.00 -8.28
CA SER B 60 4.71 -22.32 -9.57
C SER B 60 4.50 -20.83 -9.37
N ALA B 61 3.68 -20.47 -8.39
CA ALA B 61 3.40 -19.07 -8.11
C ALA B 61 4.68 -18.36 -7.68
N VAL B 62 5.55 -19.07 -6.96
CA VAL B 62 6.79 -18.48 -6.50
C VAL B 62 7.71 -18.17 -7.69
N SER B 63 7.95 -19.17 -8.53
CA SER B 63 8.81 -18.97 -9.69
C SER B 63 8.32 -17.80 -10.53
N HIS B 64 7.00 -17.75 -10.75
CA HIS B 64 6.42 -16.67 -11.54
C HIS B 64 6.54 -15.33 -10.82
N GLN B 65 6.28 -15.34 -9.51
CA GLN B 65 6.35 -14.13 -8.71
C GLN B 65 7.78 -13.59 -8.69
N LEU B 66 8.74 -14.49 -8.61
CA LEU B 66 10.14 -14.09 -8.61
C LEU B 66 10.54 -13.54 -9.96
N ARG B 67 10.05 -14.18 -10.99
CA ARG B 67 10.38 -13.76 -12.36
C ARG B 67 9.96 -12.31 -12.58
N VAL B 68 8.73 -11.99 -12.18
CA VAL B 68 8.22 -10.64 -12.34
C VAL B 68 8.83 -9.69 -11.31
N LEU B 69 8.75 -10.08 -10.04
CA LEU B 69 9.30 -9.26 -8.97
C LEU B 69 10.76 -8.94 -9.27
N ARG B 70 11.48 -9.91 -9.78
CA ARG B 70 12.89 -9.72 -10.12
C ARG B 70 13.02 -8.74 -11.29
N ASN B 71 12.16 -8.91 -12.29
CA ASN B 71 12.22 -8.03 -13.46
C ASN B 71 12.01 -6.58 -13.05
N LEU B 72 10.94 -6.33 -12.30
CA LEU B 72 10.65 -4.98 -11.83
C LEU B 72 11.69 -4.53 -10.82
N GLY B 73 12.10 -5.46 -9.95
CA GLY B 73 13.07 -5.15 -8.92
C GLY B 73 12.39 -4.81 -7.60
N LEU B 74 12.31 -5.80 -6.71
CA LEU B 74 11.68 -5.59 -5.42
C LEU B 74 12.09 -6.69 -4.44
N VAL B 75 12.76 -7.71 -4.95
CA VAL B 75 13.19 -8.82 -4.11
C VAL B 75 14.59 -9.26 -4.52
N VAL B 76 15.26 -9.99 -3.63
CA VAL B 76 16.61 -10.47 -3.89
C VAL B 76 16.78 -11.89 -3.38
N GLY B 77 17.71 -12.63 -3.98
CA GLY B 77 17.97 -14.01 -3.58
C GLY B 77 19.46 -14.32 -3.67
N ASP B 78 19.91 -15.27 -2.85
CA ASP B 78 21.32 -15.66 -2.83
C ASP B 78 21.44 -17.18 -2.87
N ARG B 79 21.85 -17.71 -4.02
CA ARG B 79 22.01 -19.15 -4.19
C ARG B 79 23.38 -19.59 -3.70
N ALA B 80 23.41 -20.65 -2.89
CA ALA B 80 24.68 -21.17 -2.37
C ALA B 80 24.68 -22.70 -2.43
N GLY B 81 25.25 -23.24 -3.51
CA GLY B 81 25.31 -24.68 -3.68
C GLY B 81 23.91 -25.28 -3.80
N ARG B 82 23.50 -26.03 -2.78
CA ARG B 82 22.18 -26.65 -2.78
C ARG B 82 21.26 -25.97 -1.80
N SER B 83 21.65 -24.77 -1.35
CA SER B 83 20.84 -24.01 -0.41
C SER B 83 20.78 -22.56 -0.80
N ILE B 84 19.58 -22.11 -1.17
CA ILE B 84 19.38 -20.72 -1.57
C ILE B 84 18.46 -20.01 -0.59
N VAL B 85 18.58 -18.69 -0.52
CA VAL B 85 17.73 -17.89 0.37
C VAL B 85 17.10 -16.73 -0.39
N TYR B 86 15.77 -16.67 -0.36
CA TYR B 86 15.04 -15.60 -1.04
C TYR B 86 14.46 -14.62 -0.03
N SER B 87 14.71 -13.33 -0.24
CA SER B 87 14.21 -12.30 0.66
C SER B 87 13.98 -11.00 -0.11
N LEU B 88 13.32 -10.06 0.54
CA LEU B 88 13.02 -8.77 -0.08
C LEU B 88 14.31 -8.02 -0.39
N TYR B 89 14.26 -7.17 -1.42
CA TYR B 89 15.44 -6.41 -1.81
C TYR B 89 15.99 -5.63 -0.63
N ASP B 90 15.11 -4.92 0.07
CA ASP B 90 15.52 -4.12 1.23
C ASP B 90 14.58 -4.37 2.40
N THR B 91 14.88 -3.73 3.53
CA THR B 91 14.05 -3.88 4.72
C THR B 91 12.99 -2.79 4.79
N HIS B 92 13.22 -1.71 4.05
CA HIS B 92 12.27 -0.60 4.04
C HIS B 92 10.83 -1.13 3.98
N VAL B 93 10.49 -1.78 2.89
CA VAL B 93 9.15 -2.33 2.72
C VAL B 93 8.75 -3.11 3.97
N ALA B 94 9.72 -3.75 4.60
CA ALA B 94 9.45 -4.51 5.82
C ALA B 94 9.00 -3.57 6.94
N GLN B 95 9.62 -2.39 7.00
CA GLN B 95 9.28 -1.43 8.03
C GLN B 95 7.82 -1.00 7.89
N LEU B 96 7.42 -0.69 6.66
CA LEU B 96 6.04 -0.26 6.41
C LEU B 96 5.07 -1.38 6.79
N LEU B 97 5.42 -2.61 6.43
CA LEU B 97 4.59 -3.75 6.75
C LEU B 97 4.54 -3.96 8.26
N ASP B 98 5.66 -3.74 8.92
CA ASP B 98 5.73 -3.92 10.36
C ASP B 98 4.72 -3.01 11.05
N GLU B 99 4.66 -1.76 10.60
CA GLU B 99 3.71 -0.80 11.20
C GLU B 99 2.28 -1.21 10.86
N ALA B 100 2.02 -1.42 9.58
CA ALA B 100 0.67 -1.83 9.16
C ALA B 100 0.22 -3.06 9.94
N ILE B 101 1.12 -4.02 10.10
CA ILE B 101 0.77 -5.23 10.83
C ILE B 101 0.40 -4.92 12.26
N TYR B 102 1.22 -4.09 12.90
CA TYR B 102 0.96 -3.72 14.28
C TYR B 102 -0.37 -2.97 14.40
N HIS B 103 -0.63 -2.09 13.43
CA HIS B 103 -1.86 -1.32 13.45
C HIS B 103 -3.07 -2.23 13.39
N SER B 104 -3.03 -3.20 12.48
CA SER B 104 -4.14 -4.13 12.35
C SER B 104 -4.16 -5.14 13.49
N GLU B 105 -2.98 -5.59 13.89
CA GLU B 105 -2.87 -6.56 14.97
C GLU B 105 -3.54 -6.04 16.24
N HIS B 106 -3.35 -4.74 16.52
CA HIS B 106 -3.93 -4.15 17.70
C HIS B 106 -5.43 -4.42 17.76
N LEU B 107 -6.18 -3.77 16.89
CA LEU B 107 -7.63 -3.96 16.85
C LEU B 107 -8.00 -4.97 15.77
N HIS B 108 -8.21 -6.21 16.19
CA HIS B 108 -8.57 -7.27 15.26
C HIS B 108 -9.85 -6.91 14.51
N LEU B 109 -10.56 -7.93 14.03
CA LEU B 109 -11.80 -7.69 13.30
C LEU B 109 -12.82 -7.00 14.18
N GLY B 110 -12.92 -7.43 15.43
CA GLY B 110 -13.86 -6.85 16.37
C GLY B 110 -15.30 -7.15 15.96
N LEU B 111 -15.47 -8.18 15.14
CA LEU B 111 -16.80 -8.57 14.68
C LEU B 111 -17.30 -9.78 15.47
N SER B 112 -17.89 -9.53 16.63
CA SER B 112 -18.41 -10.61 17.46
C SER B 112 -19.23 -10.04 18.61
N ASP B 113 -20.55 -10.16 18.51
CA ASP B 113 -21.43 -9.66 19.56
C ASP B 113 -21.14 -8.19 19.85
N ARG B 114 -20.95 -7.40 18.80
CA ARG B 114 -20.66 -5.99 18.95
C ARG B 114 -21.84 -5.27 19.58
N HIS B 115 -21.55 -4.38 20.52
CA HIS B 115 -22.61 -3.63 21.19
C HIS B 115 -22.07 -2.29 21.71
N PRO B 116 -22.91 -1.30 21.80
CA PRO B 116 -22.52 0.05 22.31
C PRO B 116 -21.66 -0.05 23.58
N SER B 117 -22.02 -0.96 24.46
CA SER B 117 -21.29 -1.15 25.70
C SER B 117 -19.84 -1.52 25.43
N ALA B 118 -19.64 -2.38 24.43
CA ALA B 118 -18.30 -2.81 24.06
C ALA B 118 -17.57 -3.38 25.27
N GLY B 119 -18.27 -4.21 26.05
CA GLY B 119 -17.67 -4.82 27.23
C GLY B 119 -17.55 -3.80 28.36
N GLY A 1 -22.65 -21.44 8.78
CA GLY A 1 -23.42 -22.72 8.78
C GLY A 1 -22.51 -23.85 8.34
N HIS A 2 -22.59 -24.98 9.03
CA HIS A 2 -21.77 -26.14 8.69
C HIS A 2 -22.45 -27.43 9.14
N GLY A 3 -23.57 -27.76 8.49
CA GLY A 3 -24.31 -28.97 8.83
C GLY A 3 -25.15 -28.76 10.08
N VAL A 4 -25.70 -29.85 10.61
CA VAL A 4 -26.53 -29.78 11.80
C VAL A 4 -25.71 -29.30 12.99
N GLU A 5 -24.51 -29.84 13.13
CA GLU A 5 -23.61 -29.46 14.24
C GLU A 5 -22.21 -29.17 13.72
N GLY A 6 -21.53 -28.24 14.37
CA GLY A 6 -20.17 -27.88 13.98
C GLY A 6 -19.58 -26.89 14.95
N ARG A 7 -18.52 -26.20 14.51
CA ARG A 7 -17.85 -25.20 15.36
C ARG A 7 -17.48 -23.97 14.55
N ASN A 8 -17.25 -22.86 15.24
CA ASN A 8 -16.89 -21.62 14.56
C ASN A 8 -16.04 -20.75 15.48
N ARG A 9 -15.43 -19.71 14.91
CA ARG A 9 -14.58 -18.81 15.68
C ARG A 9 -14.76 -17.37 15.19
N PRO A 10 -15.86 -16.76 15.54
CA PRO A 10 -16.15 -15.35 15.13
C PRO A 10 -15.07 -14.38 15.62
N SER A 11 -14.79 -13.37 14.79
CA SER A 11 -13.78 -12.38 15.14
C SER A 11 -12.47 -13.05 15.52
N ALA A 12 -11.64 -13.31 14.53
CA ALA A 12 -10.35 -13.95 14.77
C ALA A 12 -9.54 -14.03 13.48
N PRO A 13 -8.99 -12.91 13.06
CA PRO A 13 -8.18 -12.84 11.82
C PRO A 13 -7.04 -13.85 11.83
N LEU A 14 -6.87 -14.55 10.71
CA LEU A 14 -5.81 -15.56 10.59
C LEU A 14 -4.65 -15.02 9.77
N ASP A 15 -4.18 -15.83 8.82
CA ASP A 15 -3.08 -15.43 7.95
C ASP A 15 -3.60 -14.90 6.62
N SER A 16 -4.35 -15.75 5.92
CA SER A 16 -4.91 -15.38 4.62
C SER A 16 -5.78 -14.14 4.76
N GLN A 17 -6.45 -14.01 5.89
CA GLN A 17 -7.31 -12.87 6.14
C GLN A 17 -6.47 -11.60 6.30
N ALA A 18 -5.43 -11.67 7.12
CA ALA A 18 -4.57 -10.53 7.34
C ALA A 18 -4.02 -10.02 6.01
N ALA A 19 -3.70 -10.95 5.10
CA ALA A 19 -3.17 -10.55 3.80
C ALA A 19 -4.25 -9.81 3.00
N ALA A 20 -5.42 -10.42 2.88
CA ALA A 20 -6.50 -9.80 2.13
C ALA A 20 -6.89 -8.46 2.76
N GLN A 21 -6.97 -8.42 4.08
CA GLN A 21 -7.34 -7.21 4.78
C GLN A 21 -6.30 -6.11 4.57
N VAL A 22 -5.04 -6.44 4.86
CA VAL A 22 -3.95 -5.49 4.70
C VAL A 22 -3.83 -5.08 3.24
N ALA A 23 -3.89 -6.05 2.33
CA ALA A 23 -3.78 -5.77 0.92
C ALA A 23 -4.89 -4.81 0.50
N SER A 24 -6.09 -5.03 1.03
CA SER A 24 -7.22 -4.17 0.68
C SER A 24 -6.89 -2.71 1.02
N THR A 25 -6.32 -2.49 2.21
CA THR A 25 -5.95 -1.14 2.62
C THR A 25 -4.84 -0.61 1.71
N LEU A 26 -3.84 -1.43 1.45
CA LEU A 26 -2.73 -1.03 0.60
C LEU A 26 -3.21 -0.77 -0.82
N GLN A 27 -4.33 -1.38 -1.18
CA GLN A 27 -4.89 -1.19 -2.50
C GLN A 27 -5.55 0.18 -2.62
N ALA A 28 -6.52 0.45 -1.74
CA ALA A 28 -7.22 1.74 -1.78
C ALA A 28 -6.23 2.88 -1.62
N LEU A 29 -5.44 2.84 -0.55
CA LEU A 29 -4.47 3.90 -0.30
C LEU A 29 -3.70 4.22 -1.56
N ALA A 30 -3.46 3.21 -2.38
CA ALA A 30 -2.74 3.40 -3.64
C ALA A 30 -3.46 4.45 -4.50
N THR A 31 -3.70 4.10 -5.76
CA THR A 31 -4.38 4.99 -6.67
C THR A 31 -3.69 6.36 -6.70
N PRO A 32 -3.00 6.69 -7.76
CA PRO A 32 -2.28 7.99 -7.87
C PRO A 32 -3.12 9.18 -7.41
N SER A 33 -4.25 9.39 -8.07
CA SER A 33 -5.11 10.50 -7.75
C SER A 33 -5.48 10.49 -6.27
N ARG A 34 -5.86 9.33 -5.76
CA ARG A 34 -6.24 9.20 -4.37
C ARG A 34 -5.07 9.57 -3.45
N LEU A 35 -3.89 9.05 -3.78
CA LEU A 35 -2.71 9.32 -2.96
C LEU A 35 -2.40 10.81 -2.97
N MET A 36 -2.35 11.41 -4.16
CA MET A 36 -2.05 12.83 -4.26
C MET A 36 -2.96 13.63 -3.35
N ILE A 37 -4.26 13.36 -3.42
CA ILE A 37 -5.21 14.07 -2.58
C ILE A 37 -4.95 13.77 -1.10
N LEU A 38 -4.69 12.52 -0.81
CA LEU A 38 -4.44 12.10 0.57
C LEU A 38 -3.19 12.81 1.10
N THR A 39 -2.17 12.91 0.26
CA THR A 39 -0.93 13.57 0.64
C THR A 39 -1.21 15.03 0.98
N GLN A 40 -2.04 15.67 0.16
CA GLN A 40 -2.37 17.07 0.39
C GLN A 40 -2.89 17.26 1.80
N LEU A 41 -3.83 16.40 2.21
CA LEU A 41 -4.37 16.47 3.56
C LEU A 41 -3.30 16.18 4.60
N ARG A 42 -2.46 15.21 4.31
CA ARG A 42 -1.40 14.82 5.22
C ARG A 42 -0.69 16.06 5.76
N ASN A 43 -0.72 17.14 4.99
CA ASN A 43 -0.08 18.38 5.40
C ASN A 43 -0.69 18.90 6.69
N GLY A 44 -2.01 18.79 6.81
CA GLY A 44 -2.70 19.26 8.00
C GLY A 44 -4.17 19.53 7.70
N PRO A 45 -4.89 20.02 8.68
CA PRO A 45 -6.34 20.35 8.53
C PRO A 45 -6.55 21.66 7.81
N LEU A 46 -7.20 21.60 6.65
CA LEU A 46 -7.46 22.79 5.87
C LEU A 46 -8.78 22.66 5.10
N PRO A 47 -9.66 23.62 5.20
CA PRO A 47 -10.96 23.59 4.46
C PRO A 47 -10.78 23.25 2.99
N VAL A 48 -11.89 22.95 2.33
CA VAL A 48 -11.86 22.61 0.90
C VAL A 48 -11.30 23.77 0.08
N THR A 49 -11.66 24.96 0.50
CA THR A 49 -11.21 26.17 -0.19
C THR A 49 -9.67 26.27 -0.17
N ASP A 50 -9.10 25.99 0.99
CA ASP A 50 -7.64 26.02 1.12
C ASP A 50 -7.02 24.90 0.30
N LEU A 51 -7.67 23.75 0.30
CA LEU A 51 -7.17 22.62 -0.45
C LEU A 51 -7.11 22.96 -1.94
N ALA A 52 -8.16 23.62 -2.43
CA ALA A 52 -8.22 23.99 -3.83
C ALA A 52 -7.07 24.93 -4.16
N GLU A 53 -6.81 25.88 -3.28
CA GLU A 53 -5.72 26.83 -3.50
C GLU A 53 -4.40 26.06 -3.71
N ALA A 54 -4.17 25.06 -2.87
CA ALA A 54 -2.95 24.26 -3.00
C ALA A 54 -2.92 23.54 -4.34
N ILE A 55 -4.07 23.04 -4.78
CA ILE A 55 -4.17 22.33 -6.05
C ILE A 55 -4.59 23.29 -7.15
N GLY A 56 -5.89 23.60 -7.19
CA GLY A 56 -6.43 24.51 -8.19
C GLY A 56 -7.86 24.17 -8.54
N MET A 57 -8.81 24.67 -7.73
CA MET A 57 -10.22 24.44 -7.99
C MET A 57 -10.52 22.96 -8.03
N GLU A 58 -11.11 22.43 -6.96
CA GLU A 58 -11.46 21.02 -6.90
C GLU A 58 -12.23 20.73 -5.61
N GLN A 59 -13.01 21.69 -5.17
CA GLN A 59 -13.79 21.53 -3.95
C GLN A 59 -14.80 20.39 -4.09
N SER A 60 -15.18 20.09 -5.33
CA SER A 60 -16.14 19.04 -5.58
C SER A 60 -15.53 17.66 -5.32
N ALA A 61 -14.30 17.48 -5.78
CA ALA A 61 -13.62 16.20 -5.60
C ALA A 61 -13.38 15.95 -4.11
N VAL A 62 -13.23 17.03 -3.35
CA VAL A 62 -12.99 16.89 -1.91
C VAL A 62 -14.28 16.50 -1.19
N SER A 63 -15.35 17.25 -1.44
CA SER A 63 -16.62 16.95 -0.80
C SER A 63 -17.05 15.51 -1.08
N HIS A 64 -16.93 15.11 -2.34
CA HIS A 64 -17.32 13.75 -2.73
C HIS A 64 -16.40 12.71 -2.09
N GLN A 65 -15.09 12.92 -2.24
CA GLN A 65 -14.12 12.00 -1.66
C GLN A 65 -14.31 11.92 -0.15
N LEU A 66 -14.75 13.01 0.44
CA LEU A 66 -14.97 13.04 1.88
C LEU A 66 -16.16 12.17 2.26
N ARG A 67 -17.24 12.26 1.49
CA ARG A 67 -18.43 11.48 1.78
C ARG A 67 -18.13 9.98 1.74
N VAL A 68 -17.48 9.54 0.67
CA VAL A 68 -17.14 8.13 0.54
C VAL A 68 -16.12 7.74 1.59
N LEU A 69 -15.01 8.46 1.64
CA LEU A 69 -13.95 8.16 2.61
C LEU A 69 -14.54 8.14 4.02
N ARG A 70 -15.51 9.01 4.25
CA ARG A 70 -16.16 9.07 5.54
C ARG A 70 -16.85 7.76 5.86
N ASN A 71 -17.50 7.16 4.85
CA ASN A 71 -18.18 5.90 5.07
C ASN A 71 -17.19 4.82 5.47
N LEU A 72 -16.04 4.78 4.80
CA LEU A 72 -15.02 3.79 5.10
C LEU A 72 -14.43 4.03 6.48
N GLY A 73 -14.17 5.29 6.79
CA GLY A 73 -13.60 5.66 8.08
C GLY A 73 -12.10 5.92 7.97
N LEU A 74 -11.70 6.54 6.87
CA LEU A 74 -10.28 6.86 6.65
C LEU A 74 -10.00 8.31 6.96
N VAL A 75 -11.06 9.10 7.06
CA VAL A 75 -10.91 10.52 7.36
C VAL A 75 -11.94 10.95 8.38
N VAL A 76 -11.66 12.06 9.06
CA VAL A 76 -12.57 12.58 10.08
C VAL A 76 -12.60 14.11 10.03
N GLY A 77 -13.69 14.69 10.53
CA GLY A 77 -13.83 16.13 10.55
C GLY A 77 -13.64 16.67 11.97
N ASP A 78 -13.48 17.97 12.10
CA ASP A 78 -13.27 18.60 13.40
C ASP A 78 -13.92 19.97 13.46
N ARG A 79 -14.82 20.15 14.42
CA ARG A 79 -15.52 21.42 14.57
C ARG A 79 -14.62 22.46 15.24
N ALA A 80 -15.01 23.72 15.14
CA ALA A 80 -14.22 24.80 15.73
C ALA A 80 -15.02 26.10 15.76
N GLY A 81 -15.46 26.50 16.95
CA GLY A 81 -16.23 27.73 17.08
C GLY A 81 -17.43 27.72 16.14
N ARG A 82 -17.23 28.19 14.91
CA ARG A 82 -18.31 28.22 13.93
C ARG A 82 -17.80 27.74 12.57
N SER A 83 -17.01 26.67 12.58
CA SER A 83 -16.48 26.14 11.35
C SER A 83 -15.95 24.72 11.56
N ILE A 84 -15.77 23.99 10.49
CA ILE A 84 -15.27 22.62 10.59
C ILE A 84 -14.18 22.38 9.54
N VAL A 85 -13.30 21.42 9.80
CA VAL A 85 -12.22 21.09 8.87
C VAL A 85 -12.14 19.59 8.67
N TYR A 86 -11.57 19.18 7.54
CA TYR A 86 -11.43 17.74 7.23
C TYR A 86 -9.99 17.30 7.39
N SER A 87 -9.81 16.13 8.01
CA SER A 87 -8.46 15.59 8.23
C SER A 87 -8.50 14.07 8.28
N LEU A 88 -7.33 13.46 8.33
CA LEU A 88 -7.25 12.00 8.38
C LEU A 88 -7.83 11.48 9.68
N TYR A 89 -8.41 10.27 9.62
CA TYR A 89 -9.01 9.67 10.80
C TYR A 89 -8.02 9.66 11.96
N ASP A 90 -6.81 9.20 11.69
CA ASP A 90 -5.77 9.13 12.72
C ASP A 90 -4.39 9.37 12.11
N THR A 91 -3.37 9.33 12.96
CA THR A 91 -2.01 9.55 12.49
C THR A 91 -1.37 8.24 12.05
N HIS A 92 -1.97 7.13 12.45
CA HIS A 92 -1.46 5.82 12.10
C HIS A 92 -1.11 5.76 10.61
N VAL A 93 -2.15 5.86 9.77
CA VAL A 93 -1.95 5.82 8.33
C VAL A 93 -0.89 6.84 7.91
N ALA A 94 -0.87 7.97 8.59
CA ALA A 94 0.11 9.02 8.29
C ALA A 94 1.53 8.51 8.54
N GLN A 95 1.69 7.75 9.62
CA GLN A 95 3.01 7.21 9.97
C GLN A 95 3.47 6.25 8.89
N LEU A 96 2.56 5.39 8.45
CA LEU A 96 2.90 4.42 7.41
C LEU A 96 3.35 5.14 6.14
N LEU A 97 2.64 6.19 5.78
CA LEU A 97 2.97 6.96 4.59
C LEU A 97 4.35 7.60 4.75
N ASP A 98 4.64 8.07 5.95
CA ASP A 98 5.93 8.70 6.21
C ASP A 98 7.06 7.71 5.95
N GLU A 99 6.88 6.48 6.40
CA GLU A 99 7.89 5.45 6.20
C GLU A 99 8.01 5.10 4.72
N ALA A 100 6.88 4.87 4.07
CA ALA A 100 6.87 4.53 2.65
C ALA A 100 7.53 5.65 1.85
N ILE A 101 7.18 6.89 2.17
CA ILE A 101 7.74 8.03 1.46
C ILE A 101 9.25 8.10 1.66
N TYR A 102 9.68 7.90 2.90
CA TYR A 102 11.09 7.94 3.21
C TYR A 102 11.83 6.87 2.41
N HIS A 103 11.25 5.69 2.33
CA HIS A 103 11.85 4.60 1.59
C HIS A 103 11.84 4.90 0.09
N SER A 104 10.78 5.54 -0.37
CA SER A 104 10.66 5.88 -1.77
C SER A 104 11.83 6.75 -2.22
N GLU A 105 12.13 7.79 -1.43
CA GLU A 105 13.24 8.68 -1.75
C GLU A 105 14.57 8.00 -1.43
N HIS A 106 14.73 7.59 -0.18
CA HIS A 106 15.96 6.93 0.26
C HIS A 106 16.28 5.77 -0.68
N LEU A 107 15.24 5.07 -1.11
CA LEU A 107 15.43 3.94 -2.02
C LEU A 107 14.41 3.99 -3.14
N HIS A 108 14.86 4.39 -4.33
CA HIS A 108 13.98 4.47 -5.50
C HIS A 108 14.41 3.49 -6.58
N LEU A 109 13.66 2.41 -6.73
CA LEU A 109 13.97 1.40 -7.73
C LEU A 109 13.85 1.99 -9.14
N GLY A 110 12.81 2.79 -9.35
CA GLY A 110 12.58 3.41 -10.65
C GLY A 110 11.88 2.44 -11.60
N LEU A 111 10.70 1.97 -11.19
CA LEU A 111 9.93 1.05 -12.02
C LEU A 111 8.88 1.79 -12.84
N SER A 112 8.78 1.45 -14.12
CA SER A 112 7.80 2.09 -14.99
C SER A 112 6.38 1.80 -14.52
N ASP A 113 5.49 2.77 -14.70
CA ASP A 113 4.11 2.61 -14.29
C ASP A 113 3.32 1.83 -15.34
N ARG A 114 3.99 1.52 -16.45
CA ARG A 114 3.35 0.78 -17.54
C ARG A 114 4.30 -0.26 -18.12
N HIS A 115 3.74 -1.29 -18.72
CA HIS A 115 4.53 -2.37 -19.30
C HIS A 115 3.61 -3.43 -19.91
N PRO A 116 2.74 -4.01 -19.11
CA PRO A 116 1.80 -5.07 -19.57
C PRO A 116 0.87 -4.56 -20.67
N SER A 117 0.64 -3.25 -20.67
CA SER A 117 -0.24 -2.65 -21.66
C SER A 117 0.35 -2.80 -23.06
N ALA A 118 -0.52 -3.08 -24.03
CA ALA A 118 -0.07 -3.24 -25.42
C ALA A 118 -1.24 -3.12 -26.38
N GLY A 119 -2.40 -3.62 -25.95
CA GLY A 119 -3.59 -3.56 -26.80
C GLY A 119 -4.79 -4.17 -26.08
N GLY B 1 10.55 16.68 -25.73
CA GLY B 1 10.46 17.62 -26.88
C GLY B 1 9.42 18.68 -26.60
N HIS B 2 9.79 19.94 -26.82
CA HIS B 2 8.88 21.06 -26.59
C HIS B 2 9.18 22.20 -27.55
N GLY B 3 8.90 21.98 -28.83
CA GLY B 3 9.14 22.99 -29.84
C GLY B 3 10.63 23.06 -30.21
N VAL B 4 10.99 24.09 -30.96
CA VAL B 4 12.38 24.26 -31.38
C VAL B 4 13.29 24.45 -30.18
N GLU B 5 12.85 25.29 -29.26
CA GLU B 5 13.63 25.58 -28.05
C GLU B 5 12.74 25.49 -26.81
N GLY B 6 13.33 25.07 -25.69
CA GLY B 6 12.60 24.95 -24.44
C GLY B 6 13.52 24.55 -23.30
N ARG B 7 12.93 24.04 -22.23
CA ARG B 7 13.71 23.62 -21.06
C ARG B 7 13.17 22.32 -20.50
N ASN B 8 13.99 21.62 -19.72
CA ASN B 8 13.59 20.35 -19.13
C ASN B 8 14.31 20.13 -17.81
N ARG B 9 13.85 19.14 -17.04
CA ARG B 9 14.46 18.82 -15.75
C ARG B 9 14.44 17.32 -15.50
N PRO B 10 15.29 16.60 -16.18
CA PRO B 10 15.39 15.12 -16.03
C PRO B 10 15.69 14.70 -14.59
N SER B 11 15.12 13.58 -14.17
CA SER B 11 15.32 13.08 -12.82
C SER B 11 14.94 14.14 -11.79
N ALA B 12 13.66 14.21 -11.48
CA ALA B 12 13.17 15.19 -10.51
C ALA B 12 11.71 14.93 -10.19
N PRO B 13 11.43 13.90 -9.43
CA PRO B 13 10.04 13.52 -9.05
C PRO B 13 9.29 14.69 -8.41
N LEU B 14 8.05 14.90 -8.83
CA LEU B 14 7.22 15.97 -8.28
C LEU B 14 6.05 15.39 -7.51
N ASP B 15 5.53 16.15 -6.56
CA ASP B 15 4.41 15.71 -5.72
C ASP B 15 3.48 14.79 -6.52
N SER B 16 3.11 15.23 -7.71
CA SER B 16 2.25 14.43 -8.56
C SER B 16 2.89 13.08 -8.88
N GLN B 17 4.15 13.11 -9.29
CA GLN B 17 4.88 11.88 -9.61
C GLN B 17 5.02 11.03 -8.36
N ALA B 18 5.37 11.67 -7.24
CA ALA B 18 5.54 10.94 -5.99
C ALA B 18 4.28 10.15 -5.65
N ALA B 19 3.11 10.73 -5.93
CA ALA B 19 1.86 10.07 -5.65
C ALA B 19 1.71 8.84 -6.54
N ALA B 20 1.86 9.03 -7.85
CA ALA B 20 1.75 7.92 -8.78
C ALA B 20 2.80 6.85 -8.49
N GLN B 21 4.01 7.28 -8.20
CA GLN B 21 5.09 6.35 -7.91
C GLN B 21 4.81 5.55 -6.64
N VAL B 22 4.53 6.27 -5.56
CA VAL B 22 4.23 5.62 -4.29
C VAL B 22 2.98 4.76 -4.42
N ALA B 23 1.94 5.31 -5.04
CA ALA B 23 0.71 4.58 -5.22
C ALA B 23 0.97 3.28 -5.97
N SER B 24 1.80 3.36 -7.00
CA SER B 24 2.13 2.18 -7.79
C SER B 24 2.67 1.07 -6.89
N THR B 25 3.60 1.45 -6.00
CA THR B 25 4.17 0.48 -5.07
C THR B 25 3.10 -0.05 -4.11
N LEU B 26 2.29 0.86 -3.59
CA LEU B 26 1.22 0.49 -2.67
C LEU B 26 0.19 -0.39 -3.37
N GLN B 27 0.13 -0.27 -4.69
CA GLN B 27 -0.81 -1.07 -5.47
C GLN B 27 -0.31 -2.50 -5.59
N ALA B 28 0.89 -2.66 -6.14
CA ALA B 28 1.45 -4.00 -6.31
C ALA B 28 1.53 -4.73 -4.98
N LEU B 29 2.18 -4.12 -4.01
CA LEU B 29 2.33 -4.73 -2.68
C LEU B 29 1.00 -5.29 -2.22
N ALA B 30 -0.08 -4.59 -2.57
CA ALA B 30 -1.42 -5.04 -2.17
C ALA B 30 -1.68 -6.45 -2.69
N THR B 31 -2.82 -6.65 -3.31
CA THR B 31 -3.18 -7.95 -3.86
C THR B 31 -3.09 -9.02 -2.75
N PRO B 32 -4.22 -9.53 -2.30
CA PRO B 32 -4.25 -10.57 -1.22
C PRO B 32 -3.23 -11.68 -1.44
N SER B 33 -3.37 -12.39 -2.55
CA SER B 33 -2.47 -13.51 -2.84
C SER B 33 -1.02 -13.06 -2.80
N ARG B 34 -0.74 -11.94 -3.44
CA ARG B 34 0.62 -11.42 -3.47
C ARG B 34 1.13 -11.13 -2.06
N LEU B 35 0.28 -10.50 -1.26
CA LEU B 35 0.67 -10.16 0.10
C LEU B 35 0.93 -11.43 0.91
N MET B 36 -0.01 -12.37 0.85
CA MET B 36 0.13 -13.61 1.61
C MET B 36 1.49 -14.25 1.31
N ILE B 37 1.82 -14.36 0.04
CA ILE B 37 3.11 -14.96 -0.34
C ILE B 37 4.26 -14.09 0.15
N LEU B 38 4.13 -12.79 -0.01
CA LEU B 38 5.16 -11.86 0.41
C LEU B 38 5.38 -11.98 1.92
N THR B 39 4.29 -12.08 2.67
CA THR B 39 4.37 -12.21 4.11
C THR B 39 5.12 -13.49 4.48
N GLN B 40 4.83 -14.57 3.75
CA GLN B 40 5.49 -15.84 4.02
C GLN B 40 7.00 -15.65 4.01
N LEU B 41 7.51 -15.01 2.96
CA LEU B 41 8.94 -14.76 2.88
C LEU B 41 9.41 -13.84 4.00
N ARG B 42 8.61 -12.83 4.29
CA ARG B 42 8.95 -11.87 5.33
C ARG B 42 9.54 -12.59 6.55
N ASN B 43 9.20 -13.87 6.68
CA ASN B 43 9.69 -14.66 7.80
C ASN B 43 11.20 -14.79 7.75
N GLY B 44 11.74 -14.99 6.55
CA GLY B 44 13.17 -15.11 6.37
C GLY B 44 13.49 -15.90 5.12
N PRO B 45 14.75 -16.25 4.95
CA PRO B 45 15.22 -17.04 3.76
C PRO B 45 14.81 -18.51 3.85
N LEU B 46 14.04 -18.96 2.87
CA LEU B 46 13.59 -20.34 2.86
C LEU B 46 13.35 -20.82 1.41
N PRO B 47 14.03 -21.85 0.98
CA PRO B 47 13.85 -22.40 -0.39
C PRO B 47 12.37 -22.61 -0.74
N VAL B 48 12.11 -22.87 -2.01
CA VAL B 48 10.75 -23.08 -2.48
C VAL B 48 10.12 -24.26 -1.76
N THR B 49 10.92 -25.27 -1.54
CA THR B 49 10.46 -26.49 -0.86
C THR B 49 9.96 -26.15 0.55
N ASP B 50 10.75 -25.35 1.26
CA ASP B 50 10.37 -24.93 2.62
C ASP B 50 9.10 -24.08 2.58
N LEU B 51 9.04 -23.19 1.59
CA LEU B 51 7.89 -22.32 1.46
C LEU B 51 6.62 -23.15 1.24
N ALA B 52 6.73 -24.19 0.41
CA ALA B 52 5.59 -25.05 0.13
C ALA B 52 5.12 -25.69 1.43
N GLU B 53 6.05 -26.18 2.22
CA GLU B 53 5.71 -26.82 3.49
C GLU B 53 4.86 -25.87 4.33
N ALA B 54 5.27 -24.61 4.40
CA ALA B 54 4.52 -23.62 5.17
C ALA B 54 3.11 -23.46 4.61
N ILE B 55 3.00 -23.44 3.28
CA ILE B 55 1.70 -23.30 2.63
C ILE B 55 1.12 -24.68 2.31
N GLY B 56 1.62 -25.28 1.23
CA GLY B 56 1.14 -26.59 0.83
C GLY B 56 1.26 -26.80 -0.67
N MET B 57 2.47 -27.17 -1.13
CA MET B 57 2.70 -27.41 -2.55
C MET B 57 2.38 -26.18 -3.37
N GLU B 58 3.42 -25.49 -3.83
CA GLU B 58 3.23 -24.30 -4.64
C GLU B 58 4.58 -23.76 -5.11
N GLN B 59 5.52 -24.66 -5.34
CA GLN B 59 6.85 -24.26 -5.77
C GLN B 59 6.80 -23.56 -7.12
N SER B 60 5.75 -23.84 -7.89
CA SER B 60 5.60 -23.23 -9.21
C SER B 60 5.26 -21.74 -9.09
N ALA B 61 4.37 -21.42 -8.16
CA ALA B 61 3.97 -20.04 -7.95
C ALA B 61 5.15 -19.22 -7.43
N VAL B 62 6.06 -19.88 -6.73
CA VAL B 62 7.23 -19.19 -6.19
C VAL B 62 8.23 -18.90 -7.30
N SER B 63 8.60 -19.93 -8.05
CA SER B 63 9.56 -19.76 -9.14
C SER B 63 9.08 -18.69 -10.11
N HIS B 64 7.79 -18.74 -10.45
CA HIS B 64 7.22 -17.76 -11.38
C HIS B 64 7.21 -16.35 -10.75
N GLN B 65 6.67 -16.26 -9.55
CA GLN B 65 6.61 -14.98 -8.85
C GLN B 65 8.01 -14.42 -8.67
N LEU B 66 8.99 -15.31 -8.53
CA LEU B 66 10.36 -14.87 -8.35
C LEU B 66 10.90 -14.25 -9.63
N ARG B 67 10.61 -14.89 -10.76
CA ARG B 67 11.10 -14.39 -12.05
C ARG B 67 10.57 -12.97 -12.32
N VAL B 68 9.27 -12.80 -12.15
CA VAL B 68 8.66 -11.49 -12.38
C VAL B 68 9.14 -10.50 -11.32
N LEU B 69 8.98 -10.85 -10.06
CA LEU B 69 9.40 -9.98 -8.97
C LEU B 69 10.87 -9.60 -9.15
N ARG B 70 11.65 -10.54 -9.65
CA ARG B 70 13.06 -10.28 -9.88
C ARG B 70 13.24 -9.16 -10.89
N ASN B 71 12.42 -9.15 -11.93
CA ASN B 71 12.52 -8.12 -12.94
C ASN B 71 12.24 -6.75 -12.32
N LEU B 72 11.22 -6.69 -11.47
CA LEU B 72 10.85 -5.44 -10.82
C LEU B 72 11.92 -5.01 -9.85
N GLY B 73 12.51 -5.97 -9.15
CA GLY B 73 13.56 -5.69 -8.18
C GLY B 73 12.99 -5.59 -6.78
N LEU B 74 11.99 -6.40 -6.49
CA LEU B 74 11.36 -6.39 -5.16
C LEU B 74 11.90 -7.52 -4.30
N VAL B 75 12.57 -8.47 -4.93
CA VAL B 75 13.12 -9.60 -4.21
C VAL B 75 14.53 -9.90 -4.72
N VAL B 76 15.32 -10.58 -3.90
CA VAL B 76 16.68 -10.93 -4.26
C VAL B 76 17.04 -12.31 -3.74
N GLY B 77 18.03 -12.94 -4.37
CA GLY B 77 18.48 -14.27 -3.96
C GLY B 77 19.82 -14.18 -3.25
N ASP B 78 20.23 -15.28 -2.62
CA ASP B 78 21.50 -15.31 -1.90
C ASP B 78 22.14 -16.69 -1.99
N ARG B 79 23.36 -16.74 -2.50
CA ARG B 79 24.08 -18.00 -2.65
C ARG B 79 24.63 -18.45 -1.30
N ALA B 80 24.99 -19.73 -1.22
CA ALA B 80 25.54 -20.28 0.02
C ALA B 80 26.16 -21.65 -0.24
N GLY B 81 27.48 -21.71 -0.18
CA GLY B 81 28.19 -22.97 -0.40
C GLY B 81 27.77 -23.60 -1.72
N ARG B 82 26.73 -24.42 -1.68
CA ARG B 82 26.24 -25.07 -2.90
C ARG B 82 24.70 -25.00 -2.96
N SER B 83 24.16 -23.84 -2.61
CA SER B 83 22.71 -23.66 -2.63
C SER B 83 22.37 -22.18 -2.61
N ILE B 84 21.15 -21.86 -2.97
CA ILE B 84 20.70 -20.47 -2.98
C ILE B 84 19.33 -20.34 -2.31
N VAL B 85 19.02 -19.15 -1.83
CA VAL B 85 17.72 -18.90 -1.19
C VAL B 85 17.10 -17.62 -1.73
N TYR B 86 15.78 -17.49 -1.59
CA TYR B 86 15.08 -16.31 -2.07
C TYR B 86 14.60 -15.46 -0.90
N SER B 87 14.79 -14.15 -1.00
CA SER B 87 14.38 -13.23 0.05
C SER B 87 14.05 -11.86 -0.52
N LEU B 88 13.52 -10.99 0.30
CA LEU B 88 13.15 -9.64 -0.14
C LEU B 88 14.40 -8.85 -0.53
N TYR B 89 14.24 -7.95 -1.48
CA TYR B 89 15.37 -7.14 -1.94
C TYR B 89 16.05 -6.47 -0.75
N ASP B 90 15.26 -5.84 0.11
CA ASP B 90 15.81 -5.15 1.29
C ASP B 90 14.83 -5.24 2.45
N THR B 91 15.20 -4.64 3.57
CA THR B 91 14.36 -4.65 4.76
C THR B 91 13.40 -3.47 4.75
N HIS B 92 13.69 -2.47 3.92
CA HIS B 92 12.84 -1.29 3.82
C HIS B 92 11.37 -1.68 3.75
N VAL B 93 11.00 -2.37 2.66
CA VAL B 93 9.62 -2.79 2.48
C VAL B 93 9.15 -3.58 3.71
N ALA B 94 10.06 -4.34 4.30
CA ALA B 94 9.72 -5.13 5.48
C ALA B 94 9.31 -4.21 6.63
N GLN B 95 10.04 -3.11 6.79
CA GLN B 95 9.74 -2.16 7.86
C GLN B 95 8.36 -1.56 7.64
N LEU B 96 8.07 -1.18 6.40
CA LEU B 96 6.77 -0.59 6.10
C LEU B 96 5.65 -1.58 6.44
N LEU B 97 5.86 -2.84 6.09
CA LEU B 97 4.88 -3.87 6.36
C LEU B 97 4.68 -4.04 7.85
N ASP B 98 5.77 -3.97 8.60
CA ASP B 98 5.71 -4.13 10.04
C ASP B 98 4.82 -3.05 10.64
N GLU B 99 4.96 -1.81 10.16
CA GLU B 99 4.15 -0.72 10.66
C GLU B 99 2.68 -0.91 10.27
N ALA B 100 2.45 -1.20 8.99
CA ALA B 100 1.09 -1.41 8.52
C ALA B 100 0.43 -2.54 9.29
N ILE B 101 1.17 -3.63 9.49
CA ILE B 101 0.62 -4.77 10.22
C ILE B 101 0.29 -4.38 11.66
N TYR B 102 1.19 -3.65 12.29
CA TYR B 102 0.98 -3.21 13.66
C TYR B 102 -0.28 -2.34 13.74
N HIS B 103 -0.44 -1.46 12.77
CA HIS B 103 -1.59 -0.58 12.74
C HIS B 103 -2.86 -1.38 12.45
N SER B 104 -2.73 -2.40 11.61
CA SER B 104 -3.87 -3.24 11.26
C SER B 104 -4.46 -3.88 12.51
N GLU B 105 -3.60 -4.45 13.34
CA GLU B 105 -4.06 -5.07 14.57
C GLU B 105 -4.43 -4.01 15.61
N HIS B 106 -3.46 -3.15 15.93
CA HIS B 106 -3.67 -2.10 16.91
C HIS B 106 -4.91 -1.30 16.55
N LEU B 107 -5.12 -1.09 15.26
CA LEU B 107 -6.28 -0.35 14.79
C LEU B 107 -6.92 -1.04 13.60
N HIS B 108 -8.04 -1.72 13.83
CA HIS B 108 -8.76 -2.42 12.76
C HIS B 108 -10.14 -1.81 12.54
N LEU B 109 -10.29 -1.08 11.43
CA LEU B 109 -11.56 -0.46 11.10
C LEU B 109 -12.63 -1.51 10.87
N GLY B 110 -12.26 -2.58 10.18
CA GLY B 110 -13.20 -3.65 9.89
C GLY B 110 -14.04 -3.31 8.67
N LEU B 111 -13.38 -3.07 7.54
CA LEU B 111 -14.08 -2.73 6.30
C LEU B 111 -14.25 -3.96 5.42
N SER B 112 -15.43 -4.11 4.83
CA SER B 112 -15.70 -5.24 3.95
C SER B 112 -14.85 -5.16 2.70
N ASP B 113 -14.45 -6.32 2.18
CA ASP B 113 -13.63 -6.37 0.97
C ASP B 113 -14.50 -6.24 -0.27
N ARG B 114 -15.81 -6.23 -0.07
CA ARG B 114 -16.75 -6.11 -1.20
C ARG B 114 -17.87 -5.13 -0.85
N HIS B 115 -18.49 -4.58 -1.87
CA HIS B 115 -19.57 -3.61 -1.69
C HIS B 115 -20.05 -3.11 -3.05
N PRO B 116 -19.17 -2.52 -3.82
CA PRO B 116 -19.51 -1.96 -5.16
C PRO B 116 -20.05 -3.03 -6.09
N SER B 117 -19.64 -4.28 -5.86
CA SER B 117 -20.07 -5.38 -6.70
C SER B 117 -21.58 -5.58 -6.59
N ALA B 118 -22.21 -5.92 -7.70
CA ALA B 118 -23.65 -6.13 -7.71
C ALA B 118 -24.08 -6.88 -8.97
N GLY B 119 -23.38 -6.62 -10.07
CA GLY B 119 -23.68 -7.28 -11.34
C GLY B 119 -22.82 -6.73 -12.46
N GLY A 1 -36.63 -7.36 19.95
CA GLY A 1 -37.35 -7.20 18.66
C GLY A 1 -36.82 -8.20 17.64
N HIS A 2 -35.78 -7.81 16.92
CA HIS A 2 -35.19 -8.69 15.91
C HIS A 2 -34.65 -9.95 16.56
N GLY A 3 -34.02 -9.79 17.73
CA GLY A 3 -33.47 -10.94 18.44
C GLY A 3 -32.20 -11.44 17.77
N VAL A 4 -31.72 -12.61 18.20
CA VAL A 4 -30.51 -13.19 17.63
C VAL A 4 -29.34 -12.22 17.75
N GLU A 5 -28.35 -12.58 18.56
CA GLU A 5 -27.17 -11.74 18.77
C GLU A 5 -25.90 -12.51 18.41
N GLY A 6 -25.11 -11.94 17.50
CA GLY A 6 -23.87 -12.57 17.08
C GLY A 6 -24.11 -14.01 16.65
N ARG A 7 -24.60 -14.20 15.43
CA ARG A 7 -24.87 -15.53 14.92
C ARG A 7 -23.59 -16.36 14.87
N ASN A 8 -22.51 -15.75 14.39
CA ASN A 8 -21.23 -16.44 14.30
C ASN A 8 -20.08 -15.44 14.32
N ARG A 9 -19.15 -15.63 15.25
CA ARG A 9 -18.00 -14.75 15.36
C ARG A 9 -16.96 -15.35 16.30
N PRO A 10 -16.60 -16.57 16.09
CA PRO A 10 -15.58 -17.28 16.93
C PRO A 10 -14.20 -16.64 16.81
N SER A 11 -13.47 -16.63 17.91
CA SER A 11 -12.12 -16.05 17.91
C SER A 11 -11.11 -17.07 17.41
N ALA A 12 -10.16 -16.60 16.61
CA ALA A 12 -9.14 -17.48 16.07
C ALA A 12 -8.15 -16.70 15.20
N PRO A 13 -6.91 -17.12 15.15
CA PRO A 13 -5.86 -16.44 14.32
C PRO A 13 -6.11 -16.62 12.83
N LEU A 14 -6.55 -15.55 12.18
CA LEU A 14 -6.82 -15.60 10.74
C LEU A 14 -5.58 -15.18 9.95
N ASP A 15 -5.11 -16.07 9.09
CA ASP A 15 -3.93 -15.78 8.27
C ASP A 15 -4.34 -15.26 6.89
N SER A 16 -5.21 -16.02 6.22
CA SER A 16 -5.67 -15.65 4.89
C SER A 16 -6.32 -14.26 4.93
N GLN A 17 -7.12 -14.03 5.96
CA GLN A 17 -7.79 -12.74 6.11
C GLN A 17 -6.78 -11.65 6.38
N ALA A 18 -5.80 -11.93 7.24
CA ALA A 18 -4.79 -10.95 7.57
C ALA A 18 -4.18 -10.39 6.30
N ALA A 19 -3.79 -11.27 5.37
CA ALA A 19 -3.23 -10.81 4.11
C ALA A 19 -4.24 -9.96 3.34
N ALA A 20 -5.43 -10.50 3.13
CA ALA A 20 -6.47 -9.78 2.42
C ALA A 20 -6.70 -8.39 3.04
N GLN A 21 -6.84 -8.36 4.36
CA GLN A 21 -7.08 -7.11 5.06
C GLN A 21 -5.96 -6.11 4.77
N VAL A 22 -4.71 -6.57 4.91
CA VAL A 22 -3.56 -5.70 4.65
C VAL A 22 -3.59 -5.23 3.20
N ALA A 23 -4.01 -6.11 2.29
CA ALA A 23 -4.10 -5.76 0.89
C ALA A 23 -5.14 -4.68 0.67
N SER A 24 -6.27 -4.81 1.35
CA SER A 24 -7.36 -3.83 1.20
C SER A 24 -6.88 -2.43 1.52
N THR A 25 -6.22 -2.28 2.65
CA THR A 25 -5.70 -0.97 3.06
C THR A 25 -4.60 -0.51 2.11
N LEU A 26 -3.65 -1.39 1.83
CA LEU A 26 -2.55 -1.05 0.92
C LEU A 26 -3.08 -0.73 -0.47
N GLN A 27 -4.22 -1.29 -0.80
CA GLN A 27 -4.83 -1.05 -2.10
C GLN A 27 -5.40 0.37 -2.17
N ALA A 28 -6.34 0.68 -1.27
CA ALA A 28 -6.97 2.00 -1.25
C ALA A 28 -5.91 3.08 -1.13
N LEU A 29 -5.07 2.97 -0.10
CA LEU A 29 -4.04 3.97 0.15
C LEU A 29 -3.31 4.29 -1.15
N ALA A 30 -3.14 3.27 -1.99
CA ALA A 30 -2.46 3.47 -3.26
C ALA A 30 -3.18 4.55 -4.08
N THR A 31 -3.43 4.26 -5.34
CA THR A 31 -4.12 5.19 -6.22
C THR A 31 -3.40 6.56 -6.22
N PRO A 32 -2.81 6.94 -7.32
CA PRO A 32 -2.08 8.25 -7.41
C PRO A 32 -2.91 9.44 -6.91
N SER A 33 -4.07 9.64 -7.51
CA SER A 33 -4.93 10.76 -7.15
C SER A 33 -5.18 10.79 -5.64
N ARG A 34 -5.51 9.64 -5.08
CA ARG A 34 -5.79 9.55 -3.65
C ARG A 34 -4.55 9.94 -2.84
N LEU A 35 -3.38 9.47 -3.26
CA LEU A 35 -2.17 9.78 -2.54
C LEU A 35 -1.91 11.27 -2.52
N MET A 36 -1.93 11.89 -3.69
CA MET A 36 -1.68 13.32 -3.77
C MET A 36 -2.62 14.07 -2.82
N ILE A 37 -3.91 13.75 -2.91
CA ILE A 37 -4.90 14.42 -2.06
C ILE A 37 -4.63 14.11 -0.58
N LEU A 38 -4.37 12.86 -0.28
CA LEU A 38 -4.08 12.46 1.09
C LEU A 38 -2.83 13.15 1.60
N THR A 39 -1.85 13.29 0.72
CA THR A 39 -0.59 13.92 1.09
C THR A 39 -0.85 15.36 1.55
N GLN A 40 -1.73 16.05 0.84
CA GLN A 40 -2.05 17.42 1.22
C GLN A 40 -2.56 17.48 2.66
N LEU A 41 -3.44 16.54 3.00
CA LEU A 41 -4.01 16.50 4.34
C LEU A 41 -2.93 16.22 5.36
N ARG A 42 -2.00 15.36 4.99
CA ARG A 42 -0.92 15.00 5.88
C ARG A 42 -0.24 16.25 6.44
N ASN A 43 -0.08 17.26 5.59
CA ASN A 43 0.55 18.50 6.01
C ASN A 43 -0.16 19.09 7.22
N GLY A 44 -1.49 19.01 7.22
CA GLY A 44 -2.29 19.54 8.33
C GLY A 44 -3.68 19.94 7.86
N PRO A 45 -4.53 20.34 8.77
CA PRO A 45 -5.92 20.76 8.45
C PRO A 45 -5.94 22.09 7.72
N LEU A 46 -6.85 22.20 6.77
CA LEU A 46 -6.97 23.43 5.99
C LEU A 46 -8.32 23.48 5.27
N PRO A 47 -8.74 24.66 4.87
CA PRO A 47 -10.03 24.85 4.13
C PRO A 47 -10.05 24.12 2.78
N VAL A 48 -11.19 23.56 2.44
CA VAL A 48 -11.33 22.85 1.16
C VAL A 48 -11.10 23.80 -0.01
N THR A 49 -11.68 24.98 0.09
CA THR A 49 -11.55 25.98 -0.98
C THR A 49 -10.08 26.27 -1.27
N ASP A 50 -9.41 26.92 -0.33
CA ASP A 50 -8.01 27.26 -0.51
C ASP A 50 -7.22 26.02 -0.90
N LEU A 51 -7.54 24.91 -0.27
CA LEU A 51 -6.84 23.69 -0.58
C LEU A 51 -7.00 23.34 -2.05
N ALA A 52 -8.22 23.40 -2.54
CA ALA A 52 -8.48 23.07 -3.93
C ALA A 52 -7.65 23.94 -4.85
N GLU A 53 -7.51 25.20 -4.47
CA GLU A 53 -6.72 26.14 -5.25
C GLU A 53 -5.26 25.73 -5.24
N ALA A 54 -4.84 25.08 -4.17
CA ALA A 54 -3.45 24.64 -4.06
C ALA A 54 -3.10 23.63 -5.15
N ILE A 55 -4.01 22.69 -5.38
CA ILE A 55 -3.79 21.66 -6.39
C ILE A 55 -5.09 20.95 -6.75
N GLY A 56 -5.95 20.75 -5.75
CA GLY A 56 -7.21 20.06 -5.98
C GLY A 56 -8.00 20.70 -7.10
N MET A 57 -8.55 21.88 -6.84
CA MET A 57 -9.34 22.60 -7.84
C MET A 57 -10.59 21.82 -8.19
N GLU A 58 -11.07 21.01 -7.23
CA GLU A 58 -12.26 20.20 -7.46
C GLU A 58 -12.95 19.92 -6.13
N GLN A 59 -13.34 20.98 -5.44
CA GLN A 59 -14.00 20.84 -4.15
C GLN A 59 -15.06 19.74 -4.22
N SER A 60 -15.59 19.50 -5.41
CA SER A 60 -16.61 18.47 -5.59
C SER A 60 -16.01 17.08 -5.43
N ALA A 61 -14.86 16.86 -6.07
CA ALA A 61 -14.19 15.57 -5.99
C ALA A 61 -13.74 15.30 -4.57
N VAL A 62 -13.39 16.37 -3.84
CA VAL A 62 -12.94 16.21 -2.46
C VAL A 62 -14.10 15.80 -1.56
N SER A 63 -15.19 16.55 -1.64
CA SER A 63 -16.36 16.25 -0.82
C SER A 63 -16.84 14.83 -1.07
N HIS A 64 -16.88 14.43 -2.34
CA HIS A 64 -17.33 13.09 -2.69
C HIS A 64 -16.40 12.03 -2.08
N GLN A 65 -15.11 12.20 -2.30
CA GLN A 65 -14.14 11.26 -1.77
C GLN A 65 -14.16 11.27 -0.24
N LEU A 66 -14.40 12.45 0.32
CA LEU A 66 -14.45 12.60 1.77
C LEU A 66 -15.59 11.78 2.34
N ARG A 67 -16.76 11.86 1.69
CA ARG A 67 -17.92 11.11 2.16
C ARG A 67 -17.64 9.61 2.11
N VAL A 68 -16.98 9.18 1.04
CA VAL A 68 -16.67 7.75 0.90
C VAL A 68 -15.69 7.32 1.99
N LEU A 69 -14.56 8.00 2.08
CA LEU A 69 -13.55 7.66 3.09
C LEU A 69 -14.13 7.79 4.49
N ARG A 70 -14.95 8.82 4.68
CA ARG A 70 -15.57 9.05 5.96
C ARG A 70 -16.43 7.86 6.36
N ASN A 71 -17.16 7.30 5.40
CA ASN A 71 -18.02 6.16 5.68
C ASN A 71 -17.21 5.01 6.29
N LEU A 72 -16.08 4.70 5.68
CA LEU A 72 -15.22 3.64 6.18
C LEU A 72 -14.65 4.01 7.54
N GLY A 73 -14.23 5.26 7.67
CA GLY A 73 -13.66 5.75 8.93
C GLY A 73 -12.17 6.02 8.77
N LEU A 74 -11.77 6.47 7.58
CA LEU A 74 -10.37 6.78 7.32
C LEU A 74 -10.06 8.23 7.62
N VAL A 75 -11.11 9.04 7.70
CA VAL A 75 -10.95 10.46 8.00
C VAL A 75 -11.99 10.91 9.00
N VAL A 76 -11.71 12.03 9.65
CA VAL A 76 -12.63 12.59 10.66
C VAL A 76 -12.79 14.08 10.45
N GLY A 77 -14.02 14.57 10.65
CA GLY A 77 -14.32 15.99 10.51
C GLY A 77 -14.74 16.59 11.85
N ASP A 78 -14.28 17.81 12.11
CA ASP A 78 -14.61 18.51 13.36
C ASP A 78 -15.39 19.78 13.09
N ARG A 79 -16.69 19.74 13.34
CA ARG A 79 -17.54 20.91 13.12
C ARG A 79 -17.31 21.94 14.21
N ALA A 80 -16.96 23.16 13.80
CA ALA A 80 -16.72 24.25 14.76
C ALA A 80 -17.47 25.50 14.33
N GLY A 81 -17.95 26.26 15.32
CA GLY A 81 -18.69 27.47 15.02
C GLY A 81 -18.00 28.28 13.93
N ARG A 82 -16.68 28.26 13.93
CA ARG A 82 -15.91 29.00 12.94
C ARG A 82 -16.05 28.33 11.57
N SER A 83 -15.92 27.00 11.54
CA SER A 83 -16.02 26.26 10.28
C SER A 83 -15.78 24.78 10.54
N ILE A 84 -15.91 23.98 9.49
CA ILE A 84 -15.69 22.54 9.60
C ILE A 84 -14.28 22.21 9.13
N VAL A 85 -13.56 21.43 9.92
CA VAL A 85 -12.20 21.02 9.57
C VAL A 85 -12.15 19.53 9.28
N TYR A 86 -11.49 19.16 8.20
CA TYR A 86 -11.36 17.75 7.81
C TYR A 86 -9.92 17.27 7.98
N SER A 87 -9.76 16.11 8.60
CA SER A 87 -8.43 15.55 8.83
C SER A 87 -8.50 14.03 8.87
N LEU A 88 -7.34 13.38 8.91
CA LEU A 88 -7.27 11.92 8.94
C LEU A 88 -7.78 11.40 10.27
N TYR A 89 -8.39 10.22 10.25
CA TYR A 89 -8.92 9.62 11.47
C TYR A 89 -7.83 9.53 12.53
N ASP A 90 -6.67 9.02 12.14
CA ASP A 90 -5.55 8.87 13.06
C ASP A 90 -4.23 9.07 12.34
N THR A 91 -3.15 9.26 13.10
CA THR A 91 -1.83 9.47 12.52
C THR A 91 -1.26 8.14 12.01
N HIS A 92 -1.77 7.03 12.54
CA HIS A 92 -1.31 5.71 12.12
C HIS A 92 -1.08 5.68 10.60
N VAL A 93 -2.16 5.80 9.85
CA VAL A 93 -2.07 5.78 8.40
C VAL A 93 -1.00 6.76 7.93
N ALA A 94 -0.88 7.88 8.62
CA ALA A 94 0.12 8.88 8.28
C ALA A 94 1.52 8.32 8.45
N GLN A 95 1.73 7.58 9.53
CA GLN A 95 3.03 6.99 9.81
C GLN A 95 3.41 6.05 8.69
N LEU A 96 2.48 5.20 8.27
CA LEU A 96 2.77 4.25 7.21
C LEU A 96 3.15 4.99 5.94
N LEU A 97 2.42 6.04 5.63
CA LEU A 97 2.69 6.82 4.44
C LEU A 97 4.07 7.48 4.54
N ASP A 98 4.41 7.92 5.75
CA ASP A 98 5.69 8.57 5.97
C ASP A 98 6.83 7.61 5.66
N GLU A 99 6.69 6.36 6.10
CA GLU A 99 7.71 5.35 5.86
C GLU A 99 7.77 5.03 4.37
N ALA A 100 6.61 4.88 3.74
CA ALA A 100 6.54 4.58 2.31
C ALA A 100 7.24 5.69 1.53
N ILE A 101 6.97 6.93 1.90
CA ILE A 101 7.59 8.07 1.21
C ILE A 101 9.09 8.06 1.40
N TYR A 102 9.52 7.79 2.63
CA TYR A 102 10.94 7.75 2.94
C TYR A 102 11.63 6.67 2.11
N HIS A 103 10.99 5.51 2.04
CA HIS A 103 11.56 4.40 1.26
C HIS A 103 11.52 4.73 -0.22
N SER A 104 10.49 5.46 -0.64
CA SER A 104 10.34 5.80 -2.04
C SER A 104 11.54 6.59 -2.53
N GLU A 105 11.90 7.63 -1.79
CA GLU A 105 13.05 8.45 -2.16
C GLU A 105 14.34 7.73 -1.82
N HIS A 106 14.47 7.29 -0.57
CA HIS A 106 15.67 6.62 -0.13
C HIS A 106 16.07 5.53 -1.12
N LEU A 107 15.07 4.98 -1.81
CA LEU A 107 15.32 3.93 -2.81
C LEU A 107 15.03 4.44 -4.20
N HIS A 108 13.76 4.72 -4.48
CA HIS A 108 13.36 5.22 -5.80
C HIS A 108 13.84 4.27 -6.89
N LEU A 109 13.21 3.10 -6.95
CA LEU A 109 13.58 2.11 -7.96
C LEU A 109 13.32 2.65 -9.36
N GLY A 110 12.18 3.32 -9.52
CA GLY A 110 11.82 3.89 -10.82
C GLY A 110 11.22 2.82 -11.73
N LEU A 111 11.23 3.10 -13.04
CA LEU A 111 10.69 2.15 -14.01
C LEU A 111 9.24 1.82 -13.68
N SER A 112 8.50 1.37 -14.68
CA SER A 112 7.10 1.01 -14.48
C SER A 112 6.99 -0.37 -13.83
N ASP A 113 5.80 -0.68 -13.33
CA ASP A 113 5.57 -1.98 -12.68
C ASP A 113 4.27 -2.60 -13.19
N ARG A 114 4.24 -3.94 -13.23
CA ARG A 114 3.06 -4.65 -13.70
C ARG A 114 2.65 -4.14 -15.08
N HIS A 115 1.85 -3.08 -15.10
CA HIS A 115 1.39 -2.50 -16.36
C HIS A 115 1.03 -3.61 -17.35
N PRO A 116 -0.05 -4.31 -17.11
CA PRO A 116 -0.50 -5.43 -18.00
C PRO A 116 -0.75 -4.95 -19.43
N SER A 117 -0.43 -5.81 -20.39
CA SER A 117 -0.63 -5.47 -21.79
C SER A 117 -2.10 -5.22 -22.08
N ALA A 118 -2.96 -6.09 -21.54
CA ALA A 118 -4.40 -5.95 -21.74
C ALA A 118 -4.92 -4.70 -21.03
N GLY A 119 -5.88 -4.03 -21.66
CA GLY A 119 -6.46 -2.82 -21.09
C GLY A 119 -7.36 -2.12 -22.10
N GLY B 1 29.11 4.38 -30.55
CA GLY B 1 28.24 3.54 -31.40
C GLY B 1 26.88 4.21 -31.56
N HIS B 2 25.97 3.93 -30.63
CA HIS B 2 24.64 4.52 -30.67
C HIS B 2 24.71 6.04 -30.47
N GLY B 3 25.57 6.46 -29.55
CA GLY B 3 25.73 7.89 -29.27
C GLY B 3 24.55 8.42 -28.48
N VAL B 4 24.48 9.74 -28.35
CA VAL B 4 23.39 10.37 -27.62
C VAL B 4 23.33 9.84 -26.19
N GLU B 5 23.60 10.71 -25.22
CA GLU B 5 23.58 10.31 -23.82
C GLU B 5 22.58 11.18 -23.04
N GLY B 6 21.65 10.53 -22.35
CA GLY B 6 20.65 11.24 -21.58
C GLY B 6 19.98 12.33 -22.41
N ARG B 7 19.01 11.95 -23.22
CA ARG B 7 18.31 12.90 -24.08
C ARG B 7 17.62 13.96 -23.23
N ASN B 8 16.97 13.53 -22.15
CA ASN B 8 16.28 14.46 -21.27
C ASN B 8 16.15 13.87 -19.87
N ARG B 9 16.57 14.63 -18.87
CA ARG B 9 16.50 14.17 -17.49
C ARG B 9 16.83 15.30 -16.53
N PRO B 10 16.19 16.43 -16.68
CA PRO B 10 16.42 17.62 -15.80
C PRO B 10 16.00 17.36 -14.37
N SER B 11 16.75 17.91 -13.42
CA SER B 11 16.43 17.74 -12.01
C SER B 11 15.38 18.74 -11.58
N ALA B 12 14.44 18.29 -10.75
CA ALA B 12 13.39 19.16 -10.26
C ALA B 12 12.42 18.38 -9.35
N PRO B 13 11.82 19.05 -8.41
CA PRO B 13 10.84 18.41 -7.47
C PRO B 13 9.57 17.96 -8.18
N LEU B 14 9.32 16.66 -8.18
CA LEU B 14 8.13 16.11 -8.83
C LEU B 14 7.08 15.77 -7.79
N ASP B 15 5.91 16.38 -7.91
CA ASP B 15 4.81 16.13 -6.97
C ASP B 15 3.84 15.08 -7.53
N SER B 16 3.37 15.31 -8.75
CA SER B 16 2.44 14.39 -9.39
C SER B 16 3.04 13.00 -9.47
N GLN B 17 4.31 12.93 -9.88
CA GLN B 17 4.98 11.65 -10.00
C GLN B 17 5.17 11.02 -8.62
N ALA B 18 5.54 11.83 -7.64
CA ALA B 18 5.77 11.31 -6.30
C ALA B 18 4.55 10.51 -5.86
N ALA B 19 3.36 11.07 -6.05
CA ALA B 19 2.15 10.35 -5.68
C ALA B 19 2.03 9.06 -6.48
N ALA B 20 2.11 9.18 -7.80
CA ALA B 20 2.02 8.00 -8.66
C ALA B 20 3.02 6.92 -8.22
N GLN B 21 4.25 7.32 -8.00
CA GLN B 21 5.29 6.39 -7.58
C GLN B 21 4.87 5.67 -6.30
N VAL B 22 4.44 6.43 -5.31
CA VAL B 22 4.00 5.86 -4.04
C VAL B 22 2.82 4.92 -4.27
N ALA B 23 1.94 5.29 -5.18
CA ALA B 23 0.79 4.46 -5.50
C ALA B 23 1.24 3.15 -6.12
N SER B 24 2.22 3.22 -7.01
CA SER B 24 2.71 2.02 -7.68
C SER B 24 3.16 0.98 -6.67
N THR B 25 4.00 1.41 -5.73
CA THR B 25 4.50 0.50 -4.70
C THR B 25 3.36 0.02 -3.79
N LEU B 26 2.56 0.96 -3.31
CA LEU B 26 1.45 0.61 -2.43
C LEU B 26 0.45 -0.29 -3.14
N GLN B 27 0.41 -0.19 -4.45
CA GLN B 27 -0.48 -1.02 -5.24
C GLN B 27 0.03 -2.47 -5.28
N ALA B 28 1.25 -2.65 -5.79
CA ALA B 28 1.82 -3.99 -5.89
C ALA B 28 1.85 -4.67 -4.52
N LEU B 29 2.44 -3.99 -3.54
CA LEU B 29 2.55 -4.55 -2.21
C LEU B 29 1.21 -5.12 -1.76
N ALA B 30 0.13 -4.48 -2.19
CA ALA B 30 -1.20 -4.94 -1.84
C ALA B 30 -1.39 -6.38 -2.32
N THR B 31 -2.49 -6.62 -2.99
CA THR B 31 -2.79 -7.96 -3.50
C THR B 31 -2.70 -9.00 -2.37
N PRO B 32 -3.80 -9.59 -1.98
CA PRO B 32 -3.81 -10.60 -0.88
C PRO B 32 -2.77 -11.70 -1.05
N SER B 33 -2.83 -12.39 -2.18
CA SER B 33 -1.91 -13.48 -2.44
C SER B 33 -0.46 -13.04 -2.27
N ARG B 34 -0.13 -11.89 -2.84
CA ARG B 34 1.23 -11.38 -2.75
C ARG B 34 1.61 -11.12 -1.30
N LEU B 35 0.70 -10.56 -0.54
CA LEU B 35 0.98 -10.27 0.86
C LEU B 35 1.28 -11.55 1.63
N MET B 36 0.39 -12.53 1.53
CA MET B 36 0.60 -13.78 2.24
C MET B 36 1.98 -14.36 1.90
N ILE B 37 2.29 -14.41 0.61
CA ILE B 37 3.58 -14.95 0.18
C ILE B 37 4.73 -14.08 0.70
N LEU B 38 4.58 -12.77 0.57
CA LEU B 38 5.61 -11.85 1.04
C LEU B 38 5.78 -11.98 2.55
N THR B 39 4.68 -12.17 3.26
CA THR B 39 4.72 -12.30 4.70
C THR B 39 5.59 -13.49 5.09
N GLN B 40 5.45 -14.59 4.38
CA GLN B 40 6.25 -15.77 4.67
C GLN B 40 7.74 -15.44 4.60
N LEU B 41 8.12 -14.70 3.56
CA LEU B 41 9.51 -14.33 3.37
C LEU B 41 9.97 -13.43 4.50
N ARG B 42 9.08 -12.56 4.94
CA ARG B 42 9.40 -11.63 6.01
C ARG B 42 9.97 -12.38 7.20
N ASN B 43 9.43 -13.56 7.48
CA ASN B 43 9.88 -14.35 8.61
C ASN B 43 11.37 -14.63 8.50
N GLY B 44 11.82 -14.91 7.28
CA GLY B 44 13.24 -15.16 7.05
C GLY B 44 13.44 -16.06 5.84
N PRO B 45 14.67 -16.34 5.50
CA PRO B 45 15.01 -17.20 4.33
C PRO B 45 14.64 -18.66 4.57
N LEU B 46 14.19 -19.33 3.51
CA LEU B 46 13.81 -20.72 3.64
C LEU B 46 13.67 -21.38 2.26
N PRO B 47 13.74 -22.68 2.19
CA PRO B 47 13.59 -23.42 0.90
C PRO B 47 12.20 -23.25 0.29
N VAL B 48 12.16 -23.16 -1.03
CA VAL B 48 10.89 -23.01 -1.74
C VAL B 48 10.00 -24.23 -1.51
N THR B 49 10.60 -25.41 -1.57
CA THR B 49 9.86 -26.65 -1.38
C THR B 49 9.13 -26.64 -0.03
N ASP B 50 9.90 -26.71 1.05
CA ASP B 50 9.31 -26.73 2.37
C ASP B 50 8.36 -25.57 2.53
N LEU B 51 8.76 -24.42 2.01
CA LEU B 51 7.92 -23.26 2.13
C LEU B 51 6.57 -23.51 1.47
N ALA B 52 6.60 -24.03 0.26
CA ALA B 52 5.36 -24.30 -0.47
C ALA B 52 4.47 -25.21 0.36
N GLU B 53 5.08 -26.17 1.01
CA GLU B 53 4.32 -27.10 1.84
C GLU B 53 3.68 -26.36 3.01
N ALA B 54 4.31 -25.27 3.43
CA ALA B 54 3.78 -24.48 4.54
C ALA B 54 2.42 -23.87 4.21
N ILE B 55 2.28 -23.39 2.97
CA ILE B 55 1.04 -22.78 2.54
C ILE B 55 1.04 -22.56 1.03
N GLY B 56 2.21 -22.27 0.48
CA GLY B 56 2.32 -21.99 -0.95
C GLY B 56 1.74 -23.13 -1.79
N MET B 57 2.35 -24.30 -1.68
CA MET B 57 1.89 -25.47 -2.43
C MET B 57 1.85 -25.16 -3.91
N GLU B 58 2.73 -24.26 -4.35
CA GLU B 58 2.77 -23.87 -5.76
C GLU B 58 4.15 -23.34 -6.12
N GLN B 59 5.15 -24.19 -5.97
CA GLN B 59 6.53 -23.80 -6.27
C GLN B 59 6.59 -23.10 -7.62
N SER B 60 5.66 -23.44 -8.51
CA SER B 60 5.62 -22.84 -9.84
C SER B 60 5.21 -21.37 -9.74
N ALA B 61 4.16 -21.11 -8.97
CA ALA B 61 3.66 -19.75 -8.80
C ALA B 61 4.70 -18.89 -8.11
N VAL B 62 5.49 -19.49 -7.23
CA VAL B 62 6.52 -18.75 -6.50
C VAL B 62 7.65 -18.36 -7.45
N SER B 63 8.17 -19.33 -8.19
CA SER B 63 9.25 -19.05 -9.13
C SER B 63 8.83 -17.99 -10.14
N HIS B 64 7.60 -18.10 -10.63
CA HIS B 64 7.09 -17.14 -11.60
C HIS B 64 7.04 -15.73 -11.00
N GLN B 65 6.43 -15.62 -9.82
CA GLN B 65 6.32 -14.33 -9.15
C GLN B 65 7.70 -13.82 -8.77
N LEU B 66 8.59 -14.74 -8.44
CA LEU B 66 9.94 -14.37 -8.06
C LEU B 66 10.66 -13.72 -9.24
N ARG B 67 10.52 -14.32 -10.41
CA ARG B 67 11.17 -13.77 -11.60
C ARG B 67 10.63 -12.38 -11.90
N VAL B 68 9.32 -12.20 -11.75
CA VAL B 68 8.72 -10.90 -12.02
C VAL B 68 9.24 -9.85 -11.04
N LEU B 69 9.11 -10.14 -9.75
CA LEU B 69 9.56 -9.22 -8.71
C LEU B 69 11.06 -8.99 -8.85
N ARG B 70 11.78 -10.05 -9.15
CA ARG B 70 13.22 -9.97 -9.30
C ARG B 70 13.58 -8.96 -10.39
N ASN B 71 12.82 -8.97 -11.48
CA ASN B 71 13.09 -8.05 -12.58
C ASN B 71 13.05 -6.60 -12.09
N LEU B 72 12.01 -6.27 -11.33
CA LEU B 72 11.87 -4.92 -10.80
C LEU B 72 12.98 -4.63 -9.79
N GLY B 73 13.29 -5.61 -8.96
CA GLY B 73 14.34 -5.45 -7.95
C GLY B 73 13.74 -5.37 -6.55
N LEU B 74 12.65 -6.10 -6.33
CA LEU B 74 11.99 -6.10 -5.02
C LEU B 74 12.53 -7.23 -4.16
N VAL B 75 13.18 -8.20 -4.79
CA VAL B 75 13.75 -9.32 -4.06
C VAL B 75 15.14 -9.65 -4.59
N VAL B 76 15.92 -10.36 -3.79
CA VAL B 76 17.28 -10.73 -4.17
C VAL B 76 17.53 -12.20 -3.83
N GLY B 77 18.29 -12.87 -4.70
CA GLY B 77 18.63 -14.28 -4.49
C GLY B 77 20.13 -14.45 -4.31
N ASP B 78 20.53 -15.35 -3.41
CA ASP B 78 21.94 -15.61 -3.15
C ASP B 78 22.29 -17.06 -3.48
N ARG B 79 22.97 -17.26 -4.60
CA ARG B 79 23.36 -18.60 -5.01
C ARG B 79 24.52 -19.10 -4.17
N ALA B 80 24.33 -20.25 -3.53
CA ALA B 80 25.37 -20.84 -2.68
C ALA B 80 25.58 -22.30 -3.03
N GLY B 81 26.83 -22.76 -2.94
CA GLY B 81 27.15 -24.14 -3.25
C GLY B 81 26.13 -25.08 -2.63
N ARG B 82 25.68 -24.75 -1.42
CA ARG B 82 24.69 -25.58 -0.74
C ARG B 82 23.34 -25.50 -1.46
N SER B 83 22.93 -24.29 -1.83
CA SER B 83 21.67 -24.09 -2.51
C SER B 83 21.42 -22.61 -2.74
N ILE B 84 20.33 -22.30 -3.41
CA ILE B 84 19.97 -20.90 -3.69
C ILE B 84 18.96 -20.42 -2.66
N VAL B 85 19.20 -19.24 -2.12
CA VAL B 85 18.30 -18.65 -1.12
C VAL B 85 17.64 -17.39 -1.68
N TYR B 86 16.34 -17.26 -1.46
CA TYR B 86 15.58 -16.10 -1.94
C TYR B 86 15.11 -15.25 -0.76
N SER B 87 15.31 -13.94 -0.86
CA SER B 87 14.90 -13.03 0.20
C SER B 87 14.57 -11.66 -0.39
N LEU B 88 14.04 -10.77 0.44
CA LEU B 88 13.67 -9.43 0.00
C LEU B 88 14.93 -8.62 -0.31
N TYR B 89 14.82 -7.71 -1.28
CA TYR B 89 15.94 -6.88 -1.66
C TYR B 89 16.49 -6.15 -0.45
N ASP B 90 15.61 -5.56 0.35
CA ASP B 90 16.02 -4.82 1.55
C ASP B 90 14.96 -4.94 2.63
N THR B 91 15.30 -4.47 3.83
CA THR B 91 14.37 -4.53 4.95
C THR B 91 13.37 -3.38 4.87
N HIS B 92 13.71 -2.34 4.11
CA HIS B 92 12.84 -1.19 3.96
C HIS B 92 11.38 -1.64 3.77
N VAL B 93 11.12 -2.31 2.64
CA VAL B 93 9.76 -2.77 2.36
C VAL B 93 9.21 -3.54 3.56
N ALA B 94 10.08 -4.28 4.23
CA ALA B 94 9.65 -5.06 5.40
C ALA B 94 9.17 -4.13 6.50
N GLN B 95 9.88 -3.01 6.68
CA GLN B 95 9.51 -2.05 7.71
C GLN B 95 8.14 -1.49 7.43
N LEU B 96 7.89 -1.11 6.17
CA LEU B 96 6.60 -0.56 5.82
C LEU B 96 5.49 -1.56 6.12
N LEU B 97 5.73 -2.82 5.76
CA LEU B 97 4.75 -3.86 6.00
C LEU B 97 4.53 -4.04 7.49
N ASP B 98 5.61 -3.97 8.26
CA ASP B 98 5.51 -4.13 9.71
C ASP B 98 4.59 -3.08 10.30
N GLU B 99 4.73 -1.84 9.85
CA GLU B 99 3.89 -0.75 10.33
C GLU B 99 2.45 -0.98 9.90
N ALA B 100 2.26 -1.36 8.64
CA ALA B 100 0.92 -1.62 8.12
C ALA B 100 0.24 -2.72 8.94
N ILE B 101 1.00 -3.78 9.23
CA ILE B 101 0.45 -4.89 10.00
C ILE B 101 0.07 -4.42 11.41
N TYR B 102 0.95 -3.64 12.01
CA TYR B 102 0.71 -3.13 13.35
C TYR B 102 -0.54 -2.28 13.37
N HIS B 103 -0.67 -1.43 12.36
CA HIS B 103 -1.83 -0.56 12.27
C HIS B 103 -3.10 -1.39 11.98
N SER B 104 -2.93 -2.43 11.18
CA SER B 104 -4.06 -3.27 10.80
C SER B 104 -4.71 -3.86 12.05
N GLU B 105 -3.89 -4.43 12.92
CA GLU B 105 -4.40 -5.00 14.16
C GLU B 105 -4.75 -3.91 15.17
N HIS B 106 -3.78 -3.05 15.45
CA HIS B 106 -3.99 -1.98 16.42
C HIS B 106 -5.30 -1.27 16.13
N LEU B 107 -5.72 -1.29 14.87
CA LEU B 107 -6.97 -0.64 14.47
C LEU B 107 -8.00 -1.68 14.04
N HIS B 108 -7.74 -2.33 12.91
CA HIS B 108 -8.64 -3.35 12.41
C HIS B 108 -10.04 -2.78 12.22
N LEU B 109 -10.18 -1.89 11.23
CA LEU B 109 -11.48 -1.28 10.96
C LEU B 109 -12.50 -2.34 10.52
N GLY B 110 -12.04 -3.29 9.72
CA GLY B 110 -12.92 -4.35 9.24
C GLY B 110 -13.80 -3.85 8.10
N LEU B 111 -14.91 -4.55 7.87
CA LEU B 111 -15.83 -4.18 6.80
C LEU B 111 -15.11 -4.12 5.46
N SER B 112 -15.87 -4.26 4.39
CA SER B 112 -15.28 -4.23 3.05
C SER B 112 -15.02 -2.79 2.63
N ASP B 113 -14.18 -2.62 1.60
CA ASP B 113 -13.84 -1.29 1.09
C ASP B 113 -14.00 -1.25 -0.42
N ARG B 114 -14.36 -0.07 -0.93
CA ARG B 114 -14.54 0.10 -2.37
C ARG B 114 -15.51 -0.95 -2.92
N HIS B 115 -14.97 -2.11 -3.28
CA HIS B 115 -15.80 -3.19 -3.82
C HIS B 115 -16.85 -2.63 -4.77
N PRO B 116 -16.44 -2.18 -5.92
CA PRO B 116 -17.36 -1.61 -6.95
C PRO B 116 -18.45 -2.60 -7.36
N SER B 117 -19.64 -2.08 -7.62
CA SER B 117 -20.76 -2.92 -8.02
C SER B 117 -20.44 -3.65 -9.33
N ALA B 118 -19.86 -2.91 -10.28
CA ALA B 118 -19.50 -3.50 -11.57
C ALA B 118 -18.34 -4.48 -11.41
N GLY B 119 -18.35 -5.53 -12.22
CA GLY B 119 -17.30 -6.54 -12.16
C GLY B 119 -17.58 -7.69 -13.13
N GLY A 1 -21.49 -13.91 14.69
CA GLY A 1 -21.77 -15.23 15.33
C GLY A 1 -22.87 -15.06 16.38
N HIS A 2 -23.84 -14.20 16.08
CA HIS A 2 -24.93 -13.95 17.00
C HIS A 2 -25.73 -15.23 17.24
N GLY A 3 -25.95 -15.99 16.18
CA GLY A 3 -26.70 -17.24 16.28
C GLY A 3 -25.98 -18.24 17.16
N VAL A 4 -24.67 -18.36 16.96
CA VAL A 4 -23.86 -19.30 17.74
C VAL A 4 -22.49 -18.70 18.05
N GLU A 5 -21.99 -18.98 19.25
CA GLU A 5 -20.68 -18.45 19.66
C GLU A 5 -19.60 -18.93 18.71
N GLY A 6 -18.64 -18.07 18.44
CA GLY A 6 -17.54 -18.42 17.53
C GLY A 6 -16.97 -19.78 17.89
N ARG A 7 -16.29 -20.39 16.92
CA ARG A 7 -15.69 -21.71 17.14
C ARG A 7 -14.35 -21.57 17.85
N ASN A 8 -14.18 -22.30 18.95
CA ASN A 8 -12.92 -22.26 19.72
C ASN A 8 -12.09 -23.51 19.45
N ARG A 9 -12.55 -24.33 18.51
CA ARG A 9 -11.81 -25.56 18.18
C ARG A 9 -10.59 -25.21 17.34
N PRO A 10 -10.75 -24.34 16.37
CA PRO A 10 -9.64 -23.92 15.47
C PRO A 10 -8.54 -23.20 16.24
N SER A 11 -7.30 -23.37 15.79
CA SER A 11 -6.16 -22.73 16.44
C SER A 11 -5.06 -22.43 15.43
N ALA A 12 -4.27 -21.39 15.70
CA ALA A 12 -3.20 -21.00 14.80
C ALA A 12 -3.76 -20.54 13.46
N PRO A 13 -4.38 -19.39 13.43
CA PRO A 13 -4.98 -18.82 12.19
C PRO A 13 -3.93 -18.57 11.12
N LEU A 14 -4.30 -18.78 9.87
CA LEU A 14 -3.38 -18.57 8.77
C LEU A 14 -3.36 -17.11 8.38
N ASP A 15 -2.20 -16.47 8.57
CA ASP A 15 -2.05 -15.05 8.23
C ASP A 15 -2.75 -14.72 6.92
N SER A 16 -3.02 -15.75 6.11
CA SER A 16 -3.70 -15.57 4.83
C SER A 16 -4.78 -14.49 4.95
N GLN A 17 -5.53 -14.54 6.04
CA GLN A 17 -6.58 -13.56 6.28
C GLN A 17 -5.97 -12.17 6.46
N ALA A 18 -4.88 -12.09 7.22
CA ALA A 18 -4.21 -10.83 7.46
C ALA A 18 -3.69 -10.26 6.15
N ALA A 19 -3.31 -11.15 5.22
CA ALA A 19 -2.79 -10.72 3.93
C ALA A 19 -3.88 -9.98 3.17
N ALA A 20 -5.05 -10.60 3.03
CA ALA A 20 -6.16 -9.97 2.33
C ALA A 20 -6.52 -8.63 2.97
N GLN A 21 -6.62 -8.63 4.29
CA GLN A 21 -6.97 -7.40 5.02
C GLN A 21 -5.97 -6.28 4.68
N VAL A 22 -4.69 -6.59 4.79
CA VAL A 22 -3.66 -5.62 4.49
C VAL A 22 -3.74 -5.22 3.01
N ALA A 23 -3.93 -6.22 2.15
CA ALA A 23 -4.02 -5.96 0.71
C ALA A 23 -5.00 -4.83 0.45
N SER A 24 -6.20 -4.95 1.03
CA SER A 24 -7.22 -3.92 0.84
C SER A 24 -6.69 -2.58 1.32
N THR A 25 -6.02 -2.58 2.47
CA THR A 25 -5.48 -1.33 3.02
C THR A 25 -4.43 -0.73 2.08
N LEU A 26 -3.47 -1.55 1.68
CA LEU A 26 -2.40 -1.10 0.79
C LEU A 26 -2.95 -0.80 -0.59
N GLN A 27 -4.09 -1.39 -0.91
CA GLN A 27 -4.72 -1.18 -2.20
C GLN A 27 -5.37 0.20 -2.25
N ALA A 28 -6.29 0.47 -1.33
CA ALA A 28 -6.97 1.75 -1.29
C ALA A 28 -5.96 2.88 -1.14
N LEU A 29 -5.12 2.79 -0.10
CA LEU A 29 -4.12 3.82 0.15
C LEU A 29 -3.43 4.21 -1.13
N ALA A 30 -3.27 3.24 -2.03
CA ALA A 30 -2.64 3.50 -3.31
C ALA A 30 -3.39 4.61 -4.06
N THR A 31 -3.75 4.34 -5.31
CA THR A 31 -4.47 5.31 -6.12
C THR A 31 -3.72 6.64 -6.16
N PRO A 32 -3.10 6.98 -7.28
CA PRO A 32 -2.34 8.26 -7.41
C PRO A 32 -3.14 9.49 -6.94
N SER A 33 -4.29 9.70 -7.56
CA SER A 33 -5.11 10.85 -7.20
C SER A 33 -5.44 10.85 -5.72
N ARG A 34 -5.78 9.69 -5.19
CA ARG A 34 -6.11 9.58 -3.77
C ARG A 34 -4.92 9.98 -2.91
N LEU A 35 -3.73 9.51 -3.27
CA LEU A 35 -2.53 9.85 -2.50
C LEU A 35 -2.30 11.35 -2.50
N MET A 36 -2.40 11.97 -3.66
CA MET A 36 -2.18 13.40 -3.74
C MET A 36 -3.11 14.13 -2.76
N ILE A 37 -4.39 13.76 -2.75
CA ILE A 37 -5.36 14.40 -1.86
C ILE A 37 -4.99 14.12 -0.39
N LEU A 38 -4.66 12.87 -0.09
CA LEU A 38 -4.29 12.49 1.26
C LEU A 38 -3.02 13.20 1.70
N THR A 39 -2.07 13.31 0.79
CA THR A 39 -0.82 13.97 1.10
C THR A 39 -1.08 15.43 1.46
N GLN A 40 -2.04 16.04 0.78
CA GLN A 40 -2.37 17.44 1.06
C GLN A 40 -2.87 17.56 2.49
N LEU A 41 -3.79 16.67 2.87
CA LEU A 41 -4.33 16.70 4.23
C LEU A 41 -3.25 16.39 5.26
N ARG A 42 -2.34 15.51 4.88
CA ARG A 42 -1.26 15.12 5.78
C ARG A 42 -0.49 16.35 6.25
N ASN A 43 -0.41 17.37 5.40
CA ASN A 43 0.31 18.58 5.74
C ASN A 43 -0.33 19.25 6.97
N GLY A 44 -1.65 19.25 7.02
CA GLY A 44 -2.36 19.86 8.14
C GLY A 44 -3.77 20.30 7.73
N PRO A 45 -4.36 21.18 8.48
CA PRO A 45 -5.74 21.70 8.20
C PRO A 45 -5.81 22.42 6.85
N LEU A 46 -6.94 22.26 6.17
CA LEU A 46 -7.12 22.91 4.88
C LEU A 46 -8.47 22.50 4.27
N PRO A 47 -9.49 23.28 4.47
CA PRO A 47 -10.85 22.98 3.94
C PRO A 47 -10.82 22.61 2.45
N VAL A 48 -11.98 22.29 1.90
CA VAL A 48 -12.09 21.90 0.50
C VAL A 48 -11.62 23.04 -0.40
N THR A 49 -12.02 24.24 -0.03
CA THR A 49 -11.63 25.42 -0.79
C THR A 49 -10.10 25.58 -0.82
N ASP A 50 -9.47 25.32 0.32
CA ASP A 50 -8.01 25.41 0.41
C ASP A 50 -7.35 24.23 -0.30
N LEU A 51 -7.85 23.03 -0.02
CA LEU A 51 -7.28 21.84 -0.62
C LEU A 51 -7.41 21.90 -2.14
N ALA A 52 -8.58 22.28 -2.62
CA ALA A 52 -8.80 22.37 -4.06
C ALA A 52 -7.94 23.45 -4.68
N GLU A 53 -7.92 24.62 -4.05
CA GLU A 53 -7.14 25.74 -4.57
C GLU A 53 -5.69 25.33 -4.73
N ALA A 54 -5.20 24.49 -3.82
CA ALA A 54 -3.82 24.06 -3.88
C ALA A 54 -3.48 23.54 -5.27
N ILE A 55 -4.19 22.51 -5.70
CA ILE A 55 -3.95 21.91 -7.01
C ILE A 55 -5.18 21.13 -7.49
N GLY A 56 -6.07 20.80 -6.55
CA GLY A 56 -7.26 20.04 -6.89
C GLY A 56 -8.11 20.77 -7.93
N MET A 57 -8.63 21.93 -7.54
CA MET A 57 -9.45 22.72 -8.44
C MET A 57 -10.77 22.00 -8.73
N GLU A 58 -11.35 21.38 -7.71
CA GLU A 58 -12.60 20.67 -7.88
C GLU A 58 -13.18 20.29 -6.52
N GLN A 59 -13.46 21.31 -5.72
CA GLN A 59 -14.01 21.08 -4.38
C GLN A 59 -15.06 19.97 -4.41
N SER A 60 -15.64 19.76 -5.57
CA SER A 60 -16.66 18.71 -5.73
C SER A 60 -16.05 17.33 -5.58
N ALA A 61 -14.89 17.13 -6.20
CA ALA A 61 -14.22 15.84 -6.13
C ALA A 61 -13.70 15.58 -4.72
N VAL A 62 -13.36 16.65 -4.00
CA VAL A 62 -12.86 16.50 -2.64
C VAL A 62 -13.98 16.09 -1.70
N SER A 63 -15.08 16.84 -1.72
CA SER A 63 -16.20 16.54 -0.86
C SER A 63 -16.72 15.14 -1.13
N HIS A 64 -16.83 14.78 -2.41
CA HIS A 64 -17.32 13.45 -2.77
C HIS A 64 -16.39 12.36 -2.23
N GLN A 65 -15.10 12.49 -2.51
CA GLN A 65 -14.12 11.50 -2.06
C GLN A 65 -14.07 11.48 -0.54
N LEU A 66 -14.21 12.65 0.06
CA LEU A 66 -14.16 12.75 1.51
C LEU A 66 -15.30 11.97 2.13
N ARG A 67 -16.50 12.10 1.56
CA ARG A 67 -17.65 11.37 2.07
C ARG A 67 -17.43 9.87 1.95
N VAL A 68 -16.89 9.44 0.82
CA VAL A 68 -16.65 8.01 0.61
C VAL A 68 -15.68 7.48 1.68
N LEU A 69 -14.52 8.12 1.79
CA LEU A 69 -13.52 7.69 2.76
C LEU A 69 -14.07 7.83 4.17
N ARG A 70 -14.85 8.89 4.37
CA ARG A 70 -15.43 9.14 5.67
C ARG A 70 -16.28 7.95 6.11
N ASN A 71 -16.99 7.33 5.17
CA ASN A 71 -17.84 6.18 5.50
C ASN A 71 -16.98 5.04 6.02
N LEU A 72 -15.83 4.83 5.39
CA LEU A 72 -14.93 3.75 5.81
C LEU A 72 -14.39 4.02 7.20
N GLY A 73 -14.07 5.28 7.47
CA GLY A 73 -13.53 5.68 8.77
C GLY A 73 -12.03 5.91 8.69
N LEU A 74 -11.55 6.37 7.53
CA LEU A 74 -10.13 6.64 7.32
C LEU A 74 -9.82 8.09 7.59
N VAL A 75 -10.85 8.93 7.62
CA VAL A 75 -10.68 10.35 7.86
C VAL A 75 -11.74 10.85 8.82
N VAL A 76 -11.47 12.01 9.43
CA VAL A 76 -12.41 12.60 10.39
C VAL A 76 -12.52 14.10 10.16
N GLY A 77 -13.69 14.66 10.48
CA GLY A 77 -13.93 16.10 10.33
C GLY A 77 -14.39 16.70 11.65
N ASP A 78 -14.00 17.94 11.91
CA ASP A 78 -14.37 18.64 13.13
C ASP A 78 -15.14 19.91 12.82
N ARG A 79 -16.46 19.86 13.02
CA ARG A 79 -17.31 21.01 12.76
C ARG A 79 -17.18 22.02 13.88
N ALA A 80 -16.86 23.27 13.52
CA ALA A 80 -16.71 24.32 14.51
C ALA A 80 -17.34 25.62 14.02
N GLY A 81 -17.86 26.41 14.94
CA GLY A 81 -18.51 27.66 14.58
C GLY A 81 -17.68 28.41 13.54
N ARG A 82 -16.37 28.30 13.65
CA ARG A 82 -15.49 28.97 12.70
C ARG A 82 -15.55 28.29 11.34
N SER A 83 -15.48 26.96 11.32
CA SER A 83 -15.52 26.21 10.08
C SER A 83 -15.32 24.73 10.38
N ILE A 84 -15.40 23.91 9.33
CA ILE A 84 -15.20 22.48 9.46
C ILE A 84 -13.81 22.10 8.95
N VAL A 85 -13.02 21.48 9.82
CA VAL A 85 -11.67 21.06 9.44
C VAL A 85 -11.66 19.56 9.15
N TYR A 86 -11.10 19.18 8.00
CA TYR A 86 -11.02 17.78 7.61
C TYR A 86 -9.60 17.27 7.79
N SER A 87 -9.46 16.13 8.47
CA SER A 87 -8.14 15.54 8.71
C SER A 87 -8.25 14.02 8.78
N LEU A 88 -7.10 13.35 8.82
CA LEU A 88 -7.08 11.90 8.88
C LEU A 88 -7.61 11.41 10.20
N TYR A 89 -8.24 10.23 10.19
CA TYR A 89 -8.80 9.67 11.41
C TYR A 89 -7.75 9.65 12.51
N ASP A 90 -6.54 9.22 12.18
CA ASP A 90 -5.46 9.16 13.15
C ASP A 90 -4.12 9.43 12.47
N THR A 91 -3.04 9.35 13.25
CA THR A 91 -1.71 9.59 12.72
C THR A 91 -1.08 8.29 12.23
N HIS A 92 -1.68 7.16 12.61
CA HIS A 92 -1.18 5.87 12.19
C HIS A 92 -0.90 5.85 10.69
N VAL A 93 -1.96 5.97 9.89
CA VAL A 93 -1.81 5.96 8.45
C VAL A 93 -0.73 6.95 8.02
N ALA A 94 -0.69 8.10 8.69
CA ALA A 94 0.31 9.12 8.37
C ALA A 94 1.71 8.58 8.60
N GLN A 95 1.88 7.84 9.68
CA GLN A 95 3.17 7.27 10.02
C GLN A 95 3.62 6.32 8.92
N LEU A 96 2.70 5.45 8.48
CA LEU A 96 3.03 4.49 7.44
C LEU A 96 3.48 5.21 6.18
N LEU A 97 2.78 6.28 5.83
CA LEU A 97 3.10 7.06 4.65
C LEU A 97 4.49 7.68 4.79
N ASP A 98 4.80 8.16 5.99
CA ASP A 98 6.09 8.76 6.24
C ASP A 98 7.20 7.75 5.98
N GLU A 99 7.00 6.52 6.44
CA GLU A 99 7.99 5.48 6.25
C GLU A 99 8.13 5.12 4.77
N ALA A 100 6.99 4.87 4.12
CA ALA A 100 6.98 4.53 2.70
C ALA A 100 7.67 5.64 1.91
N ILE A 101 7.37 6.88 2.24
CA ILE A 101 7.98 8.01 1.54
C ILE A 101 9.49 8.01 1.73
N TYR A 102 9.92 7.77 2.96
CA TYR A 102 11.34 7.74 3.27
C TYR A 102 12.03 6.68 2.42
N HIS A 103 11.38 5.54 2.27
CA HIS A 103 11.94 4.45 1.48
C HIS A 103 12.02 4.86 0.01
N SER A 104 11.00 5.57 -0.46
CA SER A 104 10.97 5.99 -1.85
C SER A 104 12.18 6.84 -2.16
N GLU A 105 12.47 7.80 -1.28
CA GLU A 105 13.64 8.68 -1.48
C GLU A 105 14.93 7.93 -1.17
N HIS A 106 15.04 7.44 0.06
CA HIS A 106 16.23 6.72 0.49
C HIS A 106 16.58 5.64 -0.53
N LEU A 107 15.55 5.05 -1.13
CA LEU A 107 15.77 4.01 -2.13
C LEU A 107 14.61 3.97 -3.12
N HIS A 108 14.84 4.51 -4.31
CA HIS A 108 13.81 4.53 -5.36
C HIS A 108 13.99 3.36 -6.33
N LEU A 109 14.98 3.46 -7.19
CA LEU A 109 15.24 2.43 -8.17
C LEU A 109 13.96 2.04 -8.90
N GLY A 110 12.92 2.85 -8.71
CA GLY A 110 11.64 2.59 -9.35
C GLY A 110 11.60 3.19 -10.75
N LEU A 111 12.67 3.89 -11.12
CA LEU A 111 12.74 4.53 -12.43
C LEU A 111 12.87 3.48 -13.52
N SER A 112 13.24 2.28 -13.13
CA SER A 112 13.39 1.18 -14.08
C SER A 112 12.06 0.86 -14.75
N ASP A 113 11.12 0.30 -13.98
CA ASP A 113 9.81 -0.04 -14.51
C ASP A 113 9.94 -0.65 -15.91
N ARG A 114 10.54 -1.83 -16.00
CA ARG A 114 10.72 -2.49 -17.27
C ARG A 114 9.38 -2.82 -17.90
N HIS A 115 8.45 -3.31 -17.07
CA HIS A 115 7.12 -3.68 -17.55
C HIS A 115 7.21 -4.35 -18.92
N PRO A 116 7.58 -5.60 -18.94
CA PRO A 116 7.71 -6.38 -20.21
C PRO A 116 6.42 -6.38 -21.02
N SER A 117 6.57 -6.29 -22.34
CA SER A 117 5.40 -6.28 -23.22
C SER A 117 4.63 -7.59 -23.11
N ALA A 118 5.37 -8.70 -23.10
CA ALA A 118 4.75 -10.02 -23.00
C ALA A 118 3.57 -10.12 -23.96
N GLY A 119 2.81 -11.21 -23.85
CA GLY A 119 1.66 -11.43 -24.71
C GLY A 119 0.78 -12.56 -24.19
N GLY B 1 17.30 12.27 -20.46
CA GLY B 1 17.66 13.62 -21.00
C GLY B 1 19.03 13.56 -21.65
N HIS B 2 19.30 12.47 -22.35
CA HIS B 2 20.59 12.30 -23.01
C HIS B 2 20.75 13.34 -24.13
N GLY B 3 19.67 13.58 -24.86
CA GLY B 3 19.70 14.54 -25.96
C GLY B 3 19.98 15.95 -25.45
N VAL B 4 19.32 16.31 -24.34
CA VAL B 4 19.51 17.63 -23.75
C VAL B 4 19.45 17.56 -22.22
N GLU B 5 20.28 18.35 -21.56
CA GLU B 5 20.32 18.36 -20.11
C GLU B 5 18.95 18.72 -19.54
N GLY B 6 18.62 18.15 -18.38
CA GLY B 6 17.33 18.42 -17.75
C GLY B 6 17.09 19.92 -17.66
N ARG B 7 15.83 20.30 -17.47
CA ARG B 7 15.46 21.71 -17.37
C ARG B 7 15.60 22.19 -15.93
N ASN B 8 16.36 23.27 -15.74
CA ASN B 8 16.57 23.84 -14.41
C ASN B 8 15.71 25.09 -14.22
N ARG B 9 14.91 25.42 -15.23
CA ARG B 9 14.04 26.57 -15.16
C ARG B 9 12.93 26.36 -14.12
N PRO B 10 12.29 25.21 -14.14
CA PRO B 10 11.19 24.89 -13.22
C PRO B 10 11.69 24.48 -11.84
N SER B 11 10.95 24.89 -10.81
CA SER B 11 11.32 24.57 -9.43
C SER B 11 10.08 24.27 -8.60
N ALA B 12 10.28 23.62 -7.46
CA ALA B 12 9.17 23.28 -6.58
C ALA B 12 8.20 22.33 -7.29
N PRO B 13 8.59 21.09 -7.48
CA PRO B 13 7.74 20.07 -8.16
C PRO B 13 6.54 19.68 -7.31
N LEU B 14 5.44 19.37 -7.99
CA LEU B 14 4.22 18.99 -7.30
C LEU B 14 4.29 17.53 -6.88
N ASP B 15 4.21 17.28 -5.57
CA ASP B 15 4.26 15.93 -5.03
C ASP B 15 3.43 14.97 -5.89
N SER B 16 2.54 15.54 -6.71
CA SER B 16 1.68 14.74 -7.58
C SER B 16 2.46 13.54 -8.15
N GLN B 17 3.70 13.79 -8.55
CA GLN B 17 4.54 12.74 -9.10
C GLN B 17 4.84 11.70 -8.01
N ALA B 18 5.15 12.18 -6.81
CA ALA B 18 5.46 11.29 -5.70
C ALA B 18 4.23 10.45 -5.35
N ALA B 19 3.04 11.02 -5.57
CA ALA B 19 1.81 10.31 -5.28
C ALA B 19 1.68 9.09 -6.18
N ALA B 20 1.81 9.33 -7.48
CA ALA B 20 1.72 8.21 -8.45
C ALA B 20 2.77 7.15 -8.14
N GLN B 21 4.00 7.59 -7.91
CA GLN B 21 5.08 6.66 -7.62
C GLN B 21 4.72 5.79 -6.40
N VAL B 22 4.28 6.44 -5.33
CA VAL B 22 3.89 5.73 -4.13
C VAL B 22 2.70 4.81 -4.43
N ALA B 23 1.74 5.34 -5.17
CA ALA B 23 0.56 4.56 -5.52
C ALA B 23 0.97 3.21 -6.08
N SER B 24 1.89 3.22 -7.03
CA SER B 24 2.35 1.98 -7.64
C SER B 24 2.94 1.07 -6.56
N THR B 25 3.72 1.65 -5.67
CA THR B 25 4.34 0.86 -4.60
C THR B 25 3.28 0.25 -3.68
N LEU B 26 2.36 1.10 -3.21
CA LEU B 26 1.29 0.65 -2.33
C LEU B 26 0.31 -0.24 -3.07
N GLN B 27 0.27 -0.11 -4.39
CA GLN B 27 -0.61 -0.92 -5.20
C GLN B 27 -0.07 -2.35 -5.31
N ALA B 28 1.16 -2.48 -5.81
CA ALA B 28 1.75 -3.80 -5.97
C ALA B 28 1.82 -4.51 -4.63
N LEU B 29 2.43 -3.85 -3.63
CA LEU B 29 2.58 -4.46 -2.32
C LEU B 29 1.27 -5.09 -1.88
N ALA B 30 0.16 -4.49 -2.29
CA ALA B 30 -1.14 -5.02 -1.95
C ALA B 30 -1.27 -6.46 -2.44
N THR B 31 -2.34 -6.74 -3.16
CA THR B 31 -2.59 -8.09 -3.67
C THR B 31 -2.55 -9.12 -2.53
N PRO B 32 -3.68 -9.67 -2.15
CA PRO B 32 -3.74 -10.69 -1.06
C PRO B 32 -2.73 -11.82 -1.22
N SER B 33 -2.82 -12.52 -2.34
CA SER B 33 -1.91 -13.64 -2.59
C SER B 33 -0.46 -13.18 -2.50
N ARG B 34 -0.16 -12.04 -3.08
CA ARG B 34 1.20 -11.51 -3.05
C ARG B 34 1.65 -11.27 -1.62
N LEU B 35 0.78 -10.68 -0.81
CA LEU B 35 1.14 -10.41 0.57
C LEU B 35 1.44 -11.71 1.32
N MET B 36 0.59 -12.70 1.15
CA MET B 36 0.80 -13.96 1.82
C MET B 36 2.21 -14.49 1.50
N ILE B 37 2.57 -14.48 0.22
CA ILE B 37 3.88 -14.98 -0.18
C ILE B 37 5.00 -14.12 0.42
N LEU B 38 4.84 -12.81 0.35
CA LEU B 38 5.82 -11.89 0.90
C LEU B 38 5.94 -12.06 2.40
N THR B 39 4.82 -12.24 3.06
CA THR B 39 4.82 -12.41 4.48
C THR B 39 5.62 -13.65 4.86
N GLN B 40 5.49 -14.70 4.06
CA GLN B 40 6.23 -15.93 4.32
C GLN B 40 7.73 -15.66 4.28
N LEU B 41 8.17 -14.96 3.24
CA LEU B 41 9.59 -14.63 3.10
C LEU B 41 10.04 -13.70 4.22
N ARG B 42 9.16 -12.83 4.65
CA ARG B 42 9.48 -11.89 5.71
C ARG B 42 9.95 -12.62 6.96
N ASN B 43 9.42 -13.83 7.17
CA ASN B 43 9.79 -14.62 8.33
C ASN B 43 11.29 -14.93 8.32
N GLY B 44 11.81 -15.26 7.14
CA GLY B 44 13.23 -15.57 7.01
C GLY B 44 13.48 -16.46 5.78
N PRO B 45 14.59 -17.13 5.75
CA PRO B 45 14.97 -18.03 4.62
C PRO B 45 13.97 -19.18 4.46
N LEU B 46 13.71 -19.56 3.21
CA LEU B 46 12.79 -20.64 2.94
C LEU B 46 12.63 -20.84 1.42
N PRO B 47 13.37 -21.73 0.83
CA PRO B 47 13.28 -21.99 -0.63
C PRO B 47 11.84 -22.18 -1.11
N VAL B 48 11.68 -22.38 -2.41
CA VAL B 48 10.36 -22.56 -3.00
C VAL B 48 9.67 -23.77 -2.38
N THR B 49 10.44 -24.83 -2.22
CA THR B 49 9.92 -26.06 -1.65
C THR B 49 9.38 -25.82 -0.24
N ASP B 50 10.10 -25.01 0.53
CA ASP B 50 9.68 -24.69 1.89
C ASP B 50 8.51 -23.71 1.88
N LEU B 51 8.62 -22.67 1.07
CA LEU B 51 7.56 -21.67 0.99
C LEU B 51 6.26 -22.30 0.51
N ALA B 52 6.35 -23.15 -0.50
CA ALA B 52 5.17 -23.81 -1.03
C ALA B 52 4.59 -24.79 -0.02
N GLU B 53 5.46 -25.61 0.56
CA GLU B 53 5.02 -26.59 1.53
C GLU B 53 4.24 -25.92 2.65
N ALA B 54 4.67 -24.71 3.02
CA ALA B 54 4.00 -24.00 4.10
C ALA B 54 2.50 -23.95 3.86
N ILE B 55 2.10 -23.34 2.74
CA ILE B 55 0.68 -23.23 2.40
C ILE B 55 0.50 -23.00 0.91
N GLY B 56 1.58 -22.59 0.22
CA GLY B 56 1.50 -22.33 -1.20
C GLY B 56 1.08 -23.59 -1.97
N MET B 57 1.93 -24.61 -1.92
CA MET B 57 1.62 -25.86 -2.62
C MET B 57 1.63 -25.64 -4.13
N GLU B 58 2.59 -24.86 -4.60
CA GLU B 58 2.69 -24.60 -6.03
C GLU B 58 4.02 -23.93 -6.33
N GLN B 59 5.11 -24.63 -6.03
CA GLN B 59 6.44 -24.08 -6.27
C GLN B 59 6.51 -23.37 -7.62
N SER B 60 5.59 -23.72 -8.51
CA SER B 60 5.55 -23.10 -9.83
C SER B 60 5.12 -21.65 -9.73
N ALA B 61 4.09 -21.39 -8.93
CA ALA B 61 3.58 -20.04 -8.75
C ALA B 61 4.60 -19.18 -8.02
N VAL B 62 5.40 -19.80 -7.16
CA VAL B 62 6.40 -19.06 -6.41
C VAL B 62 7.55 -18.63 -7.31
N SER B 63 8.11 -19.59 -8.05
CA SER B 63 9.22 -19.29 -8.96
C SER B 63 8.79 -18.24 -9.98
N HIS B 64 7.59 -18.40 -10.52
CA HIS B 64 7.09 -17.46 -11.51
C HIS B 64 6.95 -16.06 -10.92
N GLN B 65 6.29 -15.96 -9.78
CA GLN B 65 6.10 -14.67 -9.12
C GLN B 65 7.44 -14.09 -8.70
N LEU B 66 8.34 -14.96 -8.28
CA LEU B 66 9.65 -14.53 -7.84
C LEU B 66 10.41 -13.87 -8.99
N ARG B 67 10.35 -14.50 -10.15
CA ARG B 67 11.03 -13.97 -11.33
C ARG B 67 10.47 -12.60 -11.70
N VAL B 68 9.14 -12.48 -11.64
CA VAL B 68 8.51 -11.21 -11.98
C VAL B 68 9.00 -10.10 -11.03
N LEU B 69 8.84 -10.34 -9.74
CA LEU B 69 9.26 -9.36 -8.73
C LEU B 69 10.75 -9.13 -8.82
N ARG B 70 11.48 -10.19 -9.09
CA ARG B 70 12.92 -10.11 -9.21
C ARG B 70 13.31 -9.09 -10.27
N ASN B 71 12.58 -9.07 -11.37
CA ASN B 71 12.89 -8.13 -12.45
C ASN B 71 12.77 -6.70 -11.96
N LEU B 72 11.73 -6.44 -11.16
CA LEU B 72 11.50 -5.10 -10.63
C LEU B 72 12.62 -4.70 -9.69
N GLY B 73 13.08 -5.67 -8.89
CA GLY B 73 14.16 -5.41 -7.93
C GLY B 73 13.60 -5.27 -6.51
N LEU B 74 12.50 -5.96 -6.25
CA LEU B 74 11.88 -5.90 -4.92
C LEU B 74 12.36 -7.05 -4.04
N VAL B 75 12.96 -8.05 -4.67
CA VAL B 75 13.49 -9.21 -3.94
C VAL B 75 14.86 -9.58 -4.47
N VAL B 76 15.60 -10.33 -3.66
CA VAL B 76 16.95 -10.77 -4.04
C VAL B 76 17.16 -12.22 -3.63
N GLY B 77 18.03 -12.91 -4.36
CA GLY B 77 18.34 -14.31 -4.08
C GLY B 77 19.84 -14.51 -3.96
N ASP B 78 20.25 -15.44 -3.10
CA ASP B 78 21.67 -15.74 -2.90
C ASP B 78 21.98 -17.19 -3.25
N ARG B 79 22.64 -17.39 -4.38
CA ARG B 79 22.99 -18.73 -4.83
C ARG B 79 24.22 -19.22 -4.09
N ALA B 80 24.09 -20.38 -3.43
CA ALA B 80 25.20 -20.95 -2.67
C ALA B 80 25.30 -22.45 -2.94
N GLY B 81 26.52 -22.97 -2.93
CA GLY B 81 26.73 -24.39 -3.17
C GLY B 81 25.69 -25.22 -2.43
N ARG B 82 25.32 -24.76 -1.24
CA ARG B 82 24.33 -25.48 -0.45
C ARG B 82 22.95 -25.38 -1.08
N SER B 83 22.55 -24.16 -1.46
CA SER B 83 21.26 -23.93 -2.06
C SER B 83 21.07 -22.45 -2.34
N ILE B 84 19.95 -22.11 -2.97
CA ILE B 84 19.63 -20.72 -3.27
C ILE B 84 18.58 -20.22 -2.28
N VAL B 85 18.92 -19.15 -1.56
CA VAL B 85 17.99 -18.57 -0.61
C VAL B 85 17.33 -17.32 -1.20
N TYR B 86 16.00 -17.26 -1.13
CA TYR B 86 15.26 -16.11 -1.66
C TYR B 86 14.79 -15.23 -0.51
N SER B 87 15.07 -13.93 -0.62
CA SER B 87 14.67 -12.97 0.41
C SER B 87 14.39 -11.62 -0.22
N LEU B 88 13.84 -10.71 0.59
CA LEU B 88 13.51 -9.37 0.10
C LEU B 88 14.77 -8.59 -0.21
N TYR B 89 14.68 -7.68 -1.18
CA TYR B 89 15.83 -6.89 -1.57
C TYR B 89 16.45 -6.21 -0.34
N ASP B 90 15.60 -5.62 0.50
CA ASP B 90 16.09 -4.94 1.71
C ASP B 90 15.07 -5.09 2.83
N THR B 91 15.37 -4.49 3.98
CA THR B 91 14.49 -4.56 5.14
C THR B 91 13.47 -3.42 5.10
N HIS B 92 13.76 -2.40 4.28
CA HIS B 92 12.86 -1.26 4.17
C HIS B 92 11.41 -1.71 4.02
N VAL B 93 11.12 -2.37 2.90
CA VAL B 93 9.76 -2.84 2.66
C VAL B 93 9.24 -3.61 3.86
N ALA B 94 10.12 -4.39 4.49
CA ALA B 94 9.73 -5.17 5.66
C ALA B 94 9.29 -4.24 6.78
N GLN B 95 10.02 -3.14 6.95
CA GLN B 95 9.70 -2.19 8.00
C GLN B 95 8.32 -1.61 7.77
N LEU B 96 8.05 -1.20 6.53
CA LEU B 96 6.75 -0.63 6.21
C LEU B 96 5.63 -1.60 6.55
N LEU B 97 5.84 -2.87 6.20
CA LEU B 97 4.85 -3.91 6.46
C LEU B 97 4.64 -4.05 7.97
N ASP B 98 5.74 -4.00 8.71
CA ASP B 98 5.66 -4.13 10.17
C ASP B 98 4.78 -3.03 10.75
N GLU B 99 4.95 -1.81 10.27
CA GLU B 99 4.14 -0.69 10.76
C GLU B 99 2.68 -0.87 10.36
N ALA B 100 2.44 -1.16 9.08
CA ALA B 100 1.09 -1.36 8.59
C ALA B 100 0.41 -2.46 9.39
N ILE B 101 1.14 -3.54 9.65
CA ILE B 101 0.58 -4.66 10.41
C ILE B 101 0.22 -4.21 11.82
N TYR B 102 1.10 -3.44 12.43
CA TYR B 102 0.86 -2.95 13.78
C TYR B 102 -0.41 -2.13 13.81
N HIS B 103 -0.59 -1.31 12.79
CA HIS B 103 -1.79 -0.47 12.70
C HIS B 103 -3.03 -1.35 12.54
N SER B 104 -2.90 -2.41 11.76
CA SER B 104 -4.03 -3.31 11.53
C SER B 104 -4.54 -3.88 12.85
N GLU B 105 -3.62 -4.35 13.68
CA GLU B 105 -4.00 -4.90 14.98
C GLU B 105 -4.36 -3.78 15.97
N HIS B 106 -3.42 -2.87 16.17
CA HIS B 106 -3.64 -1.77 17.09
C HIS B 106 -4.95 -1.07 16.78
N LEU B 107 -5.28 -1.02 15.49
CA LEU B 107 -6.53 -0.38 15.06
C LEU B 107 -7.02 -1.00 13.76
N HIS B 108 -8.00 -1.89 13.86
CA HIS B 108 -8.56 -2.55 12.68
C HIS B 108 -9.79 -1.79 12.17
N LEU B 109 -10.91 -1.94 12.88
CA LEU B 109 -12.14 -1.28 12.50
C LEU B 109 -12.44 -1.52 11.02
N GLY B 110 -11.68 -2.41 10.40
CA GLY B 110 -11.86 -2.72 8.99
C GLY B 110 -12.96 -3.77 8.82
N LEU B 111 -13.50 -4.25 9.93
CA LEU B 111 -14.55 -5.26 9.89
C LEU B 111 -15.84 -4.66 9.34
N SER B 112 -15.92 -3.34 9.35
CA SER B 112 -17.10 -2.66 8.86
C SER B 112 -17.33 -2.97 7.38
N ASP B 113 -16.44 -2.45 6.53
CA ASP B 113 -16.55 -2.69 5.09
C ASP B 113 -18.00 -2.61 4.63
N ARG B 114 -18.59 -1.43 4.75
CA ARG B 114 -19.98 -1.24 4.36
C ARG B 114 -20.15 -1.50 2.88
N HIS B 115 -19.21 -1.00 2.08
CA HIS B 115 -19.27 -1.19 0.64
C HIS B 115 -20.70 -1.03 0.12
N PRO B 116 -21.17 0.18 0.00
CA PRO B 116 -22.56 0.46 -0.48
C PRO B 116 -22.83 -0.15 -1.85
N SER B 117 -24.04 -0.66 -2.03
CA SER B 117 -24.42 -1.27 -3.30
C SER B 117 -24.38 -0.24 -4.42
N ALA B 118 -24.91 0.95 -4.14
CA ALA B 118 -24.93 2.02 -5.15
C ALA B 118 -25.40 1.47 -6.50
N GLY B 119 -25.26 2.28 -7.54
CA GLY B 119 -25.66 1.88 -8.87
C GLY B 119 -25.20 2.88 -9.92
N GLY A 1 -31.16 -24.42 -0.05
CA GLY A 1 -31.12 -23.56 -1.26
C GLY A 1 -30.98 -22.10 -0.85
N HIS A 2 -31.29 -21.81 0.41
CA HIS A 2 -31.20 -20.45 0.93
C HIS A 2 -29.85 -20.21 1.58
N GLY A 3 -29.12 -19.21 1.09
CA GLY A 3 -27.80 -18.89 1.63
C GLY A 3 -27.32 -17.54 1.10
N VAL A 4 -26.39 -16.93 1.82
CA VAL A 4 -25.84 -15.64 1.42
C VAL A 4 -24.95 -15.79 0.20
N GLU A 5 -24.45 -17.01 -0.01
CA GLU A 5 -23.57 -17.28 -1.15
C GLU A 5 -22.29 -16.46 -1.04
N GLY A 6 -21.16 -17.09 -1.34
CA GLY A 6 -19.88 -16.42 -1.27
C GLY A 6 -19.39 -16.29 0.18
N ARG A 7 -19.96 -17.11 1.05
CA ARG A 7 -19.58 -17.10 2.46
C ARG A 7 -18.23 -17.77 2.65
N ASN A 8 -17.44 -17.25 3.59
CA ASN A 8 -16.11 -17.81 3.87
C ASN A 8 -15.92 -18.01 5.36
N ARG A 9 -15.59 -19.24 5.75
CA ARG A 9 -15.40 -19.55 7.16
C ARG A 9 -13.96 -19.22 7.59
N PRO A 10 -13.76 -18.84 8.84
CA PRO A 10 -12.41 -18.52 9.38
C PRO A 10 -11.52 -19.76 9.51
N SER A 11 -11.20 -20.37 8.37
CA SER A 11 -10.36 -21.56 8.37
C SER A 11 -8.93 -21.20 8.74
N ALA A 12 -8.27 -22.11 9.45
CA ALA A 12 -6.89 -21.89 9.86
C ALA A 12 -6.75 -20.57 10.64
N PRO A 13 -5.56 -20.24 11.08
CA PRO A 13 -5.29 -18.98 11.83
C PRO A 13 -5.60 -17.75 11.00
N LEU A 14 -5.72 -16.61 11.68
CA LEU A 14 -6.00 -15.35 11.01
C LEU A 14 -4.80 -14.86 10.23
N ASP A 15 -4.31 -15.72 9.33
CA ASP A 15 -3.15 -15.37 8.50
C ASP A 15 -3.61 -14.83 7.15
N SER A 16 -4.34 -15.67 6.41
CA SER A 16 -4.82 -15.28 5.10
C SER A 16 -5.69 -14.03 5.20
N GLN A 17 -6.41 -13.89 6.30
CA GLN A 17 -7.26 -12.73 6.52
C GLN A 17 -6.42 -11.47 6.67
N ALA A 18 -5.41 -11.54 7.55
CA ALA A 18 -4.54 -10.40 7.78
C ALA A 18 -3.91 -9.95 6.47
N ALA A 19 -3.57 -10.90 5.61
CA ALA A 19 -2.98 -10.57 4.33
C ALA A 19 -3.98 -9.81 3.45
N ALA A 20 -5.15 -10.40 3.27
CA ALA A 20 -6.19 -9.78 2.45
C ALA A 20 -6.58 -8.41 3.01
N GLN A 21 -6.76 -8.35 4.32
CA GLN A 21 -7.15 -7.11 4.96
C GLN A 21 -6.11 -6.02 4.70
N VAL A 22 -4.84 -6.37 4.95
CA VAL A 22 -3.76 -5.42 4.73
C VAL A 22 -3.68 -5.06 3.25
N ALA A 23 -3.79 -6.06 2.40
CA ALA A 23 -3.74 -5.82 0.96
C ALA A 23 -4.81 -4.83 0.55
N SER A 24 -6.01 -5.01 1.09
CA SER A 24 -7.11 -4.12 0.78
C SER A 24 -6.73 -2.69 1.12
N THR A 25 -6.11 -2.50 2.27
CA THR A 25 -5.68 -1.16 2.68
C THR A 25 -4.63 -0.62 1.73
N LEU A 26 -3.61 -1.42 1.45
CA LEU A 26 -2.53 -1.02 0.56
C LEU A 26 -3.07 -0.77 -0.85
N GLN A 27 -4.21 -1.39 -1.15
CA GLN A 27 -4.83 -1.22 -2.45
C GLN A 27 -5.50 0.15 -2.57
N ALA A 28 -6.43 0.43 -1.66
CA ALA A 28 -7.13 1.70 -1.69
C ALA A 28 -6.17 2.87 -1.53
N LEU A 29 -5.38 2.83 -0.46
CA LEU A 29 -4.43 3.90 -0.20
C LEU A 29 -3.63 4.21 -1.45
N ALA A 30 -3.43 3.19 -2.27
CA ALA A 30 -2.70 3.39 -3.51
C ALA A 30 -3.35 4.47 -4.35
N THR A 31 -3.52 4.21 -5.63
CA THR A 31 -4.13 5.17 -6.54
C THR A 31 -3.41 6.53 -6.46
N PRO A 32 -2.77 6.97 -7.53
CA PRO A 32 -2.03 8.28 -7.54
C PRO A 32 -2.87 9.44 -6.99
N SER A 33 -4.12 9.51 -7.41
CA SER A 33 -5.01 10.59 -6.97
C SER A 33 -5.17 10.58 -5.46
N ARG A 34 -5.39 9.39 -4.91
CA ARG A 34 -5.56 9.26 -3.47
C ARG A 34 -4.29 9.67 -2.75
N LEU A 35 -3.14 9.35 -3.33
CA LEU A 35 -1.87 9.69 -2.70
C LEU A 35 -1.71 11.21 -2.58
N MET A 36 -1.83 11.91 -3.69
CA MET A 36 -1.69 13.35 -3.65
C MET A 36 -2.68 13.97 -2.67
N ILE A 37 -3.94 13.59 -2.78
CA ILE A 37 -4.96 14.11 -1.88
C ILE A 37 -4.66 13.73 -0.44
N LEU A 38 -4.25 12.48 -0.23
CA LEU A 38 -3.95 12.01 1.09
C LEU A 38 -2.78 12.79 1.69
N THR A 39 -1.76 13.03 0.88
CA THR A 39 -0.59 13.76 1.35
C THR A 39 -0.99 15.16 1.80
N GLN A 40 -1.96 15.74 1.09
CA GLN A 40 -2.42 17.07 1.46
C GLN A 40 -3.05 17.03 2.85
N LEU A 41 -3.90 16.04 3.10
CA LEU A 41 -4.55 15.92 4.40
C LEU A 41 -3.53 15.64 5.50
N ARG A 42 -2.58 14.76 5.20
CA ARG A 42 -1.55 14.40 6.16
C ARG A 42 -0.88 15.66 6.71
N ASN A 43 -1.04 16.77 6.00
CA ASN A 43 -0.45 18.03 6.43
C ASN A 43 -1.22 18.63 7.59
N GLY A 44 -2.37 19.22 7.28
CA GLY A 44 -3.18 19.84 8.31
C GLY A 44 -4.51 20.35 7.75
N PRO A 45 -5.02 21.47 8.23
CA PRO A 45 -6.31 22.04 7.74
C PRO A 45 -6.36 22.13 6.22
N LEU A 46 -7.47 21.67 5.64
CA LEU A 46 -7.64 21.70 4.18
C LEU A 46 -9.05 22.18 3.80
N PRO A 47 -9.35 23.41 4.08
CA PRO A 47 -10.67 24.00 3.71
C PRO A 47 -11.00 23.77 2.24
N VAL A 48 -12.28 23.63 1.93
CA VAL A 48 -12.71 23.37 0.55
C VAL A 48 -12.12 24.42 -0.40
N THR A 49 -12.31 25.67 -0.05
CA THR A 49 -11.79 26.77 -0.87
C THR A 49 -10.27 26.73 -0.92
N ASP A 50 -9.65 26.38 0.21
CA ASP A 50 -8.20 26.29 0.28
C ASP A 50 -7.71 25.20 -0.66
N LEU A 51 -8.43 24.09 -0.66
CA LEU A 51 -8.02 22.98 -1.52
C LEU A 51 -8.05 23.41 -2.98
N ALA A 52 -9.14 24.04 -3.38
CA ALA A 52 -9.26 24.49 -4.74
C ALA A 52 -8.05 25.33 -5.12
N GLU A 53 -7.68 26.26 -4.26
CA GLU A 53 -6.54 27.11 -4.53
C GLU A 53 -5.30 26.25 -4.80
N ALA A 54 -5.05 25.26 -3.94
CA ALA A 54 -3.89 24.40 -4.11
C ALA A 54 -3.91 23.73 -5.48
N ILE A 55 -5.02 23.05 -5.78
CA ILE A 55 -5.16 22.37 -7.07
C ILE A 55 -5.76 23.30 -8.10
N GLY A 56 -7.06 23.54 -7.99
CA GLY A 56 -7.76 24.44 -8.93
C GLY A 56 -9.05 23.81 -9.43
N MET A 57 -10.16 24.18 -8.79
CA MET A 57 -11.47 23.66 -9.19
C MET A 57 -11.50 22.14 -9.12
N GLU A 58 -11.63 21.61 -7.91
CA GLU A 58 -11.67 20.16 -7.73
C GLU A 58 -12.00 19.82 -6.29
N GLN A 59 -12.80 20.67 -5.66
CA GLN A 59 -13.18 20.48 -4.26
C GLN A 59 -14.35 19.50 -4.15
N SER A 60 -15.13 19.40 -5.23
CA SER A 60 -16.26 18.50 -5.24
C SER A 60 -15.81 17.05 -5.15
N ALA A 61 -14.77 16.74 -5.92
CA ALA A 61 -14.23 15.38 -5.92
C ALA A 61 -13.55 15.08 -4.59
N VAL A 62 -12.88 16.08 -4.01
CA VAL A 62 -12.21 15.87 -2.74
C VAL A 62 -13.21 15.69 -1.61
N SER A 63 -14.16 16.62 -1.50
CA SER A 63 -15.17 16.52 -0.46
C SER A 63 -15.98 15.23 -0.61
N HIS A 64 -16.37 14.94 -1.85
CA HIS A 64 -17.16 13.73 -2.12
C HIS A 64 -16.40 12.50 -1.65
N GLN A 65 -15.13 12.41 -2.00
CA GLN A 65 -14.32 11.27 -1.59
C GLN A 65 -14.27 11.15 -0.08
N LEU A 66 -14.13 12.29 0.60
CA LEU A 66 -14.07 12.28 2.05
C LEU A 66 -15.35 11.73 2.65
N ARG A 67 -16.46 12.16 2.10
CA ARG A 67 -17.75 11.69 2.58
C ARG A 67 -17.88 10.17 2.39
N VAL A 68 -17.41 9.68 1.25
CA VAL A 68 -17.49 8.26 0.97
C VAL A 68 -16.74 7.48 2.05
N LEU A 69 -15.50 7.85 2.31
CA LEU A 69 -14.70 7.19 3.34
C LEU A 69 -15.28 7.48 4.72
N ARG A 70 -15.88 8.66 4.86
CA ARG A 70 -16.46 9.05 6.14
C ARG A 70 -17.45 8.00 6.61
N ASN A 71 -18.28 7.52 5.69
CA ASN A 71 -19.26 6.50 6.04
C ASN A 71 -18.57 5.24 6.55
N LEU A 72 -17.51 4.84 5.86
CA LEU A 72 -16.76 3.65 6.26
C LEU A 72 -16.11 3.85 7.62
N GLY A 73 -15.60 5.06 7.85
CA GLY A 73 -14.93 5.39 9.11
C GLY A 73 -13.42 5.31 8.98
N LEU A 74 -12.92 5.70 7.80
CA LEU A 74 -11.47 5.67 7.54
C LEU A 74 -10.86 7.06 7.72
N VAL A 75 -11.71 8.08 7.69
CA VAL A 75 -11.24 9.46 7.85
C VAL A 75 -12.14 10.21 8.81
N VAL A 76 -11.61 11.28 9.40
CA VAL A 76 -12.37 12.09 10.35
C VAL A 76 -12.14 13.57 10.08
N GLY A 77 -13.09 14.40 10.51
CA GLY A 77 -12.97 15.84 10.33
C GLY A 77 -13.31 16.58 11.62
N ASP A 78 -12.46 17.53 11.99
CA ASP A 78 -12.66 18.32 13.21
C ASP A 78 -13.16 19.72 12.86
N ARG A 79 -14.45 19.94 13.04
CA ARG A 79 -15.06 21.23 12.75
C ARG A 79 -14.70 22.25 13.83
N ALA A 80 -14.42 23.47 13.40
CA ALA A 80 -14.09 24.53 14.34
C ALA A 80 -14.51 25.89 13.78
N GLY A 81 -14.94 26.78 14.67
CA GLY A 81 -15.37 28.10 14.25
C GLY A 81 -14.40 28.68 13.23
N ARG A 82 -13.13 28.32 13.36
CA ARG A 82 -12.12 28.80 12.43
C ARG A 82 -12.24 28.11 11.08
N SER A 83 -12.38 26.78 11.11
CA SER A 83 -12.49 26.00 9.88
C SER A 83 -12.60 24.52 10.23
N ILE A 84 -12.73 23.70 9.19
CA ILE A 84 -12.81 22.24 9.36
C ILE A 84 -11.50 21.60 8.95
N VAL A 85 -10.94 20.80 9.83
CA VAL A 85 -9.68 20.09 9.54
C VAL A 85 -9.96 18.64 9.19
N TYR A 86 -9.59 18.25 7.97
CA TYR A 86 -9.80 16.87 7.52
C TYR A 86 -8.54 16.04 7.73
N SER A 87 -8.69 14.91 8.40
CA SER A 87 -7.55 14.04 8.69
C SER A 87 -8.01 12.59 8.76
N LEU A 88 -7.05 11.68 8.72
CA LEU A 88 -7.34 10.27 8.76
C LEU A 88 -7.90 9.87 10.13
N TYR A 89 -8.80 8.90 10.12
CA TYR A 89 -9.40 8.44 11.36
C TYR A 89 -8.34 7.96 12.33
N ASP A 90 -7.45 7.10 11.85
CA ASP A 90 -6.38 6.56 12.70
C ASP A 90 -5.07 7.28 12.42
N THR A 91 -4.17 7.27 13.40
CA THR A 91 -2.87 7.92 13.26
C THR A 91 -1.83 6.92 12.76
N HIS A 92 -2.06 5.64 13.02
CA HIS A 92 -1.14 4.59 12.60
C HIS A 92 -0.94 4.66 11.09
N VAL A 93 -2.05 4.74 10.35
CA VAL A 93 -1.97 4.80 8.90
C VAL A 93 -1.06 5.96 8.48
N ALA A 94 -1.25 7.11 9.11
CA ALA A 94 -0.43 8.27 8.79
C ALA A 94 1.05 7.94 8.95
N GLN A 95 1.38 7.21 10.01
CA GLN A 95 2.75 6.82 10.26
C GLN A 95 3.27 5.95 9.11
N LEU A 96 2.41 5.08 8.62
CA LEU A 96 2.79 4.19 7.53
C LEU A 96 3.19 5.01 6.31
N LEU A 97 2.38 6.03 6.01
CA LEU A 97 2.66 6.89 4.88
C LEU A 97 3.97 7.65 5.08
N ASP A 98 4.23 8.03 6.32
CA ASP A 98 5.46 8.76 6.62
C ASP A 98 6.68 7.91 6.28
N GLU A 99 6.59 6.62 6.58
CA GLU A 99 7.71 5.72 6.27
C GLU A 99 7.80 5.47 4.77
N ALA A 100 6.66 5.16 4.15
CA ALA A 100 6.63 4.90 2.70
C ALA A 100 7.06 6.13 1.91
N ILE A 101 6.44 7.27 2.21
CA ILE A 101 6.75 8.50 1.50
C ILE A 101 8.22 8.84 1.65
N TYR A 102 8.71 8.77 2.88
CA TYR A 102 10.11 9.08 3.13
C TYR A 102 11.01 8.12 2.35
N HIS A 103 10.61 6.86 2.31
CA HIS A 103 11.38 5.85 1.59
C HIS A 103 11.48 6.20 0.11
N SER A 104 10.39 6.66 -0.46
CA SER A 104 10.37 7.04 -1.87
C SER A 104 11.11 8.36 -2.09
N GLU A 105 10.95 9.29 -1.15
CA GLU A 105 11.60 10.59 -1.26
C GLU A 105 13.12 10.43 -1.19
N HIS A 106 13.58 9.47 -0.40
CA HIS A 106 15.00 9.23 -0.25
C HIS A 106 15.55 8.45 -1.43
N LEU A 107 14.67 8.14 -2.38
CA LEU A 107 15.07 7.37 -3.56
C LEU A 107 15.74 8.28 -4.57
N HIS A 108 17.03 8.53 -4.36
CA HIS A 108 17.81 9.38 -5.26
C HIS A 108 19.21 8.81 -5.49
N LEU A 109 19.74 9.04 -6.68
CA LEU A 109 21.07 8.54 -7.01
C LEU A 109 22.12 9.16 -6.09
N GLY A 110 21.99 10.45 -5.83
CA GLY A 110 22.93 11.15 -4.96
C GLY A 110 24.08 11.74 -5.77
N LEU A 111 23.93 13.00 -6.18
CA LEU A 111 24.95 13.67 -6.96
C LEU A 111 26.13 14.05 -6.06
N SER A 112 27.32 14.13 -6.66
CA SER A 112 28.51 14.48 -5.91
C SER A 112 28.40 15.91 -5.40
N ASP A 113 29.12 16.19 -4.30
CA ASP A 113 29.10 17.54 -3.72
C ASP A 113 30.24 18.38 -4.28
N ARG A 114 29.90 19.33 -5.14
CA ARG A 114 30.90 20.21 -5.74
C ARG A 114 31.11 21.45 -4.88
N HIS A 115 32.35 21.92 -4.83
CA HIS A 115 32.69 23.10 -4.04
C HIS A 115 33.91 23.80 -4.61
N PRO A 116 33.75 24.42 -5.75
CA PRO A 116 34.87 25.15 -6.45
C PRO A 116 35.54 26.17 -5.51
N SER A 117 34.73 26.85 -4.72
CA SER A 117 35.25 27.85 -3.79
C SER A 117 36.09 28.89 -4.53
N ALA A 118 35.43 29.65 -5.41
CA ALA A 118 36.13 30.67 -6.18
C ALA A 118 36.68 31.76 -5.26
N GLY A 119 35.91 32.09 -4.22
CA GLY A 119 36.32 33.10 -3.26
C GLY A 119 36.59 34.43 -3.97
N GLY B 1 4.88 14.05 -36.81
CA GLY B 1 3.98 12.87 -36.77
C GLY B 1 4.67 11.72 -36.06
N HIS B 2 5.96 11.89 -35.76
CA HIS B 2 6.74 10.86 -35.08
C HIS B 2 6.91 11.21 -33.61
N GLY B 3 6.48 10.31 -32.74
CA GLY B 3 6.59 10.53 -31.29
C GLY B 3 6.28 9.26 -30.52
N VAL B 4 6.73 9.20 -29.28
CA VAL B 4 6.50 8.03 -28.43
C VAL B 4 5.04 7.95 -28.00
N GLU B 5 4.37 9.09 -28.01
CA GLU B 5 2.97 9.16 -27.62
C GLU B 5 2.81 8.78 -26.16
N GLY B 6 2.00 9.55 -25.43
CA GLY B 6 1.76 9.27 -24.03
C GLY B 6 2.92 9.80 -23.18
N ARG B 7 3.71 10.70 -23.75
CA ARG B 7 4.83 11.28 -23.04
C ARG B 7 4.36 12.30 -22.01
N ASN B 8 5.06 12.37 -20.88
CA ASN B 8 4.70 13.32 -19.82
C ASN B 8 5.94 14.07 -19.34
N ARG B 9 5.86 15.39 -19.35
CA ARG B 9 6.98 16.22 -18.92
C ARG B 9 6.93 16.45 -17.40
N PRO B 10 8.08 16.59 -16.77
CA PRO B 10 8.16 16.84 -15.30
C PRO B 10 7.66 18.22 -14.91
N SER B 11 6.36 18.47 -15.13
CA SER B 11 5.78 19.76 -14.81
C SER B 11 5.67 19.92 -13.30
N ALA B 12 5.84 21.15 -12.83
CA ALA B 12 5.75 21.44 -11.41
C ALA B 12 6.75 20.58 -10.62
N PRO B 13 6.79 20.74 -9.32
CA PRO B 13 7.70 19.95 -8.43
C PRO B 13 7.36 18.46 -8.47
N LEU B 14 8.32 17.65 -8.03
CA LEU B 14 8.15 16.20 -8.00
C LEU B 14 7.13 15.80 -6.94
N ASP B 15 5.94 16.36 -7.04
CA ASP B 15 4.87 16.05 -6.09
C ASP B 15 3.95 14.97 -6.67
N SER B 16 3.35 15.28 -7.82
CA SER B 16 2.45 14.34 -8.47
C SER B 16 3.16 13.02 -8.76
N GLN B 17 4.45 13.12 -9.08
CA GLN B 17 5.23 11.92 -9.37
C GLN B 17 5.39 11.07 -8.12
N ALA B 18 5.79 11.70 -7.02
CA ALA B 18 5.97 10.98 -5.76
C ALA B 18 4.67 10.27 -5.38
N ALA B 19 3.54 10.90 -5.65
CA ALA B 19 2.26 10.29 -5.33
C ALA B 19 2.03 9.05 -6.18
N ALA B 20 2.14 9.22 -7.50
CA ALA B 20 1.93 8.10 -8.41
C ALA B 20 2.92 6.97 -8.13
N GLN B 21 4.19 7.34 -7.96
CA GLN B 21 5.22 6.34 -7.68
C GLN B 21 4.87 5.55 -6.42
N VAL B 22 4.57 6.27 -5.35
CA VAL B 22 4.23 5.63 -4.09
C VAL B 22 2.96 4.79 -4.27
N ALA B 23 1.96 5.35 -4.94
CA ALA B 23 0.73 4.65 -5.16
C ALA B 23 0.99 3.33 -5.88
N SER B 24 1.87 3.38 -6.88
CA SER B 24 2.20 2.19 -7.64
C SER B 24 2.73 1.11 -6.71
N THR B 25 3.60 1.50 -5.79
CA THR B 25 4.16 0.56 -4.83
C THR B 25 3.06 -0.01 -3.93
N LEU B 26 2.24 0.88 -3.38
CA LEU B 26 1.16 0.47 -2.50
C LEU B 26 0.15 -0.39 -3.25
N GLN B 27 0.12 -0.23 -4.56
CA GLN B 27 -0.78 -1.00 -5.40
C GLN B 27 -0.30 -2.45 -5.55
N ALA B 28 0.91 -2.61 -6.06
CA ALA B 28 1.47 -3.95 -6.25
C ALA B 28 1.56 -4.70 -4.92
N LEU B 29 2.23 -4.08 -3.95
CA LEU B 29 2.40 -4.71 -2.65
C LEU B 29 1.06 -5.22 -2.15
N ALA B 30 -0.01 -4.55 -2.53
CA ALA B 30 -1.33 -4.97 -2.12
C ALA B 30 -1.59 -6.42 -2.54
N THR B 31 -2.76 -6.67 -3.10
CA THR B 31 -3.11 -8.01 -3.55
C THR B 31 -2.94 -9.02 -2.40
N PRO B 32 -4.01 -9.65 -1.93
CA PRO B 32 -3.93 -10.65 -0.82
C PRO B 32 -2.84 -11.70 -1.03
N SER B 33 -2.74 -12.22 -2.24
CA SER B 33 -1.76 -13.24 -2.55
C SER B 33 -0.35 -12.74 -2.28
N ARG B 34 -0.06 -11.53 -2.76
CA ARG B 34 1.25 -10.94 -2.58
C ARG B 34 1.53 -10.74 -1.09
N LEU B 35 0.51 -10.38 -0.33
CA LEU B 35 0.71 -10.15 1.09
C LEU B 35 1.14 -11.42 1.80
N MET B 36 0.38 -12.49 1.63
CA MET B 36 0.72 -13.75 2.28
C MET B 36 2.12 -14.20 1.86
N ILE B 37 2.37 -14.20 0.57
CA ILE B 37 3.68 -14.62 0.06
C ILE B 37 4.77 -13.69 0.57
N LEU B 38 4.49 -12.39 0.55
CA LEU B 38 5.45 -11.42 1.01
C LEU B 38 5.77 -11.62 2.49
N THR B 39 4.74 -11.88 3.29
CA THR B 39 4.93 -12.08 4.71
C THR B 39 5.84 -13.27 4.95
N GLN B 40 5.69 -14.29 4.12
CA GLN B 40 6.53 -15.48 4.26
C GLN B 40 7.99 -15.11 4.03
N LEU B 41 8.25 -14.34 2.98
CA LEU B 41 9.63 -13.92 2.67
C LEU B 41 10.18 -13.02 3.77
N ARG B 42 9.34 -12.09 4.23
CA ARG B 42 9.76 -11.16 5.28
C ARG B 42 10.33 -11.93 6.47
N ASN B 43 10.04 -13.22 6.54
CA ASN B 43 10.54 -14.05 7.62
C ASN B 43 12.01 -14.36 7.43
N GLY B 44 12.30 -15.26 6.50
CA GLY B 44 13.67 -15.64 6.24
C GLY B 44 13.77 -16.67 5.10
N PRO B 45 14.66 -17.63 5.20
CA PRO B 45 14.82 -18.68 4.14
C PRO B 45 13.49 -19.30 3.74
N LEU B 46 13.27 -19.40 2.42
CA LEU B 46 12.03 -19.98 1.91
C LEU B 46 12.30 -20.91 0.71
N PRO B 47 12.94 -22.01 0.95
CA PRO B 47 13.23 -23.00 -0.13
C PRO B 47 11.95 -23.38 -0.89
N VAL B 48 12.10 -23.67 -2.17
CA VAL B 48 10.95 -24.02 -3.01
C VAL B 48 10.14 -25.15 -2.37
N THR B 49 10.83 -26.22 -2.00
CA THR B 49 10.19 -27.36 -1.37
C THR B 49 9.59 -26.96 -0.01
N ASP B 50 10.29 -26.08 0.70
CA ASP B 50 9.82 -25.62 1.99
C ASP B 50 8.53 -24.85 1.82
N LEU B 51 8.48 -24.03 0.79
CA LEU B 51 7.29 -23.25 0.54
C LEU B 51 6.11 -24.16 0.28
N ALA B 52 6.30 -25.16 -0.57
CA ALA B 52 5.24 -26.09 -0.86
C ALA B 52 4.67 -26.66 0.43
N GLU B 53 5.56 -27.09 1.32
CA GLU B 53 5.11 -27.64 2.59
C GLU B 53 4.22 -26.66 3.32
N ALA B 54 4.65 -25.40 3.41
CA ALA B 54 3.86 -24.39 4.11
C ALA B 54 2.47 -24.28 3.50
N ILE B 55 2.41 -24.04 2.20
CA ILE B 55 1.12 -23.92 1.51
C ILE B 55 0.64 -25.29 1.03
N GLY B 56 1.28 -25.81 -0.02
CA GLY B 56 0.92 -27.12 -0.57
C GLY B 56 0.78 -27.07 -2.08
N MET B 57 1.83 -27.47 -2.80
CA MET B 57 1.78 -27.48 -4.25
C MET B 57 1.48 -26.09 -4.80
N GLU B 58 2.50 -25.22 -4.81
CA GLU B 58 2.31 -23.87 -5.32
C GLU B 58 3.64 -23.13 -5.36
N GLN B 59 4.70 -23.88 -5.60
CA GLN B 59 6.04 -23.32 -5.65
C GLN B 59 6.32 -22.70 -7.01
N SER B 60 5.63 -23.19 -8.03
CA SER B 60 5.80 -22.68 -9.39
C SER B 60 5.35 -21.22 -9.47
N ALA B 61 4.20 -20.95 -8.85
CA ALA B 61 3.66 -19.59 -8.86
C ALA B 61 4.53 -18.66 -8.03
N VAL B 62 5.07 -19.17 -6.92
CA VAL B 62 5.91 -18.37 -6.06
C VAL B 62 7.24 -18.06 -6.74
N SER B 63 7.92 -19.09 -7.23
CA SER B 63 9.19 -18.89 -7.91
C SER B 63 9.01 -18.00 -9.13
N HIS B 64 7.97 -18.27 -9.91
CA HIS B 64 7.69 -17.48 -11.11
C HIS B 64 7.54 -16.01 -10.76
N GLN B 65 6.75 -15.73 -9.73
CA GLN B 65 6.54 -14.36 -9.30
C GLN B 65 7.86 -13.68 -8.93
N LEU B 66 8.70 -14.42 -8.21
CA LEU B 66 9.99 -13.87 -7.80
C LEU B 66 10.82 -13.49 -9.00
N ARG B 67 10.84 -14.37 -9.99
CA ARG B 67 11.61 -14.10 -11.19
C ARG B 67 11.09 -12.83 -11.88
N VAL B 68 9.77 -12.68 -11.92
CA VAL B 68 9.19 -11.52 -12.57
C VAL B 68 9.70 -10.25 -11.89
N LEU B 69 9.58 -10.17 -10.58
CA LEU B 69 10.05 -9.01 -9.84
C LEU B 69 11.58 -8.92 -9.91
N ARG B 70 12.21 -10.08 -9.98
CA ARG B 70 13.67 -10.13 -10.03
C ARG B 70 14.17 -9.28 -11.18
N ASN B 71 13.52 -9.38 -12.32
CA ASN B 71 13.94 -8.60 -13.48
C ASN B 71 13.84 -7.11 -13.17
N LEU B 72 12.75 -6.71 -12.53
CA LEU B 72 12.54 -5.31 -12.18
C LEU B 72 13.59 -4.85 -11.18
N GLY B 73 13.91 -5.74 -10.23
CA GLY B 73 14.90 -5.43 -9.19
C GLY B 73 14.23 -5.02 -7.89
N LEU B 74 13.08 -5.63 -7.60
CA LEU B 74 12.34 -5.32 -6.37
C LEU B 74 12.62 -6.34 -5.29
N VAL B 75 13.14 -7.50 -5.70
CA VAL B 75 13.46 -8.56 -4.74
C VAL B 75 14.84 -9.13 -5.04
N VAL B 76 15.44 -9.75 -4.03
CA VAL B 76 16.77 -10.34 -4.20
C VAL B 76 16.83 -11.70 -3.50
N GLY B 77 17.77 -12.53 -3.92
CA GLY B 77 17.94 -13.85 -3.33
C GLY B 77 19.41 -14.15 -3.08
N ASP B 78 19.70 -14.65 -1.87
CA ASP B 78 21.08 -14.99 -1.49
C ASP B 78 21.28 -16.50 -1.54
N ARG B 79 21.96 -16.96 -2.57
CA ARG B 79 22.24 -18.38 -2.74
C ARG B 79 23.33 -18.83 -1.78
N ALA B 80 23.15 -20.01 -1.21
CA ALA B 80 24.15 -20.55 -0.29
C ALA B 80 24.14 -22.07 -0.33
N GLY B 81 25.32 -22.66 -0.19
CA GLY B 81 25.43 -24.12 -0.21
C GLY B 81 24.30 -24.76 0.60
N ARG B 82 23.90 -24.07 1.66
CA ARG B 82 22.83 -24.58 2.51
C ARG B 82 21.48 -24.47 1.80
N SER B 83 21.22 -23.30 1.21
CA SER B 83 19.96 -23.06 0.52
C SER B 83 19.93 -21.63 -0.01
N ILE B 84 18.83 -21.30 -0.68
CA ILE B 84 18.65 -19.95 -1.22
C ILE B 84 17.63 -19.19 -0.38
N VAL B 85 18.02 -18.00 0.07
CA VAL B 85 17.14 -17.17 0.87
C VAL B 85 16.55 -16.05 0.02
N TYR B 86 15.22 -16.04 -0.10
CA TYR B 86 14.55 -15.01 -0.90
C TYR B 86 14.08 -13.87 0.00
N SER B 87 14.44 -12.64 -0.37
CA SER B 87 14.08 -11.47 0.41
C SER B 87 13.94 -10.26 -0.50
N LEU B 88 13.33 -9.22 0.03
CA LEU B 88 13.12 -8.00 -0.73
C LEU B 88 14.44 -7.31 -1.03
N TYR B 89 14.49 -6.65 -2.18
CA TYR B 89 15.70 -5.94 -2.58
C TYR B 89 16.08 -4.90 -1.55
N ASP B 90 15.11 -4.08 -1.14
CA ASP B 90 15.36 -3.03 -0.16
C ASP B 90 14.83 -3.43 1.21
N THR B 91 15.39 -2.85 2.25
CA THR B 91 14.96 -3.16 3.62
C THR B 91 13.89 -2.17 4.08
N HIS B 92 13.89 -0.98 3.46
CA HIS B 92 12.91 0.04 3.82
C HIS B 92 11.50 -0.50 3.64
N VAL B 93 11.24 -1.12 2.50
CA VAL B 93 9.92 -1.67 2.23
C VAL B 93 9.53 -2.63 3.35
N ALA B 94 10.46 -3.48 3.74
CA ALA B 94 10.19 -4.44 4.81
C ALA B 94 9.71 -3.71 6.06
N GLN B 95 10.37 -2.60 6.37
CA GLN B 95 9.98 -1.81 7.55
C GLN B 95 8.55 -1.32 7.39
N LEU B 96 8.20 -0.91 6.19
CA LEU B 96 6.85 -0.39 5.93
C LEU B 96 5.83 -1.47 6.26
N LEU B 97 6.11 -2.69 5.84
CA LEU B 97 5.21 -3.81 6.09
C LEU B 97 5.11 -4.07 7.59
N ASP B 98 6.23 -3.93 8.29
CA ASP B 98 6.25 -4.17 9.72
C ASP B 98 5.29 -3.21 10.44
N GLU B 99 5.26 -1.97 9.98
CA GLU B 99 4.36 -0.99 10.58
C GLU B 99 2.91 -1.26 10.19
N ALA B 100 2.68 -1.49 8.90
CA ALA B 100 1.33 -1.76 8.41
C ALA B 100 0.77 -3.05 9.02
N ILE B 101 1.54 -4.13 8.93
CA ILE B 101 1.10 -5.41 9.45
C ILE B 101 0.80 -5.29 10.93
N TYR B 102 1.70 -4.68 11.66
CA TYR B 102 1.52 -4.51 13.10
C TYR B 102 0.26 -3.70 13.38
N HIS B 103 0.03 -2.68 12.56
CA HIS B 103 -1.15 -1.82 12.71
C HIS B 103 -2.43 -2.64 12.55
N SER B 104 -2.45 -3.54 11.58
CA SER B 104 -3.61 -4.38 11.34
C SER B 104 -3.74 -5.45 12.42
N GLU B 105 -2.60 -6.00 12.83
CA GLU B 105 -2.60 -7.04 13.85
C GLU B 105 -3.10 -6.50 15.19
N HIS B 106 -2.79 -5.25 15.47
CA HIS B 106 -3.23 -4.62 16.71
C HIS B 106 -4.69 -4.18 16.62
N LEU B 107 -5.30 -4.45 15.47
CA LEU B 107 -6.70 -4.07 15.27
C LEU B 107 -7.63 -5.07 15.93
N HIS B 108 -7.83 -4.90 17.24
CA HIS B 108 -8.71 -5.79 18.00
C HIS B 108 -9.57 -4.99 18.98
N LEU B 109 -10.76 -5.49 19.26
CA LEU B 109 -11.67 -4.81 20.17
C LEU B 109 -11.07 -4.75 21.57
N GLY B 110 -10.45 -5.86 21.99
CA GLY B 110 -9.83 -5.93 23.31
C GLY B 110 -10.81 -6.49 24.34
N LEU B 111 -10.76 -7.79 24.55
CA LEU B 111 -11.65 -8.45 25.51
C LEU B 111 -11.18 -8.20 26.93
N SER B 112 -12.12 -8.13 27.86
CA SER B 112 -11.79 -7.89 29.26
C SER B 112 -10.94 -9.03 29.81
N ASP B 113 -10.13 -8.74 30.82
CA ASP B 113 -9.27 -9.75 31.43
C ASP B 113 -9.97 -10.40 32.61
N ARG B 114 -10.37 -11.65 32.43
CA ARG B 114 -11.06 -12.39 33.50
C ARG B 114 -10.06 -13.15 34.35
N HIS B 115 -10.31 -13.22 35.64
CA HIS B 115 -9.42 -13.91 36.57
C HIS B 115 -10.20 -14.45 37.76
N PRO B 116 -11.01 -15.46 37.54
CA PRO B 116 -11.83 -16.08 38.62
C PRO B 116 -10.98 -16.51 39.81
N SER B 117 -9.80 -17.03 39.53
CA SER B 117 -8.90 -17.48 40.59
C SER B 117 -9.61 -18.47 41.50
N ALA B 118 -9.96 -19.63 40.96
CA ALA B 118 -10.65 -20.65 41.75
C ALA B 118 -9.74 -21.17 42.87
N GLY B 119 -8.45 -21.27 42.58
CA GLY B 119 -7.49 -21.74 43.57
C GLY B 119 -7.91 -23.09 44.13
N GLY A 1 -28.23 -11.82 10.33
CA GLY A 1 -28.50 -11.36 11.72
C GLY A 1 -29.84 -11.92 12.20
N HIS A 2 -30.10 -11.80 13.50
CA HIS A 2 -31.35 -12.30 14.06
C HIS A 2 -31.60 -13.73 13.63
N GLY A 3 -31.06 -14.68 14.40
CA GLY A 3 -31.24 -16.09 14.09
C GLY A 3 -30.24 -16.55 13.03
N VAL A 4 -29.45 -15.61 12.52
CA VAL A 4 -28.45 -15.92 11.50
C VAL A 4 -27.08 -15.40 11.92
N GLU A 5 -26.07 -16.26 11.84
CA GLU A 5 -24.72 -15.89 12.21
C GLU A 5 -24.72 -15.12 13.53
N GLY A 6 -25.73 -15.37 14.35
CA GLY A 6 -25.84 -14.70 15.63
C GLY A 6 -24.63 -15.01 16.52
N ARG A 7 -24.19 -16.26 16.50
CA ARG A 7 -23.03 -16.69 17.30
C ARG A 7 -21.91 -17.15 16.39
N ASN A 8 -20.89 -16.32 16.24
CA ASN A 8 -19.74 -16.65 15.39
C ASN A 8 -18.61 -17.22 16.23
N ARG A 9 -18.32 -18.50 16.02
CA ARG A 9 -17.25 -19.15 16.78
C ARG A 9 -15.91 -19.00 16.05
N PRO A 10 -14.81 -18.92 16.77
CA PRO A 10 -13.47 -18.78 16.15
C PRO A 10 -13.27 -19.73 14.97
N SER A 11 -12.71 -19.21 13.89
CA SER A 11 -12.47 -20.00 12.69
C SER A 11 -11.31 -19.45 11.90
N ALA A 12 -10.51 -20.34 11.34
CA ALA A 12 -9.35 -19.95 10.55
C ALA A 12 -8.39 -19.07 11.38
N PRO A 13 -7.12 -19.11 11.10
CA PRO A 13 -6.11 -18.28 11.82
C PRO A 13 -6.20 -16.80 11.44
N LEU A 14 -5.78 -15.94 12.36
CA LEU A 14 -5.81 -14.51 12.13
C LEU A 14 -4.64 -14.10 11.25
N ASP A 15 -4.24 -14.98 10.34
CA ASP A 15 -3.12 -14.70 9.43
C ASP A 15 -3.65 -14.20 8.08
N SER A 16 -4.45 -15.02 7.42
CA SER A 16 -5.00 -14.67 6.12
C SER A 16 -5.80 -13.37 6.23
N GLN A 17 -6.43 -13.17 7.38
CA GLN A 17 -7.22 -11.96 7.61
C GLN A 17 -6.31 -10.73 7.64
N ALA A 18 -5.27 -10.81 8.46
CA ALA A 18 -4.34 -9.69 8.58
C ALA A 18 -3.78 -9.33 7.22
N ALA A 19 -3.57 -10.33 6.35
CA ALA A 19 -3.05 -10.08 5.03
C ALA A 19 -4.09 -9.33 4.18
N ALA A 20 -5.30 -9.88 4.12
CA ALA A 20 -6.37 -9.26 3.34
C ALA A 20 -6.67 -7.85 3.86
N GLN A 21 -6.80 -7.73 5.18
CA GLN A 21 -7.10 -6.43 5.77
C GLN A 21 -6.00 -5.41 5.43
N VAL A 22 -4.76 -5.77 5.69
CA VAL A 22 -3.66 -4.87 5.40
C VAL A 22 -3.59 -4.59 3.90
N ALA A 23 -3.68 -5.65 3.10
CA ALA A 23 -3.62 -5.49 1.66
C ALA A 23 -4.60 -4.43 1.21
N SER A 24 -5.83 -4.50 1.70
CA SER A 24 -6.84 -3.53 1.34
C SER A 24 -6.40 -2.12 1.73
N THR A 25 -5.83 -2.00 2.92
CA THR A 25 -5.38 -0.70 3.40
C THR A 25 -4.29 -0.13 2.47
N LEU A 26 -3.26 -0.94 2.19
CA LEU A 26 -2.17 -0.52 1.32
C LEU A 26 -2.66 -0.34 -0.11
N GLN A 27 -3.76 -0.99 -0.42
CA GLN A 27 -4.34 -0.89 -1.74
C GLN A 27 -4.96 0.49 -1.96
N ALA A 28 -5.98 0.82 -1.15
CA ALA A 28 -6.64 2.11 -1.29
C ALA A 28 -5.65 3.25 -1.13
N LEU A 29 -4.89 3.23 -0.03
CA LEU A 29 -3.92 4.29 0.23
C LEU A 29 -3.10 4.57 -1.01
N ALA A 30 -2.89 3.53 -1.80
CA ALA A 30 -2.13 3.68 -3.02
C ALA A 30 -2.76 4.76 -3.93
N THR A 31 -3.01 4.40 -5.18
CA THR A 31 -3.61 5.32 -6.12
C THR A 31 -2.79 6.63 -6.18
N PRO A 32 -2.07 6.88 -7.25
CA PRO A 32 -1.26 8.12 -7.39
C PRO A 32 -2.04 9.40 -7.05
N SER A 33 -3.16 9.61 -7.73
CA SER A 33 -3.96 10.79 -7.49
C SER A 33 -4.43 10.87 -6.04
N ARG A 34 -4.93 9.75 -5.53
CA ARG A 34 -5.41 9.70 -4.17
C ARG A 34 -4.27 9.98 -3.18
N LEU A 35 -3.10 9.39 -3.44
CA LEU A 35 -1.97 9.57 -2.56
C LEU A 35 -1.56 11.05 -2.50
N MET A 36 -1.32 11.64 -3.66
CA MET A 36 -0.91 13.04 -3.70
C MET A 36 -1.90 13.89 -2.88
N ILE A 37 -3.20 13.71 -3.12
CA ILE A 37 -4.19 14.49 -2.40
C ILE A 37 -4.09 14.25 -0.89
N LEU A 38 -3.99 12.97 -0.53
CA LEU A 38 -3.88 12.60 0.88
C LEU A 38 -2.64 13.24 1.48
N THR A 39 -1.54 13.22 0.74
CA THR A 39 -0.30 13.80 1.23
C THR A 39 -0.53 15.25 1.62
N GLN A 40 -1.26 15.97 0.80
CA GLN A 40 -1.53 17.37 1.11
C GLN A 40 -2.30 17.50 2.41
N LEU A 41 -3.30 16.66 2.60
CA LEU A 41 -4.10 16.71 3.82
C LEU A 41 -3.27 16.25 5.03
N ARG A 42 -2.54 15.16 4.85
CA ARG A 42 -1.73 14.62 5.94
C ARG A 42 -0.91 15.72 6.59
N ASN A 43 -0.77 16.84 5.89
CA ASN A 43 -0.01 17.97 6.42
C ASN A 43 -0.61 19.28 5.94
N GLY A 44 -1.84 19.56 6.38
CA GLY A 44 -2.51 20.78 5.98
C GLY A 44 -4.03 20.67 6.16
N PRO A 45 -4.52 20.86 7.37
CA PRO A 45 -5.98 20.81 7.68
C PRO A 45 -6.72 21.99 7.05
N LEU A 46 -7.58 21.70 6.09
CA LEU A 46 -8.33 22.75 5.41
C LEU A 46 -9.46 22.15 4.57
N PRO A 47 -10.46 22.94 4.27
CA PRO A 47 -11.62 22.49 3.43
C PRO A 47 -11.19 22.09 2.02
N VAL A 48 -12.18 21.85 1.16
CA VAL A 48 -11.88 21.45 -0.21
C VAL A 48 -11.43 22.65 -1.02
N THR A 49 -12.32 23.64 -1.18
CA THR A 49 -12.00 24.85 -1.96
C THR A 49 -10.53 25.22 -1.79
N ASP A 50 -10.08 25.27 -0.54
CA ASP A 50 -8.69 25.60 -0.26
C ASP A 50 -7.76 24.55 -0.88
N LEU A 51 -8.12 23.29 -0.71
CA LEU A 51 -7.32 22.20 -1.27
C LEU A 51 -7.26 22.31 -2.79
N ALA A 52 -8.39 22.69 -3.39
CA ALA A 52 -8.45 22.83 -4.83
C ALA A 52 -7.45 23.87 -5.30
N GLU A 53 -7.37 24.97 -4.57
CA GLU A 53 -6.43 26.03 -4.93
C GLU A 53 -5.00 25.51 -4.87
N ALA A 54 -4.69 24.77 -3.80
CA ALA A 54 -3.34 24.22 -3.65
C ALA A 54 -3.04 23.21 -4.76
N ILE A 55 -3.90 22.20 -4.90
CA ILE A 55 -3.71 21.18 -5.92
C ILE A 55 -4.88 20.19 -5.90
N GLY A 56 -5.94 20.51 -6.63
CA GLY A 56 -7.08 19.63 -6.71
C GLY A 56 -7.89 19.91 -7.97
N MET A 57 -8.21 21.19 -8.19
CA MET A 57 -8.98 21.60 -9.36
C MET A 57 -10.13 20.63 -9.61
N GLU A 58 -10.49 19.86 -8.58
CA GLU A 58 -11.57 18.89 -8.69
C GLU A 58 -12.26 18.73 -7.35
N GLN A 59 -12.95 19.78 -6.93
CA GLN A 59 -13.65 19.77 -5.65
C GLN A 59 -14.66 18.63 -5.60
N SER A 60 -15.29 18.34 -6.73
CA SER A 60 -16.29 17.28 -6.80
C SER A 60 -15.64 15.93 -6.48
N ALA A 61 -14.48 15.68 -7.08
CA ALA A 61 -13.78 14.42 -6.85
C ALA A 61 -13.40 14.28 -5.38
N VAL A 62 -13.05 15.40 -4.74
CA VAL A 62 -12.67 15.38 -3.34
C VAL A 62 -13.85 14.98 -2.48
N SER A 63 -14.99 15.66 -2.67
CA SER A 63 -16.18 15.36 -1.87
C SER A 63 -16.56 13.89 -2.03
N HIS A 64 -16.57 13.42 -3.27
CA HIS A 64 -16.93 12.03 -3.54
C HIS A 64 -15.94 11.08 -2.85
N GLN A 65 -14.66 11.35 -3.03
CA GLN A 65 -13.62 10.52 -2.43
C GLN A 65 -13.74 10.55 -0.91
N LEU A 66 -14.03 11.73 -0.38
CA LEU A 66 -14.16 11.87 1.06
C LEU A 66 -15.30 11.02 1.57
N ARG A 67 -16.42 11.03 0.87
CA ARG A 67 -17.58 10.26 1.28
C ARG A 67 -17.24 8.77 1.32
N VAL A 68 -16.53 8.29 0.30
CA VAL A 68 -16.15 6.88 0.26
C VAL A 68 -15.22 6.54 1.42
N LEU A 69 -14.13 7.27 1.53
CA LEU A 69 -13.16 7.01 2.58
C LEU A 69 -13.82 7.15 3.95
N ARG A 70 -14.68 8.15 4.07
CA ARG A 70 -15.38 8.38 5.32
C ARG A 70 -16.18 7.14 5.71
N ASN A 71 -16.83 6.52 4.72
CA ASN A 71 -17.63 5.34 4.99
C ASN A 71 -16.77 4.24 5.64
N LEU A 72 -15.61 3.97 5.05
CA LEU A 72 -14.71 2.96 5.57
C LEU A 72 -14.17 3.39 6.93
N GLY A 73 -13.82 4.66 7.04
CA GLY A 73 -13.28 5.20 8.29
C GLY A 73 -11.79 5.49 8.16
N LEU A 74 -11.38 5.99 6.99
CA LEU A 74 -9.96 6.32 6.75
C LEU A 74 -9.72 7.81 6.96
N VAL A 75 -10.81 8.59 7.02
CA VAL A 75 -10.70 10.03 7.22
C VAL A 75 -11.71 10.50 8.24
N VAL A 76 -11.41 11.62 8.88
CA VAL A 76 -12.30 12.19 9.90
C VAL A 76 -12.37 13.72 9.76
N GLY A 77 -13.51 14.28 10.14
CA GLY A 77 -13.70 15.73 10.08
C GLY A 77 -13.77 16.30 11.50
N ASP A 78 -13.50 17.60 11.63
CA ASP A 78 -13.53 18.26 12.93
C ASP A 78 -14.33 19.55 12.83
N ARG A 79 -15.02 19.90 13.92
CA ARG A 79 -15.83 21.12 13.96
C ARG A 79 -15.21 22.14 14.91
N ALA A 80 -15.21 23.40 14.49
CA ALA A 80 -14.65 24.47 15.31
C ALA A 80 -15.40 25.78 15.07
N GLY A 81 -15.83 26.40 16.16
CA GLY A 81 -16.57 27.66 16.06
C GLY A 81 -17.68 27.55 15.02
N ARG A 82 -17.42 28.06 13.82
CA ARG A 82 -18.42 28.02 12.74
C ARG A 82 -17.78 27.51 11.45
N SER A 83 -17.00 26.44 11.56
CA SER A 83 -16.34 25.87 10.40
C SER A 83 -15.86 24.47 10.72
N ILE A 84 -15.54 23.71 9.67
CA ILE A 84 -15.07 22.35 9.85
C ILE A 84 -13.93 22.05 8.87
N VAL A 85 -13.09 21.07 9.20
CA VAL A 85 -11.98 20.68 8.33
C VAL A 85 -11.92 19.17 8.18
N TYR A 86 -11.31 18.70 7.10
CA TYR A 86 -11.19 17.26 6.84
C TYR A 86 -9.75 16.81 7.05
N SER A 87 -9.57 15.67 7.71
CA SER A 87 -8.24 15.14 7.96
C SER A 87 -8.29 13.63 8.04
N LEU A 88 -7.12 13.01 8.06
CA LEU A 88 -7.05 11.55 8.15
C LEU A 88 -7.68 11.06 9.45
N TYR A 89 -8.17 9.82 9.44
CA TYR A 89 -8.80 9.24 10.61
C TYR A 89 -7.89 9.40 11.83
N ASP A 90 -6.61 9.10 11.66
CA ASP A 90 -5.66 9.22 12.76
C ASP A 90 -4.24 9.38 12.22
N THR A 91 -3.32 9.74 13.10
CA THR A 91 -1.92 9.92 12.71
C THR A 91 -1.28 8.59 12.35
N HIS A 92 -1.72 7.52 13.00
CA HIS A 92 -1.17 6.19 12.73
C HIS A 92 -0.94 6.00 11.24
N VAL A 93 -2.02 5.95 10.47
CA VAL A 93 -1.92 5.77 9.03
C VAL A 93 -0.86 6.70 8.45
N ALA A 94 -0.81 7.92 8.97
CA ALA A 94 0.16 8.90 8.49
C ALA A 94 1.58 8.40 8.76
N GLN A 95 1.78 7.75 9.90
CA GLN A 95 3.08 7.23 10.25
C GLN A 95 3.55 6.22 9.21
N LEU A 96 2.66 5.32 8.82
CA LEU A 96 3.01 4.29 7.83
C LEU A 96 3.40 4.97 6.51
N LEU A 97 2.58 5.92 6.08
CA LEU A 97 2.86 6.63 4.85
C LEU A 97 4.12 7.46 4.98
N ASP A 98 4.35 7.98 6.17
CA ASP A 98 5.52 8.81 6.42
C ASP A 98 6.78 7.99 6.13
N GLU A 99 6.79 6.73 6.57
CA GLU A 99 7.94 5.87 6.33
C GLU A 99 8.10 5.61 4.84
N ALA A 100 7.00 5.24 4.19
CA ALA A 100 7.03 4.99 2.75
C ALA A 100 7.43 6.23 1.98
N ILE A 101 6.86 7.35 2.34
CA ILE A 101 7.18 8.61 1.68
C ILE A 101 8.64 8.98 1.88
N TYR A 102 9.10 8.87 3.11
CA TYR A 102 10.48 9.21 3.41
C TYR A 102 11.43 8.27 2.69
N HIS A 103 11.19 6.97 2.84
CA HIS A 103 12.03 5.96 2.21
C HIS A 103 12.03 6.13 0.70
N SER A 104 10.89 6.56 0.14
CA SER A 104 10.78 6.75 -1.29
C SER A 104 11.48 8.04 -1.73
N GLU A 105 11.17 9.13 -1.06
CA GLU A 105 11.77 10.42 -1.39
C GLU A 105 13.27 10.39 -1.13
N HIS A 106 13.71 9.46 -0.28
CA HIS A 106 15.12 9.38 0.05
C HIS A 106 15.94 9.09 -1.20
N LEU A 107 15.86 7.85 -1.69
CA LEU A 107 16.60 7.48 -2.89
C LEU A 107 15.88 7.96 -4.14
N HIS A 108 14.57 7.75 -4.17
CA HIS A 108 13.75 8.16 -5.30
C HIS A 108 14.45 7.80 -6.61
N LEU A 109 14.85 6.55 -6.74
CA LEU A 109 15.53 6.10 -7.96
C LEU A 109 14.60 6.20 -9.16
N GLY A 110 13.35 5.81 -8.97
CA GLY A 110 12.36 5.86 -10.05
C GLY A 110 12.38 4.57 -10.87
N LEU A 111 12.93 4.65 -12.08
CA LEU A 111 13.01 3.50 -12.95
C LEU A 111 11.69 2.74 -12.95
N SER A 112 10.62 3.42 -13.35
CA SER A 112 9.30 2.80 -13.40
C SER A 112 9.30 1.61 -14.36
N ASP A 113 9.97 1.78 -15.49
CA ASP A 113 10.04 0.71 -16.48
C ASP A 113 8.65 0.19 -16.81
N ARG A 114 7.65 1.07 -16.68
CA ARG A 114 6.26 0.69 -16.96
C ARG A 114 5.52 1.85 -17.61
N HIS A 115 6.26 2.87 -18.02
CA HIS A 115 5.65 4.03 -18.66
C HIS A 115 5.02 3.64 -19.99
N PRO A 116 5.68 2.82 -20.76
CA PRO A 116 5.18 2.37 -22.09
C PRO A 116 3.84 1.64 -21.98
N SER A 117 2.97 1.85 -22.95
CA SER A 117 1.67 1.20 -22.95
C SER A 117 1.83 -0.31 -23.00
N ALA A 118 2.77 -0.78 -23.82
CA ALA A 118 3.00 -2.21 -23.96
C ALA A 118 1.69 -2.96 -24.16
N GLY A 119 1.34 -3.20 -25.42
CA GLY A 119 0.10 -3.91 -25.74
C GLY A 119 -1.10 -3.19 -25.15
N GLY B 1 16.22 7.34 -26.83
CA GLY B 1 17.68 7.38 -26.56
C GLY B 1 18.44 7.73 -27.85
N HIS B 2 19.74 7.95 -27.72
CA HIS B 2 20.55 8.29 -28.88
C HIS B 2 19.89 9.37 -29.72
N GLY B 3 20.14 10.62 -29.36
CA GLY B 3 19.56 11.75 -30.08
C GLY B 3 18.14 12.03 -29.62
N VAL B 4 17.62 11.17 -28.74
CA VAL B 4 16.27 11.33 -28.22
C VAL B 4 16.29 11.34 -26.70
N GLU B 5 15.63 12.33 -26.11
CA GLU B 5 15.57 12.45 -24.65
C GLU B 5 16.95 12.22 -24.05
N GLY B 6 17.99 12.52 -24.83
CA GLY B 6 19.36 12.34 -24.36
C GLY B 6 19.64 13.23 -23.15
N ARG B 7 19.16 14.47 -23.21
CA ARG B 7 19.36 15.42 -22.12
C ARG B 7 18.01 15.81 -21.51
N ASN B 8 17.74 15.30 -20.31
CA ASN B 8 16.48 15.58 -19.62
C ASN B 8 16.70 16.65 -18.56
N ARG B 9 16.07 17.81 -18.76
CA ARG B 9 16.21 18.91 -17.83
C ARG B 9 15.09 18.85 -16.77
N PRO B 10 15.36 19.27 -15.55
CA PRO B 10 14.33 19.27 -14.46
C PRO B 10 12.99 19.80 -14.94
N SER B 11 11.93 19.10 -14.54
CA SER B 11 10.58 19.51 -14.91
C SER B 11 9.57 18.97 -13.92
N ALA B 12 8.56 19.78 -13.63
CA ALA B 12 7.51 19.39 -12.69
C ALA B 12 8.11 19.04 -11.32
N PRO B 13 7.38 19.25 -10.25
CA PRO B 13 7.84 18.93 -8.87
C PRO B 13 7.84 17.41 -8.62
N LEU B 14 8.76 16.98 -7.77
CA LEU B 14 8.87 15.57 -7.43
C LEU B 14 7.63 15.10 -6.70
N ASP B 15 7.09 15.97 -5.83
CA ASP B 15 5.90 15.63 -5.05
C ASP B 15 4.96 14.70 -5.83
N SER B 16 4.58 15.14 -7.02
CA SER B 16 3.71 14.34 -7.86
C SER B 16 4.33 12.96 -8.13
N GLN B 17 5.62 12.97 -8.46
CA GLN B 17 6.32 11.71 -8.72
C GLN B 17 6.34 10.84 -7.48
N ALA B 18 6.66 11.45 -6.34
CA ALA B 18 6.71 10.71 -5.08
C ALA B 18 5.37 10.03 -4.81
N ALA B 19 4.27 10.67 -5.22
CA ALA B 19 2.96 10.09 -5.02
C ALA B 19 2.77 8.86 -5.91
N ALA B 20 3.02 9.02 -7.20
CA ALA B 20 2.87 7.90 -8.13
C ALA B 20 3.80 6.76 -7.77
N GLN B 21 5.05 7.09 -7.50
CA GLN B 21 6.03 6.06 -7.16
C GLN B 21 5.60 5.29 -5.91
N VAL B 22 5.30 6.03 -4.84
CA VAL B 22 4.87 5.38 -3.61
C VAL B 22 3.59 4.62 -3.83
N ALA B 23 2.62 5.25 -4.49
CA ALA B 23 1.34 4.61 -4.74
C ALA B 23 1.56 3.24 -5.38
N SER B 24 2.42 3.18 -6.38
CA SER B 24 2.71 1.92 -7.05
C SER B 24 3.27 0.91 -6.04
N THR B 25 4.15 1.37 -5.18
CA THR B 25 4.74 0.48 -4.17
C THR B 25 3.66 -0.07 -3.23
N LEU B 26 2.85 0.83 -2.66
CA LEU B 26 1.79 0.42 -1.76
C LEU B 26 0.73 -0.37 -2.50
N GLN B 27 0.66 -0.18 -3.80
CA GLN B 27 -0.30 -0.89 -4.63
C GLN B 27 0.08 -2.37 -4.74
N ALA B 28 1.24 -2.63 -5.35
CA ALA B 28 1.69 -4.02 -5.52
C ALA B 28 1.78 -4.73 -4.18
N LEU B 29 2.49 -4.13 -3.23
CA LEU B 29 2.65 -4.75 -1.92
C LEU B 29 1.31 -5.24 -1.40
N ALA B 30 0.25 -4.54 -1.78
CA ALA B 30 -1.08 -4.94 -1.35
C ALA B 30 -1.38 -6.38 -1.77
N THR B 31 -2.52 -6.57 -2.42
CA THR B 31 -2.92 -7.89 -2.87
C THR B 31 -2.90 -8.90 -1.69
N PRO B 32 -4.04 -9.32 -1.21
CA PRO B 32 -4.12 -10.28 -0.08
C PRO B 32 -3.20 -11.50 -0.25
N SER B 33 -3.42 -12.23 -1.33
CA SER B 33 -2.63 -13.44 -1.58
C SER B 33 -1.13 -13.11 -1.63
N ARG B 34 -0.79 -12.06 -2.34
CA ARG B 34 0.59 -11.66 -2.46
C ARG B 34 1.14 -11.26 -1.09
N LEU B 35 0.36 -10.52 -0.32
CA LEU B 35 0.81 -10.08 1.00
C LEU B 35 1.11 -11.28 1.90
N MET B 36 0.14 -12.18 2.04
CA MET B 36 0.33 -13.34 2.89
C MET B 36 1.63 -14.07 2.50
N ILE B 37 1.82 -14.31 1.21
CA ILE B 37 3.02 -15.00 0.75
C ILE B 37 4.28 -14.21 1.15
N LEU B 38 4.24 -12.91 0.87
CA LEU B 38 5.37 -12.05 1.20
C LEU B 38 5.65 -12.10 2.68
N THR B 39 4.60 -12.08 3.48
CA THR B 39 4.74 -12.13 4.93
C THR B 39 5.57 -13.34 5.33
N GLN B 40 5.28 -14.47 4.72
CA GLN B 40 6.01 -15.69 5.04
C GLN B 40 7.49 -15.51 4.74
N LEU B 41 7.79 -14.94 3.58
CA LEU B 41 9.19 -14.72 3.20
C LEU B 41 9.86 -13.68 4.08
N ARG B 42 9.14 -12.59 4.34
CA ARG B 42 9.68 -11.51 5.15
C ARG B 42 10.24 -12.05 6.44
N ASN B 43 9.83 -13.25 6.81
CA ASN B 43 10.32 -13.88 8.04
C ASN B 43 10.49 -15.37 7.82
N GLY B 44 11.42 -15.74 6.94
CA GLY B 44 11.67 -17.15 6.67
C GLY B 44 12.31 -17.33 5.28
N PRO B 45 13.63 -17.29 5.19
CA PRO B 45 14.34 -17.46 3.88
C PRO B 45 14.40 -18.93 3.48
N LEU B 46 13.73 -19.25 2.39
CA LEU B 46 13.68 -20.64 1.93
C LEU B 46 13.17 -20.71 0.48
N PRO B 47 13.48 -21.77 -0.22
CA PRO B 47 13.02 -21.98 -1.63
C PRO B 47 11.49 -22.02 -1.73
N VAL B 48 11.01 -22.36 -2.92
CA VAL B 48 9.57 -22.43 -3.16
C VAL B 48 8.99 -23.69 -2.51
N THR B 49 9.43 -24.86 -2.99
CA THR B 49 8.93 -26.14 -2.46
C THR B 49 8.63 -26.02 -0.95
N ASP B 50 9.59 -25.48 -0.22
CA ASP B 50 9.42 -25.30 1.22
C ASP B 50 8.27 -24.34 1.50
N LEU B 51 8.21 -23.25 0.75
CA LEU B 51 7.15 -22.27 0.92
C LEU B 51 5.79 -22.91 0.63
N ALA B 52 5.76 -23.76 -0.39
CA ALA B 52 4.52 -24.43 -0.77
C ALA B 52 4.02 -25.28 0.39
N GLU B 53 4.94 -25.98 1.03
CA GLU B 53 4.56 -26.84 2.15
C GLU B 53 3.98 -25.99 3.27
N ALA B 54 4.61 -24.85 3.55
CA ALA B 54 4.12 -23.97 4.61
C ALA B 54 2.76 -23.38 4.24
N ILE B 55 2.69 -22.74 3.07
CA ILE B 55 1.46 -22.13 2.61
C ILE B 55 1.63 -21.53 1.22
N GLY B 56 1.43 -22.34 0.20
CA GLY B 56 1.55 -21.86 -1.18
C GLY B 56 0.77 -22.76 -2.13
N MET B 57 0.99 -24.08 -2.01
CA MET B 57 0.30 -25.04 -2.87
C MET B 57 0.24 -24.54 -4.30
N GLU B 58 1.12 -23.60 -4.63
CA GLU B 58 1.17 -23.02 -5.98
C GLU B 58 2.59 -22.59 -6.31
N GLN B 59 3.47 -23.56 -6.44
CA GLN B 59 4.87 -23.26 -6.74
C GLN B 59 4.98 -22.48 -8.05
N SER B 60 4.13 -22.80 -9.01
CA SER B 60 4.14 -22.12 -10.29
C SER B 60 3.84 -20.63 -10.12
N ALA B 61 2.82 -20.33 -9.33
CA ALA B 61 2.44 -18.95 -9.09
C ALA B 61 3.57 -18.20 -8.41
N VAL B 62 4.30 -18.88 -7.53
CA VAL B 62 5.40 -18.25 -6.82
C VAL B 62 6.51 -17.87 -7.81
N SER B 63 6.93 -18.82 -8.63
CA SER B 63 7.99 -18.56 -9.59
C SER B 63 7.61 -17.41 -10.50
N HIS B 64 6.38 -17.44 -11.00
CA HIS B 64 5.90 -16.38 -11.88
C HIS B 64 5.91 -15.03 -11.17
N GLN B 65 5.37 -15.02 -9.95
CA GLN B 65 5.31 -13.79 -9.16
C GLN B 65 6.72 -13.30 -8.87
N LEU B 66 7.62 -14.23 -8.57
CA LEU B 66 9.00 -13.87 -8.27
C LEU B 66 9.65 -13.22 -9.48
N ARG B 67 9.42 -13.78 -10.65
CA ARG B 67 10.00 -13.22 -11.87
C ARG B 67 9.53 -11.79 -12.08
N VAL B 68 8.24 -11.55 -11.85
CA VAL B 68 7.71 -10.20 -12.03
C VAL B 68 8.34 -9.24 -11.01
N LEU B 69 8.24 -9.59 -9.74
CA LEU B 69 8.79 -8.73 -8.68
C LEU B 69 10.28 -8.54 -8.90
N ARG B 70 10.96 -9.61 -9.28
CA ARG B 70 12.38 -9.55 -9.50
C ARG B 70 12.71 -8.50 -10.57
N ASN B 71 11.90 -8.46 -11.62
CA ASN B 71 12.12 -7.49 -12.69
C ASN B 71 12.13 -6.07 -12.13
N LEU B 72 11.09 -5.74 -11.37
CA LEU B 72 10.99 -4.40 -10.77
C LEU B 72 12.12 -4.18 -9.79
N GLY B 73 12.42 -5.19 -8.99
CA GLY B 73 13.48 -5.10 -8.00
C GLY B 73 12.91 -5.01 -6.58
N LEU B 74 11.84 -5.76 -6.33
CA LEU B 74 11.22 -5.77 -5.01
C LEU B 74 11.70 -6.97 -4.20
N VAL B 75 12.35 -7.91 -4.88
CA VAL B 75 12.86 -9.11 -4.21
C VAL B 75 14.26 -9.43 -4.70
N VAL B 76 15.01 -10.15 -3.89
CA VAL B 76 16.37 -10.54 -4.25
C VAL B 76 16.67 -11.95 -3.76
N GLY B 77 17.59 -12.62 -4.47
CA GLY B 77 17.97 -13.99 -4.12
C GLY B 77 19.41 -14.01 -3.62
N ASP B 78 19.77 -15.08 -2.90
CA ASP B 78 21.13 -15.23 -2.38
C ASP B 78 21.66 -16.61 -2.68
N ARG B 79 22.97 -16.69 -2.94
CA ARG B 79 23.61 -17.97 -3.24
C ARG B 79 24.52 -18.41 -2.09
N ALA B 80 24.41 -19.68 -1.70
CA ALA B 80 25.23 -20.22 -0.62
C ALA B 80 25.60 -21.67 -0.89
N GLY B 81 26.87 -22.00 -0.71
CA GLY B 81 27.33 -23.36 -0.95
C GLY B 81 26.80 -23.88 -2.27
N ARG B 82 25.79 -24.77 -2.21
CA ARG B 82 25.19 -25.34 -3.42
C ARG B 82 23.67 -25.18 -3.38
N SER B 83 23.22 -23.96 -3.05
CA SER B 83 21.79 -23.69 -2.98
C SER B 83 21.56 -22.20 -2.95
N ILE B 84 20.31 -21.80 -3.16
CA ILE B 84 19.95 -20.40 -3.14
C ILE B 84 18.58 -20.20 -2.48
N VAL B 85 18.33 -18.98 -2.00
CA VAL B 85 17.06 -18.66 -1.34
C VAL B 85 16.53 -17.34 -1.86
N TYR B 86 15.21 -17.15 -1.74
CA TYR B 86 14.56 -15.91 -2.20
C TYR B 86 14.12 -15.07 -1.01
N SER B 87 14.35 -13.76 -1.09
CA SER B 87 13.97 -12.86 -0.01
C SER B 87 13.67 -11.49 -0.58
N LEU B 88 13.11 -10.63 0.26
CA LEU B 88 12.78 -9.26 -0.16
C LEU B 88 14.04 -8.51 -0.57
N TYR B 89 13.87 -7.52 -1.45
CA TYR B 89 15.00 -6.72 -1.91
C TYR B 89 15.80 -6.21 -0.72
N ASP B 90 15.11 -5.66 0.28
CA ASP B 90 15.79 -5.15 1.46
C ASP B 90 14.85 -5.12 2.65
N THR B 91 15.41 -4.95 3.85
CA THR B 91 14.60 -4.91 5.06
C THR B 91 13.71 -3.69 5.08
N HIS B 92 14.17 -2.60 4.49
CA HIS B 92 13.40 -1.36 4.45
C HIS B 92 11.92 -1.65 4.21
N VAL B 93 11.61 -2.14 3.02
CA VAL B 93 10.23 -2.47 2.67
C VAL B 93 9.57 -3.25 3.81
N ALA B 94 10.34 -4.15 4.42
CA ALA B 94 9.83 -4.95 5.52
C ALA B 94 9.43 -4.06 6.69
N GLN B 95 10.23 -3.02 6.93
CA GLN B 95 9.95 -2.10 8.01
C GLN B 95 8.60 -1.44 7.82
N LEU B 96 8.33 -1.00 6.59
CA LEU B 96 7.05 -0.35 6.30
C LEU B 96 5.88 -1.31 6.53
N LEU B 97 6.04 -2.53 6.04
CA LEU B 97 5.02 -3.55 6.21
C LEU B 97 4.89 -3.92 7.68
N ASP B 98 6.00 -3.92 8.39
CA ASP B 98 6.00 -4.27 9.79
C ASP B 98 5.10 -3.31 10.56
N GLU B 99 5.20 -2.02 10.24
CA GLU B 99 4.38 -1.02 10.91
C GLU B 99 2.91 -1.27 10.57
N ALA B 100 2.61 -1.46 9.30
CA ALA B 100 1.24 -1.72 8.87
C ALA B 100 0.72 -3.01 9.48
N ILE B 101 1.54 -4.04 9.45
CA ILE B 101 1.14 -5.34 9.99
C ILE B 101 0.90 -5.25 11.49
N TYR B 102 1.82 -4.59 12.19
CA TYR B 102 1.70 -4.44 13.63
C TYR B 102 0.47 -3.62 13.97
N HIS B 103 0.34 -2.47 13.33
CA HIS B 103 -0.78 -1.58 13.58
C HIS B 103 -2.09 -2.28 13.25
N SER B 104 -2.07 -3.15 12.23
CA SER B 104 -3.26 -3.87 11.83
C SER B 104 -3.59 -5.01 12.79
N GLU B 105 -2.59 -5.83 13.07
CA GLU B 105 -2.77 -6.96 13.97
C GLU B 105 -3.09 -6.47 15.38
N HIS B 106 -2.68 -5.25 15.70
CA HIS B 106 -2.93 -4.71 17.03
C HIS B 106 -4.41 -4.69 17.33
N LEU B 107 -5.14 -3.79 16.68
CA LEU B 107 -6.58 -3.69 16.90
C LEU B 107 -7.32 -4.75 16.10
N HIS B 108 -6.95 -4.87 14.82
CA HIS B 108 -7.58 -5.84 13.94
C HIS B 108 -9.10 -5.83 14.11
N LEU B 109 -9.69 -4.64 14.02
CA LEU B 109 -11.14 -4.51 14.17
C LEU B 109 -11.85 -5.27 13.07
N GLY B 110 -11.34 -5.17 11.85
CA GLY B 110 -11.94 -5.84 10.71
C GLY B 110 -13.01 -4.97 10.07
N LEU B 111 -14.27 -5.31 10.30
CA LEU B 111 -15.39 -4.55 9.73
C LEU B 111 -15.10 -4.19 8.28
N SER B 112 -14.93 -5.21 7.44
CA SER B 112 -14.66 -4.99 6.03
C SER B 112 -15.83 -4.27 5.37
N ASP B 113 -17.04 -4.68 5.70
CA ASP B 113 -18.24 -4.07 5.12
C ASP B 113 -18.17 -4.09 3.60
N ARG B 114 -17.46 -5.06 3.05
CA ARG B 114 -17.31 -5.18 1.60
C ARG B 114 -17.31 -6.64 1.18
N HIS B 115 -17.71 -7.52 2.09
CA HIS B 115 -17.77 -8.95 1.79
C HIS B 115 -18.83 -9.23 0.74
N PRO B 116 -19.97 -8.60 0.84
CA PRO B 116 -21.10 -8.80 -0.11
C PRO B 116 -20.71 -8.45 -1.54
N SER B 117 -21.24 -9.20 -2.49
CA SER B 117 -20.96 -8.95 -3.90
C SER B 117 -21.43 -7.56 -4.30
N ALA B 118 -22.61 -7.18 -3.80
CA ALA B 118 -23.16 -5.87 -4.12
C ALA B 118 -23.08 -5.59 -5.61
N GLY B 119 -24.16 -5.87 -6.33
CA GLY B 119 -24.20 -5.65 -7.77
C GLY B 119 -23.03 -6.35 -8.46
N GLY A 1 -37.41 -18.93 22.83
CA GLY A 1 -36.57 -18.45 23.96
C GLY A 1 -35.26 -17.90 23.42
N HIS A 2 -35.27 -17.48 22.15
CA HIS A 2 -34.08 -16.94 21.52
C HIS A 2 -32.84 -17.75 21.90
N GLY A 3 -31.89 -17.10 22.56
CA GLY A 3 -30.67 -17.78 22.98
C GLY A 3 -29.84 -18.20 21.78
N VAL A 4 -29.91 -17.40 20.72
CA VAL A 4 -29.15 -17.70 19.50
C VAL A 4 -27.67 -17.45 19.72
N GLU A 5 -26.83 -18.41 19.33
CA GLU A 5 -25.39 -18.28 19.48
C GLU A 5 -24.79 -17.63 18.24
N GLY A 6 -23.46 -17.60 18.19
CA GLY A 6 -22.76 -17.00 17.05
C GLY A 6 -21.30 -17.45 17.02
N ARG A 7 -20.39 -16.48 17.16
CA ARG A 7 -18.97 -16.79 17.13
C ARG A 7 -18.65 -17.83 16.06
N ASN A 8 -18.70 -19.10 16.45
CA ASN A 8 -18.42 -20.19 15.50
C ASN A 8 -17.17 -19.87 14.69
N ARG A 9 -16.91 -20.69 13.68
CA ARG A 9 -15.75 -20.50 12.82
C ARG A 9 -14.47 -20.48 13.65
N PRO A 10 -14.03 -21.63 14.08
CA PRO A 10 -12.79 -21.76 14.91
C PRO A 10 -11.55 -21.25 14.17
N SER A 11 -10.63 -20.63 14.90
CA SER A 11 -9.42 -20.12 14.32
C SER A 11 -9.72 -19.41 12.99
N ALA A 12 -10.31 -18.23 13.08
CA ALA A 12 -10.65 -17.44 11.90
C ALA A 12 -9.62 -16.35 11.66
N PRO A 13 -9.19 -15.69 12.71
CA PRO A 13 -8.18 -14.59 12.61
C PRO A 13 -6.84 -15.08 12.05
N LEU A 14 -6.89 -16.06 11.16
CA LEU A 14 -5.68 -16.59 10.57
C LEU A 14 -5.00 -15.53 9.73
N ASP A 15 -3.67 -15.44 9.86
CA ASP A 15 -2.89 -14.45 9.13
C ASP A 15 -3.49 -14.20 7.74
N SER A 16 -4.07 -15.26 7.18
CA SER A 16 -4.70 -15.15 5.87
C SER A 16 -5.56 -13.88 5.79
N GLN A 17 -6.43 -13.70 6.78
CA GLN A 17 -7.30 -12.54 6.81
C GLN A 17 -6.46 -11.27 6.95
N ALA A 18 -5.44 -11.33 7.80
CA ALA A 18 -4.57 -10.19 8.01
C ALA A 18 -3.94 -9.75 6.69
N ALA A 19 -3.63 -10.72 5.83
CA ALA A 19 -3.04 -10.42 4.53
C ALA A 19 -4.03 -9.67 3.66
N ALA A 20 -5.22 -10.24 3.50
CA ALA A 20 -6.25 -9.61 2.68
C ALA A 20 -6.62 -8.24 3.25
N GLN A 21 -6.72 -8.17 4.57
CA GLN A 21 -7.09 -6.92 5.23
C GLN A 21 -6.04 -5.84 4.93
N VAL A 22 -4.78 -6.17 5.18
CA VAL A 22 -3.70 -5.23 4.93
C VAL A 22 -3.64 -4.88 3.45
N ALA A 23 -3.71 -5.91 2.60
CA ALA A 23 -3.66 -5.70 1.17
C ALA A 23 -4.71 -4.67 0.75
N SER A 24 -5.91 -4.80 1.30
CA SER A 24 -6.99 -3.88 0.98
C SER A 24 -6.58 -2.46 1.34
N THR A 25 -5.96 -2.30 2.51
CA THR A 25 -5.51 -0.97 2.95
C THR A 25 -4.47 -0.41 1.97
N LEU A 26 -3.44 -1.20 1.69
CA LEU A 26 -2.39 -0.77 0.77
C LEU A 26 -2.94 -0.61 -0.64
N GLN A 27 -4.08 -1.24 -0.90
CA GLN A 27 -4.70 -1.16 -2.21
C GLN A 27 -5.36 0.21 -2.39
N ALA A 28 -6.33 0.52 -1.53
CA ALA A 28 -7.04 1.80 -1.63
C ALA A 28 -6.08 2.96 -1.48
N LEU A 29 -5.31 2.97 -0.40
CA LEU A 29 -4.37 4.05 -0.14
C LEU A 29 -3.55 4.32 -1.39
N ALA A 30 -3.33 3.29 -2.19
CA ALA A 30 -2.57 3.45 -3.41
C ALA A 30 -3.24 4.48 -4.32
N THR A 31 -3.22 4.21 -5.62
CA THR A 31 -3.81 5.10 -6.59
C THR A 31 -3.13 6.49 -6.52
N PRO A 32 -2.45 6.91 -7.56
CA PRO A 32 -1.75 8.22 -7.57
C PRO A 32 -2.63 9.38 -7.07
N SER A 33 -3.80 9.52 -7.66
CA SER A 33 -4.69 10.61 -7.28
C SER A 33 -4.94 10.62 -5.77
N ARG A 34 -5.25 9.47 -5.21
CA ARG A 34 -5.49 9.38 -3.78
C ARG A 34 -4.21 9.62 -3.01
N LEU A 35 -3.10 9.13 -3.52
CA LEU A 35 -1.83 9.28 -2.82
C LEU A 35 -1.49 10.76 -2.65
N MET A 36 -1.50 11.50 -3.75
CA MET A 36 -1.19 12.92 -3.70
C MET A 36 -2.20 13.67 -2.82
N ILE A 37 -3.48 13.42 -3.05
CA ILE A 37 -4.53 14.08 -2.28
C ILE A 37 -4.38 13.75 -0.79
N LEU A 38 -4.18 12.47 -0.49
CA LEU A 38 -4.02 12.03 0.88
C LEU A 38 -2.81 12.72 1.51
N THR A 39 -1.74 12.84 0.75
CA THR A 39 -0.54 13.49 1.25
C THR A 39 -0.86 14.93 1.65
N GLN A 40 -1.64 15.62 0.81
CA GLN A 40 -2.01 16.99 1.10
C GLN A 40 -2.64 17.08 2.48
N LEU A 41 -3.59 16.18 2.74
CA LEU A 41 -4.26 16.16 4.04
C LEU A 41 -3.28 15.80 5.16
N ARG A 42 -2.38 14.88 4.87
CA ARG A 42 -1.41 14.43 5.85
C ARG A 42 -0.64 15.62 6.41
N ASN A 43 -0.22 16.52 5.52
CA ASN A 43 0.52 17.72 5.93
C ASN A 43 -0.04 18.95 5.23
N GLY A 44 -1.31 19.26 5.49
CA GLY A 44 -1.95 20.41 4.88
C GLY A 44 -3.42 20.49 5.30
N PRO A 45 -3.70 21.00 6.48
CA PRO A 45 -5.10 21.12 6.99
C PRO A 45 -5.84 22.30 6.36
N LEU A 46 -6.74 21.99 5.44
CA LEU A 46 -7.50 23.03 4.76
C LEU A 46 -8.83 22.47 4.23
N PRO A 47 -9.79 23.31 4.03
CA PRO A 47 -11.13 22.90 3.52
C PRO A 47 -11.06 22.37 2.09
N VAL A 48 -12.18 21.90 1.58
CA VAL A 48 -12.25 21.36 0.22
C VAL A 48 -11.94 22.44 -0.81
N THR A 49 -12.52 23.60 -0.60
CA THR A 49 -12.33 24.73 -1.53
C THR A 49 -10.84 25.08 -1.62
N ASP A 50 -10.26 25.55 -0.52
CA ASP A 50 -8.86 25.92 -0.50
C ASP A 50 -8.02 24.78 -1.06
N LEU A 51 -8.43 23.55 -0.77
CA LEU A 51 -7.72 22.40 -1.27
C LEU A 51 -7.76 22.37 -2.79
N ALA A 52 -8.93 22.68 -3.36
CA ALA A 52 -9.09 22.68 -4.81
C ALA A 52 -8.17 23.70 -5.45
N GLU A 53 -8.09 24.87 -4.85
CA GLU A 53 -7.24 25.93 -5.37
C GLU A 53 -5.78 25.48 -5.34
N ALA A 54 -5.38 24.82 -4.25
CA ALA A 54 -4.01 24.35 -4.12
C ALA A 54 -3.72 23.26 -5.14
N ILE A 55 -4.56 22.22 -5.16
CA ILE A 55 -4.37 21.12 -6.09
C ILE A 55 -5.54 20.13 -5.99
N GLY A 56 -6.61 20.42 -6.70
CA GLY A 56 -7.77 19.54 -6.69
C GLY A 56 -8.73 19.92 -7.81
N MET A 57 -9.22 21.16 -7.78
CA MET A 57 -10.15 21.62 -8.79
C MET A 57 -11.34 20.66 -8.91
N GLU A 58 -11.69 20.02 -7.80
CA GLU A 58 -12.81 19.09 -7.78
C GLU A 58 -13.24 18.80 -6.36
N GLN A 59 -13.24 19.83 -5.52
CA GLN A 59 -13.64 19.67 -4.13
C GLN A 59 -14.85 18.74 -4.02
N SER A 60 -15.61 18.63 -5.11
CA SER A 60 -16.78 17.77 -5.12
C SER A 60 -16.37 16.31 -5.02
N ALA A 61 -15.33 15.94 -5.76
CA ALA A 61 -14.84 14.56 -5.73
C ALA A 61 -14.27 14.23 -4.36
N VAL A 62 -13.64 15.22 -3.72
CA VAL A 62 -13.06 15.01 -2.41
C VAL A 62 -14.15 14.76 -1.37
N SER A 63 -15.17 15.60 -1.38
CA SER A 63 -16.27 15.44 -0.43
C SER A 63 -16.95 14.09 -0.62
N HIS A 64 -17.17 13.71 -1.87
CA HIS A 64 -17.80 12.43 -2.16
C HIS A 64 -16.93 11.27 -1.67
N GLN A 65 -15.66 11.29 -2.03
CA GLN A 65 -14.73 10.25 -1.62
C GLN A 65 -14.57 10.25 -0.11
N LEU A 66 -14.56 11.44 0.48
CA LEU A 66 -14.42 11.57 1.91
C LEU A 66 -15.58 10.89 2.62
N ARG A 67 -16.79 11.15 2.14
CA ARG A 67 -17.98 10.56 2.75
C ARG A 67 -17.92 9.04 2.66
N VAL A 68 -17.49 8.53 1.50
CA VAL A 68 -17.41 7.09 1.34
C VAL A 68 -16.40 6.49 2.32
N LEU A 69 -15.18 7.00 2.30
CA LEU A 69 -14.14 6.52 3.20
C LEU A 69 -14.55 6.74 4.64
N ARG A 70 -15.24 7.85 4.89
CA ARG A 70 -15.70 8.17 6.22
C ARG A 70 -16.58 7.05 6.77
N ASN A 71 -17.46 6.51 5.92
CA ASN A 71 -18.33 5.43 6.35
C ASN A 71 -17.53 4.23 6.82
N LEU A 72 -16.52 3.87 6.04
CA LEU A 72 -15.66 2.74 6.39
C LEU A 72 -14.83 3.06 7.63
N GLY A 73 -14.31 4.27 7.67
CA GLY A 73 -13.49 4.71 8.80
C GLY A 73 -12.03 4.86 8.39
N LEU A 74 -11.66 6.07 7.97
CA LEU A 74 -10.29 6.33 7.55
C LEU A 74 -9.98 7.82 7.68
N VAL A 75 -11.00 8.65 7.59
CA VAL A 75 -10.82 10.10 7.70
C VAL A 75 -11.91 10.71 8.57
N VAL A 76 -11.63 11.89 9.10
CA VAL A 76 -12.60 12.57 9.96
C VAL A 76 -12.55 14.08 9.73
N GLY A 77 -13.64 14.76 10.07
CA GLY A 77 -13.72 16.22 9.92
C GLY A 77 -14.06 16.86 11.24
N ASP A 78 -13.48 18.04 11.49
CA ASP A 78 -13.72 18.76 12.73
C ASP A 78 -14.36 20.10 12.44
N ARG A 79 -15.35 20.48 13.25
CA ARG A 79 -16.05 21.76 13.07
C ARG A 79 -15.69 22.73 14.18
N ALA A 80 -15.62 24.01 13.83
CA ALA A 80 -15.29 25.04 14.82
C ALA A 80 -15.96 26.36 14.45
N GLY A 81 -16.39 27.10 15.47
CA GLY A 81 -17.05 28.39 15.24
C GLY A 81 -16.35 29.17 14.13
N ARG A 82 -15.03 29.10 14.10
CA ARG A 82 -14.26 29.78 13.08
C ARG A 82 -14.41 29.09 11.73
N SER A 83 -14.31 27.77 11.73
CA SER A 83 -14.42 27.00 10.49
C SER A 83 -14.21 25.52 10.79
N ILE A 84 -14.26 24.71 9.75
CA ILE A 84 -14.08 23.27 9.90
C ILE A 84 -12.82 22.81 9.14
N VAL A 85 -12.22 21.73 9.59
CA VAL A 85 -11.02 21.20 8.96
C VAL A 85 -11.12 19.69 8.75
N TYR A 86 -10.68 19.23 7.59
CA TYR A 86 -10.71 17.79 7.27
C TYR A 86 -9.34 17.18 7.47
N SER A 87 -9.29 16.03 8.16
CA SER A 87 -8.02 15.36 8.41
C SER A 87 -8.24 13.85 8.53
N LEU A 88 -7.15 13.10 8.57
CA LEU A 88 -7.21 11.66 8.68
C LEU A 88 -7.70 11.24 10.06
N TYR A 89 -8.39 10.12 10.14
CA TYR A 89 -8.90 9.64 11.42
C TYR A 89 -7.78 9.59 12.46
N ASP A 90 -6.68 8.94 12.10
CA ASP A 90 -5.55 8.81 13.02
C ASP A 90 -4.24 9.00 12.27
N THR A 91 -3.13 8.72 12.95
CA THR A 91 -1.81 8.87 12.34
C THR A 91 -1.32 7.52 11.82
N HIS A 92 -2.19 6.53 11.82
CA HIS A 92 -1.83 5.21 11.35
C HIS A 92 -1.21 5.29 9.95
N VAL A 93 -2.02 5.65 8.97
CA VAL A 93 -1.54 5.78 7.60
C VAL A 93 -0.49 6.87 7.50
N ALA A 94 -0.64 7.91 8.30
CA ALA A 94 0.31 9.02 8.28
C ALA A 94 1.72 8.51 8.57
N GLN A 95 1.86 7.75 9.64
CA GLN A 95 3.16 7.19 10.02
C GLN A 95 3.64 6.21 8.95
N LEU A 96 2.73 5.37 8.49
CA LEU A 96 3.08 4.39 7.48
C LEU A 96 3.59 5.07 6.21
N LEU A 97 2.87 6.10 5.77
CA LEU A 97 3.25 6.85 4.59
C LEU A 97 4.57 7.55 4.81
N ASP A 98 4.77 8.04 6.03
CA ASP A 98 6.01 8.75 6.35
C ASP A 98 7.21 7.81 6.15
N GLU A 99 7.08 6.58 6.62
CA GLU A 99 8.17 5.61 6.48
C GLU A 99 8.42 5.29 5.01
N ALA A 100 7.36 4.96 4.29
CA ALA A 100 7.49 4.63 2.88
C ALA A 100 7.98 5.85 2.09
N ILE A 101 7.47 7.02 2.44
CA ILE A 101 7.86 8.23 1.74
C ILE A 101 9.34 8.52 1.94
N TYR A 102 9.78 8.46 3.18
CA TYR A 102 11.18 8.72 3.50
C TYR A 102 12.07 7.63 2.91
N HIS A 103 11.63 6.39 3.05
CA HIS A 103 12.40 5.26 2.55
C HIS A 103 12.53 5.34 1.03
N SER A 104 11.43 5.72 0.37
CA SER A 104 11.44 5.82 -1.08
C SER A 104 12.16 7.09 -1.54
N GLU A 105 11.89 8.19 -0.84
CA GLU A 105 12.51 9.46 -1.18
C GLU A 105 14.02 9.39 -1.01
N HIS A 106 14.47 8.52 -0.10
CA HIS A 106 15.90 8.39 0.15
C HIS A 106 16.65 8.16 -1.16
N LEU A 107 16.45 7.00 -1.76
CA LEU A 107 17.13 6.68 -3.01
C LEU A 107 16.69 7.65 -4.10
N HIS A 108 15.39 7.95 -4.13
CA HIS A 108 14.85 8.86 -5.13
C HIS A 108 14.78 8.20 -6.49
N LEU A 109 14.59 9.00 -7.54
CA LEU A 109 14.51 8.48 -8.89
C LEU A 109 15.82 7.81 -9.28
N GLY A 110 16.93 8.44 -8.93
CA GLY A 110 18.25 7.89 -9.25
C GLY A 110 18.74 8.41 -10.60
N LEU A 111 19.97 8.05 -10.96
CA LEU A 111 20.55 8.49 -12.22
C LEU A 111 19.75 7.95 -13.40
N SER A 112 19.36 6.69 -13.30
CA SER A 112 18.60 6.06 -14.37
C SER A 112 17.21 6.68 -14.47
N ASP A 113 16.69 6.76 -15.69
CA ASP A 113 15.36 7.33 -15.90
C ASP A 113 14.91 7.10 -17.34
N ARG A 114 15.24 8.04 -18.22
CA ARG A 114 14.86 7.94 -19.62
C ARG A 114 15.77 6.94 -20.35
N HIS A 115 15.18 6.12 -21.20
CA HIS A 115 15.94 5.13 -21.95
C HIS A 115 16.85 4.35 -21.02
N PRO A 116 16.29 3.69 -20.04
CA PRO A 116 17.07 2.87 -19.06
C PRO A 116 17.67 1.62 -19.70
N SER A 117 17.10 1.20 -20.81
CA SER A 117 17.58 0.01 -21.51
C SER A 117 18.87 0.32 -22.26
N ALA A 118 19.68 -0.71 -22.48
CA ALA A 118 20.94 -0.54 -23.18
C ALA A 118 21.34 -1.83 -23.90
N GLY A 119 22.02 -1.69 -25.03
CA GLY A 119 22.45 -2.85 -25.80
C GLY A 119 22.75 -2.47 -27.24
N GLY B 1 29.02 15.64 -34.56
CA GLY B 1 29.93 15.68 -33.36
C GLY B 1 29.13 15.34 -32.11
N HIS B 2 28.09 14.53 -32.28
CA HIS B 2 27.25 14.13 -31.16
C HIS B 2 26.98 15.32 -30.23
N GLY B 3 27.34 15.18 -28.96
CA GLY B 3 27.14 16.26 -28.00
C GLY B 3 25.66 16.43 -27.70
N VAL B 4 24.91 15.35 -27.80
CA VAL B 4 23.48 15.39 -27.54
C VAL B 4 23.21 15.61 -26.05
N GLU B 5 22.33 16.55 -25.75
CA GLU B 5 21.99 16.86 -24.36
C GLU B 5 20.81 16.00 -23.89
N GLY B 6 20.32 16.29 -22.69
CA GLY B 6 19.20 15.53 -22.14
C GLY B 6 18.55 16.30 -21.01
N ARG B 7 18.57 15.71 -19.81
CA ARG B 7 17.96 16.35 -18.64
C ARG B 7 16.62 16.99 -19.01
N ASN B 8 16.66 18.26 -19.40
CA ASN B 8 15.45 18.97 -19.77
C ASN B 8 14.34 18.71 -18.75
N ARG B 9 13.13 19.12 -19.08
CA ARG B 9 11.99 18.94 -18.18
C ARG B 9 12.29 19.54 -16.81
N PRO B 10 12.22 20.84 -16.71
CA PRO B 10 12.48 21.57 -15.43
C PRO B 10 11.51 21.17 -14.33
N SER B 11 11.99 21.14 -13.10
CA SER B 11 11.15 20.76 -11.97
C SER B 11 10.28 19.57 -12.32
N ALA B 12 10.89 18.40 -12.42
CA ALA B 12 10.16 17.17 -12.75
C ALA B 12 9.86 16.38 -11.49
N PRO B 13 10.81 16.28 -10.59
CA PRO B 13 10.65 15.54 -9.31
C PRO B 13 9.56 16.14 -8.43
N LEU B 14 8.48 16.60 -9.05
CA LEU B 14 7.38 17.19 -8.31
C LEU B 14 6.64 16.13 -7.53
N ASP B 15 6.33 16.44 -6.27
CA ASP B 15 5.61 15.50 -5.40
C ASP B 15 4.63 14.66 -6.21
N SER B 16 4.07 15.26 -7.25
CA SER B 16 3.13 14.54 -8.11
C SER B 16 3.68 13.16 -8.46
N GLN B 17 4.92 13.12 -8.93
CA GLN B 17 5.55 11.86 -9.28
C GLN B 17 5.70 10.98 -8.04
N ALA B 18 6.11 11.59 -6.93
CA ALA B 18 6.28 10.85 -5.69
C ALA B 18 4.98 10.15 -5.31
N ALA B 19 3.85 10.80 -5.59
CA ALA B 19 2.55 10.23 -5.28
C ALA B 19 2.31 8.99 -6.14
N ALA B 20 2.46 9.15 -7.45
CA ALA B 20 2.24 8.04 -8.36
C ALA B 20 3.23 6.91 -8.08
N GLN B 21 4.47 7.27 -7.79
CA GLN B 21 5.50 6.28 -7.50
C GLN B 21 5.13 5.47 -6.25
N VAL B 22 4.82 6.17 -5.17
CA VAL B 22 4.44 5.51 -3.93
C VAL B 22 3.17 4.69 -4.15
N ALA B 23 2.18 5.30 -4.79
CA ALA B 23 0.93 4.61 -5.06
C ALA B 23 1.20 3.27 -5.74
N SER B 24 2.10 3.29 -6.72
CA SER B 24 2.44 2.07 -7.44
C SER B 24 2.97 1.01 -6.47
N THR B 25 3.82 1.45 -5.54
CA THR B 25 4.39 0.52 -4.56
C THR B 25 3.28 -0.06 -3.67
N LEU B 26 2.45 0.82 -3.11
CA LEU B 26 1.35 0.38 -2.25
C LEU B 26 0.33 -0.40 -3.05
N GLN B 27 0.33 -0.22 -4.35
CA GLN B 27 -0.59 -0.93 -5.23
C GLN B 27 -0.17 -2.39 -5.38
N ALA B 28 1.03 -2.60 -5.91
CA ALA B 28 1.53 -3.96 -6.12
C ALA B 28 1.61 -4.72 -4.80
N LEU B 29 2.32 -4.15 -3.83
CA LEU B 29 2.47 -4.80 -2.54
C LEU B 29 1.12 -5.27 -2.03
N ALA B 30 0.08 -4.58 -2.42
CA ALA B 30 -1.26 -4.95 -2.01
C ALA B 30 -1.58 -6.37 -2.47
N THR B 31 -2.83 -6.59 -2.85
CA THR B 31 -3.26 -7.89 -3.31
C THR B 31 -3.10 -8.94 -2.20
N PRO B 32 -4.17 -9.52 -1.72
CA PRO B 32 -4.10 -10.53 -0.62
C PRO B 32 -3.06 -11.62 -0.86
N SER B 33 -3.12 -12.24 -2.03
CA SER B 33 -2.18 -13.32 -2.33
C SER B 33 -0.74 -12.85 -2.17
N ARG B 34 -0.41 -11.70 -2.73
CA ARG B 34 0.94 -11.18 -2.62
C ARG B 34 1.25 -10.80 -1.18
N LEU B 35 0.28 -10.25 -0.48
CA LEU B 35 0.50 -9.83 0.89
C LEU B 35 0.90 -11.00 1.76
N MET B 36 0.10 -12.07 1.74
CA MET B 36 0.40 -13.24 2.53
C MET B 36 1.73 -13.85 2.13
N ILE B 37 1.93 -14.01 0.83
CA ILE B 37 3.17 -14.59 0.32
C ILE B 37 4.37 -13.72 0.72
N LEU B 38 4.22 -12.41 0.56
CA LEU B 38 5.28 -11.49 0.90
C LEU B 38 5.60 -11.58 2.39
N THR B 39 4.55 -11.71 3.20
CA THR B 39 4.72 -11.81 4.64
C THR B 39 5.56 -13.05 4.97
N GLN B 40 5.28 -14.14 4.27
CA GLN B 40 6.02 -15.39 4.50
C GLN B 40 7.51 -15.14 4.31
N LEU B 41 7.86 -14.47 3.22
CA LEU B 41 9.26 -14.17 2.93
C LEU B 41 9.82 -13.21 3.96
N ARG B 42 9.01 -12.24 4.36
CA ARG B 42 9.45 -11.24 5.33
C ARG B 42 9.96 -11.93 6.59
N ASN B 43 9.24 -12.94 7.06
CA ASN B 43 9.63 -13.68 8.26
C ASN B 43 9.50 -15.18 8.03
N GLY B 44 10.29 -15.70 7.11
CA GLY B 44 10.26 -17.12 6.79
C GLY B 44 11.17 -17.43 5.59
N PRO B 45 12.45 -17.50 5.81
CA PRO B 45 13.44 -17.79 4.73
C PRO B 45 13.43 -19.26 4.34
N LEU B 46 12.86 -19.56 3.18
CA LEU B 46 12.78 -20.93 2.71
C LEU B 46 12.59 -20.97 1.19
N PRO B 47 13.01 -22.04 0.56
CA PRO B 47 12.88 -22.21 -0.91
C PRO B 47 11.43 -22.26 -1.38
N VAL B 48 11.24 -22.34 -2.68
CA VAL B 48 9.89 -22.39 -3.26
C VAL B 48 9.19 -23.69 -2.89
N THR B 49 9.92 -24.79 -3.02
CA THR B 49 9.37 -26.11 -2.71
C THR B 49 8.88 -26.16 -1.25
N ASP B 50 9.67 -25.56 -0.37
CA ASP B 50 9.31 -25.52 1.04
C ASP B 50 8.16 -24.54 1.27
N LEU B 51 8.19 -23.44 0.54
CA LEU B 51 7.15 -22.44 0.67
C LEU B 51 5.82 -23.00 0.22
N ALA B 52 5.85 -23.82 -0.84
CA ALA B 52 4.63 -24.42 -1.35
C ALA B 52 4.02 -25.35 -0.33
N GLU B 53 4.86 -26.18 0.29
CA GLU B 53 4.37 -27.10 1.31
C GLU B 53 3.75 -26.33 2.46
N ALA B 54 4.40 -25.24 2.88
CA ALA B 54 3.88 -24.45 3.99
C ALA B 54 2.59 -23.74 3.60
N ILE B 55 2.61 -23.04 2.48
CA ILE B 55 1.44 -22.32 2.01
C ILE B 55 1.69 -21.69 0.65
N GLY B 56 1.48 -22.46 -0.41
CA GLY B 56 1.66 -21.96 -1.75
C GLY B 56 1.10 -22.94 -2.77
N MET B 57 1.65 -24.14 -2.80
CA MET B 57 1.18 -25.17 -3.74
C MET B 57 1.27 -24.66 -5.17
N GLU B 58 2.22 -23.76 -5.42
CA GLU B 58 2.39 -23.19 -6.76
C GLU B 58 3.75 -22.54 -6.88
N GLN B 59 4.77 -23.18 -6.31
CA GLN B 59 6.13 -22.65 -6.38
C GLN B 59 6.43 -22.08 -7.77
N SER B 60 5.67 -22.54 -8.76
CA SER B 60 5.85 -22.05 -10.12
C SER B 60 5.43 -20.59 -10.23
N ALA B 61 4.30 -20.26 -9.61
CA ALA B 61 3.80 -18.89 -9.63
C ALA B 61 4.76 -17.97 -8.88
N VAL B 62 5.35 -18.48 -7.80
CA VAL B 62 6.28 -17.69 -7.02
C VAL B 62 7.54 -17.37 -7.82
N SER B 63 8.11 -18.40 -8.45
CA SER B 63 9.31 -18.21 -9.25
C SER B 63 9.05 -17.21 -10.38
N HIS B 64 7.91 -17.36 -11.04
CA HIS B 64 7.57 -16.47 -12.14
C HIS B 64 7.42 -15.03 -11.65
N GLN B 65 6.63 -14.85 -10.59
CA GLN B 65 6.42 -13.53 -10.02
C GLN B 65 7.72 -12.96 -9.49
N LEU B 66 8.54 -13.84 -8.92
CA LEU B 66 9.82 -13.42 -8.37
C LEU B 66 10.71 -12.85 -9.47
N ARG B 67 10.76 -13.54 -10.60
CA ARG B 67 11.58 -13.10 -11.71
C ARG B 67 11.11 -11.74 -12.22
N VAL B 68 9.79 -11.58 -12.31
CA VAL B 68 9.23 -10.32 -12.79
C VAL B 68 9.63 -9.18 -11.84
N LEU B 69 9.29 -9.34 -10.56
CA LEU B 69 9.61 -8.32 -9.57
C LEU B 69 11.11 -8.12 -9.50
N ARG B 70 11.86 -9.21 -9.69
CA ARG B 70 13.31 -9.15 -9.65
C ARG B 70 13.82 -8.16 -10.69
N ASN B 71 13.24 -8.19 -11.87
CA ASN B 71 13.66 -7.29 -12.94
C ASN B 71 13.48 -5.83 -12.52
N LEU B 72 12.32 -5.53 -11.96
CA LEU B 72 12.03 -4.18 -11.49
C LEU B 72 12.91 -3.81 -10.32
N GLY B 73 13.10 -4.75 -9.40
CA GLY B 73 13.93 -4.53 -8.22
C GLY B 73 13.07 -4.44 -6.97
N LEU B 74 12.90 -5.57 -6.30
CA LEU B 74 12.10 -5.61 -5.07
C LEU B 74 12.46 -6.82 -4.24
N VAL B 75 12.97 -7.86 -4.89
CA VAL B 75 13.37 -9.08 -4.18
C VAL B 75 14.68 -9.60 -4.72
N VAL B 76 15.36 -10.43 -3.93
CA VAL B 76 16.65 -10.99 -4.33
C VAL B 76 16.80 -12.40 -3.81
N GLY B 77 17.69 -13.18 -4.43
CA GLY B 77 17.93 -14.56 -4.01
C GLY B 77 19.42 -14.78 -3.76
N ASP B 78 19.73 -15.58 -2.74
CA ASP B 78 21.13 -15.86 -2.39
C ASP B 78 21.42 -17.34 -2.56
N ARG B 79 22.59 -17.64 -3.12
CA ARG B 79 23.00 -19.03 -3.35
C ARG B 79 24.10 -19.44 -2.38
N ALA B 80 24.07 -20.69 -1.95
CA ALA B 80 25.08 -21.19 -1.03
C ALA B 80 25.31 -22.68 -1.26
N GLY B 81 26.57 -23.11 -1.12
CA GLY B 81 26.92 -24.52 -1.32
C GLY B 81 25.85 -25.43 -0.71
N ARG B 82 25.35 -25.06 0.46
CA ARG B 82 24.32 -25.84 1.13
C ARG B 82 22.99 -25.72 0.40
N SER B 83 22.62 -24.50 0.01
CA SER B 83 21.36 -24.25 -0.67
C SER B 83 21.19 -22.76 -0.93
N ILE B 84 20.08 -22.41 -1.54
CA ILE B 84 19.79 -21.00 -1.84
C ILE B 84 18.55 -20.55 -1.06
N VAL B 85 18.48 -19.26 -0.78
CA VAL B 85 17.35 -18.70 -0.05
C VAL B 85 16.82 -17.45 -0.75
N TYR B 86 15.49 -17.32 -0.83
CA TYR B 86 14.86 -16.16 -1.46
C TYR B 86 14.37 -15.19 -0.40
N SER B 87 14.69 -13.91 -0.58
CA SER B 87 14.29 -12.88 0.38
C SER B 87 14.11 -11.54 -0.32
N LEU B 88 13.56 -10.57 0.39
CA LEU B 88 13.32 -9.25 -0.16
C LEU B 88 14.65 -8.52 -0.37
N TYR B 89 14.68 -7.63 -1.36
CA TYR B 89 15.89 -6.89 -1.65
C TYR B 89 16.41 -6.19 -0.40
N ASP B 90 15.52 -5.44 0.25
CA ASP B 90 15.91 -4.71 1.46
C ASP B 90 14.80 -4.81 2.51
N THR B 91 15.00 -4.09 3.62
CA THR B 91 14.00 -4.10 4.69
C THR B 91 13.01 -2.95 4.52
N HIS B 92 13.10 -2.28 3.38
CA HIS B 92 12.20 -1.15 3.11
C HIS B 92 10.75 -1.57 3.33
N VAL B 93 10.25 -2.45 2.46
CA VAL B 93 8.88 -2.92 2.57
C VAL B 93 8.68 -3.66 3.88
N ALA B 94 9.73 -4.34 4.34
CA ALA B 94 9.65 -5.10 5.59
C ALA B 94 9.26 -4.19 6.75
N GLN B 95 9.97 -3.07 6.87
CA GLN B 95 9.71 -2.11 7.94
C GLN B 95 8.33 -1.49 7.75
N LEU B 96 8.02 -1.13 6.50
CA LEU B 96 6.74 -0.51 6.21
C LEU B 96 5.60 -1.46 6.59
N LEU B 97 5.72 -2.72 6.19
CA LEU B 97 4.72 -3.71 6.50
C LEU B 97 4.62 -3.92 7.99
N ASP B 98 5.77 -3.90 8.67
CA ASP B 98 5.79 -4.10 10.11
C ASP B 98 4.95 -3.03 10.81
N GLU B 99 5.13 -1.78 10.38
CA GLU B 99 4.38 -0.67 10.98
C GLU B 99 2.89 -0.84 10.72
N ALA B 100 2.54 -1.06 9.45
CA ALA B 100 1.14 -1.23 9.09
C ALA B 100 0.55 -2.46 9.77
N ILE B 101 1.33 -3.54 9.81
CA ILE B 101 0.86 -4.77 10.41
C ILE B 101 0.59 -4.58 11.90
N TYR B 102 1.54 -3.99 12.59
CA TYR B 102 1.39 -3.76 14.02
C TYR B 102 0.27 -2.76 14.28
N HIS B 103 0.26 -1.69 13.50
CA HIS B 103 -0.76 -0.67 13.66
C HIS B 103 -2.15 -1.24 13.41
N SER B 104 -2.27 -2.08 12.38
CA SER B 104 -3.54 -2.70 12.05
C SER B 104 -3.89 -3.81 13.04
N GLU B 105 -2.91 -4.62 13.39
CA GLU B 105 -3.11 -5.72 14.31
C GLU B 105 -3.52 -5.19 15.68
N HIS B 106 -3.10 -3.97 15.99
CA HIS B 106 -3.42 -3.39 17.30
C HIS B 106 -4.91 -3.47 17.55
N LEU B 107 -5.68 -2.68 16.81
CA LEU B 107 -7.12 -2.67 16.99
C LEU B 107 -7.70 -4.03 16.65
N HIS B 108 -7.18 -4.64 15.58
CA HIS B 108 -7.64 -5.96 15.15
C HIS B 108 -9.01 -5.85 14.49
N LEU B 109 -9.68 -6.99 14.34
CA LEU B 109 -11.00 -7.03 13.71
C LEU B 109 -11.99 -6.23 14.54
N GLY B 110 -11.92 -6.38 15.86
CA GLY B 110 -12.82 -5.66 16.75
C GLY B 110 -14.06 -6.50 17.06
N LEU B 111 -14.90 -6.00 17.95
CA LEU B 111 -16.11 -6.70 18.33
C LEU B 111 -17.05 -6.86 17.14
N SER B 112 -17.15 -5.80 16.36
CA SER B 112 -18.01 -5.83 15.19
C SER B 112 -17.45 -6.75 14.12
N ASP B 113 -18.34 -7.39 13.36
CA ASP B 113 -17.91 -8.30 12.31
C ASP B 113 -19.09 -8.71 11.44
N ARG B 114 -19.80 -9.76 11.87
CA ARG B 114 -20.95 -10.25 11.14
C ARG B 114 -22.17 -9.38 11.41
N HIS B 115 -22.93 -9.07 10.36
CA HIS B 115 -24.12 -8.25 10.51
C HIS B 115 -23.81 -6.98 11.28
N PRO B 116 -22.88 -6.19 10.78
CA PRO B 116 -22.47 -4.92 11.44
C PRO B 116 -23.57 -3.86 11.37
N SER B 117 -24.48 -4.02 10.42
CA SER B 117 -25.58 -3.08 10.26
C SER B 117 -26.63 -3.28 11.33
N ALA B 118 -27.37 -2.23 11.65
CA ALA B 118 -28.42 -2.31 12.67
C ALA B 118 -29.53 -1.31 12.37
N GLY B 119 -30.74 -1.64 12.80
CA GLY B 119 -31.88 -0.76 12.58
C GLY B 119 -33.19 -1.52 12.73
#